data_8OZQ
#
_entry.id   8OZQ
#
_cell.length_a   1.00
_cell.length_b   1.00
_cell.length_c   1.00
_cell.angle_alpha   90.00
_cell.angle_beta   90.00
_cell.angle_gamma   90.00
#
_symmetry.space_group_name_H-M   'P 1'
#
loop_
_entity.id
_entity.type
_entity.pdbx_description
1 polymer 'Envelope glycoprotein'
2 branched 2-acetamido-2-deoxy-beta-D-glucopyranose-(1-4)-2-acetamido-2-deoxy-beta-D-glucopyranose
3 branched beta-D-mannopyranose-(1-4)-2-acetamido-2-deoxy-beta-D-glucopyranose-(1-4)-2-acetamido-2-deoxy-beta-D-glucopyranose
4 branched 2-acetamido-2-deoxy-beta-D-glucopyranose-(1-2)-alpha-D-mannopyranose-(1-3)-[alpha-D-mannopyranose-(1-6)]beta-D-mannopyranose-(1-4)-2-acetamido-2-deoxy-beta-D-glucopyranose-(1-4)-2-acetamido-2-deoxy-beta-D-glucopyranose
5 branched alpha-D-mannopyranose-(1-6)-beta-D-mannopyranose-(1-4)-2-acetamido-2-deoxy-beta-D-glucopyranose-(1-4)-2-acetamido-2-deoxy-beta-D-glucopyranose
6 branched alpha-D-mannopyranose-(1-2)-alpha-D-mannopyranose-(1-3)-[alpha-D-mannopyranose-(1-6)]alpha-D-mannopyranose-(1-6)-[alpha-D-mannopyranose-(1-3)]beta-D-mannopyranose-(1-4)-2-acetamido-2-deoxy-beta-D-glucopyranose-(1-4)-2-acetamido-2-deoxy-beta-D-glucopyranose
7 branched alpha-D-mannopyranose-(1-3)-alpha-D-mannopyranose-(1-6)-[alpha-D-mannopyranose-(1-3)]beta-D-mannopyranose-(1-4)-2-acetamido-2-deoxy-beta-D-glucopyranose-(1-4)-2-acetamido-2-deoxy-beta-D-glucopyranose
8 non-polymer 2-acetamido-2-deoxy-beta-D-glucopyranose
9 non-polymer CHOLESTEROL
10 non-polymer PHOSPHATIDYLETHANOLAMINE
#
_entity_poly.entity_id   1
_entity_poly.type   'polypeptide(L)'
_entity_poly.pdbx_seq_one_letter_code
;MAPPMTLQQWIIWNKMNKAHEALQNTTTVTEQQKEQIILDIQNEEVQPTRRDKFRYLLYTCCATSSRVLAWIFLVCILLI
IVLVSCFVTISRIQWNKDIQVLGPVIDWNVTQRAVYQPLQTRRIARSLRMQHPVPKYVEVNMTSIPQGVYYEPHPEPIVV
KERVLGLSQILMINSENIANNANLTQEVKKLLTEMVNEEMQSLSDVMIDFEIPLGDPRDQEQYIHRKCYQEFANCYLVKY
KEPKPWPKEGLIADQCPLPGYHAGLTYNRQSIWDYYIKVESIRPANWTTKSKYGQARLGSFYIPSSLRQINVSHVLFCSD
QLYSKWYNIENTIEQNERFLLNKLNNLTSGTSVLKKRALPKDWSSQGKNALFREINVLDICSKPESVILLNTSYYSFSLW
EGDCNFTKDMISQLVPECDGFYNNSKWMHMHPYACRFWRSKNEKEETKCRDGETKRCLYYPLWDSPESTYDFGYLAYQKN
FPSPICIEQQKIRDQDYEVYSLYQECKIASKAYGIDTVLFSLKNFLNYTGTPVNEMPNARAFVGLIDPKFPPSYPNVTRE
HYTSCNNRKRRSVDNNYAKLRSMGYALTGAVQTLSQISDINDENLQQGIYLLRDHVITLMEATLHDISVMEGMFAVQHLH
THLNHLKTMLLERRIDWTYMSSTWLQQQLQKSDDEMKVIKRIARSLVYYVKQTHSSPTATAWEIGLYYELVIPKHIYLNN
WNVVNIGHLVKSAGQLTHVTIAHPYEIINKECVETIYLHLEDCTRQDYVICDVVKIVQPCGNSSDTSDCPVWAEAVKEPF
VQVNPLKNGSYLVLASSTDCQIPPYVPSIVTVNETTSCFGLDFKRPLVAEERLSFEPRLPNLQLRLPHLVGIIAKIKGIK
IEVTSSGESIKEQIERAKAELLRLDIHEGDTPAWIQQLAAATKDVWPAAASALQGIGNFLSGTAQGIFGTAFSLLGYLKP
ILIGVGVILLVILIFKIVSWIPTKKKNQ
;
_entity_poly.pdbx_strand_id   A,B,D,F,H,L,E,I,C,G
#
loop_
_chem_comp.id
_chem_comp.type
_chem_comp.name
_chem_comp.formula
BMA D-saccharide, beta linking beta-D-mannopyranose 'C6 H12 O6'
CLR non-polymer CHOLESTEROL 'C27 H46 O'
MAN D-saccharide, alpha linking alpha-D-mannopyranose 'C6 H12 O6'
NAG D-saccharide, beta linking 2-acetamido-2-deoxy-beta-D-glucopyranose 'C8 H15 N O6'
PTY non-polymer PHOSPHATIDYLETHANOLAMINE 'C40 H80 N O8 P'
#
# COMPACT_ATOMS: atom_id res chain seq x y z
N TYR A 59 77.46 84.51 -28.25
CA TYR A 59 77.87 83.13 -28.66
C TYR A 59 78.13 82.27 -27.41
N THR A 60 79.00 82.76 -26.52
CA THR A 60 79.37 82.12 -25.22
C THR A 60 78.09 81.91 -24.38
N CYS A 61 77.24 82.94 -24.31
CA CYS A 61 75.91 82.93 -23.64
C CYS A 61 75.01 81.85 -24.26
N CYS A 62 74.99 81.75 -25.59
CA CYS A 62 74.19 80.76 -26.37
C CYS A 62 74.70 79.34 -26.09
N ALA A 63 76.02 79.16 -26.08
CA ALA A 63 76.70 77.88 -25.76
C ALA A 63 76.42 77.48 -24.30
N THR A 64 76.51 78.43 -23.36
CA THR A 64 76.23 78.24 -21.91
C THR A 64 74.75 77.88 -21.71
N SER A 65 73.84 78.62 -22.37
CA SER A 65 72.38 78.41 -22.35
C SER A 65 72.04 76.96 -22.76
N SER A 66 72.62 76.49 -23.87
CA SER A 66 72.46 75.11 -24.41
C SER A 66 72.86 74.08 -23.35
N ARG A 67 74.00 74.29 -22.69
CA ARG A 67 74.52 73.43 -21.59
C ARG A 67 73.51 73.42 -20.43
N VAL A 68 73.17 74.59 -19.88
CA VAL A 68 72.28 74.74 -18.69
C VAL A 68 70.90 74.11 -19.01
N LEU A 69 70.37 74.37 -20.22
CA LEU A 69 69.08 73.81 -20.71
C LEU A 69 69.11 72.28 -20.62
N ALA A 70 70.15 71.65 -21.17
CA ALA A 70 70.32 70.18 -21.25
C ALA A 70 70.33 69.56 -19.85
N TRP A 71 71.03 70.20 -18.90
CA TRP A 71 71.10 69.76 -17.47
C TRP A 71 69.71 69.76 -16.84
N ILE A 72 68.99 70.88 -16.93
CA ILE A 72 67.61 71.04 -16.39
C ILE A 72 66.68 70.04 -17.08
N PHE A 73 66.84 69.84 -18.39
CA PHE A 73 66.08 68.85 -19.21
C PHE A 73 66.39 67.42 -18.74
N LEU A 74 67.64 67.12 -18.37
CA LEU A 74 68.05 65.80 -17.83
C LEU A 74 67.43 65.60 -16.44
N VAL A 75 67.62 66.58 -15.54
CA VAL A 75 67.12 66.54 -14.14
C VAL A 75 65.59 66.40 -14.15
N CYS A 76 64.91 67.16 -15.03
CA CYS A 76 63.44 67.10 -15.28
C CYS A 76 62.97 65.64 -15.43
N ILE A 77 63.64 64.87 -16.29
CA ILE A 77 63.27 63.46 -16.62
C ILE A 77 63.58 62.56 -15.40
N LEU A 78 64.83 62.60 -14.93
CA LEU A 78 65.31 61.73 -13.81
C LEU A 78 64.43 61.88 -12.57
N LEU A 79 63.78 63.04 -12.38
CA LEU A 79 62.80 63.25 -11.29
C LEU A 79 61.46 62.57 -11.62
N ILE A 80 60.98 62.73 -12.86
CA ILE A 80 59.72 62.10 -13.36
C ILE A 80 59.85 60.57 -13.24
N ILE A 81 61.00 60.00 -13.60
CA ILE A 81 61.30 58.55 -13.44
C ILE A 81 61.08 58.15 -11.97
N VAL A 82 61.58 58.96 -11.03
CA VAL A 82 61.51 58.68 -9.56
C VAL A 82 60.07 58.88 -9.05
N LEU A 83 59.33 59.86 -9.57
CA LEU A 83 57.94 60.13 -9.10
C LEU A 83 56.99 59.00 -9.52
N VAL A 84 57.06 58.55 -10.77
CA VAL A 84 56.20 57.45 -11.31
C VAL A 84 56.53 56.14 -10.58
N SER A 85 57.81 55.80 -10.48
CA SER A 85 58.34 54.56 -9.83
C SER A 85 57.82 54.45 -8.38
N CYS A 86 57.84 55.55 -7.62
CA CYS A 86 57.39 55.58 -6.21
C CYS A 86 55.87 55.42 -6.13
N PHE A 87 55.10 55.98 -7.07
CA PHE A 87 53.61 55.88 -7.07
C PHE A 87 53.18 54.43 -7.31
N VAL A 88 53.82 53.73 -8.25
CA VAL A 88 53.46 52.32 -8.60
C VAL A 88 53.72 51.43 -7.38
N THR A 89 54.86 51.61 -6.70
CA THR A 89 55.27 50.81 -5.51
C THR A 89 54.23 50.94 -4.37
N ILE A 90 53.80 52.17 -4.08
CA ILE A 90 52.97 52.50 -2.87
C ILE A 90 51.51 52.10 -3.14
N SER A 91 50.99 52.39 -4.33
CA SER A 91 49.57 52.08 -4.69
C SER A 91 49.35 50.56 -4.67
N ARG A 92 50.34 49.77 -5.10
CA ARG A 92 50.22 48.29 -5.20
C ARG A 92 50.30 47.65 -3.81
N ILE A 93 51.17 48.16 -2.92
CA ILE A 93 51.28 47.67 -1.52
C ILE A 93 49.95 47.91 -0.79
N GLN A 94 49.45 49.15 -0.82
CA GLN A 94 48.18 49.54 -0.14
C GLN A 94 47.05 48.60 -0.54
N TRP A 95 46.95 48.23 -1.83
CA TRP A 95 45.96 47.27 -2.38
C TRP A 95 46.10 45.93 -1.65
N ASN A 96 47.33 45.47 -1.46
CA ASN A 96 47.64 44.18 -0.76
C ASN A 96 47.11 44.26 0.68
N LYS A 97 47.35 45.38 1.36
CA LYS A 97 46.93 45.61 2.77
C LYS A 97 45.40 45.71 2.85
N ASP A 98 44.77 46.39 1.87
CA ASP A 98 43.29 46.51 1.76
C ASP A 98 42.64 45.12 1.70
N ILE A 99 43.28 44.15 1.05
CA ILE A 99 42.71 42.79 0.84
C ILE A 99 42.64 42.02 2.16
N GLN A 100 43.58 42.25 3.09
CA GLN A 100 43.78 41.38 4.30
C GLN A 100 43.21 42.03 5.57
N VAL A 101 42.58 43.22 5.49
CA VAL A 101 41.93 43.90 6.64
C VAL A 101 40.72 43.06 7.10
N LEU A 102 40.31 43.18 8.36
CA LEU A 102 39.04 42.57 8.86
C LEU A 102 37.85 43.29 8.25
N GLY A 103 36.83 42.53 7.82
CA GLY A 103 35.63 43.06 7.14
C GLY A 103 34.51 43.37 8.12
N PRO A 104 33.30 43.74 7.64
CA PRO A 104 32.19 44.11 8.52
C PRO A 104 31.59 42.91 9.27
N VAL A 105 30.75 43.19 10.27
CA VAL A 105 29.97 42.16 11.03
C VAL A 105 28.48 42.50 10.90
N ILE A 106 27.63 41.49 10.70
CA ILE A 106 26.15 41.66 10.63
C ILE A 106 25.50 40.71 11.64
N ASP A 107 24.48 41.19 12.36
CA ASP A 107 23.80 40.43 13.45
C ASP A 107 22.28 40.65 13.47
N TRP A 108 21.69 41.28 12.45
CA TRP A 108 20.21 41.42 12.25
C TRP A 108 19.54 42.17 13.42
N ASN A 109 20.28 42.92 14.23
CA ASN A 109 19.74 43.75 15.36
C ASN A 109 19.28 45.11 14.80
N VAL A 110 17.98 45.40 14.83
CA VAL A 110 17.40 46.69 14.32
C VAL A 110 17.75 47.83 15.30
N THR A 111 17.51 47.63 16.60
CA THR A 111 17.74 48.63 17.68
C THR A 111 19.11 49.29 17.55
N GLN A 112 20.12 48.53 17.12
CA GLN A 112 21.53 48.96 16.97
C GLN A 112 21.66 50.04 15.88
N ARG A 113 20.78 50.05 14.88
CA ARG A 113 20.91 50.90 13.65
C ARG A 113 19.89 52.04 13.65
N ALA A 114 19.26 52.34 14.81
CA ALA A 114 18.24 53.42 14.96
C ALA A 114 18.90 54.78 14.73
N VAL A 115 18.23 55.66 13.98
CA VAL A 115 18.69 57.05 13.66
C VAL A 115 17.59 58.04 14.06
N TYR A 116 17.89 58.97 14.98
CA TYR A 116 16.93 59.93 15.60
C TYR A 116 17.21 61.34 15.04
N SER B 127 30.84 -7.36 -11.64
CA SER B 127 30.71 -8.30 -10.48
C SER B 127 31.96 -8.18 -9.59
N LEU B 128 31.78 -8.27 -8.28
CA LEU B 128 32.88 -8.20 -7.27
C LEU B 128 32.35 -8.65 -5.91
N ARG B 129 32.63 -9.89 -5.54
CA ARG B 129 32.28 -10.53 -4.23
C ARG B 129 33.41 -10.23 -3.23
N MET B 130 33.09 -9.80 -2.01
CA MET B 130 34.11 -9.46 -0.96
C MET B 130 33.66 -10.01 0.39
N GLN B 131 34.57 -10.02 1.37
CA GLN B 131 34.37 -10.58 2.75
C GLN B 131 34.78 -9.54 3.79
N HIS B 132 33.84 -8.86 4.41
CA HIS B 132 34.22 -7.80 5.36
C HIS B 132 34.33 -8.36 6.77
N PRO B 133 35.45 -8.13 7.50
CA PRO B 133 35.56 -8.57 8.89
C PRO B 133 34.60 -7.79 9.80
N VAL B 134 34.00 -8.47 10.77
CA VAL B 134 33.04 -7.84 11.73
C VAL B 134 33.42 -8.20 13.18
N PRO B 135 33.61 -7.25 14.13
CA PRO B 135 34.12 -7.58 15.49
C PRO B 135 33.37 -8.62 16.36
N LYS B 136 34.07 -9.21 17.34
CA LYS B 136 33.48 -10.18 18.32
C LYS B 136 34.48 -10.40 19.46
N TYR B 137 34.18 -11.26 20.44
CA TYR B 137 35.12 -11.44 21.59
C TYR B 137 34.74 -12.64 22.47
N VAL B 138 35.70 -13.28 23.16
CA VAL B 138 35.42 -14.39 24.13
C VAL B 138 36.08 -14.07 25.47
N GLU B 139 35.34 -14.15 26.57
CA GLU B 139 35.86 -13.80 27.92
C GLU B 139 36.79 -14.92 28.41
N VAL B 140 37.93 -14.57 29.01
CA VAL B 140 38.98 -15.53 29.47
C VAL B 140 39.47 -15.12 30.86
N ASN B 141 39.07 -15.80 31.92
CA ASN B 141 39.54 -15.55 33.33
C ASN B 141 40.82 -16.35 33.60
N MET B 142 41.70 -15.83 34.44
CA MET B 142 43.00 -16.44 34.82
C MET B 142 43.29 -16.22 36.30
N THR B 143 43.78 -17.23 37.03
CA THR B 143 44.18 -17.11 38.46
C THR B 143 45.55 -17.75 38.68
N SER B 144 46.18 -17.41 39.81
CA SER B 144 47.57 -17.77 40.16
C SER B 144 47.61 -19.07 40.98
N ILE B 145 48.80 -19.62 41.11
CA ILE B 145 49.12 -20.92 41.78
C ILE B 145 50.33 -20.66 42.67
N PRO B 146 50.13 -20.15 43.90
CA PRO B 146 51.24 -19.85 44.81
C PRO B 146 52.27 -20.98 44.93
N GLN B 147 53.55 -20.65 44.72
CA GLN B 147 54.73 -21.56 44.78
C GLN B 147 54.72 -22.54 43.59
N GLY B 148 53.75 -22.46 42.68
CA GLY B 148 53.61 -23.45 41.58
C GLY B 148 53.10 -24.79 42.07
N VAL B 149 52.45 -24.86 43.24
CA VAL B 149 51.84 -26.10 43.79
C VAL B 149 50.35 -26.15 43.41
N TYR B 150 49.89 -27.18 42.71
CA TYR B 150 48.46 -27.53 42.53
C TYR B 150 48.15 -28.82 43.29
N TYR B 151 46.88 -29.22 43.42
CA TYR B 151 46.41 -30.36 44.25
C TYR B 151 45.20 -31.06 43.66
N GLU B 152 44.97 -32.31 44.06
CA GLU B 152 43.84 -33.19 43.66
C GLU B 152 43.37 -33.97 44.90
N PRO B 153 42.08 -34.28 45.07
CA PRO B 153 41.64 -35.05 46.25
C PRO B 153 42.24 -36.47 46.37
N HIS B 154 42.40 -36.92 47.62
CA HIS B 154 42.90 -38.25 48.04
C HIS B 154 41.82 -38.86 48.92
N PRO B 155 40.78 -39.51 48.35
CA PRO B 155 39.62 -39.92 49.11
C PRO B 155 39.78 -41.00 50.19
N GLU B 156 40.81 -41.80 50.06
CA GLU B 156 41.07 -42.93 50.99
C GLU B 156 41.57 -42.31 52.33
N PRO B 157 41.17 -42.82 53.49
CA PRO B 157 41.80 -42.44 54.74
C PRO B 157 43.28 -42.75 54.89
N ILE B 158 43.98 -42.08 55.76
CA ILE B 158 45.40 -42.32 56.09
C ILE B 158 45.53 -42.64 57.58
N VAL B 159 46.00 -43.80 57.96
CA VAL B 159 46.21 -44.31 59.32
C VAL B 159 47.68 -44.28 59.70
N VAL B 160 48.06 -43.67 60.80
CA VAL B 160 49.45 -43.72 61.37
C VAL B 160 49.47 -44.87 62.38
N LYS B 161 50.43 -45.76 62.21
CA LYS B 161 50.62 -46.98 63.02
C LYS B 161 51.26 -46.60 64.36
N GLU B 162 50.67 -47.03 65.48
CA GLU B 162 51.33 -46.98 66.82
C GLU B 162 52.15 -48.25 67.06
N ARG B 163 51.56 -49.41 66.81
CA ARG B 163 51.99 -50.76 67.26
C ARG B 163 51.22 -51.81 66.48
N VAL B 164 51.54 -53.08 66.71
CA VAL B 164 50.77 -54.25 66.20
C VAL B 164 50.54 -55.23 67.33
N LEU B 165 49.31 -55.73 67.48
CA LEU B 165 48.94 -56.82 68.42
C LEU B 165 48.87 -58.10 67.59
N GLY B 166 49.41 -59.20 68.08
CA GLY B 166 49.35 -60.54 67.47
C GLY B 166 48.56 -61.50 68.32
N LEU B 167 47.66 -62.27 67.73
CA LEU B 167 46.74 -63.23 68.41
C LEU B 167 46.84 -64.60 67.72
N SER B 168 46.57 -65.67 68.45
CA SER B 168 46.40 -67.04 67.92
C SER B 168 45.05 -67.59 68.41
N GLN B 169 44.15 -67.92 67.48
CA GLN B 169 42.84 -68.56 67.78
C GLN B 169 42.84 -69.97 67.21
N ILE B 170 42.39 -70.96 67.98
CA ILE B 170 42.21 -72.38 67.53
C ILE B 170 40.71 -72.67 67.43
N LEU B 171 40.23 -73.03 66.25
CA LEU B 171 38.79 -73.35 65.99
C LEU B 171 38.63 -74.85 65.93
N MET B 172 37.75 -75.41 66.77
CA MET B 172 37.52 -76.88 66.87
C MET B 172 36.10 -77.19 66.40
N ILE B 173 35.97 -78.02 65.37
CA ILE B 173 34.68 -78.49 64.76
C ILE B 173 34.49 -79.97 65.08
N ASN B 174 33.27 -80.37 65.39
CA ASN B 174 32.90 -81.78 65.72
C ASN B 174 31.46 -82.02 65.26
N SER B 175 31.25 -82.91 64.29
CA SER B 175 29.92 -83.15 63.67
C SER B 175 28.95 -83.74 64.69
N GLU B 176 29.40 -84.70 65.51
CA GLU B 176 28.52 -85.46 66.46
C GLU B 176 27.78 -84.51 67.40
N ASN B 177 28.45 -83.47 67.90
CA ASN B 177 27.82 -82.43 68.76
C ASN B 177 26.71 -81.71 67.97
N ILE B 178 26.92 -81.45 66.68
CA ILE B 178 25.94 -80.72 65.82
C ILE B 178 24.77 -81.65 65.49
N ALA B 179 25.05 -82.94 65.22
CA ALA B 179 24.02 -83.95 64.87
C ALA B 179 23.09 -84.23 66.06
N ASN B 180 23.57 -84.11 67.31
CA ASN B 180 22.76 -84.42 68.53
C ASN B 180 21.70 -83.35 68.75
N ASN B 181 22.06 -82.07 68.63
CA ASN B 181 21.14 -80.94 68.90
C ASN B 181 20.07 -80.84 67.81
N ALA B 182 20.41 -81.16 66.55
CA ALA B 182 19.52 -81.04 65.37
C ALA B 182 18.67 -82.30 65.17
N ASN B 183 18.71 -83.27 66.10
CA ASN B 183 17.89 -84.51 66.07
C ASN B 183 18.06 -85.24 64.72
N LEU B 184 19.26 -85.26 64.16
CA LEU B 184 19.51 -85.82 62.79
C LEU B 184 19.37 -87.34 62.80
N THR B 185 19.12 -87.93 61.63
CA THR B 185 19.03 -89.40 61.39
C THR B 185 20.32 -89.90 60.72
N GLN B 186 20.57 -91.21 60.78
CA GLN B 186 21.83 -91.85 60.31
C GLN B 186 22.05 -91.57 58.80
N GLU B 187 20.99 -91.34 58.04
CA GLU B 187 21.07 -90.94 56.61
C GLU B 187 21.60 -89.51 56.50
N VAL B 188 21.12 -88.58 57.32
CA VAL B 188 21.45 -87.13 57.23
C VAL B 188 22.84 -86.90 57.87
N LYS B 189 23.15 -87.64 58.93
CA LYS B 189 24.52 -87.69 59.51
C LYS B 189 25.56 -87.89 58.40
N LYS B 190 25.28 -88.77 57.42
CA LYS B 190 26.19 -89.00 56.27
C LYS B 190 26.31 -87.75 55.40
N LEU B 191 25.22 -86.98 55.23
CA LEU B 191 25.24 -85.71 54.45
C LEU B 191 26.08 -84.69 55.20
N LEU B 192 25.77 -84.47 56.48
CA LEU B 192 26.52 -83.53 57.36
C LEU B 192 28.03 -83.78 57.23
N THR B 193 28.43 -85.06 57.26
CA THR B 193 29.85 -85.50 57.29
C THR B 193 30.52 -85.22 55.94
N GLU B 194 29.87 -85.59 54.84
CA GLU B 194 30.32 -85.28 53.45
C GLU B 194 30.48 -83.76 53.31
N MET B 195 29.47 -83.01 53.73
CA MET B 195 29.40 -81.54 53.52
C MET B 195 30.59 -80.87 54.23
N VAL B 196 30.81 -81.21 55.49
CA VAL B 196 31.88 -80.59 56.34
C VAL B 196 33.26 -80.94 55.79
N ASN B 197 33.49 -82.18 55.35
CA ASN B 197 34.81 -82.60 54.79
C ASN B 197 35.13 -81.82 53.51
N GLU B 198 34.19 -81.78 52.58
CA GLU B 198 34.24 -80.99 51.31
C GLU B 198 34.87 -79.62 51.60
N GLU B 199 34.27 -78.83 52.48
CA GLU B 199 34.66 -77.42 52.74
C GLU B 199 36.04 -77.36 53.41
N MET B 200 36.27 -78.21 54.42
CA MET B 200 37.53 -78.19 55.23
C MET B 200 38.72 -78.63 54.36
N GLN B 201 38.54 -79.68 53.56
CA GLN B 201 39.59 -80.25 52.68
C GLN B 201 40.06 -79.22 51.65
N SER B 202 39.12 -78.49 51.05
CA SER B 202 39.41 -77.47 50.02
C SER B 202 40.35 -76.42 50.60
N LEU B 203 40.11 -76.00 51.83
CA LEU B 203 40.95 -75.01 52.56
C LEU B 203 42.32 -75.63 52.84
N SER B 204 42.35 -76.85 53.36
CA SER B 204 43.59 -77.62 53.63
C SER B 204 44.50 -77.68 52.41
N ASP B 205 43.94 -77.72 51.19
CA ASP B 205 44.65 -78.06 49.92
C ASP B 205 45.37 -76.87 49.28
N VAL B 206 45.27 -75.64 49.81
CA VAL B 206 45.96 -74.46 49.23
C VAL B 206 46.80 -73.72 50.28
N MET B 207 46.91 -74.21 51.52
CA MET B 207 47.60 -73.49 52.61
C MET B 207 48.78 -74.34 53.15
N ILE B 208 50.03 -73.91 52.92
CA ILE B 208 51.24 -74.52 53.57
C ILE B 208 51.27 -74.14 55.05
N ASP B 209 52.07 -74.85 55.84
CA ASP B 209 52.26 -74.61 57.30
C ASP B 209 53.22 -73.45 57.56
N PHE B 210 53.08 -72.82 58.71
CA PHE B 210 53.92 -71.70 59.22
C PHE B 210 54.19 -71.93 60.71
N GLU B 211 55.43 -71.79 61.17
CA GLU B 211 55.81 -71.78 62.60
C GLU B 211 55.39 -70.45 63.22
N ILE B 212 54.72 -70.47 64.37
CA ILE B 212 54.30 -69.26 65.15
C ILE B 212 55.00 -69.33 66.52
N PRO B 213 55.72 -68.28 66.96
CA PRO B 213 56.60 -68.41 68.13
C PRO B 213 55.92 -68.23 69.50
N LEU B 214 54.88 -69.03 69.79
CA LEU B 214 54.26 -69.18 71.13
C LEU B 214 54.42 -70.62 71.60
N GLY B 215 54.01 -70.94 72.82
CA GLY B 215 54.07 -72.30 73.39
C GLY B 215 53.02 -73.22 72.80
N ASP B 216 53.19 -74.53 73.00
CA ASP B 216 52.33 -75.64 72.48
C ASP B 216 50.95 -75.57 73.14
N PRO B 217 49.83 -75.55 72.38
CA PRO B 217 48.49 -75.57 72.97
C PRO B 217 48.26 -76.73 73.96
N ARG B 218 48.83 -77.90 73.65
CA ARG B 218 48.75 -79.15 74.47
C ARG B 218 49.16 -78.89 75.93
N ASP B 219 49.93 -77.84 76.21
CA ASP B 219 50.37 -77.49 77.59
C ASP B 219 49.42 -76.51 78.29
N GLN B 220 48.40 -75.98 77.61
CA GLN B 220 47.53 -74.88 78.12
C GLN B 220 46.21 -75.47 78.67
N GLU B 221 45.77 -75.04 79.85
CA GLU B 221 44.57 -75.56 80.57
C GLU B 221 43.33 -75.48 79.69
N GLN B 222 43.01 -74.27 79.19
CA GLN B 222 41.82 -73.99 78.35
C GLN B 222 41.76 -74.94 77.14
N TYR B 223 42.89 -75.37 76.59
CA TYR B 223 42.92 -76.35 75.48
C TYR B 223 42.58 -77.76 76.01
N ILE B 224 43.06 -78.12 77.20
CA ILE B 224 42.81 -79.47 77.81
C ILE B 224 41.33 -79.57 78.22
N HIS B 225 40.81 -78.53 78.88
CA HIS B 225 39.43 -78.51 79.43
C HIS B 225 38.39 -78.54 78.31
N ARG B 226 38.61 -77.83 77.19
CA ARG B 226 37.60 -77.71 76.11
C ARG B 226 37.67 -78.92 75.17
N LYS B 227 38.80 -79.63 75.10
CA LYS B 227 38.94 -80.87 74.31
C LYS B 227 38.28 -82.05 75.03
N CYS B 228 38.53 -82.25 76.33
CA CYS B 228 37.87 -83.30 77.15
C CYS B 228 36.35 -83.14 77.14
N TYR B 229 35.86 -81.89 77.17
CA TYR B 229 34.41 -81.56 77.18
C TYR B 229 33.77 -81.97 75.86
N GLN B 230 34.34 -81.51 74.75
CA GLN B 230 33.85 -81.76 73.37
C GLN B 230 33.82 -83.26 73.04
N GLU B 231 34.60 -84.09 73.75
CA GLU B 231 34.67 -85.55 73.52
C GLU B 231 33.82 -86.31 74.55
N PHE B 232 33.86 -85.96 75.85
CA PHE B 232 33.36 -86.86 76.94
C PHE B 232 32.42 -86.15 77.93
N ALA B 233 31.79 -85.03 77.59
CA ALA B 233 30.95 -84.25 78.55
C ALA B 233 29.91 -85.15 79.23
N ASN B 234 29.05 -85.83 78.47
CA ASN B 234 27.86 -86.58 79.00
C ASN B 234 28.07 -88.10 79.04
N CYS B 235 29.31 -88.58 79.02
CA CYS B 235 29.69 -90.03 79.01
C CYS B 235 29.91 -90.50 80.45
N TYR B 236 29.22 -91.56 80.93
CA TYR B 236 29.33 -92.09 82.32
C TYR B 236 29.48 -93.62 82.31
N LEU B 237 30.00 -94.18 83.41
CA LEU B 237 30.17 -95.65 83.62
C LEU B 237 29.51 -96.03 84.94
N VAL B 238 28.60 -97.00 84.91
CA VAL B 238 27.81 -97.48 86.09
C VAL B 238 28.25 -98.91 86.42
N LYS B 239 28.47 -99.23 87.71
CA LYS B 239 28.90 -100.58 88.15
C LYS B 239 27.86 -101.19 89.09
N TYR B 240 27.21 -102.29 88.67
CA TYR B 240 26.31 -103.14 89.51
C TYR B 240 27.08 -103.62 90.76
N LYS B 241 26.36 -103.78 91.90
CA LYS B 241 26.91 -104.38 93.15
C LYS B 241 27.49 -105.77 92.84
N GLU B 242 26.75 -106.58 92.07
CA GLU B 242 27.24 -107.82 91.42
C GLU B 242 26.43 -108.07 90.15
N PRO B 243 26.95 -108.82 89.15
CA PRO B 243 26.24 -109.05 87.89
C PRO B 243 24.91 -109.80 88.05
N LYS B 244 23.81 -109.18 87.57
CA LYS B 244 22.44 -109.76 87.56
C LYS B 244 21.67 -109.21 86.35
N PRO B 245 21.23 -110.06 85.39
CA PRO B 245 20.49 -109.60 84.21
C PRO B 245 18.97 -109.55 84.35
N TRP B 246 18.30 -108.90 83.39
CA TRP B 246 16.82 -108.77 83.29
C TRP B 246 16.23 -110.17 83.15
N PRO B 247 15.25 -110.56 84.00
CA PRO B 247 14.98 -111.99 84.24
C PRO B 247 14.15 -112.73 83.16
N LYS B 248 13.19 -112.06 82.52
CA LYS B 248 12.24 -112.64 81.54
C LYS B 248 12.61 -112.23 80.11
N GLU B 249 12.12 -112.96 79.11
CA GLU B 249 12.31 -112.66 77.65
C GLU B 249 11.07 -111.95 77.07
N GLY B 250 9.96 -111.94 77.80
CA GLY B 250 8.71 -111.24 77.42
C GLY B 250 8.45 -110.06 78.33
N LEU B 251 7.94 -108.96 77.77
CA LEU B 251 7.71 -107.68 78.50
C LEU B 251 6.27 -107.20 78.24
N ILE B 252 5.45 -107.15 79.27
CA ILE B 252 4.08 -106.55 79.23
C ILE B 252 4.21 -105.06 79.57
N ALA B 253 3.91 -104.18 78.60
CA ALA B 253 4.09 -102.72 78.70
C ALA B 253 3.02 -102.00 77.86
N ASP B 254 1.80 -101.88 78.40
CA ASP B 254 0.59 -101.41 77.66
C ASP B 254 0.58 -99.88 77.56
N GLN B 255 1.34 -99.18 78.39
CA GLN B 255 1.46 -97.70 78.39
C GLN B 255 1.91 -97.19 77.01
N CYS B 256 2.67 -97.98 76.24
CA CYS B 256 3.21 -97.54 74.92
C CYS B 256 2.14 -97.73 73.84
N PRO B 257 1.88 -96.71 72.99
CA PRO B 257 0.94 -96.84 71.88
C PRO B 257 1.52 -97.66 70.72
N LEU B 258 0.75 -98.64 70.23
CA LEU B 258 1.19 -99.62 69.18
C LEU B 258 1.07 -98.99 67.80
N PRO B 259 1.72 -99.58 66.76
CA PRO B 259 1.62 -99.06 65.40
C PRO B 259 0.31 -99.45 64.70
N GLY B 260 -0.31 -98.47 64.01
CA GLY B 260 -1.60 -98.65 63.31
C GLY B 260 -1.92 -97.46 62.41
N ASN B 268 3.54 -90.45 65.98
CA ASN B 268 5.02 -90.56 65.88
C ASN B 268 5.45 -92.03 66.04
N ARG B 269 6.64 -92.37 65.52
CA ARG B 269 7.26 -93.71 65.64
C ARG B 269 7.89 -93.84 67.04
N GLN B 270 7.75 -95.00 67.67
CA GLN B 270 8.30 -95.32 69.02
C GLN B 270 9.52 -96.23 68.86
N SER B 271 10.50 -96.11 69.74
CA SER B 271 11.77 -96.89 69.75
C SER B 271 11.49 -98.37 70.10
N ILE B 272 10.49 -98.63 70.95
CA ILE B 272 10.20 -100.00 71.48
C ILE B 272 9.58 -100.88 70.37
N TRP B 273 9.06 -100.30 69.30
CA TRP B 273 8.51 -101.03 68.11
C TRP B 273 9.57 -101.96 67.51
N ASP B 274 10.86 -101.71 67.76
CA ASP B 274 11.98 -102.61 67.38
C ASP B 274 11.84 -103.99 68.05
N TYR B 275 11.15 -104.09 69.19
CA TYR B 275 11.03 -105.35 69.98
C TYR B 275 9.59 -105.88 69.99
N TYR B 276 8.70 -105.30 69.17
CA TYR B 276 7.24 -105.59 69.12
C TYR B 276 6.97 -106.81 68.23
N ILE B 277 6.40 -107.89 68.80
CA ILE B 277 5.95 -109.08 68.02
C ILE B 277 4.60 -108.74 67.37
N LYS B 278 4.53 -108.83 66.04
CA LYS B 278 3.28 -108.63 65.26
C LYS B 278 2.49 -109.95 65.20
N VAL B 279 1.16 -109.88 65.29
CA VAL B 279 0.24 -111.04 65.11
C VAL B 279 -0.10 -111.14 63.62
N GLU B 280 0.37 -112.22 62.97
CA GLU B 280 0.19 -112.48 61.51
C GLU B 280 -0.95 -113.47 61.31
N SER B 281 -1.82 -113.22 60.33
CA SER B 281 -2.99 -114.05 59.97
C SER B 281 -2.54 -115.33 59.25
N ILE B 282 -1.55 -115.21 58.35
CA ILE B 282 -0.98 -116.34 57.57
C ILE B 282 0.29 -116.84 58.28
N ARG B 283 0.41 -118.16 58.45
CA ARG B 283 1.58 -118.86 59.07
C ARG B 283 1.81 -120.18 58.35
N PRO B 284 2.97 -120.85 58.56
CA PRO B 284 3.14 -122.25 58.14
C PRO B 284 2.36 -123.24 59.04
N ALA B 285 2.34 -124.51 58.65
CA ALA B 285 1.56 -125.60 59.30
C ALA B 285 2.24 -126.00 60.62
N ASN B 286 1.43 -126.13 61.68
CA ASN B 286 1.87 -126.52 63.06
C ASN B 286 2.91 -125.51 63.57
N TRP B 287 2.59 -124.21 63.48
CA TRP B 287 3.42 -123.08 63.95
C TRP B 287 2.94 -122.65 65.35
N THR B 288 3.88 -122.51 66.29
CA THR B 288 3.61 -122.11 67.70
C THR B 288 4.65 -121.07 68.15
N THR B 289 4.21 -120.08 68.94
CA THR B 289 5.06 -119.01 69.55
C THR B 289 6.23 -119.65 70.30
N LYS B 290 5.96 -120.69 71.11
CA LYS B 290 6.95 -121.41 71.95
C LYS B 290 8.17 -121.85 71.12
N SER B 291 7.99 -122.14 69.83
CA SER B 291 9.07 -122.52 68.88
C SER B 291 10.04 -121.34 68.68
N LYS B 292 9.52 -120.12 68.53
CA LYS B 292 10.27 -118.92 68.06
C LYS B 292 10.58 -117.99 69.24
N TYR B 293 9.55 -117.44 69.89
CA TYR B 293 9.64 -116.33 70.86
C TYR B 293 9.50 -116.82 72.31
N GLY B 294 9.83 -118.09 72.59
CA GLY B 294 9.76 -118.68 73.95
C GLY B 294 8.42 -118.41 74.62
N GLN B 295 8.44 -117.82 75.82
CA GLN B 295 7.26 -117.65 76.71
C GLN B 295 6.66 -116.24 76.59
N ALA B 296 6.91 -115.54 75.47
CA ALA B 296 6.39 -114.17 75.19
C ALA B 296 4.97 -114.26 74.63
N ARG B 297 4.14 -113.26 74.91
CA ARG B 297 2.72 -113.18 74.48
C ARG B 297 2.64 -112.41 73.16
N LEU B 298 2.44 -113.15 72.06
CA LEU B 298 2.30 -112.62 70.67
C LEU B 298 1.40 -111.37 70.69
N GLY B 299 1.89 -110.26 70.15
CA GLY B 299 1.23 -108.94 70.23
C GLY B 299 1.81 -108.05 71.31
N SER B 300 2.76 -108.55 72.13
CA SER B 300 3.57 -107.75 73.08
C SER B 300 5.02 -107.64 72.56
N PHE B 301 6.00 -107.64 73.47
CA PHE B 301 7.42 -107.29 73.21
C PHE B 301 8.36 -108.43 73.62
N TYR B 302 9.30 -108.80 72.74
CA TYR B 302 10.35 -109.83 72.96
C TYR B 302 11.72 -109.17 73.20
N ILE B 303 12.34 -109.44 74.35
CA ILE B 303 13.69 -108.92 74.75
C ILE B 303 14.75 -109.92 74.27
N PRO B 304 15.65 -109.54 73.34
CA PRO B 304 16.70 -110.44 72.85
C PRO B 304 17.69 -110.89 73.92
N SER B 305 18.45 -111.95 73.65
CA SER B 305 19.43 -112.56 74.58
C SER B 305 20.70 -111.70 74.66
N SER B 306 20.94 -110.82 73.68
CA SER B 306 22.07 -109.84 73.67
C SER B 306 21.89 -108.80 74.78
N LEU B 307 20.65 -108.43 75.12
CA LEU B 307 20.34 -107.46 76.20
C LEU B 307 20.15 -108.16 77.55
N ARG B 308 20.45 -109.47 77.67
CA ARG B 308 20.22 -110.26 78.92
C ARG B 308 21.43 -111.16 79.23
N GLN B 309 22.65 -110.67 78.98
CA GLN B 309 23.92 -111.44 79.19
C GLN B 309 24.14 -111.64 80.69
N ILE B 310 24.61 -112.83 81.09
CA ILE B 310 24.75 -113.27 82.51
C ILE B 310 26.00 -112.65 83.15
N ASN B 311 27.02 -112.28 82.36
CA ASN B 311 28.36 -111.90 82.86
C ASN B 311 28.58 -110.38 82.87
N VAL B 312 27.67 -109.59 82.31
CA VAL B 312 27.78 -108.10 82.21
C VAL B 312 27.76 -107.49 83.61
N SER B 313 28.82 -106.77 83.98
CA SER B 313 29.09 -106.21 85.33
C SER B 313 28.91 -104.69 85.37
N HIS B 314 29.13 -103.99 84.25
CA HIS B 314 29.09 -102.51 84.12
C HIS B 314 28.20 -102.10 82.94
N VAL B 315 27.62 -100.89 83.02
CA VAL B 315 26.85 -100.26 81.90
C VAL B 315 27.49 -98.90 81.57
N LEU B 316 27.83 -98.70 80.30
CA LEU B 316 28.52 -97.48 79.77
C LEU B 316 27.53 -96.74 78.88
N PHE B 317 27.19 -95.48 79.19
CA PHE B 317 26.26 -94.67 78.36
C PHE B 317 26.80 -93.25 78.16
N CYS B 318 26.30 -92.60 77.12
CA CYS B 318 26.72 -91.26 76.66
C CYS B 318 25.50 -90.51 76.11
N SER B 319 24.74 -89.85 76.99
CA SER B 319 23.51 -89.08 76.64
C SER B 319 23.17 -88.05 77.74
N ASP B 320 22.45 -87.00 77.36
CA ASP B 320 22.06 -85.88 78.26
C ASP B 320 20.56 -85.94 78.56
N GLN B 321 19.96 -87.14 78.58
CA GLN B 321 18.50 -87.33 78.67
C GLN B 321 18.09 -87.94 80.02
N LEU B 322 18.99 -88.03 81.01
CA LEU B 322 18.65 -88.47 82.39
C LEU B 322 19.06 -87.41 83.43
N TYR B 323 19.36 -86.17 83.02
CA TYR B 323 19.76 -85.08 83.94
C TYR B 323 18.51 -84.52 84.63
N SER B 324 18.62 -84.24 85.93
CA SER B 324 17.56 -83.59 86.76
C SER B 324 17.39 -82.12 86.35
N LYS B 325 16.43 -81.43 86.96
CA LYS B 325 15.78 -80.18 86.47
C LYS B 325 16.79 -79.04 86.23
N TRP B 326 17.98 -79.07 86.86
CA TRP B 326 19.08 -78.08 86.63
C TRP B 326 19.35 -77.90 85.13
N TYR B 327 19.30 -78.99 84.36
CA TYR B 327 19.54 -78.99 82.89
C TYR B 327 18.25 -78.60 82.17
N ASN B 328 18.34 -77.61 81.27
CA ASN B 328 17.24 -77.13 80.40
C ASN B 328 17.82 -76.79 79.02
N ILE B 329 17.22 -77.31 77.95
CA ILE B 329 17.64 -77.05 76.53
C ILE B 329 17.20 -75.64 76.12
N GLU B 330 16.26 -75.03 76.86
CA GLU B 330 15.85 -73.61 76.71
C GLU B 330 17.05 -72.68 76.96
N ASN B 331 17.89 -72.99 77.96
CA ASN B 331 19.09 -72.21 78.35
C ASN B 331 20.15 -72.29 77.23
N THR B 332 21.23 -71.52 77.38
CA THR B 332 22.34 -71.38 76.39
C THR B 332 23.37 -72.51 76.59
N ILE B 333 23.97 -72.97 75.48
CA ILE B 333 25.06 -73.99 75.46
C ILE B 333 26.15 -73.56 76.47
N GLU B 334 26.62 -72.31 76.38
CA GLU B 334 27.74 -71.77 77.19
C GLU B 334 27.35 -71.70 78.68
N GLN B 335 26.07 -71.54 79.01
CA GLN B 335 25.54 -71.67 80.39
C GLN B 335 25.58 -73.16 80.79
N ASN B 336 24.86 -73.98 80.03
CA ASN B 336 24.69 -75.45 80.27
C ASN B 336 26.07 -76.13 80.42
N GLU B 337 27.11 -75.59 79.78
CA GLU B 337 28.51 -76.04 79.98
C GLU B 337 28.93 -75.70 81.42
N ARG B 338 28.94 -74.41 81.77
CA ARG B 338 29.36 -73.90 83.11
C ARG B 338 28.61 -74.66 84.21
N PHE B 339 27.29 -74.78 84.07
CA PHE B 339 26.41 -75.47 85.05
C PHE B 339 26.95 -76.88 85.32
N LEU B 340 27.17 -77.68 84.27
CA LEU B 340 27.69 -79.07 84.38
C LEU B 340 29.09 -79.03 84.99
N LEU B 341 29.96 -78.18 84.43
CA LEU B 341 31.39 -78.09 84.83
C LEU B 341 31.50 -77.79 86.32
N ASN B 342 30.62 -76.93 86.87
CA ASN B 342 30.57 -76.66 88.33
C ASN B 342 30.11 -77.91 89.09
N LYS B 343 28.92 -78.43 88.74
CA LYS B 343 28.30 -79.61 89.41
C LYS B 343 29.32 -80.75 89.50
N LEU B 344 29.98 -81.09 88.38
CA LEU B 344 30.96 -82.20 88.36
C LEU B 344 32.15 -81.89 89.28
N ASN B 345 32.52 -80.61 89.44
CA ASN B 345 33.62 -80.20 90.38
C ASN B 345 33.14 -80.31 91.82
N ASN B 346 31.87 -79.96 92.06
CA ASN B 346 31.24 -79.93 93.39
C ASN B 346 30.95 -81.36 93.88
N LEU B 347 30.67 -82.31 92.97
CA LEU B 347 30.22 -83.69 93.33
C LEU B 347 31.36 -84.71 93.29
N THR B 348 32.62 -84.26 93.21
CA THR B 348 33.84 -85.10 93.05
C THR B 348 34.91 -84.62 94.04
N SER B 349 36.00 -85.37 94.25
CA SER B 349 37.11 -84.99 95.14
C SER B 349 38.42 -85.70 94.77
N GLY B 350 39.01 -85.32 93.62
CA GLY B 350 40.38 -85.73 93.23
C GLY B 350 40.43 -86.98 92.36
N THR B 351 39.44 -87.88 92.50
CA THR B 351 39.23 -89.08 91.63
C THR B 351 38.11 -88.76 90.64
N SER B 352 37.56 -89.76 89.93
CA SER B 352 36.49 -89.59 88.89
C SER B 352 35.18 -90.25 89.33
N VAL B 353 35.07 -90.67 90.60
CA VAL B 353 33.89 -91.35 91.21
C VAL B 353 32.89 -90.30 91.66
N LEU B 354 31.62 -90.38 91.25
CA LEU B 354 30.60 -89.40 91.72
C LEU B 354 30.26 -89.69 93.18
N LYS B 355 29.84 -88.67 93.93
CA LYS B 355 29.35 -88.78 95.33
C LYS B 355 27.90 -89.28 95.31
N LYS B 356 27.54 -90.15 96.26
CA LYS B 356 26.24 -90.88 96.31
C LYS B 356 25.07 -89.89 96.18
N ARG B 357 25.20 -88.68 96.75
CA ARG B 357 24.22 -87.56 96.64
C ARG B 357 23.74 -87.40 95.19
N ALA B 358 24.65 -87.51 94.20
CA ALA B 358 24.43 -87.24 92.75
C ALA B 358 23.35 -88.17 92.15
N LEU B 359 23.22 -89.40 92.65
CA LEU B 359 22.41 -90.48 92.05
C LEU B 359 20.94 -90.28 92.40
N PRO B 360 19.99 -90.88 91.66
CA PRO B 360 18.58 -90.89 92.06
C PRO B 360 18.35 -91.91 93.20
N LYS B 361 17.20 -91.80 93.88
CA LYS B 361 16.86 -92.60 95.08
C LYS B 361 16.71 -94.09 94.73
N ASP B 362 16.45 -94.39 93.45
CA ASP B 362 16.32 -95.79 92.93
C ASP B 362 17.67 -96.52 93.03
N TRP B 363 18.77 -95.87 92.63
CA TRP B 363 20.12 -96.50 92.47
C TRP B 363 20.89 -96.51 93.79
N SER B 364 20.58 -95.62 94.73
CA SER B 364 21.25 -95.53 96.06
C SER B 364 20.29 -95.06 97.14
N SER B 365 20.51 -95.52 98.38
CA SER B 365 19.80 -95.08 99.61
C SER B 365 20.11 -93.60 99.91
N GLN B 366 21.31 -93.14 99.54
CA GLN B 366 21.86 -91.80 99.89
C GLN B 366 21.69 -90.83 98.72
N GLY B 367 21.01 -91.21 97.64
CA GLY B 367 20.82 -90.40 96.42
C GLY B 367 19.81 -89.28 96.63
N LYS B 368 20.10 -88.07 96.13
CA LYS B 368 19.24 -86.88 96.28
C LYS B 368 19.04 -86.15 94.94
N ASN B 369 19.32 -86.82 93.80
CA ASN B 369 19.02 -86.34 92.43
C ASN B 369 19.76 -85.02 92.12
N ALA B 370 20.96 -84.84 92.68
CA ALA B 370 21.82 -83.64 92.45
C ALA B 370 22.21 -83.53 90.96
N LEU B 371 22.47 -84.67 90.30
CA LEU B 371 22.87 -84.75 88.87
C LEU B 371 21.79 -85.43 88.03
N PHE B 372 21.37 -86.64 88.39
CA PHE B 372 20.44 -87.48 87.58
C PHE B 372 19.00 -87.39 88.11
N ARG B 373 18.01 -87.43 87.21
CA ARG B 373 16.57 -87.58 87.53
C ARG B 373 16.23 -89.06 87.77
N GLU B 374 14.97 -89.38 88.08
CA GLU B 374 14.47 -90.76 88.28
C GLU B 374 13.74 -91.23 87.02
N ILE B 375 14.03 -92.47 86.58
CA ILE B 375 13.33 -93.13 85.42
C ILE B 375 11.87 -93.33 85.79
N ASN B 376 10.96 -93.04 84.85
CA ASN B 376 9.48 -93.02 85.04
C ASN B 376 8.88 -94.17 84.23
N VAL B 377 7.55 -94.20 84.06
CA VAL B 377 6.81 -95.36 83.47
C VAL B 377 6.87 -95.29 81.94
N LEU B 378 6.77 -94.10 81.34
CA LEU B 378 6.75 -93.92 79.86
C LEU B 378 8.17 -93.99 79.25
N ASP B 379 9.23 -94.01 80.05
CA ASP B 379 10.65 -94.02 79.57
C ASP B 379 10.95 -95.28 78.74
N ILE B 380 10.30 -96.41 79.03
CA ILE B 380 10.48 -97.71 78.31
C ILE B 380 10.17 -97.52 76.81
N CYS B 381 9.19 -96.69 76.45
CA CYS B 381 8.72 -96.48 75.05
C CYS B 381 9.81 -95.77 74.23
N SER B 382 10.40 -94.71 74.78
CA SER B 382 11.41 -93.83 74.13
C SER B 382 12.83 -94.42 74.25
N LYS B 383 13.19 -94.98 75.40
CA LYS B 383 14.58 -95.44 75.74
C LYS B 383 14.53 -96.85 76.31
N PRO B 384 14.29 -97.90 75.50
CA PRO B 384 14.20 -99.27 75.99
C PRO B 384 15.44 -99.79 76.73
N GLU B 385 16.61 -99.72 76.11
CA GLU B 385 17.88 -100.36 76.59
C GLU B 385 18.26 -99.79 77.96
N SER B 386 18.14 -98.47 78.10
CA SER B 386 18.29 -97.69 79.36
C SER B 386 17.60 -98.43 80.51
N VAL B 387 16.29 -98.67 80.38
CA VAL B 387 15.45 -99.29 81.43
C VAL B 387 15.91 -100.73 81.66
N ILE B 388 16.00 -101.53 80.60
CA ILE B 388 16.34 -102.98 80.66
C ILE B 388 17.73 -103.17 81.32
N LEU B 389 18.67 -102.24 81.11
CA LEU B 389 20.04 -102.35 81.67
C LEU B 389 20.18 -101.64 83.03
N LEU B 390 19.39 -100.59 83.33
CA LEU B 390 19.62 -99.78 84.58
C LEU B 390 18.53 -99.97 85.65
N ASN B 391 17.27 -100.31 85.31
CA ASN B 391 16.17 -100.45 86.33
C ASN B 391 16.57 -101.49 87.38
N THR B 392 16.26 -101.22 88.65
CA THR B 392 16.56 -102.12 89.80
C THR B 392 15.48 -103.19 89.91
N SER B 393 14.23 -102.85 89.55
CA SER B 393 13.04 -103.75 89.59
C SER B 393 12.19 -103.60 88.33
N TYR B 394 11.62 -104.70 87.87
CA TYR B 394 10.62 -104.79 86.77
C TYR B 394 9.22 -104.57 87.35
N TYR B 395 8.56 -103.48 86.95
CA TYR B 395 7.13 -103.19 87.20
C TYR B 395 6.34 -103.43 85.91
N SER B 396 5.23 -104.18 86.01
CA SER B 396 4.30 -104.48 84.89
C SER B 396 3.22 -103.39 84.79
N PHE B 397 2.49 -103.37 83.67
CA PHE B 397 1.31 -102.48 83.44
C PHE B 397 0.38 -103.18 82.44
N SER B 398 -0.60 -103.93 82.96
CA SER B 398 -1.40 -104.94 82.22
C SER B 398 -2.90 -104.59 82.22
N LEU B 399 -3.51 -104.59 81.03
CA LEU B 399 -4.99 -104.62 80.81
C LEU B 399 -5.34 -105.91 80.04
N TRP B 400 -4.71 -107.02 80.41
CA TRP B 400 -4.90 -108.37 79.82
C TRP B 400 -5.74 -109.21 80.79
N GLU B 401 -6.87 -109.74 80.33
CA GLU B 401 -7.84 -110.54 81.14
C GLU B 401 -7.15 -111.83 81.60
N GLY B 402 -6.87 -111.96 82.90
CA GLY B 402 -6.25 -113.15 83.51
C GLY B 402 -5.25 -112.80 84.61
N ASP B 403 -4.51 -111.68 84.45
CA ASP B 403 -3.37 -111.30 85.33
C ASP B 403 -3.89 -110.82 86.69
N CYS B 404 -3.14 -111.15 87.76
CA CYS B 404 -3.48 -110.92 89.19
C CYS B 404 -4.83 -111.58 89.54
N ASN B 405 -5.19 -112.66 88.83
CA ASN B 405 -6.44 -113.44 89.01
C ASN B 405 -7.67 -112.54 88.80
N PHE B 406 -7.59 -111.52 87.93
CA PHE B 406 -8.71 -110.59 87.62
C PHE B 406 -9.61 -111.24 86.56
N THR B 407 -10.78 -111.73 86.99
CA THR B 407 -11.82 -112.37 86.13
C THR B 407 -12.80 -111.32 85.63
N LYS B 408 -13.38 -111.56 84.45
CA LYS B 408 -14.27 -110.60 83.70
C LYS B 408 -15.43 -110.13 84.59
N ASP B 409 -15.98 -111.03 85.41
CA ASP B 409 -17.06 -110.74 86.39
C ASP B 409 -16.54 -109.79 87.48
N MET B 410 -15.30 -110.01 87.96
CA MET B 410 -14.69 -109.28 89.09
C MET B 410 -14.31 -107.86 88.65
N ILE B 411 -15.30 -106.97 88.54
CA ILE B 411 -15.13 -105.51 88.28
C ILE B 411 -16.04 -104.75 89.26
N SER B 412 -15.54 -104.49 90.47
CA SER B 412 -16.25 -103.82 91.59
C SER B 412 -15.52 -102.51 91.96
N PRO B 432 -16.36 -94.75 75.25
CA PRO B 432 -16.51 -95.89 74.33
C PRO B 432 -15.90 -97.17 74.90
N TYR B 433 -14.66 -97.07 75.40
CA TYR B 433 -13.85 -98.19 75.94
C TYR B 433 -14.43 -98.65 77.28
N ALA B 434 -14.51 -97.74 78.24
CA ALA B 434 -15.16 -97.92 79.57
C ALA B 434 -14.47 -99.04 80.35
N CYS B 435 -15.18 -99.68 81.29
CA CYS B 435 -14.70 -100.84 82.09
C CYS B 435 -14.66 -102.09 81.20
N ARG B 436 -13.49 -102.42 80.64
CA ARG B 436 -13.25 -103.58 79.74
C ARG B 436 -11.75 -103.87 79.66
N PHE B 437 -11.38 -105.15 79.61
CA PHE B 437 -9.99 -105.62 79.36
C PHE B 437 -9.66 -105.42 77.88
N TRP B 438 -8.40 -105.12 77.56
CA TRP B 438 -7.92 -104.80 76.19
C TRP B 438 -7.91 -106.08 75.33
N ARG B 439 -7.27 -107.14 75.84
CA ARG B 439 -7.11 -108.44 75.13
C ARG B 439 -7.64 -109.57 76.01
N SER B 440 -8.71 -110.24 75.55
CA SER B 440 -9.35 -111.40 76.21
C SER B 440 -8.80 -112.71 75.62
N LYS B 441 -8.75 -113.76 76.44
CA LYS B 441 -8.11 -115.07 76.10
C LYS B 441 -9.11 -115.95 75.34
N ASN B 442 -8.68 -116.53 74.22
CA ASN B 442 -9.48 -117.47 73.38
C ASN B 442 -9.21 -118.91 73.86
N GLU B 443 -9.88 -119.89 73.24
CA GLU B 443 -9.90 -121.32 73.69
C GLU B 443 -8.50 -121.94 73.56
N LYS B 444 -7.83 -121.79 72.41
CA LYS B 444 -6.48 -122.38 72.15
C LYS B 444 -5.87 -121.81 70.87
N GLU B 445 -4.61 -122.17 70.61
CA GLU B 445 -3.81 -121.76 69.41
C GLU B 445 -3.85 -122.91 68.40
N GLU B 446 -4.19 -122.60 67.14
CA GLU B 446 -4.36 -123.62 66.05
C GLU B 446 -4.17 -122.98 64.66
N THR B 447 -3.87 -123.82 63.67
CA THR B 447 -3.79 -123.49 62.22
C THR B 447 -4.63 -124.51 61.43
N LYS B 448 -4.94 -124.19 60.17
CA LYS B 448 -5.65 -125.10 59.21
C LYS B 448 -5.20 -124.78 57.78
N CYS B 449 -4.97 -125.82 56.98
CA CYS B 449 -4.49 -125.74 55.56
C CYS B 449 -5.46 -126.50 54.64
N ARG B 450 -5.21 -126.44 53.33
CA ARG B 450 -6.04 -127.11 52.27
C ARG B 450 -5.10 -127.83 51.29
N ASP B 451 -4.45 -128.90 51.79
CA ASP B 451 -3.50 -129.77 51.02
C ASP B 451 -2.29 -128.93 50.59
N GLY B 452 -1.68 -128.21 51.54
CA GLY B 452 -0.49 -127.35 51.31
C GLY B 452 0.17 -126.96 52.61
N GLU B 453 0.50 -127.95 53.45
CA GLU B 453 1.07 -127.78 54.81
C GLU B 453 2.55 -127.39 54.69
N THR B 454 2.84 -126.17 54.24
CA THR B 454 4.20 -125.65 53.96
C THR B 454 4.23 -124.12 54.14
N LYS B 455 3.62 -123.38 53.21
CA LYS B 455 3.79 -121.91 53.04
C LYS B 455 2.63 -121.16 53.70
N ARG B 456 1.45 -121.13 53.04
CA ARG B 456 0.31 -120.25 53.39
C ARG B 456 -0.81 -121.08 54.05
N CYS B 457 -1.01 -120.88 55.36
CA CYS B 457 -2.12 -121.47 56.16
C CYS B 457 -2.66 -120.41 57.15
N LEU B 458 -3.98 -120.38 57.36
CA LEU B 458 -4.65 -119.47 58.33
C LEU B 458 -4.19 -119.82 59.76
N TYR B 459 -4.04 -118.81 60.62
CA TYR B 459 -3.59 -118.93 62.04
C TYR B 459 -4.68 -118.34 62.96
N TYR B 460 -5.02 -119.08 64.03
CA TYR B 460 -5.99 -118.65 65.08
C TYR B 460 -5.23 -118.36 66.36
N PRO B 461 -5.14 -117.08 66.79
CA PRO B 461 -4.32 -116.71 67.95
C PRO B 461 -4.97 -117.03 69.33
N LEU B 462 -4.14 -117.12 70.36
CA LEU B 462 -4.52 -117.45 71.76
C LEU B 462 -5.08 -116.22 72.48
N TRP B 463 -4.83 -115.02 71.95
CA TRP B 463 -5.38 -113.72 72.43
C TRP B 463 -5.91 -112.92 71.24
N ASP B 464 -6.48 -111.73 71.49
CA ASP B 464 -7.03 -110.82 70.45
C ASP B 464 -5.89 -110.00 69.82
N SER B 465 -6.20 -109.24 68.76
CA SER B 465 -5.28 -108.34 68.03
C SER B 465 -5.66 -106.88 68.28
N PRO B 466 -4.71 -106.00 68.68
CA PRO B 466 -5.03 -104.60 69.00
C PRO B 466 -4.92 -103.58 67.84
N GLU B 467 -4.86 -104.06 66.59
CA GLU B 467 -4.63 -103.24 65.36
C GLU B 467 -5.72 -102.17 65.22
N SER B 468 -6.98 -102.56 65.47
CA SER B 468 -8.19 -101.68 65.34
C SER B 468 -8.09 -100.49 66.30
N THR B 469 -7.77 -100.76 67.57
CA THR B 469 -7.79 -99.78 68.70
C THR B 469 -6.43 -99.07 68.79
N TYR B 470 -5.37 -99.81 69.14
CA TYR B 470 -3.93 -99.41 69.16
C TYR B 470 -3.62 -98.19 70.06
N ASP B 471 -4.60 -97.55 70.71
CA ASP B 471 -4.37 -96.40 71.65
C ASP B 471 -4.90 -96.72 73.05
N PHE B 472 -5.41 -97.94 73.26
CA PHE B 472 -6.22 -98.36 74.44
C PHE B 472 -5.41 -98.12 75.73
N GLY B 473 -4.28 -98.82 75.87
CA GLY B 473 -3.42 -98.78 77.07
C GLY B 473 -2.80 -97.41 77.30
N TYR B 474 -2.36 -96.75 76.22
CA TYR B 474 -1.77 -95.38 76.25
C TYR B 474 -2.81 -94.39 76.78
N LEU B 475 -4.04 -94.44 76.24
CA LEU B 475 -5.15 -93.55 76.67
C LEU B 475 -5.61 -93.92 78.09
N ALA B 476 -5.64 -95.21 78.41
CA ALA B 476 -5.95 -95.74 79.77
C ALA B 476 -4.96 -95.16 80.78
N TYR B 477 -3.66 -95.29 80.51
CA TYR B 477 -2.54 -94.83 81.40
C TYR B 477 -2.74 -93.36 81.80
N GLN B 478 -3.09 -92.50 80.83
CA GLN B 478 -3.28 -91.03 81.03
C GLN B 478 -4.59 -90.75 81.77
N LYS B 479 -5.47 -91.76 81.94
CA LYS B 479 -6.71 -91.70 82.74
C LYS B 479 -7.71 -90.75 82.06
N ASN B 480 -8.15 -91.13 80.85
CA ASN B 480 -9.30 -90.53 80.13
C ASN B 480 -10.58 -91.30 80.46
N PHE B 481 -10.44 -92.60 80.80
CA PHE B 481 -11.55 -93.50 81.20
C PHE B 481 -11.06 -94.50 82.25
N PRO B 482 -11.92 -94.94 83.19
CA PRO B 482 -11.53 -95.95 84.18
C PRO B 482 -11.41 -97.35 83.57
N SER B 483 -10.55 -98.20 84.13
CA SER B 483 -10.23 -99.55 83.59
C SER B 483 -9.49 -100.40 84.63
N PRO B 484 -9.57 -101.76 84.55
CA PRO B 484 -8.95 -102.62 85.55
C PRO B 484 -7.45 -102.84 85.29
N ILE B 485 -6.64 -101.83 85.62
CA ILE B 485 -5.15 -101.85 85.45
C ILE B 485 -4.56 -102.85 86.45
N CYS B 486 -3.55 -103.62 86.03
CA CYS B 486 -2.77 -104.56 86.89
C CYS B 486 -1.28 -104.18 86.87
N ILE B 487 -0.66 -104.07 88.06
CA ILE B 487 0.76 -103.68 88.26
C ILE B 487 1.37 -104.61 89.32
N GLU B 488 2.50 -105.27 88.98
CA GLU B 488 3.24 -106.19 89.88
C GLU B 488 4.75 -105.90 89.80
N GLN B 489 5.41 -105.76 90.96
CA GLN B 489 6.86 -105.47 91.09
C GLN B 489 7.62 -106.80 91.17
N GLN B 490 8.83 -106.84 90.56
CA GLN B 490 9.79 -107.98 90.64
C GLN B 490 11.21 -107.40 90.76
N LYS B 491 11.91 -107.67 91.86
CA LYS B 491 13.26 -107.11 92.16
C LYS B 491 14.31 -107.82 91.29
N ILE B 492 15.19 -107.04 90.64
CA ILE B 492 16.29 -107.55 89.76
C ILE B 492 17.63 -107.33 90.47
N ARG B 493 17.94 -106.08 90.84
CA ARG B 493 19.30 -105.62 91.24
C ARG B 493 19.24 -104.86 92.57
N ASP B 494 20.32 -104.92 93.36
CA ASP B 494 20.43 -104.25 94.68
C ASP B 494 20.69 -102.75 94.47
N GLN B 495 20.11 -101.90 95.32
CA GLN B 495 20.17 -100.42 95.20
C GLN B 495 21.48 -99.91 95.84
N ASP B 496 22.62 -100.24 95.21
CA ASP B 496 23.98 -99.90 95.69
C ASP B 496 24.91 -99.75 94.47
N TYR B 497 24.49 -98.97 93.47
CA TYR B 497 25.27 -98.67 92.24
C TYR B 497 26.41 -97.70 92.56
N GLU B 498 27.40 -97.65 91.67
CA GLU B 498 28.61 -96.78 91.75
C GLU B 498 28.87 -96.21 90.35
N VAL B 499 29.07 -94.89 90.23
CA VAL B 499 29.04 -94.15 88.94
C VAL B 499 30.29 -93.29 88.77
N TYR B 500 31.06 -93.53 87.71
CA TYR B 500 32.29 -92.78 87.34
C TYR B 500 31.97 -91.76 86.24
N SER B 501 32.71 -90.66 86.17
CA SER B 501 32.57 -89.60 85.13
C SER B 501 33.80 -89.59 84.20
N LEU B 502 33.61 -89.88 82.92
CA LEU B 502 34.72 -89.94 81.93
C LEU B 502 35.24 -88.54 81.58
N TYR B 503 34.43 -87.47 81.74
CA TYR B 503 34.89 -86.06 81.55
C TYR B 503 35.89 -85.69 82.65
N GLN B 504 35.59 -86.04 83.90
CA GLN B 504 36.45 -85.73 85.07
C GLN B 504 37.73 -86.57 85.04
N GLU B 505 37.69 -87.80 84.51
CA GLU B 505 38.87 -88.71 84.40
C GLU B 505 39.84 -88.18 83.33
N CYS B 506 39.31 -87.64 82.24
CA CYS B 506 40.06 -87.02 81.12
C CYS B 506 40.85 -85.82 81.65
N LYS B 507 40.21 -84.90 82.38
CA LYS B 507 40.88 -83.71 82.99
C LYS B 507 42.00 -84.18 83.94
N ILE B 508 41.70 -85.13 84.83
CA ILE B 508 42.62 -85.56 85.92
C ILE B 508 43.80 -86.34 85.31
N ALA B 509 43.56 -87.30 84.43
CA ALA B 509 44.64 -88.16 83.85
C ALA B 509 45.56 -87.36 82.93
N SER B 510 45.06 -86.30 82.28
CA SER B 510 45.81 -85.49 81.29
C SER B 510 46.87 -84.63 81.98
N LYS B 511 46.70 -84.38 83.29
CA LYS B 511 47.66 -83.58 84.11
C LYS B 511 48.90 -84.42 84.43
N ALA B 512 48.82 -85.76 84.30
CA ALA B 512 49.90 -86.72 84.64
C ALA B 512 50.57 -87.25 83.38
N TYR B 513 49.78 -87.77 82.43
CA TYR B 513 50.25 -88.52 81.23
C TYR B 513 50.16 -87.67 79.95
N GLY B 514 49.49 -86.52 79.97
CA GLY B 514 49.34 -85.64 78.80
C GLY B 514 48.19 -86.06 77.91
N ILE B 515 47.50 -85.09 77.30
CA ILE B 515 46.17 -85.28 76.67
C ILE B 515 46.24 -86.24 75.46
N ASP B 516 47.25 -86.13 74.60
CA ASP B 516 47.41 -86.99 73.39
C ASP B 516 47.21 -88.47 73.75
N THR B 517 47.79 -88.94 74.85
CA THR B 517 47.75 -90.34 75.33
C THR B 517 46.35 -90.67 75.88
N VAL B 518 45.91 -89.87 76.85
CA VAL B 518 44.63 -90.07 77.61
C VAL B 518 43.45 -90.09 76.63
N LEU B 519 43.46 -89.16 75.67
CA LEU B 519 42.40 -89.03 74.64
C LEU B 519 42.28 -90.35 73.87
N PHE B 520 43.40 -90.82 73.33
CA PHE B 520 43.52 -92.08 72.54
C PHE B 520 43.13 -93.28 73.42
N SER B 521 43.56 -93.28 74.68
CA SER B 521 43.26 -94.37 75.65
C SER B 521 41.76 -94.43 75.93
N LEU B 522 41.14 -93.30 76.28
CA LEU B 522 39.68 -93.25 76.62
C LEU B 522 38.81 -93.38 75.35
N LYS B 523 39.28 -92.98 74.17
CA LYS B 523 38.48 -93.17 72.92
C LYS B 523 38.32 -94.68 72.63
N ASN B 524 39.32 -95.50 72.93
CA ASN B 524 39.27 -96.97 72.72
C ASN B 524 38.27 -97.60 73.69
N PHE B 525 38.21 -97.13 74.94
CA PHE B 525 37.29 -97.65 75.99
C PHE B 525 35.83 -97.45 75.55
N LEU B 526 35.52 -96.38 74.81
CA LEU B 526 34.17 -96.16 74.22
C LEU B 526 33.87 -97.19 73.12
N ASN B 527 34.88 -97.87 72.56
CA ASN B 527 34.70 -98.89 71.48
C ASN B 527 35.02 -100.29 72.03
N TYR B 528 34.74 -100.52 73.32
CA TYR B 528 35.04 -101.79 74.04
C TYR B 528 34.23 -102.96 73.44
N THR B 529 33.03 -102.66 72.94
CA THR B 529 32.05 -103.65 72.40
C THR B 529 32.35 -103.92 70.92
N GLY B 530 32.84 -102.93 70.18
CA GLY B 530 33.10 -103.03 68.73
C GLY B 530 32.35 -101.97 67.94
N THR B 531 31.31 -101.37 68.54
CA THR B 531 30.60 -100.17 68.04
C THR B 531 30.83 -99.03 69.05
N PRO B 532 31.38 -97.87 68.64
CA PRO B 532 31.65 -96.77 69.57
C PRO B 532 30.36 -96.12 70.08
N VAL B 533 30.18 -96.02 71.39
CA VAL B 533 28.92 -95.56 72.04
C VAL B 533 28.64 -94.11 71.63
N ASN B 534 29.67 -93.27 71.47
CA ASN B 534 29.51 -91.81 71.26
C ASN B 534 28.94 -91.50 69.86
N GLU B 535 28.97 -92.43 68.91
CA GLU B 535 28.44 -92.23 67.54
C GLU B 535 27.02 -92.84 67.39
N MET B 536 26.50 -93.52 68.42
CA MET B 536 25.10 -94.03 68.45
C MET B 536 24.12 -92.86 68.59
N PRO B 537 22.83 -93.02 68.20
CA PRO B 537 21.82 -91.99 68.44
C PRO B 537 21.51 -91.77 69.92
N ASN B 538 21.35 -90.50 70.32
CA ASN B 538 21.42 -89.97 71.71
C ASN B 538 20.54 -90.79 72.66
N ALA B 539 19.33 -91.17 72.24
CA ALA B 539 18.32 -91.87 73.08
C ALA B 539 18.64 -93.36 73.21
N ARG B 540 19.49 -93.93 72.36
CA ARG B 540 19.69 -95.40 72.24
C ARG B 540 21.13 -95.81 72.60
N ALA B 541 21.93 -94.92 73.21
CA ALA B 541 23.39 -95.07 73.43
C ALA B 541 23.67 -95.65 74.82
N PHE B 542 23.24 -96.88 75.08
CA PHE B 542 23.41 -97.61 76.36
C PHE B 542 23.96 -99.01 76.08
N VAL B 543 25.11 -99.38 76.68
CA VAL B 543 25.80 -100.67 76.36
C VAL B 543 26.29 -101.34 77.65
N GLY B 544 26.14 -102.67 77.74
CA GLY B 544 26.63 -103.48 78.87
C GLY B 544 27.99 -104.09 78.57
N LEU B 545 28.95 -104.00 79.51
CA LEU B 545 30.33 -104.54 79.33
C LEU B 545 30.57 -105.69 80.32
N ILE B 546 31.53 -106.57 80.01
CA ILE B 546 31.95 -107.72 80.88
C ILE B 546 33.35 -107.45 81.43
N ASP B 547 33.45 -107.16 82.74
CA ASP B 547 34.71 -107.07 83.53
C ASP B 547 35.71 -106.11 82.87
N PRO B 548 35.33 -104.85 82.55
CA PRO B 548 36.29 -103.86 82.06
C PRO B 548 37.21 -103.38 83.20
N LYS B 549 38.36 -102.81 82.83
CA LYS B 549 39.31 -102.14 83.75
C LYS B 549 39.16 -100.62 83.59
N PHE B 550 38.85 -99.90 84.68
CA PHE B 550 38.65 -98.43 84.67
C PHE B 550 39.16 -97.80 85.97
N PRO B 551 40.05 -96.78 85.92
CA PRO B 551 40.53 -96.17 84.68
C PRO B 551 41.47 -97.09 83.91
N PRO B 552 41.60 -96.92 82.58
CA PRO B 552 42.46 -97.80 81.77
C PRO B 552 43.95 -97.56 82.05
N SER B 553 44.79 -98.50 81.61
CA SER B 553 46.27 -98.37 81.58
C SER B 553 46.66 -97.30 80.55
N TYR B 554 47.32 -96.23 80.99
CA TYR B 554 47.85 -95.14 80.14
C TYR B 554 49.33 -95.42 79.88
N PRO B 555 49.76 -95.65 78.62
CA PRO B 555 51.18 -95.77 78.30
C PRO B 555 52.00 -94.54 78.72
N ASN B 556 53.28 -94.75 79.04
CA ASN B 556 54.25 -93.69 79.39
C ASN B 556 55.19 -93.49 78.19
N VAL B 557 54.76 -92.69 77.21
CA VAL B 557 55.53 -92.38 75.97
C VAL B 557 55.83 -90.87 75.94
N THR B 558 56.61 -90.44 74.94
CA THR B 558 56.90 -89.01 74.63
C THR B 558 56.11 -88.63 73.37
N ARG B 559 55.63 -87.38 73.30
CA ARG B 559 54.64 -86.92 72.27
C ARG B 559 55.37 -86.58 70.96
N GLU B 560 54.63 -86.54 69.86
CA GLU B 560 55.11 -86.12 68.51
C GLU B 560 55.50 -84.63 68.55
N HIS B 561 56.46 -84.23 67.72
CA HIS B 561 56.87 -82.80 67.53
C HIS B 561 57.61 -82.62 66.20
N TYR B 562 57.69 -81.38 65.73
CA TYR B 562 58.41 -80.94 64.50
C TYR B 562 59.88 -80.70 64.85
N THR B 563 60.78 -81.02 63.91
CA THR B 563 62.26 -80.91 64.05
C THR B 563 62.79 -79.85 63.06
N ALA C 578 -22.16 45.21 -15.24
CA ALA C 578 -21.09 44.16 -15.41
C ALA C 578 -21.71 42.89 -16.01
N LYS C 579 -21.08 42.32 -17.03
CA LYS C 579 -21.56 41.10 -17.75
C LYS C 579 -20.36 40.40 -18.41
N LEU C 580 -19.75 39.43 -17.70
CA LEU C 580 -18.50 38.76 -18.13
C LEU C 580 -18.79 37.82 -19.31
N ARG C 581 -17.78 37.62 -20.17
CA ARG C 581 -17.81 36.69 -21.33
C ARG C 581 -16.39 36.60 -21.93
N SER C 582 -15.76 35.43 -21.85
CA SER C 582 -14.32 35.22 -22.15
C SER C 582 -14.11 34.97 -23.65
N MET C 583 -13.04 35.50 -24.25
CA MET C 583 -12.62 35.19 -25.64
C MET C 583 -11.42 34.22 -25.66
N GLY C 584 -11.18 33.54 -24.53
CA GLY C 584 -10.08 32.58 -24.31
C GLY C 584 -9.95 31.49 -25.36
N TYR C 585 -11.04 31.10 -26.05
CA TYR C 585 -11.02 30.06 -27.11
C TYR C 585 -11.27 30.70 -28.49
N ALA C 586 -11.14 32.03 -28.60
CA ALA C 586 -11.48 32.78 -29.82
C ALA C 586 -10.63 34.06 -29.91
N LEU C 587 -9.32 33.92 -29.69
CA LEU C 587 -8.37 35.03 -29.41
C LEU C 587 -7.54 35.38 -30.66
N THR C 588 -7.36 34.44 -31.59
CA THR C 588 -6.36 34.51 -32.71
C THR C 588 -6.91 35.21 -33.95
N GLY C 589 -8.23 35.19 -34.18
CA GLY C 589 -8.84 35.84 -35.35
C GLY C 589 -8.68 35.02 -36.63
N ALA C 590 -8.53 33.71 -36.53
CA ALA C 590 -8.75 32.75 -37.63
C ALA C 590 -9.34 31.45 -37.07
N VAL C 591 -9.86 30.58 -37.93
CA VAL C 591 -10.44 29.27 -37.50
C VAL C 591 -10.42 28.30 -38.68
N GLN C 592 -9.90 27.09 -38.48
CA GLN C 592 -9.83 26.01 -39.48
C GLN C 592 -10.94 24.99 -39.20
N THR C 593 -11.87 24.79 -40.13
CA THR C 593 -13.11 24.01 -39.92
C THR C 593 -13.15 22.80 -40.87
N LEU C 594 -13.77 21.70 -40.44
CA LEU C 594 -13.97 20.47 -41.24
C LEU C 594 -15.48 20.25 -41.46
N SER C 595 -15.82 19.57 -42.55
CA SER C 595 -17.20 19.24 -42.98
C SER C 595 -17.64 17.87 -42.44
N GLN C 596 -16.71 17.05 -41.96
CA GLN C 596 -16.97 15.69 -41.40
C GLN C 596 -15.89 15.32 -40.39
N ILE C 597 -16.22 14.58 -39.33
CA ILE C 597 -15.22 14.11 -38.31
C ILE C 597 -14.13 13.29 -39.03
N SER C 598 -14.52 12.45 -39.99
CA SER C 598 -13.63 11.59 -40.82
C SER C 598 -12.45 12.38 -41.39
N ASP C 599 -12.63 13.66 -41.72
CA ASP C 599 -11.60 14.54 -42.35
C ASP C 599 -10.39 14.76 -41.43
N ILE C 600 -10.49 14.47 -40.14
CA ILE C 600 -9.38 14.69 -39.16
C ILE C 600 -8.18 13.77 -39.49
N ASN C 601 -8.39 12.64 -40.17
CA ASN C 601 -7.34 11.64 -40.47
C ASN C 601 -6.58 11.95 -41.77
N ASP C 602 -6.97 13.01 -42.51
CA ASP C 602 -6.24 13.49 -43.72
C ASP C 602 -4.75 13.64 -43.40
N GLU C 603 -3.89 13.09 -44.26
CA GLU C 603 -2.44 12.91 -44.00
C GLU C 603 -1.68 14.24 -44.15
N ASN C 604 -2.19 15.18 -44.97
CA ASN C 604 -1.49 16.44 -45.27
C ASN C 604 -2.04 17.59 -44.41
N LEU C 605 -2.72 17.29 -43.29
CA LEU C 605 -3.00 18.24 -42.19
C LEU C 605 -1.74 18.36 -41.31
N GLN C 606 -1.70 19.37 -40.44
CA GLN C 606 -0.56 19.67 -39.52
C GLN C 606 -1.03 19.41 -38.08
N GLN C 607 -0.23 19.79 -37.09
CA GLN C 607 -0.58 19.69 -35.64
C GLN C 607 -1.23 21.00 -35.21
N GLY C 608 -2.55 21.03 -35.13
CA GLY C 608 -3.31 22.21 -34.67
C GLY C 608 -4.70 21.84 -34.20
N ILE C 609 -5.57 22.84 -34.03
CA ILE C 609 -6.99 22.66 -33.62
C ILE C 609 -7.87 22.79 -34.87
N TYR C 610 -8.65 21.77 -35.18
CA TYR C 610 -9.64 21.78 -36.28
C TYR C 610 -11.03 21.56 -35.71
N LEU C 611 -11.96 22.48 -35.95
CA LEU C 611 -13.35 22.42 -35.43
C LEU C 611 -14.25 21.79 -36.49
N LEU C 612 -15.16 20.91 -36.07
CA LEU C 612 -16.26 20.39 -36.91
C LEU C 612 -17.24 21.54 -37.15
N ARG C 613 -17.66 21.77 -38.40
CA ARG C 613 -18.34 23.03 -38.81
C ARG C 613 -19.74 23.14 -38.21
N ASP C 614 -20.50 22.05 -38.02
CA ASP C 614 -21.93 22.08 -37.61
C ASP C 614 -22.15 21.46 -36.22
N HIS C 615 -22.95 22.11 -35.38
CA HIS C 615 -23.29 21.68 -33.99
C HIS C 615 -24.00 20.31 -34.00
N VAL C 616 -23.83 19.53 -32.94
CA VAL C 616 -24.54 18.24 -32.70
C VAL C 616 -25.74 18.51 -31.78
N ILE C 617 -26.97 18.29 -32.27
CA ILE C 617 -28.23 18.62 -31.53
C ILE C 617 -28.81 17.33 -30.96
N THR C 618 -29.10 17.30 -29.65
CA THR C 618 -29.45 16.10 -28.86
C THR C 618 -30.58 16.41 -27.89
N LEU C 619 -31.68 15.63 -27.92
CA LEU C 619 -32.80 15.71 -26.94
C LEU C 619 -32.60 14.60 -25.90
N MET C 620 -32.67 14.91 -24.60
CA MET C 620 -32.41 13.91 -23.51
C MET C 620 -33.48 12.81 -23.52
N GLU C 621 -34.76 13.20 -23.63
CA GLU C 621 -35.92 12.29 -23.79
C GLU C 621 -35.56 11.14 -24.74
N ALA C 622 -34.93 11.46 -25.88
CA ALA C 622 -34.56 10.51 -26.95
C ALA C 622 -33.41 9.63 -26.48
N THR C 623 -32.42 10.23 -25.80
CA THR C 623 -31.18 9.56 -25.34
C THR C 623 -31.52 8.54 -24.25
N LEU C 624 -32.23 8.96 -23.19
CA LEU C 624 -32.56 8.10 -22.03
C LEU C 624 -33.79 7.25 -22.35
N HIS C 625 -33.57 6.02 -22.83
CA HIS C 625 -34.62 5.02 -23.15
C HIS C 625 -35.22 4.47 -21.85
N ASP C 626 -34.36 4.02 -20.93
CA ASP C 626 -34.75 3.39 -19.63
C ASP C 626 -35.98 4.10 -19.03
N ILE C 627 -35.94 5.42 -18.87
CA ILE C 627 -37.04 6.22 -18.22
C ILE C 627 -38.35 6.04 -18.98
N SER C 628 -38.32 6.03 -20.32
CA SER C 628 -39.49 5.96 -21.23
C SER C 628 -40.51 4.91 -20.74
N VAL C 629 -40.02 3.74 -20.29
CA VAL C 629 -40.82 2.54 -19.94
C VAL C 629 -41.10 2.48 -18.42
N MET C 630 -40.48 3.36 -17.62
CA MET C 630 -40.76 3.49 -16.16
C MET C 630 -41.95 4.43 -15.95
N GLU C 631 -42.55 4.42 -14.76
CA GLU C 631 -43.82 5.13 -14.45
C GLU C 631 -43.72 5.84 -13.10
N GLY C 632 -44.45 6.94 -12.93
CA GLY C 632 -44.61 7.66 -11.65
C GLY C 632 -43.27 8.16 -11.10
N MET C 633 -43.09 8.11 -9.78
CA MET C 633 -41.88 8.62 -9.09
C MET C 633 -40.65 7.78 -9.47
N PHE C 634 -40.82 6.51 -9.86
CA PHE C 634 -39.70 5.61 -10.28
C PHE C 634 -38.99 6.22 -11.49
N ALA C 635 -39.76 6.79 -12.42
CA ALA C 635 -39.22 7.53 -13.58
C ALA C 635 -38.48 8.77 -13.10
N VAL C 636 -39.10 9.55 -12.21
CA VAL C 636 -38.57 10.84 -11.69
C VAL C 636 -37.21 10.59 -11.00
N GLN C 637 -37.12 9.58 -10.13
CA GLN C 637 -35.89 9.33 -9.34
C GLN C 637 -34.75 8.86 -10.26
N HIS C 638 -35.04 8.12 -11.34
CA HIS C 638 -34.02 7.62 -12.30
C HIS C 638 -33.37 8.79 -13.05
N LEU C 639 -34.18 9.80 -13.44
CA LEU C 639 -33.69 11.03 -14.12
C LEU C 639 -32.82 11.86 -13.17
N HIS C 640 -33.24 12.01 -11.92
CA HIS C 640 -32.48 12.73 -10.86
C HIS C 640 -31.04 12.17 -10.78
N THR C 641 -30.91 10.85 -10.68
CA THR C 641 -29.59 10.16 -10.62
C THR C 641 -28.75 10.56 -11.84
N HIS C 642 -29.33 10.53 -13.04
CA HIS C 642 -28.66 10.88 -14.32
C HIS C 642 -28.22 12.35 -14.32
N LEU C 643 -29.13 13.28 -14.00
CA LEU C 643 -28.81 14.74 -13.99
C LEU C 643 -27.74 15.02 -12.93
N ASN C 644 -27.80 14.39 -11.75
CA ASN C 644 -26.77 14.63 -10.71
C ASN C 644 -25.38 14.12 -11.16
N HIS C 645 -25.31 13.06 -11.96
CA HIS C 645 -24.04 12.48 -12.47
C HIS C 645 -23.41 13.38 -13.55
N LEU C 646 -24.22 13.89 -14.47
CA LEU C 646 -23.80 14.86 -15.53
C LEU C 646 -23.12 16.07 -14.88
N LYS C 647 -23.74 16.62 -13.83
CA LYS C 647 -23.22 17.80 -13.08
C LYS C 647 -21.86 17.47 -12.48
N THR C 648 -21.70 16.29 -11.87
CA THR C 648 -20.45 15.85 -11.20
C THR C 648 -19.30 15.76 -12.21
N MET C 649 -19.54 15.20 -13.40
CA MET C 649 -18.54 15.09 -14.49
C MET C 649 -18.07 16.48 -14.97
N LEU C 650 -19.01 17.40 -15.18
CA LEU C 650 -18.72 18.72 -15.78
C LEU C 650 -17.91 19.59 -14.82
N LEU C 651 -18.07 19.45 -13.49
CA LEU C 651 -17.29 20.19 -12.48
C LEU C 651 -15.81 19.80 -12.56
N GLU C 652 -15.50 18.53 -12.84
CA GLU C 652 -14.12 17.99 -12.96
C GLU C 652 -13.55 18.21 -14.38
N ARG C 653 -14.31 18.84 -15.30
CA ARG C 653 -13.92 19.11 -16.71
C ARG C 653 -13.83 17.78 -17.48
N ARG C 654 -14.67 16.80 -17.16
CA ARG C 654 -14.73 15.50 -17.87
C ARG C 654 -15.94 15.49 -18.80
N ILE C 655 -16.03 14.46 -19.64
CA ILE C 655 -17.12 14.24 -20.64
C ILE C 655 -17.94 13.05 -20.17
N ASP C 656 -19.25 13.21 -20.14
CA ASP C 656 -20.23 12.14 -19.86
C ASP C 656 -20.65 11.59 -21.22
N TRP C 657 -20.19 10.39 -21.55
CA TRP C 657 -20.32 9.78 -22.90
C TRP C 657 -21.73 9.16 -23.08
N THR C 658 -22.65 9.37 -22.15
CA THR C 658 -24.07 8.92 -22.22
C THR C 658 -24.76 9.51 -23.47
N TYR C 659 -24.49 10.78 -23.77
CA TYR C 659 -25.24 11.62 -24.75
C TYR C 659 -24.54 11.63 -26.12
N MET C 660 -23.77 10.59 -26.45
CA MET C 660 -23.04 10.46 -27.74
C MET C 660 -22.78 8.98 -28.04
N SER C 661 -23.16 8.50 -29.23
CA SER C 661 -23.06 7.07 -29.64
C SER C 661 -21.59 6.67 -29.84
N SER C 662 -21.20 5.53 -29.28
CA SER C 662 -19.81 4.99 -29.32
C SER C 662 -19.49 4.47 -30.73
N THR C 663 -20.37 3.64 -31.26
CA THR C 663 -20.31 3.07 -32.64
C THR C 663 -20.10 4.21 -33.64
N TRP C 664 -20.93 5.25 -33.56
CA TRP C 664 -20.85 6.45 -34.43
C TRP C 664 -19.43 7.03 -34.37
N LEU C 665 -18.96 7.38 -33.17
CA LEU C 665 -17.67 8.07 -32.97
C LEU C 665 -16.53 7.17 -33.46
N GLN C 666 -16.55 5.88 -33.11
CA GLN C 666 -15.50 4.92 -33.54
C GLN C 666 -15.50 4.77 -35.07
N GLN C 667 -16.69 4.60 -35.68
CA GLN C 667 -16.85 4.49 -37.16
C GLN C 667 -16.18 5.70 -37.83
N GLN C 668 -16.51 6.91 -37.37
CA GLN C 668 -15.98 8.18 -37.92
C GLN C 668 -14.48 8.26 -37.69
N LEU C 669 -14.01 8.14 -36.44
CA LEU C 669 -12.56 8.27 -36.11
C LEU C 669 -11.73 7.16 -36.77
N GLN C 670 -12.31 6.00 -37.09
CA GLN C 670 -11.61 4.82 -37.68
C GLN C 670 -10.42 4.42 -36.79
N LYS C 671 -10.68 4.05 -35.54
CA LYS C 671 -9.66 3.63 -34.53
C LYS C 671 -9.98 2.24 -34.00
N SER C 672 -9.02 1.61 -33.32
CA SER C 672 -9.16 0.30 -32.65
C SER C 672 -9.87 0.46 -31.30
N ASP C 673 -10.35 -0.65 -30.73
CA ASP C 673 -11.02 -0.71 -29.40
C ASP C 673 -10.13 -0.08 -28.32
N ASP C 674 -8.82 -0.33 -28.36
CA ASP C 674 -7.88 0.11 -27.29
C ASP C 674 -7.45 1.56 -27.50
N GLU C 675 -7.39 2.07 -28.74
CA GLU C 675 -7.13 3.51 -29.02
C GLU C 675 -8.29 4.35 -28.46
N MET C 676 -9.54 3.93 -28.71
CA MET C 676 -10.76 4.62 -28.25
C MET C 676 -10.73 4.79 -26.73
N LYS C 677 -10.26 3.78 -25.99
CA LYS C 677 -10.18 3.80 -24.51
C LYS C 677 -9.26 4.92 -24.06
N VAL C 678 -8.13 5.09 -24.75
CA VAL C 678 -7.13 6.16 -24.45
C VAL C 678 -7.75 7.50 -24.87
N ILE C 679 -8.37 7.57 -26.05
CA ILE C 679 -9.01 8.83 -26.55
C ILE C 679 -10.08 9.29 -25.54
N LYS C 680 -10.96 8.40 -25.06
CA LYS C 680 -12.09 8.79 -24.16
C LYS C 680 -11.59 9.14 -22.74
N ARG C 681 -10.49 8.58 -22.27
CA ARG C 681 -9.92 8.89 -20.93
C ARG C 681 -9.30 10.30 -20.91
N ILE C 682 -8.69 10.80 -22.00
CA ILE C 682 -7.90 12.07 -21.97
C ILE C 682 -8.70 13.25 -22.53
N ALA C 683 -9.89 13.07 -23.08
CA ALA C 683 -10.73 14.19 -23.60
C ALA C 683 -11.20 15.08 -22.45
N ARG C 684 -11.43 16.37 -22.69
CA ARG C 684 -11.82 17.40 -21.68
C ARG C 684 -13.01 18.22 -22.19
N SER C 685 -13.88 18.70 -21.29
CA SER C 685 -15.15 19.43 -21.62
C SER C 685 -15.10 20.90 -21.18
N LEU C 686 -15.93 21.78 -21.78
CA LEU C 686 -16.16 23.18 -21.31
C LEU C 686 -17.65 23.49 -21.47
N VAL C 687 -18.30 24.02 -20.44
CA VAL C 687 -19.73 24.48 -20.48
C VAL C 687 -19.73 25.94 -20.92
N TYR C 688 -20.17 26.29 -22.14
CA TYR C 688 -20.05 27.69 -22.64
C TYR C 688 -21.38 28.45 -22.60
N TYR C 689 -22.51 27.81 -22.30
CA TYR C 689 -23.75 28.50 -21.83
C TYR C 689 -24.76 27.52 -21.24
N VAL C 690 -25.64 28.03 -20.36
CA VAL C 690 -26.75 27.30 -19.69
C VAL C 690 -27.96 28.24 -19.65
N LYS C 691 -29.05 27.93 -20.36
CA LYS C 691 -30.16 28.91 -20.56
C LYS C 691 -31.50 28.24 -20.26
N GLN C 692 -32.34 28.84 -19.39
CA GLN C 692 -33.72 28.34 -19.13
C GLN C 692 -34.66 28.95 -20.16
N THR C 693 -35.31 28.13 -20.99
CA THR C 693 -36.07 28.57 -22.18
C THR C 693 -37.57 28.69 -21.89
N HIS C 694 -38.07 28.13 -20.79
CA HIS C 694 -39.51 28.15 -20.39
C HIS C 694 -39.65 27.80 -18.90
N SER C 695 -40.55 28.48 -18.19
CA SER C 695 -40.72 28.34 -16.71
C SER C 695 -42.18 28.54 -16.29
N SER C 696 -42.95 27.45 -16.21
CA SER C 696 -44.31 27.37 -15.60
C SER C 696 -44.19 26.71 -14.24
N PRO C 697 -45.22 26.77 -13.36
CA PRO C 697 -45.24 25.96 -12.14
C PRO C 697 -45.27 24.42 -12.31
N THR C 698 -45.74 23.92 -13.46
CA THR C 698 -45.79 22.47 -13.78
C THR C 698 -44.77 22.08 -14.86
N ALA C 699 -44.16 23.03 -15.58
CA ALA C 699 -43.28 22.75 -16.74
C ALA C 699 -42.02 23.62 -16.73
N THR C 700 -40.88 23.06 -17.16
CA THR C 700 -39.61 23.78 -17.43
C THR C 700 -38.94 23.26 -18.69
N ALA C 701 -38.01 24.04 -19.22
CA ALA C 701 -37.11 23.64 -20.33
C ALA C 701 -35.78 24.39 -20.21
N TRP C 702 -34.66 23.69 -20.45
CA TRP C 702 -33.29 24.25 -20.41
C TRP C 702 -32.54 23.90 -21.71
N GLU C 703 -31.51 24.67 -22.03
CA GLU C 703 -30.50 24.40 -23.09
C GLU C 703 -29.09 24.49 -22.47
N ILE C 704 -28.18 23.61 -22.84
CA ILE C 704 -26.76 23.60 -22.40
C ILE C 704 -25.84 23.58 -23.63
N GLY C 705 -24.86 24.49 -23.71
CA GLY C 705 -23.80 24.44 -24.74
C GLY C 705 -22.54 23.79 -24.21
N LEU C 706 -22.18 22.59 -24.69
CA LEU C 706 -20.92 21.90 -24.30
C LEU C 706 -19.91 21.93 -25.45
N TYR C 707 -18.65 22.28 -25.17
CA TYR C 707 -17.52 22.29 -26.14
C TYR C 707 -16.48 21.25 -25.72
N TYR C 708 -16.15 20.29 -26.60
CA TYR C 708 -15.22 19.15 -26.34
C TYR C 708 -13.92 19.32 -27.15
N GLU C 709 -12.78 18.95 -26.56
CA GLU C 709 -11.46 18.91 -27.26
C GLU C 709 -10.88 17.51 -27.09
N LEU C 710 -10.85 16.76 -28.19
CA LEU C 710 -10.34 15.38 -28.28
C LEU C 710 -8.92 15.44 -28.84
N VAL C 711 -7.93 15.03 -28.04
CA VAL C 711 -6.53 14.79 -28.49
C VAL C 711 -6.53 13.49 -29.31
N ILE C 712 -6.10 13.54 -30.57
CA ILE C 712 -5.89 12.33 -31.42
C ILE C 712 -4.44 11.89 -31.25
N PRO C 713 -4.14 10.67 -30.72
CA PRO C 713 -2.76 10.22 -30.55
C PRO C 713 -2.06 9.85 -31.87
N LYS C 714 -0.75 10.06 -31.91
CA LYS C 714 0.18 9.67 -33.01
C LYS C 714 0.86 8.35 -32.64
N HIS C 715 1.35 8.27 -31.40
CA HIS C 715 1.97 7.05 -30.81
C HIS C 715 1.69 7.02 -29.29
N ILE C 716 1.54 5.83 -28.72
CA ILE C 716 1.33 5.58 -27.26
C ILE C 716 2.50 4.72 -26.75
N TYR C 717 3.17 5.13 -25.67
CA TYR C 717 4.34 4.43 -25.06
C TYR C 717 3.97 3.92 -23.65
N LEU C 718 4.08 2.61 -23.38
CA LEU C 718 3.56 1.98 -22.13
C LEU C 718 4.69 1.62 -21.15
N ASN C 719 5.79 1.01 -21.58
CA ASN C 719 6.84 0.47 -20.66
C ASN C 719 8.00 1.47 -20.53
N ASN C 720 7.99 2.33 -19.51
CA ASN C 720 8.84 3.55 -19.49
C ASN C 720 9.68 3.60 -18.20
N TRP C 721 10.88 4.17 -18.29
CA TRP C 721 11.78 4.38 -17.11
C TRP C 721 12.16 5.86 -17.00
N ASN C 722 12.30 6.39 -15.77
CA ASN C 722 12.84 7.75 -15.52
C ASN C 722 14.36 7.68 -15.40
N VAL C 723 15.11 8.58 -16.05
CA VAL C 723 16.60 8.67 -15.91
C VAL C 723 16.97 9.31 -14.57
N VAL C 724 18.04 8.85 -13.92
CA VAL C 724 18.64 9.45 -12.68
C VAL C 724 20.16 9.54 -12.86
N ASN C 725 20.71 10.74 -13.12
CA ASN C 725 22.17 10.95 -13.33
C ASN C 725 22.87 10.86 -11.97
N ILE C 726 23.90 10.02 -11.82
CA ILE C 726 24.68 9.87 -10.56
C ILE C 726 26.09 10.48 -10.74
N GLY C 727 26.77 10.18 -11.84
CA GLY C 727 28.09 10.77 -12.14
C GLY C 727 29.21 9.98 -11.49
N HIS C 728 30.30 10.66 -11.11
CA HIS C 728 31.60 10.08 -10.72
C HIS C 728 32.43 11.17 -10.03
N LEU C 729 33.18 10.83 -8.98
CA LEU C 729 34.12 11.76 -8.30
C LEU C 729 35.52 11.63 -8.92
N VAL C 730 36.25 12.73 -9.01
CA VAL C 730 37.65 12.81 -9.53
C VAL C 730 38.45 13.71 -8.57
N LYS C 731 39.61 13.25 -8.13
CA LYS C 731 40.52 14.00 -7.22
C LYS C 731 41.72 14.49 -8.04
N SER C 732 41.81 15.80 -8.28
CA SER C 732 42.71 16.41 -9.29
C SER C 732 43.49 17.57 -8.65
N ALA C 733 44.82 17.51 -8.68
CA ALA C 733 45.75 18.56 -8.18
C ALA C 733 45.30 19.08 -6.80
N GLY C 734 44.81 18.18 -5.93
CA GLY C 734 44.37 18.50 -4.56
C GLY C 734 42.86 18.63 -4.42
N GLN C 735 42.14 19.07 -5.47
CA GLN C 735 40.68 19.39 -5.39
C GLN C 735 39.86 18.14 -5.69
N LEU C 736 38.81 17.89 -4.92
CA LEU C 736 37.75 16.87 -5.20
C LEU C 736 36.69 17.49 -6.10
N THR C 737 36.29 16.78 -7.16
CA THR C 737 35.41 17.30 -8.25
C THR C 737 34.36 16.27 -8.60
N HIS C 738 33.10 16.67 -8.73
CA HIS C 738 32.00 15.79 -9.18
C HIS C 738 31.78 16.00 -10.68
N VAL C 739 31.84 14.92 -11.48
CA VAL C 739 31.77 14.97 -12.98
C VAL C 739 30.47 14.31 -13.44
N THR C 740 29.76 14.92 -14.38
CA THR C 740 28.46 14.41 -14.91
C THR C 740 28.35 14.58 -16.43
N ILE C 741 27.72 13.61 -17.08
CA ILE C 741 27.36 13.64 -18.54
C ILE C 741 25.97 14.26 -18.66
N ALA C 742 25.76 15.09 -19.69
CA ALA C 742 24.47 15.72 -20.03
C ALA C 742 23.77 14.88 -21.11
N HIS C 743 22.89 13.96 -20.72
CA HIS C 743 22.26 12.96 -21.64
C HIS C 743 21.20 13.66 -22.47
N PRO C 744 21.08 13.38 -23.78
CA PRO C 744 20.08 14.03 -24.64
C PRO C 744 18.65 13.44 -24.58
N TYR C 745 18.34 12.61 -23.58
CA TYR C 745 17.02 11.96 -23.38
C TYR C 745 16.60 12.03 -21.91
N GLU C 746 15.31 11.88 -21.64
CA GLU C 746 14.74 11.93 -20.26
C GLU C 746 14.02 10.63 -19.91
N ILE C 747 13.56 9.86 -20.91
CA ILE C 747 12.82 8.58 -20.75
C ILE C 747 13.50 7.53 -21.64
N ILE C 748 13.68 6.32 -21.07
CA ILE C 748 14.03 5.07 -21.81
C ILE C 748 12.76 4.23 -21.87
N ASN C 749 12.45 3.71 -23.07
CA ASN C 749 11.27 2.84 -23.34
C ASN C 749 11.76 1.49 -23.88
N LYS C 750 11.05 0.42 -23.50
CA LYS C 750 11.34 -0.97 -23.93
C LYS C 750 10.06 -1.80 -23.95
N GLU C 751 9.41 -1.92 -25.12
CA GLU C 751 8.10 -2.61 -25.27
C GLU C 751 8.31 -4.12 -25.31
N CYS C 752 9.24 -4.60 -26.14
CA CYS C 752 9.57 -6.04 -26.29
C CYS C 752 11.07 -6.28 -26.07
N VAL C 753 11.91 -6.08 -27.10
CA VAL C 753 13.37 -6.41 -27.07
C VAL C 753 14.22 -5.17 -27.36
N GLU C 754 13.80 -4.32 -28.31
CA GLU C 754 14.52 -3.07 -28.70
C GLU C 754 14.29 -1.99 -27.64
N THR C 755 15.37 -1.38 -27.14
CA THR C 755 15.38 -0.19 -26.23
C THR C 755 15.36 1.09 -27.06
N ILE C 756 14.67 2.13 -26.58
CA ILE C 756 14.48 3.42 -27.31
C ILE C 756 14.65 4.59 -26.33
N TYR C 757 15.38 5.64 -26.73
CA TYR C 757 15.73 6.82 -25.90
C TYR C 757 14.94 8.05 -26.38
N LEU C 758 14.06 8.56 -25.52
CA LEU C 758 13.06 9.60 -25.90
C LEU C 758 13.44 10.95 -25.28
N HIS C 759 13.39 12.02 -26.08
CA HIS C 759 13.46 13.44 -25.65
C HIS C 759 12.07 14.06 -25.81
N LEU C 760 11.44 14.49 -24.71
CA LEU C 760 10.07 15.08 -24.68
C LEU C 760 10.15 16.60 -24.65
N GLU C 761 9.14 17.28 -25.19
CA GLU C 761 8.98 18.77 -25.13
C GLU C 761 7.50 19.12 -25.01
N ASP C 762 7.20 20.21 -24.29
CA ASP C 762 5.84 20.81 -24.14
C ASP C 762 4.84 19.76 -23.66
N CYS C 763 5.01 19.27 -22.42
CA CYS C 763 4.22 18.16 -21.84
C CYS C 763 3.27 18.69 -20.76
N THR C 764 2.09 18.07 -20.65
CA THR C 764 1.08 18.32 -19.59
C THR C 764 0.56 16.97 -19.07
N ARG C 765 -0.32 17.02 -18.06
CA ARG C 765 -0.97 15.82 -17.47
C ARG C 765 -2.50 15.97 -17.52
N GLN C 766 -3.17 15.17 -18.36
CA GLN C 766 -4.63 14.88 -18.31
C GLN C 766 -4.82 13.39 -18.01
N ASP C 767 -4.55 12.98 -16.76
CA ASP C 767 -4.48 11.57 -16.29
C ASP C 767 -3.14 10.96 -16.72
N TYR C 768 -2.95 10.78 -18.02
CA TYR C 768 -1.67 10.38 -18.65
C TYR C 768 -0.83 11.63 -18.92
N VAL C 769 0.47 11.46 -19.17
CA VAL C 769 1.36 12.55 -19.68
C VAL C 769 1.06 12.72 -21.18
N ILE C 770 0.88 13.96 -21.63
CA ILE C 770 0.66 14.31 -23.07
C ILE C 770 1.77 15.28 -23.49
N CYS C 771 2.47 15.01 -24.59
CA CYS C 771 3.57 15.86 -25.13
C CYS C 771 3.29 16.24 -26.58
N ASP C 772 3.62 17.48 -26.96
CA ASP C 772 3.51 17.99 -28.35
C ASP C 772 4.65 17.42 -29.21
N VAL C 773 5.85 17.33 -28.64
CA VAL C 773 7.10 16.90 -29.35
C VAL C 773 7.76 15.76 -28.58
N VAL C 774 8.05 14.65 -29.30
CA VAL C 774 8.84 13.49 -28.81
C VAL C 774 9.86 13.12 -29.87
N LYS C 775 11.14 13.40 -29.64
CA LYS C 775 12.25 13.06 -30.58
C LYS C 775 12.98 11.81 -30.07
N ILE C 776 13.28 10.87 -30.97
CA ILE C 776 14.05 9.62 -30.67
C ILE C 776 15.54 9.92 -30.85
N VAL C 777 16.38 9.59 -29.86
CA VAL C 777 17.82 9.96 -29.91
C VAL C 777 18.71 8.71 -29.75
N GLN C 778 20.02 8.89 -29.82
CA GLN C 778 21.03 7.82 -29.53
C GLN C 778 21.75 8.14 -28.23
N PRO C 779 22.19 7.13 -27.47
CA PRO C 779 22.98 7.36 -26.25
C PRO C 779 24.37 7.92 -26.54
N CYS C 780 25.04 8.51 -25.55
CA CYS C 780 26.37 9.17 -25.72
C CYS C 780 27.42 8.12 -26.04
N GLY C 781 28.50 8.56 -26.71
CA GLY C 781 29.64 7.73 -27.12
C GLY C 781 30.73 8.58 -27.75
N ASN C 782 31.81 7.94 -28.19
CA ASN C 782 32.94 8.59 -28.92
C ASN C 782 33.05 7.88 -30.25
N SER C 783 32.06 8.09 -31.13
CA SER C 783 31.95 7.44 -32.46
C SER C 783 30.93 8.16 -33.33
N SER C 784 30.91 7.83 -34.63
CA SER C 784 30.06 8.45 -35.68
C SER C 784 28.57 8.07 -35.49
N ASP C 785 28.30 6.92 -34.86
CA ASP C 785 26.93 6.34 -34.72
C ASP C 785 26.34 6.60 -33.32
N THR C 786 26.95 7.49 -32.52
CA THR C 786 26.49 7.85 -31.14
C THR C 786 26.45 9.36 -30.97
N SER C 787 25.85 9.85 -29.88
CA SER C 787 25.70 11.30 -29.55
C SER C 787 27.01 11.84 -28.95
N ASP C 788 27.36 13.10 -29.27
CA ASP C 788 28.58 13.81 -28.78
C ASP C 788 28.18 14.81 -27.70
N CYS C 789 27.97 14.33 -26.48
CA CYS C 789 27.27 15.05 -25.38
C CYS C 789 28.28 15.85 -24.57
N PRO C 790 27.93 17.04 -24.04
CA PRO C 790 28.81 17.78 -23.14
C PRO C 790 28.92 17.21 -21.72
N VAL C 791 30.11 17.38 -21.12
CA VAL C 791 30.52 16.85 -19.78
C VAL C 791 30.73 18.03 -18.84
N TRP C 792 30.02 18.03 -17.70
CA TRP C 792 30.06 19.09 -16.66
C TRP C 792 30.91 18.63 -15.48
N ALA C 793 31.70 19.56 -14.93
CA ALA C 793 32.46 19.41 -13.66
C ALA C 793 32.04 20.50 -12.67
N GLU C 794 32.18 20.20 -11.38
CA GLU C 794 31.81 21.05 -10.23
C GLU C 794 32.65 20.67 -9.01
N ALA C 795 33.22 21.64 -8.29
CA ALA C 795 34.00 21.43 -7.05
C ALA C 795 33.04 21.13 -5.89
N VAL C 796 33.44 20.21 -5.00
CA VAL C 796 32.63 19.73 -3.85
C VAL C 796 33.51 19.68 -2.59
N LYS C 797 32.89 19.62 -1.41
CA LYS C 797 33.58 19.61 -0.08
C LYS C 797 33.94 18.17 0.31
N GLU C 798 35.14 17.98 0.83
CA GLU C 798 35.65 16.69 1.38
C GLU C 798 35.44 16.69 2.90
N PRO C 799 34.96 15.59 3.54
CA PRO C 799 34.62 14.34 2.87
C PRO C 799 33.19 14.34 2.30
N PHE C 800 33.02 13.69 1.15
CA PHE C 800 31.75 13.52 0.40
C PHE C 800 31.23 12.10 0.65
N VAL C 801 29.96 11.99 1.06
CA VAL C 801 29.25 10.69 1.25
C VAL C 801 27.81 10.83 0.77
N GLN C 802 27.38 9.92 -0.12
CA GLN C 802 25.98 9.83 -0.60
C GLN C 802 25.58 8.35 -0.68
N VAL C 803 24.53 7.98 0.06
CA VAL C 803 23.96 6.60 0.13
C VAL C 803 22.45 6.70 -0.08
N ASN C 804 21.95 6.13 -1.18
CA ASN C 804 20.49 6.08 -1.48
C ASN C 804 20.00 4.65 -1.30
N PRO C 805 19.06 4.38 -0.35
CA PRO C 805 18.37 3.09 -0.30
C PRO C 805 17.46 2.90 -1.52
N LEU C 806 17.67 1.83 -2.28
CA LEU C 806 16.83 1.43 -3.44
C LEU C 806 15.65 0.60 -2.93
N LYS C 807 14.58 0.47 -3.72
CA LYS C 807 13.30 -0.15 -3.30
C LYS C 807 13.44 -1.68 -3.22
N ASN C 808 14.21 -2.31 -4.11
CA ASN C 808 14.37 -3.78 -4.15
C ASN C 808 15.22 -4.28 -2.99
N GLY C 809 15.87 -3.39 -2.22
CA GLY C 809 16.60 -3.73 -0.99
C GLY C 809 18.11 -3.56 -1.10
N SER C 810 18.64 -3.14 -2.25
CA SER C 810 20.08 -2.79 -2.40
C SER C 810 20.29 -1.33 -1.98
N TYR C 811 21.53 -0.84 -2.04
CA TYR C 811 21.86 0.57 -1.72
C TYR C 811 22.79 1.13 -2.80
N LEU C 812 22.54 2.35 -3.26
CA LEU C 812 23.41 3.06 -4.23
C LEU C 812 24.40 3.92 -3.42
N VAL C 813 25.71 3.75 -3.60
CA VAL C 813 26.77 4.46 -2.81
C VAL C 813 27.72 5.24 -3.72
N LEU C 814 27.95 6.52 -3.39
CA LEU C 814 29.06 7.32 -3.95
C LEU C 814 29.75 8.05 -2.79
N ALA C 815 31.06 7.85 -2.58
CA ALA C 815 31.77 8.29 -1.36
C ALA C 815 33.25 8.55 -1.63
N SER C 816 33.82 9.58 -0.99
CA SER C 816 35.23 10.00 -1.20
C SER C 816 36.18 9.09 -0.42
N SER C 817 35.66 8.21 0.45
CA SER C 817 36.45 7.32 1.35
C SER C 817 35.83 5.92 1.43
N THR C 818 36.66 4.90 1.65
CA THR C 818 36.29 3.46 1.74
C THR C 818 35.57 3.16 3.06
N ASP C 819 34.68 2.18 3.05
CA ASP C 819 34.08 1.52 4.24
C ASP C 819 33.37 0.24 3.78
N CYS C 820 33.46 -0.84 4.56
CA CYS C 820 32.87 -2.18 4.26
C CYS C 820 33.33 -2.71 2.89
N GLN C 821 34.58 -2.41 2.48
CA GLN C 821 35.27 -2.96 1.29
C GLN C 821 34.79 -2.29 -0.02
N ILE C 822 33.97 -1.24 0.05
CA ILE C 822 33.38 -0.54 -1.14
C ILE C 822 34.42 0.43 -1.68
N PRO C 823 34.90 0.32 -2.94
CA PRO C 823 35.92 1.23 -3.45
C PRO C 823 35.46 2.68 -3.50
N PRO C 824 36.37 3.67 -3.33
CA PRO C 824 36.00 5.09 -3.42
C PRO C 824 35.93 5.65 -4.85
N TYR C 825 35.27 6.80 -5.01
CA TYR C 825 35.22 7.65 -6.23
C TYR C 825 34.31 7.10 -7.34
N VAL C 826 34.30 5.79 -7.62
CA VAL C 826 33.38 5.12 -8.60
C VAL C 826 32.09 4.72 -7.88
N PRO C 827 30.87 5.01 -8.40
CA PRO C 827 29.63 4.58 -7.75
C PRO C 827 29.34 3.08 -7.92
N SER C 828 28.48 2.50 -7.08
CA SER C 828 28.12 1.06 -7.18
C SER C 828 26.82 0.71 -6.45
N ILE C 829 26.13 -0.33 -6.93
CA ILE C 829 24.90 -0.90 -6.31
C ILE C 829 25.35 -2.02 -5.36
N VAL C 830 25.06 -1.87 -4.07
CA VAL C 830 25.60 -2.70 -2.94
C VAL C 830 24.49 -3.51 -2.28
N THR C 831 24.76 -4.77 -1.98
CA THR C 831 23.85 -5.75 -1.32
C THR C 831 24.63 -6.56 -0.28
N VAL C 832 24.04 -6.90 0.87
CA VAL C 832 24.73 -7.61 1.99
C VAL C 832 23.88 -8.79 2.46
N ASN C 833 24.53 -9.87 2.93
CA ASN C 833 23.84 -11.12 3.37
C ASN C 833 23.49 -11.11 4.86
N GLU C 834 23.71 -10.00 5.59
CA GLU C 834 23.56 -9.94 7.06
C GLU C 834 23.74 -8.49 7.52
N THR C 835 22.82 -7.97 8.34
CA THR C 835 22.70 -6.55 8.75
C THR C 835 24.02 -6.04 9.35
N THR C 836 24.53 -4.89 8.87
CA THR C 836 25.81 -4.26 9.30
C THR C 836 25.74 -2.73 9.16
N SER C 837 26.60 -2.02 9.88
CA SER C 837 26.69 -0.54 9.89
C SER C 837 27.82 -0.07 8.96
N CYS C 838 27.47 0.70 7.92
CA CYS C 838 28.45 1.27 6.93
C CYS C 838 28.12 2.74 6.72
N PHE C 839 29.14 3.61 6.71
CA PHE C 839 29.00 5.08 6.55
C PHE C 839 28.02 5.62 7.61
N GLY C 840 28.14 5.08 8.83
CA GLY C 840 27.34 5.47 10.01
C GLY C 840 25.85 5.25 9.82
N LEU C 841 25.43 4.23 9.09
CA LEU C 841 24.00 3.80 9.04
C LEU C 841 23.90 2.31 8.67
N ASP C 842 22.74 1.71 8.95
CA ASP C 842 22.50 0.25 8.92
C ASP C 842 22.06 -0.20 7.52
N PHE C 843 22.86 -1.07 6.90
CA PHE C 843 22.61 -1.78 5.61
C PHE C 843 21.99 -3.14 5.94
N LYS C 844 20.69 -3.32 5.76
CA LYS C 844 19.94 -4.55 6.14
C LYS C 844 19.96 -5.58 5.00
N ARG C 845 19.90 -6.86 5.33
CA ARG C 845 19.73 -8.00 4.39
C ARG C 845 18.32 -7.96 3.80
N PRO C 846 18.14 -8.00 2.47
CA PRO C 846 16.81 -7.92 1.87
C PRO C 846 16.04 -9.25 1.91
N LEU C 847 14.71 -9.14 1.86
CA LEU C 847 13.73 -10.26 1.88
C LEU C 847 13.81 -11.00 0.56
N VAL C 848 13.84 -12.33 0.59
CA VAL C 848 13.92 -13.18 -0.64
C VAL C 848 12.76 -12.82 -1.59
N ALA C 849 13.05 -12.69 -2.88
CA ALA C 849 12.08 -12.32 -3.94
C ALA C 849 11.91 -13.46 -4.94
N GLU C 850 10.80 -13.43 -5.69
CA GLU C 850 10.43 -14.37 -6.77
C GLU C 850 10.82 -13.73 -8.10
N GLU C 851 11.47 -14.46 -9.00
CA GLU C 851 11.99 -13.93 -10.29
C GLU C 851 10.86 -13.89 -11.32
N ARG C 852 10.70 -12.74 -11.98
CA ARG C 852 9.75 -12.49 -13.10
C ARG C 852 10.56 -12.01 -14.31
N LEU C 853 9.91 -11.91 -15.48
CA LEU C 853 10.49 -11.38 -16.74
C LEU C 853 10.86 -9.89 -16.57
N SER C 854 12.12 -9.54 -16.83
CA SER C 854 12.70 -8.19 -16.67
C SER C 854 12.48 -7.33 -17.92
N PHE C 855 12.47 -6.00 -17.74
CA PHE C 855 12.45 -4.97 -18.81
C PHE C 855 13.51 -3.89 -18.50
N GLU C 856 14.52 -4.19 -17.68
CA GLU C 856 15.59 -3.25 -17.29
C GLU C 856 16.43 -2.91 -18.52
N PRO C 857 16.74 -1.63 -18.78
CA PRO C 857 17.68 -1.26 -19.86
C PRO C 857 19.15 -1.59 -19.55
N ARG C 858 19.95 -1.88 -20.59
CA ARG C 858 21.42 -2.11 -20.51
C ARG C 858 22.15 -1.11 -21.42
N LEU C 859 22.59 0.03 -20.87
CA LEU C 859 23.29 1.09 -21.64
C LEU C 859 24.65 0.62 -22.15
N PRO C 860 25.15 1.15 -23.28
CA PRO C 860 26.53 0.88 -23.72
C PRO C 860 27.58 1.48 -22.79
N ASN C 861 28.72 0.81 -22.60
CA ASN C 861 29.88 1.33 -21.82
C ASN C 861 30.58 2.44 -22.64
N LEU C 862 31.48 3.18 -22.01
CA LEU C 862 32.02 4.47 -22.53
C LEU C 862 33.25 4.88 -21.69
N GLN C 863 34.43 4.95 -22.30
CA GLN C 863 35.65 5.57 -21.71
C GLN C 863 35.60 7.07 -21.96
N LEU C 864 36.12 7.86 -21.02
CA LEU C 864 36.02 9.33 -21.05
C LEU C 864 37.34 9.91 -20.54
N ARG C 865 38.07 10.66 -21.37
CA ARG C 865 39.36 11.30 -20.98
C ARG C 865 39.12 12.75 -20.56
N LEU C 866 39.51 13.12 -19.35
CA LEU C 866 39.32 14.49 -18.80
C LEU C 866 40.64 15.25 -18.89
N PRO C 867 40.63 16.60 -18.89
CA PRO C 867 41.86 17.38 -18.75
C PRO C 867 42.60 17.13 -17.44
N HIS C 868 43.94 17.16 -17.49
CA HIS C 868 44.87 16.82 -16.36
C HIS C 868 44.57 17.67 -15.13
N LEU C 869 44.26 18.96 -15.31
CA LEU C 869 44.03 19.93 -14.21
C LEU C 869 42.53 20.24 -14.08
N VAL C 870 41.64 19.26 -14.23
CA VAL C 870 40.16 19.49 -14.16
C VAL C 870 39.79 20.12 -12.80
N GLY C 871 40.48 19.74 -11.72
CA GLY C 871 40.20 20.21 -10.35
C GLY C 871 40.46 21.70 -10.17
N ILE C 872 41.51 22.23 -10.80
CA ILE C 872 41.86 23.69 -10.77
C ILE C 872 40.87 24.48 -11.64
N ILE C 873 40.43 23.91 -12.77
CA ILE C 873 39.47 24.57 -13.70
C ILE C 873 38.11 24.75 -13.00
N ALA C 874 37.64 23.71 -12.30
CA ALA C 874 36.33 23.72 -11.59
C ALA C 874 36.38 24.65 -10.36
N LYS C 875 37.56 24.80 -9.75
CA LYS C 875 37.76 25.57 -8.48
C LYS C 875 37.68 27.07 -8.75
N ILE C 876 38.35 27.58 -9.80
CA ILE C 876 38.46 29.05 -10.06
C ILE C 876 37.23 29.59 -10.79
N LYS C 877 36.20 28.78 -11.05
CA LYS C 877 34.91 29.26 -11.62
C LYS C 877 33.88 29.46 -10.51
N GLY C 878 33.89 28.60 -9.48
CA GLY C 878 32.93 28.63 -8.36
C GLY C 878 31.50 28.37 -8.81
N ILE C 879 31.31 27.71 -9.95
CA ILE C 879 29.99 27.21 -10.45
C ILE C 879 30.24 25.92 -11.25
N LYS C 880 29.18 25.18 -11.55
CA LYS C 880 29.24 23.96 -12.40
C LYS C 880 29.53 24.39 -13.84
N ILE C 881 30.61 23.88 -14.44
CA ILE C 881 31.17 24.38 -15.74
C ILE C 881 31.38 23.19 -16.68
N GLU C 882 31.22 23.42 -17.98
CA GLU C 882 31.39 22.40 -19.07
C GLU C 882 32.88 22.23 -19.37
N VAL C 883 33.42 21.00 -19.38
CA VAL C 883 34.89 20.78 -19.49
C VAL C 883 35.26 20.00 -20.78
N THR C 884 34.36 19.21 -21.38
CA THR C 884 34.60 18.43 -22.63
C THR C 884 33.27 17.99 -23.27
N SER C 885 33.38 17.27 -24.40
CA SER C 885 32.31 16.42 -24.99
C SER C 885 32.75 14.96 -25.01
N SER C 886 31.78 14.03 -24.99
CA SER C 886 31.95 12.57 -25.12
C SER C 886 32.98 12.25 -26.22
N GLY C 887 32.87 12.91 -27.37
CA GLY C 887 33.61 12.56 -28.60
C GLY C 887 34.51 13.68 -29.08
N GLU C 888 35.34 14.25 -28.19
CA GLU C 888 36.23 15.38 -28.49
C GLU C 888 37.66 14.86 -28.70
N SER C 889 38.46 15.55 -29.52
CA SER C 889 39.89 15.23 -29.80
C SER C 889 40.79 15.73 -28.67
N ILE C 890 41.99 15.16 -28.53
CA ILE C 890 43.01 15.55 -27.51
C ILE C 890 43.33 17.05 -27.70
N LYS C 891 43.50 17.49 -28.95
CA LYS C 891 43.94 18.86 -29.30
C LYS C 891 42.87 19.89 -28.87
N GLU C 892 41.62 19.70 -29.28
CA GLU C 892 40.49 20.63 -28.97
C GLU C 892 40.27 20.70 -27.45
N GLN C 893 40.23 19.54 -26.79
CA GLN C 893 40.06 19.44 -25.32
C GLN C 893 41.10 20.31 -24.59
N ILE C 894 42.37 20.24 -24.97
CA ILE C 894 43.47 20.99 -24.30
C ILE C 894 43.29 22.49 -24.57
N GLU C 895 43.22 22.90 -25.84
CA GLU C 895 43.04 24.32 -26.23
C GLU C 895 41.61 24.72 -25.86
N ARG C 896 41.34 24.91 -24.56
CA ARG C 896 39.97 25.14 -24.02
C ARG C 896 40.00 25.89 -22.68
N ALA C 897 40.95 25.58 -21.80
CA ALA C 897 41.27 26.34 -20.57
C ALA C 897 42.76 26.72 -20.51
N LYS C 898 43.51 26.58 -21.60
CA LYS C 898 44.99 26.77 -21.64
C LYS C 898 45.35 28.25 -21.36
N ALA C 899 44.74 29.20 -22.07
CA ALA C 899 45.00 30.66 -21.92
C ALA C 899 44.63 31.10 -20.50
N GLU C 900 43.41 30.77 -20.08
CA GLU C 900 42.90 30.93 -18.69
C GLU C 900 43.96 30.42 -17.72
N LEU C 901 44.40 29.17 -17.87
CA LEU C 901 45.31 28.50 -16.91
C LEU C 901 46.70 29.16 -16.92
N LEU C 902 47.25 29.52 -18.10
CA LEU C 902 48.58 30.18 -18.23
C LEU C 902 48.62 31.49 -17.43
N ARG C 903 47.50 32.22 -17.38
CA ARG C 903 47.41 33.59 -16.80
C ARG C 903 47.17 33.52 -15.26
N LEU C 904 47.14 32.33 -14.65
CA LEU C 904 47.32 32.15 -13.19
C LEU C 904 48.83 32.14 -12.88
N ASP C 905 49.52 33.25 -13.13
CA ASP C 905 51.00 33.30 -13.08
C ASP C 905 51.46 33.58 -11.65
N ILE C 906 52.77 33.48 -11.41
CA ILE C 906 53.44 33.78 -10.11
C ILE C 906 53.26 35.28 -9.78
N HIS C 907 53.08 35.62 -8.49
CA HIS C 907 52.84 37.00 -7.99
C HIS C 907 53.71 37.25 -6.74
N GLU C 908 54.08 38.51 -6.49
CA GLU C 908 54.88 38.99 -5.32
C GLU C 908 54.15 38.73 -3.99
N GLY C 909 52.84 38.46 -4.01
CA GLY C 909 51.95 38.54 -2.84
C GLY C 909 51.47 37.19 -2.35
N ASP C 910 51.71 36.09 -3.10
CA ASP C 910 51.31 34.72 -2.67
C ASP C 910 52.21 33.67 -3.32
N THR C 911 53.52 33.93 -3.41
CA THR C 911 54.54 33.01 -4.00
C THR C 911 54.48 31.65 -3.30
N PRO C 912 54.50 31.58 -1.94
CA PRO C 912 54.42 30.30 -1.24
C PRO C 912 53.14 29.52 -1.57
N ALA C 913 51.99 30.20 -1.61
CA ALA C 913 50.67 29.59 -1.89
C ALA C 913 50.61 29.12 -3.35
N TRP C 914 51.24 29.87 -4.26
CA TRP C 914 51.38 29.48 -5.70
C TRP C 914 52.27 28.24 -5.82
N ILE C 915 53.48 28.29 -5.26
CA ILE C 915 54.48 27.17 -5.34
C ILE C 915 53.85 25.85 -4.85
N GLN C 916 52.96 25.90 -3.85
CA GLN C 916 52.28 24.70 -3.29
C GLN C 916 51.26 24.13 -4.30
N GLN C 917 50.67 24.97 -5.16
CA GLN C 917 49.74 24.53 -6.23
C GLN C 917 50.51 23.79 -7.33
N LEU C 918 51.62 24.41 -7.78
CA LEU C 918 52.57 23.87 -8.80
C LEU C 918 53.02 22.45 -8.43
N ALA C 919 53.26 22.19 -7.13
CA ALA C 919 53.71 20.88 -6.63
C ALA C 919 52.59 19.85 -6.80
N ALA C 920 51.43 20.12 -6.20
CA ALA C 920 50.18 19.34 -6.35
C ALA C 920 49.88 19.06 -7.83
N ALA C 921 50.11 20.04 -8.72
CA ALA C 921 49.94 19.88 -10.19
C ALA C 921 51.01 18.96 -10.80
N THR C 922 52.25 18.96 -10.26
CA THR C 922 53.45 18.29 -10.84
C THR C 922 53.60 16.86 -10.29
N LYS C 923 52.97 16.55 -9.15
CA LYS C 923 53.21 15.31 -8.35
C LYS C 923 53.13 14.04 -9.21
N ASP C 924 52.08 13.88 -10.02
CA ASP C 924 51.84 12.66 -10.84
C ASP C 924 52.80 12.60 -12.03
N VAL C 925 53.16 13.75 -12.60
CA VAL C 925 54.07 13.90 -13.77
C VAL C 925 55.50 13.60 -13.31
N TRP C 926 56.04 14.36 -12.36
CA TRP C 926 57.48 14.31 -11.94
C TRP C 926 57.60 14.36 -10.42
N PRO C 927 57.44 13.22 -9.71
CA PRO C 927 57.46 13.19 -8.24
C PRO C 927 58.70 13.76 -7.55
N ALA C 928 59.88 13.64 -8.19
CA ALA C 928 61.17 14.19 -7.70
C ALA C 928 61.09 15.72 -7.60
N ALA C 929 60.57 16.38 -8.64
CA ALA C 929 60.42 17.86 -8.72
C ALA C 929 59.41 18.35 -7.67
N ALA C 930 58.27 17.65 -7.54
CA ALA C 930 57.20 17.97 -6.58
C ALA C 930 57.80 18.11 -5.17
N SER C 931 58.50 17.07 -4.71
CA SER C 931 59.15 17.00 -3.36
C SER C 931 60.10 18.19 -3.16
N ALA C 932 60.86 18.56 -4.19
CA ALA C 932 61.73 19.77 -4.18
C ALA C 932 60.85 21.01 -4.00
N LEU C 933 59.92 21.27 -4.93
CA LEU C 933 59.05 22.48 -4.91
C LEU C 933 58.37 22.62 -3.54
N GLN C 934 57.80 21.52 -3.03
CA GLN C 934 57.15 21.46 -1.71
C GLN C 934 58.10 21.95 -0.61
N GLY C 935 59.39 21.57 -0.70
CA GLY C 935 60.44 21.96 0.26
C GLY C 935 60.68 23.46 0.25
N ILE C 936 60.91 24.02 -0.94
CA ILE C 936 61.15 25.48 -1.19
C ILE C 936 59.87 26.25 -0.82
N GLY C 937 58.70 25.62 -0.90
CA GLY C 937 57.44 26.19 -0.38
C GLY C 937 57.52 26.43 1.12
N ASN C 938 57.77 25.38 1.90
CA ASN C 938 57.76 25.39 3.39
C ASN C 938 58.89 26.24 3.96
N PHE C 939 59.99 26.44 3.21
CA PHE C 939 61.13 27.31 3.59
C PHE C 939 60.69 28.77 3.67
N LEU C 940 59.95 29.26 2.67
CA LEU C 940 59.46 30.66 2.59
C LEU C 940 58.33 30.90 3.61
N SER C 941 57.61 29.85 4.00
CA SER C 941 56.41 29.92 4.89
C SER C 941 56.80 29.72 6.36
N GLY C 942 57.62 28.70 6.66
CA GLY C 942 57.78 28.10 8.00
C GLY C 942 59.07 28.50 8.69
N THR C 943 60.22 28.20 8.08
CA THR C 943 61.59 28.50 8.59
C THR C 943 61.62 29.93 9.15
N ALA C 944 62.26 30.12 10.31
CA ALA C 944 62.21 31.37 11.11
C ALA C 944 60.75 31.67 11.48
N GLN C 945 60.27 32.90 11.24
CA GLN C 945 58.84 33.28 11.34
C GLN C 945 58.32 33.64 9.93
N GLY C 946 58.83 32.96 8.90
CA GLY C 946 58.55 33.26 7.47
C GLY C 946 59.27 34.49 6.98
N ILE C 947 60.34 34.90 7.65
CA ILE C 947 61.11 36.17 7.41
C ILE C 947 61.59 36.23 5.94
N PHE C 948 61.97 35.10 5.34
CA PHE C 948 62.49 35.02 3.95
C PHE C 948 61.34 35.29 2.97
N GLY C 949 60.17 34.67 3.21
CA GLY C 949 58.92 34.96 2.49
C GLY C 949 58.68 36.46 2.45
N THR C 950 58.62 37.07 3.63
CA THR C 950 58.52 38.54 3.86
C THR C 950 59.55 39.27 3.01
N ALA C 951 60.84 38.97 3.21
CA ALA C 951 61.98 39.62 2.51
C ALA C 951 61.77 39.59 0.99
N PHE C 952 61.47 38.41 0.43
CA PHE C 952 61.30 38.22 -1.03
C PHE C 952 60.04 38.96 -1.52
N SER C 953 58.92 38.81 -0.82
CA SER C 953 57.66 39.55 -1.09
C SER C 953 57.97 41.05 -1.22
N LEU C 954 58.70 41.61 -0.25
CA LEU C 954 59.05 43.06 -0.21
C LEU C 954 59.99 43.42 -1.36
N LEU C 955 61.08 42.68 -1.55
CA LEU C 955 62.03 42.95 -2.67
C LEU C 955 61.30 42.86 -4.01
N GLY C 956 60.27 42.01 -4.13
CA GLY C 956 59.40 41.92 -5.33
C GLY C 956 58.66 43.21 -5.62
N TYR C 957 57.97 43.78 -4.62
CA TYR C 957 57.19 45.04 -4.75
C TYR C 957 58.11 46.25 -4.99
N LEU C 958 59.37 46.20 -4.54
CA LEU C 958 60.31 47.35 -4.70
C LEU C 958 60.89 47.46 -6.11
N LYS C 959 60.78 46.41 -6.95
CA LYS C 959 61.47 46.30 -8.27
C LYS C 959 61.53 47.64 -9.01
N PRO C 960 60.40 48.35 -9.28
CA PRO C 960 60.45 49.63 -9.98
C PRO C 960 61.37 50.71 -9.36
N ILE C 961 61.40 50.84 -8.03
CA ILE C 961 62.29 51.81 -7.31
C ILE C 961 63.75 51.46 -7.62
N LEU C 962 64.12 50.18 -7.46
CA LEU C 962 65.50 49.68 -7.62
C LEU C 962 66.03 50.05 -9.00
N ILE C 963 65.27 49.76 -10.06
CA ILE C 963 65.64 50.10 -11.47
C ILE C 963 65.94 51.60 -11.54
N GLY C 964 65.01 52.43 -11.07
CA GLY C 964 65.11 53.90 -11.05
C GLY C 964 66.44 54.37 -10.47
N VAL C 965 66.80 53.84 -9.29
CA VAL C 965 68.09 54.12 -8.59
C VAL C 965 69.23 53.63 -9.48
N GLY C 966 69.21 52.35 -9.87
CA GLY C 966 70.19 51.73 -10.77
C GLY C 966 70.52 52.62 -11.96
N VAL C 967 69.50 53.19 -12.61
CA VAL C 967 69.66 54.10 -13.78
C VAL C 967 70.43 55.35 -13.36
N ILE C 968 70.12 55.93 -12.20
CA ILE C 968 70.78 57.16 -11.67
C ILE C 968 72.28 56.88 -11.44
N LEU C 969 72.62 55.68 -10.97
CA LEU C 969 74.04 55.26 -10.71
C LEU C 969 74.83 55.26 -12.03
N LEU C 970 74.29 54.63 -13.08
CA LEU C 970 74.93 54.57 -14.43
C LEU C 970 75.24 55.99 -14.92
N VAL C 971 74.26 56.89 -14.85
CA VAL C 971 74.35 58.29 -15.37
C VAL C 971 75.46 59.04 -14.62
N ILE C 972 75.67 58.76 -13.33
CA ILE C 972 76.81 59.30 -12.54
C ILE C 972 78.11 58.63 -13.02
N LEU C 973 78.16 57.29 -12.98
CA LEU C 973 79.36 56.48 -13.35
C LEU C 973 79.92 56.92 -14.71
N ILE C 974 79.06 57.03 -15.72
CA ILE C 974 79.46 57.38 -17.12
C ILE C 974 80.17 58.73 -17.10
N PHE C 975 79.53 59.76 -16.54
CA PHE C 975 80.06 61.15 -16.43
C PHE C 975 81.39 61.12 -15.66
N LYS C 976 81.40 60.49 -14.48
CA LYS C 976 82.61 60.40 -13.61
C LYS C 976 83.75 59.70 -14.35
N ILE C 977 83.45 58.69 -15.17
CA ILE C 977 84.45 57.94 -16.00
C ILE C 977 84.95 58.88 -17.11
N VAL C 978 84.03 59.43 -17.92
CA VAL C 978 84.39 60.32 -19.07
C VAL C 978 85.21 61.51 -18.55
N SER C 979 84.92 62.00 -17.33
CA SER C 979 85.67 63.10 -16.67
C SER C 979 86.91 62.57 -15.92
N TRP C 980 87.48 61.43 -16.34
CA TRP C 980 88.86 60.97 -15.97
C TRP C 980 89.77 60.95 -17.21
N ILE C 981 89.23 60.60 -18.40
CA ILE C 981 90.02 60.41 -19.65
C ILE C 981 90.65 61.74 -20.04
N PRO C 982 91.98 61.81 -20.32
CA PRO C 982 92.62 63.07 -20.76
C PRO C 982 92.02 63.66 -22.05
N SER D 127 13.46 45.75 19.44
CA SER D 127 12.39 46.78 19.65
C SER D 127 12.96 48.16 19.31
N LEU D 128 12.15 49.05 18.71
CA LEU D 128 12.54 50.45 18.38
C LEU D 128 11.28 51.25 18.02
N ARG D 129 10.80 52.05 18.96
CA ARG D 129 9.63 52.96 18.82
C ARG D 129 10.15 54.31 18.27
N MET D 130 9.53 54.91 17.28
CA MET D 130 9.92 56.20 16.66
C MET D 130 8.68 57.07 16.41
N GLN D 131 8.88 58.33 16.08
CA GLN D 131 7.83 59.37 15.87
C GLN D 131 8.09 60.10 14.54
N HIS D 132 7.47 59.67 13.47
CA HIS D 132 7.65 60.21 12.10
C HIS D 132 6.82 61.47 11.96
N PRO D 133 7.40 62.64 11.61
CA PRO D 133 6.63 63.86 11.41
C PRO D 133 5.94 63.86 10.03
N VAL D 134 4.68 64.30 9.99
CA VAL D 134 3.83 64.37 8.78
C VAL D 134 3.39 65.82 8.59
N PRO D 135 3.31 66.35 7.35
CA PRO D 135 2.82 67.71 7.12
C PRO D 135 1.36 67.94 7.53
N LYS D 136 1.07 69.10 8.13
CA LYS D 136 -0.28 69.57 8.53
C LYS D 136 -0.40 71.08 8.26
N TYR D 137 -0.49 71.45 6.98
CA TYR D 137 -0.60 72.85 6.49
C TYR D 137 -2.08 73.24 6.39
N ALA E 578 -4.12 -4.68 -32.96
CA ALA E 578 -3.66 -3.85 -31.80
C ALA E 578 -4.41 -4.28 -30.52
N LYS E 579 -3.67 -4.49 -29.42
CA LYS E 579 -4.23 -4.96 -28.12
C LYS E 579 -3.29 -4.51 -26.99
N LEU E 580 -3.55 -3.34 -26.40
CA LEU E 580 -2.67 -2.70 -25.39
C LEU E 580 -2.74 -3.46 -24.06
N ARG E 581 -1.64 -3.43 -23.30
CA ARG E 581 -1.51 -4.03 -21.94
C ARG E 581 -0.17 -3.59 -21.32
N SER E 582 -0.21 -2.80 -20.25
CA SER E 582 0.95 -2.09 -19.68
C SER E 582 1.72 -2.99 -18.69
N MET E 583 3.05 -2.94 -18.67
CA MET E 583 3.90 -3.63 -17.64
C MET E 583 4.42 -2.61 -16.62
N GLY E 584 3.78 -1.45 -16.53
CA GLY E 584 4.13 -0.33 -15.62
C GLY E 584 4.26 -0.71 -14.16
N TYR E 585 3.57 -1.76 -13.68
CA TYR E 585 3.64 -2.23 -12.27
C TYR E 585 4.37 -3.58 -12.19
N ALA E 586 5.08 -3.98 -13.24
CA ALA E 586 5.71 -5.32 -13.37
C ALA E 586 6.95 -5.23 -14.27
N LEU E 587 7.81 -4.24 -14.02
CA LEU E 587 8.88 -3.78 -14.94
C LEU E 587 10.25 -4.31 -14.49
N THR E 588 10.43 -4.61 -13.20
CA THR E 588 11.75 -4.85 -12.54
C THR E 588 12.20 -6.32 -12.64
N GLY E 589 11.29 -7.27 -12.74
CA GLY E 589 11.63 -8.70 -12.83
C GLY E 589 12.01 -9.32 -11.49
N ALA E 590 11.52 -8.76 -10.38
CA ALA E 590 11.46 -9.42 -9.05
C ALA E 590 10.19 -8.99 -8.32
N VAL E 591 9.82 -9.67 -7.25
CA VAL E 591 8.61 -9.32 -6.44
C VAL E 591 8.77 -9.90 -5.04
N GLN E 592 8.56 -9.07 -4.01
CA GLN E 592 8.63 -9.45 -2.58
C GLN E 592 7.20 -9.61 -2.04
N THR E 593 6.84 -10.81 -1.58
CA THR E 593 5.43 -11.18 -1.23
C THR E 593 5.34 -11.54 0.26
N LEU E 594 4.19 -11.27 0.88
CA LEU E 594 3.88 -11.63 2.29
C LEU E 594 2.74 -12.63 2.32
N SER E 595 2.69 -13.45 3.38
CA SER E 595 1.67 -14.50 3.63
C SER E 595 0.50 -13.96 4.46
N GLN E 596 0.65 -12.81 5.09
CA GLN E 596 -0.39 -12.15 5.94
C GLN E 596 -0.18 -10.64 5.95
N ILE E 597 -1.25 -9.84 6.01
CA ILE E 597 -1.15 -8.35 6.10
C ILE E 597 -0.32 -7.97 7.33
N SER E 598 -0.52 -8.67 8.45
CA SER E 598 0.18 -8.48 9.75
C SER E 598 1.71 -8.42 9.56
N ASP E 599 2.26 -9.16 8.59
CA ASP E 599 3.73 -9.26 8.33
C ASP E 599 4.34 -7.91 7.90
N ILE E 600 3.54 -6.92 7.50
CA ILE E 600 4.03 -5.60 7.04
C ILE E 600 4.73 -4.85 8.19
N ASN E 601 4.40 -5.14 9.45
CA ASN E 601 4.93 -4.42 10.65
C ASN E 601 6.26 -5.02 11.14
N ASP E 602 6.76 -6.10 10.52
CA ASP E 602 8.08 -6.71 10.82
C ASP E 602 9.16 -5.62 10.80
N GLU E 603 9.99 -5.56 11.84
CA GLU E 603 10.93 -4.44 12.12
C GLU E 603 12.14 -4.50 11.19
N ASN E 604 12.53 -5.68 10.71
CA ASN E 604 13.75 -5.85 9.89
C ASN E 604 13.40 -5.89 8.39
N LEU E 605 12.22 -5.38 7.99
CA LEU E 605 11.91 -5.02 6.59
C LEU E 605 12.51 -3.64 6.27
N GLN E 606 12.58 -3.27 5.00
CA GLN E 606 13.16 -2.00 4.50
C GLN E 606 12.02 -1.14 3.93
N GLN E 607 12.33 -0.02 3.27
CA GLN E 607 11.34 0.86 2.59
C GLN E 607 11.19 0.40 1.15
N GLY E 608 10.14 -0.36 0.84
CA GLY E 608 9.83 -0.83 -0.52
C GLY E 608 8.37 -1.21 -0.67
N ILE E 609 8.04 -1.90 -1.76
CA ILE E 609 6.66 -2.41 -2.07
C ILE E 609 6.63 -3.90 -1.72
N TYR E 610 5.73 -4.30 -0.84
CA TYR E 610 5.49 -5.72 -0.48
C TYR E 610 4.04 -6.07 -0.81
N LEU E 611 3.83 -7.09 -1.64
CA LEU E 611 2.48 -7.54 -2.10
C LEU E 611 2.01 -8.67 -1.20
N LEU E 612 0.74 -8.65 -0.81
CA LEU E 612 0.06 -9.79 -0.15
C LEU E 612 -0.10 -10.90 -1.19
N ARG E 613 0.25 -12.14 -0.84
CA ARG E 613 0.45 -13.23 -1.84
C ARG E 613 -0.88 -13.68 -2.48
N ASP E 614 -2.01 -13.67 -1.77
CA ASP E 614 -3.30 -14.24 -2.25
C ASP E 614 -4.38 -13.16 -2.43
N HIS E 615 -5.12 -13.21 -3.54
CA HIS E 615 -6.22 -12.27 -3.90
C HIS E 615 -7.34 -12.30 -2.85
N VAL E 616 -8.04 -11.18 -2.67
CA VAL E 616 -9.24 -11.06 -1.80
C VAL E 616 -10.49 -11.18 -2.68
N ILE E 617 -11.31 -12.23 -2.49
CA ILE E 617 -12.50 -12.54 -3.34
C ILE E 617 -13.76 -12.09 -2.61
N THR E 618 -14.60 -11.29 -3.28
CA THR E 618 -15.76 -10.56 -2.68
C THR E 618 -16.96 -10.62 -3.62
N LEU E 619 -18.13 -11.07 -3.14
CA LEU E 619 -19.42 -11.05 -3.88
C LEU E 619 -20.22 -9.84 -3.40
N MET E 620 -20.75 -9.01 -4.30
CA MET E 620 -21.47 -7.75 -3.94
C MET E 620 -22.77 -8.09 -3.18
N GLU E 621 -23.54 -9.05 -3.69
CA GLU E 621 -24.76 -9.61 -3.03
C GLU E 621 -24.51 -9.76 -1.51
N ALA E 622 -23.36 -10.31 -1.13
CA ALA E 622 -22.99 -10.60 0.27
C ALA E 622 -22.67 -9.29 0.99
N THR E 623 -21.98 -8.37 0.32
CA THR E 623 -21.52 -7.07 0.89
C THR E 623 -22.73 -6.17 1.17
N LEU E 624 -23.59 -5.95 0.17
CA LEU E 624 -24.75 -5.04 0.29
C LEU E 624 -25.93 -5.76 0.96
N HIS E 625 -26.04 -5.63 2.29
CA HIS E 625 -27.13 -6.20 3.12
C HIS E 625 -28.44 -5.44 2.84
N ASP E 626 -28.40 -4.10 2.93
CA ASP E 626 -29.57 -3.19 2.77
C ASP E 626 -30.50 -3.71 1.67
N ILE E 627 -29.99 -3.96 0.45
CA ILE E 627 -30.80 -4.37 -0.74
C ILE E 627 -31.54 -5.69 -0.44
N SER E 628 -30.89 -6.65 0.22
CA SER E 628 -31.42 -8.01 0.52
C SER E 628 -32.87 -7.95 1.00
N VAL E 629 -33.20 -6.98 1.86
CA VAL E 629 -34.50 -6.85 2.58
C VAL E 629 -35.44 -5.88 1.85
N MET E 630 -34.96 -5.18 0.82
CA MET E 630 -35.81 -4.31 -0.05
C MET E 630 -36.44 -5.15 -1.16
N GLU E 631 -37.46 -4.63 -1.84
CA GLU E 631 -38.29 -5.38 -2.82
C GLU E 631 -38.54 -4.52 -4.07
N GLY E 632 -38.72 -5.17 -5.22
CA GLY E 632 -39.13 -4.53 -6.49
C GLY E 632 -38.14 -3.46 -6.94
N MET E 633 -38.64 -2.36 -7.51
CA MET E 633 -37.81 -1.26 -8.07
C MET E 633 -37.03 -0.56 -6.95
N PHE E 634 -37.52 -0.58 -5.71
CA PHE E 634 -36.84 0.06 -4.54
C PHE E 634 -35.47 -0.58 -4.35
N ALA E 635 -35.38 -1.90 -4.52
CA ALA E 635 -34.11 -2.67 -4.49
C ALA E 635 -33.23 -2.23 -5.66
N VAL E 636 -33.80 -2.17 -6.86
CA VAL E 636 -33.08 -1.85 -8.13
C VAL E 636 -32.47 -0.44 -8.02
N GLN E 637 -33.22 0.56 -7.56
CA GLN E 637 -32.74 1.97 -7.50
C GLN E 637 -31.62 2.11 -6.46
N HIS E 638 -31.66 1.36 -5.36
CA HIS E 638 -30.63 1.41 -4.28
C HIS E 638 -29.29 0.90 -4.81
N LEU E 639 -29.29 -0.16 -5.62
CA LEU E 639 -28.08 -0.75 -6.26
C LEU E 639 -27.50 0.25 -7.27
N HIS E 640 -28.35 0.87 -8.09
CA HIS E 640 -27.94 1.90 -9.08
C HIS E 640 -27.10 2.99 -8.40
N THR E 641 -27.60 3.53 -7.29
CA THR E 641 -26.91 4.58 -6.50
C THR E 641 -25.51 4.07 -6.10
N HIS E 642 -25.42 2.84 -5.59
CA HIS E 642 -24.15 2.20 -5.16
C HIS E 642 -23.18 2.03 -6.34
N LEU E 643 -23.64 1.44 -7.45
CA LEU E 643 -22.78 1.23 -8.64
C LEU E 643 -22.32 2.57 -9.21
N ASN E 644 -23.19 3.59 -9.26
CA ASN E 644 -22.77 4.91 -9.79
C ASN E 644 -21.71 5.57 -8.89
N HIS E 645 -21.73 5.33 -7.58
CA HIS E 645 -20.74 5.90 -6.61
C HIS E 645 -19.37 5.22 -6.75
N LEU E 646 -19.35 3.89 -6.88
CA LEU E 646 -18.13 3.08 -7.11
C LEU E 646 -17.39 3.61 -8.35
N LYS E 647 -18.12 3.84 -9.44
CA LYS E 647 -17.57 4.37 -10.72
C LYS E 647 -16.94 5.74 -10.49
N THR E 648 -17.60 6.63 -9.76
CA THR E 648 -17.12 8.01 -9.48
C THR E 648 -15.79 7.99 -8.71
N MET E 649 -15.66 7.13 -7.70
CA MET E 649 -14.42 6.97 -6.89
C MET E 649 -13.26 6.49 -7.77
N LEU E 650 -13.49 5.48 -8.62
CA LEU E 650 -12.42 4.83 -9.41
C LEU E 650 -11.88 5.78 -10.49
N LEU E 651 -12.69 6.69 -11.03
CA LEU E 651 -12.23 7.69 -12.02
C LEU E 651 -11.21 8.65 -11.40
N GLU E 652 -11.38 9.00 -10.12
CA GLU E 652 -10.48 9.91 -9.36
C GLU E 652 -9.29 9.14 -8.76
N ARG E 653 -9.18 7.82 -8.98
CA ARG E 653 -8.11 6.95 -8.45
C ARG E 653 -8.24 6.81 -6.93
N ARG E 654 -9.45 6.83 -6.39
CA ARG E 654 -9.72 6.65 -4.94
C ARG E 654 -10.23 5.24 -4.68
N ILE E 655 -10.34 4.86 -3.41
CA ILE E 655 -10.81 3.53 -2.94
C ILE E 655 -12.18 3.74 -2.28
N ASP E 656 -13.14 2.91 -2.67
CA ASP E 656 -14.48 2.85 -2.06
C ASP E 656 -14.41 1.75 -1.00
N TRP E 657 -14.40 2.14 0.27
CA TRP E 657 -14.14 1.23 1.42
C TRP E 657 -15.40 0.43 1.80
N THR E 658 -16.47 0.51 1.00
CA THR E 658 -17.72 -0.28 1.17
C THR E 658 -17.43 -1.79 1.14
N TYR E 659 -16.53 -2.23 0.25
CA TYR E 659 -16.30 -3.65 -0.11
C TYR E 659 -15.13 -4.25 0.67
N MET E 660 -14.81 -3.70 1.85
CA MET E 660 -13.69 -4.18 2.71
C MET E 660 -13.99 -3.82 4.18
N SER E 661 -13.92 -4.78 5.10
CA SER E 661 -14.26 -4.61 6.54
C SER E 661 -13.20 -3.74 7.24
N SER E 662 -13.64 -2.75 8.00
CA SER E 662 -12.76 -1.78 8.73
C SER E 662 -12.08 -2.48 9.91
N THR E 663 -12.87 -3.16 10.74
CA THR E 663 -12.42 -3.97 11.90
C THR E 663 -11.31 -4.92 11.45
N TRP E 664 -11.55 -5.66 10.37
CA TRP E 664 -10.57 -6.62 9.79
C TRP E 664 -9.25 -5.89 9.50
N LEU E 665 -9.30 -4.82 8.70
CA LEU E 665 -8.10 -4.09 8.24
C LEU E 665 -7.36 -3.50 9.45
N GLN E 666 -8.10 -2.87 10.38
CA GLN E 666 -7.48 -2.27 11.60
C GLN E 666 -6.84 -3.35 12.47
N GLN E 667 -7.55 -4.47 12.70
CA GLN E 667 -7.02 -5.63 13.48
C GLN E 667 -5.68 -6.08 12.90
N GLN E 668 -5.64 -6.29 11.58
CA GLN E 668 -4.43 -6.76 10.85
C GLN E 668 -3.33 -5.70 10.94
N LEU E 669 -3.62 -4.46 10.51
CA LEU E 669 -2.58 -3.38 10.49
C LEU E 669 -2.10 -3.04 11.91
N GLN E 670 -2.90 -3.28 12.96
CA GLN E 670 -2.56 -2.95 14.38
C GLN E 670 -2.24 -1.44 14.50
N LYS E 671 -3.18 -0.57 14.16
CA LYS E 671 -3.03 0.92 14.20
C LYS E 671 -4.12 1.52 15.09
N SER E 672 -3.96 2.79 15.45
CA SER E 672 -4.94 3.60 16.23
C SER E 672 -6.05 4.11 15.31
N ASP E 673 -7.17 4.58 15.91
CA ASP E 673 -8.33 5.17 15.19
C ASP E 673 -7.88 6.31 14.29
N ASP E 674 -6.94 7.16 14.73
CA ASP E 674 -6.53 8.39 14.02
C ASP E 674 -5.48 8.07 12.95
N GLU E 675 -4.64 7.04 13.13
CA GLU E 675 -3.70 6.55 12.08
C GLU E 675 -4.50 6.02 10.88
N MET E 676 -5.53 5.21 11.15
CA MET E 676 -6.40 4.59 10.11
C MET E 676 -7.02 5.69 9.23
N LYS E 677 -7.43 6.81 9.83
CA LYS E 677 -8.04 7.96 9.11
C LYS E 677 -7.06 8.51 8.08
N VAL E 678 -5.79 8.65 8.47
CA VAL E 678 -4.71 9.15 7.59
C VAL E 678 -4.42 8.08 6.53
N ILE E 679 -4.32 6.80 6.93
CA ILE E 679 -4.06 5.68 5.98
C ILE E 679 -5.16 5.64 4.92
N LYS E 680 -6.44 5.71 5.30
CA LYS E 680 -7.58 5.59 4.33
C LYS E 680 -7.71 6.83 3.42
N ARG E 681 -7.32 8.02 3.87
CA ARG E 681 -7.35 9.26 3.05
C ARG E 681 -6.29 9.23 1.94
N ILE E 682 -5.10 8.65 2.16
CA ILE E 682 -3.97 8.78 1.18
C ILE E 682 -3.81 7.53 0.31
N ALA E 683 -4.56 6.45 0.52
CA ALA E 683 -4.49 5.22 -0.33
C ALA E 683 -5.03 5.53 -1.74
N ARG E 684 -4.53 4.84 -2.77
CA ARG E 684 -4.89 5.04 -4.21
C ARG E 684 -5.22 3.69 -4.87
N SER E 685 -6.11 3.69 -5.87
CA SER E 685 -6.64 2.47 -6.55
C SER E 685 -6.18 2.40 -8.02
N LEU E 686 -6.16 1.20 -8.63
CA LEU E 686 -5.97 0.97 -10.09
C LEU E 686 -6.92 -0.15 -10.55
N VAL E 687 -7.69 0.08 -11.61
CA VAL E 687 -8.58 -0.95 -12.24
C VAL E 687 -7.75 -1.71 -13.28
N TYR E 688 -7.37 -2.98 -13.07
CA TYR E 688 -6.45 -3.70 -13.99
C TYR E 688 -7.18 -4.69 -14.90
N TYR E 689 -8.48 -4.97 -14.69
CA TYR E 689 -9.36 -5.57 -15.73
C TYR E 689 -10.85 -5.46 -15.35
N VAL E 690 -11.70 -5.49 -16.37
CA VAL E 690 -13.19 -5.46 -16.27
C VAL E 690 -13.76 -6.43 -17.31
N LYS E 691 -14.40 -7.53 -16.89
CA LYS E 691 -14.75 -8.64 -17.82
C LYS E 691 -16.23 -9.03 -17.64
N GLN E 692 -17.02 -9.08 -18.71
CA GLN E 692 -18.42 -9.57 -18.65
C GLN E 692 -18.42 -11.09 -18.84
N THR E 693 -18.88 -11.84 -17.84
CA THR E 693 -18.73 -13.33 -17.77
C THR E 693 -19.99 -14.05 -18.29
N HIS E 694 -21.13 -13.36 -18.42
CA HIS E 694 -22.41 -13.95 -18.90
C HIS E 694 -23.36 -12.84 -19.34
N SER E 695 -24.11 -13.06 -20.42
CA SER E 695 -25.00 -12.03 -21.05
C SER E 695 -26.24 -12.67 -21.69
N SER E 696 -27.33 -12.73 -20.93
CA SER E 696 -28.70 -13.09 -21.39
C SER E 696 -29.53 -11.81 -21.46
N PRO E 697 -30.71 -11.81 -22.13
CA PRO E 697 -31.64 -10.67 -22.03
C PRO E 697 -32.23 -10.38 -20.64
N THR E 698 -32.27 -11.36 -19.73
CA THR E 698 -32.78 -11.20 -18.34
C THR E 698 -31.65 -11.26 -17.30
N ALA E 699 -30.44 -11.70 -17.66
CA ALA E 699 -29.34 -11.94 -16.70
C ALA E 699 -27.99 -11.42 -17.23
N THR E 700 -27.15 -10.89 -16.34
CA THR E 700 -25.73 -10.53 -16.61
C THR E 700 -24.84 -10.92 -15.42
N ALA E 701 -23.53 -10.97 -15.67
CA ALA E 701 -22.48 -11.12 -14.64
C ALA E 701 -21.19 -10.44 -15.10
N TRP E 702 -20.52 -9.75 -14.20
CA TRP E 702 -19.23 -9.06 -14.46
C TRP E 702 -18.19 -9.45 -13.38
N GLU E 703 -16.91 -9.29 -13.71
CA GLU E 703 -15.74 -9.38 -12.80
C GLU E 703 -14.91 -8.10 -12.94
N ILE E 704 -14.41 -7.56 -11.82
CA ILE E 704 -13.50 -6.38 -11.79
C ILE E 704 -12.23 -6.71 -11.01
N GLY E 705 -11.05 -6.45 -11.57
CA GLY E 705 -9.76 -6.56 -10.84
C GLY E 705 -9.30 -5.20 -10.33
N LEU E 706 -9.31 -5.00 -9.00
CA LEU E 706 -8.81 -3.74 -8.38
C LEU E 706 -7.47 -3.98 -7.68
N TYR E 707 -6.47 -3.12 -7.89
CA TYR E 707 -5.15 -3.15 -7.23
C TYR E 707 -4.98 -1.91 -6.36
N TYR E 708 -4.71 -2.07 -5.05
CA TYR E 708 -4.59 -0.98 -4.04
C TYR E 708 -3.14 -0.84 -3.55
N GLU E 709 -2.69 0.39 -3.34
CA GLU E 709 -1.36 0.69 -2.73
C GLU E 709 -1.57 1.58 -1.51
N LEU E 710 -1.37 1.00 -0.33
CA LEU E 710 -1.51 1.65 1.00
C LEU E 710 -0.12 2.09 1.47
N VAL E 711 0.11 3.39 1.59
CA VAL E 711 1.31 3.98 2.26
C VAL E 711 1.13 3.76 3.77
N ILE E 712 2.07 3.07 4.42
CA ILE E 712 2.13 2.93 5.91
C ILE E 712 2.99 4.06 6.46
N PRO E 713 2.45 4.99 7.29
CA PRO E 713 3.26 6.08 7.84
C PRO E 713 4.25 5.65 8.92
N LYS E 714 5.38 6.35 9.00
CA LYS E 714 6.45 6.21 10.02
C LYS E 714 6.25 7.29 11.09
N HIS E 715 6.02 8.54 10.65
CA HIS E 715 5.70 9.70 11.51
C HIS E 715 4.77 10.66 10.75
N ILE E 716 3.87 11.35 11.47
CA ILE E 716 2.93 12.37 10.93
C ILE E 716 3.23 13.71 11.63
N TYR E 717 3.42 14.79 10.86
CA TYR E 717 3.75 16.16 11.37
C TYR E 717 2.59 17.12 11.06
N LEU E 718 1.99 17.77 12.06
CA LEU E 718 0.74 18.57 11.91
C LEU E 718 1.01 20.09 11.93
N ASN E 719 1.80 20.62 12.87
CA ASN E 719 1.96 22.10 13.07
C ASN E 719 3.22 22.60 12.35
N ASN E 720 3.10 23.09 11.12
CA ASN E 720 4.27 23.27 10.21
C ASN E 720 4.34 24.70 9.68
N TRP E 721 5.56 25.21 9.46
CA TRP E 721 5.79 26.55 8.85
C TRP E 721 6.67 26.42 7.60
N ASN E 722 6.42 27.25 6.58
CA ASN E 722 7.30 27.38 5.38
C ASN E 722 8.40 28.41 5.66
N VAL E 723 9.66 28.12 5.34
CA VAL E 723 10.80 29.09 5.45
C VAL E 723 10.73 30.13 4.30
N VAL E 724 11.06 31.39 4.58
CA VAL E 724 11.19 32.49 3.57
C VAL E 724 12.51 33.24 3.84
N ASN E 725 13.55 33.03 3.04
CA ASN E 725 14.87 33.69 3.22
C ASN E 725 14.74 35.16 2.76
N ILE E 726 15.12 36.14 3.59
CA ILE E 726 15.08 37.59 3.24
C ILE E 726 16.51 38.12 3.05
N GLY E 727 17.43 37.81 3.96
CA GLY E 727 18.84 38.21 3.83
C GLY E 727 19.07 39.61 4.39
N HIS E 728 20.02 40.34 3.81
CA HIS E 728 20.61 41.59 4.34
C HIS E 728 21.39 42.28 3.22
N LEU E 729 21.34 43.62 3.14
CA LEU E 729 22.15 44.41 2.18
C LEU E 729 23.47 44.84 2.83
N VAL E 730 24.54 44.90 2.05
CA VAL E 730 25.90 45.34 2.49
C VAL E 730 26.46 46.26 1.40
N LYS E 731 26.96 47.43 1.77
CA LYS E 731 27.56 48.43 0.85
C LYS E 731 29.09 48.40 1.05
N SER E 732 29.82 47.90 0.06
CA SER E 732 31.25 47.52 0.18
C SER E 732 32.04 48.11 -0.99
N ALA E 733 33.07 48.92 -0.69
CA ALA E 733 33.99 49.55 -1.67
C ALA E 733 33.21 50.13 -2.86
N GLY E 734 32.05 50.74 -2.60
CA GLY E 734 31.20 51.39 -3.61
C GLY E 734 30.03 50.55 -4.05
N GLN E 735 30.14 49.21 -4.05
CA GLN E 735 29.12 48.29 -4.62
C GLN E 735 28.09 47.93 -3.54
N LEU E 736 26.80 47.94 -3.90
CA LEU E 736 25.68 47.40 -3.06
C LEU E 736 25.54 45.91 -3.35
N THR E 737 25.42 45.09 -2.30
CA THR E 737 25.48 43.60 -2.37
C THR E 737 24.37 43.02 -1.50
N HIS E 738 23.63 42.03 -2.00
CA HIS E 738 22.61 41.30 -1.23
C HIS E 738 23.24 40.00 -0.70
N VAL E 739 23.21 39.75 0.62
CA VAL E 739 23.87 38.59 1.28
C VAL E 739 22.80 37.66 1.85
N THR E 740 22.94 36.34 1.65
CA THR E 740 21.96 35.32 2.12
C THR E 740 22.65 34.08 2.70
N ILE E 741 22.07 33.50 3.74
CA ILE E 741 22.48 32.21 4.34
C ILE E 741 21.72 31.08 3.64
N ALA E 742 22.39 29.95 3.39
CA ALA E 742 21.81 28.73 2.79
C ALA E 742 21.43 27.76 3.90
N HIS E 743 20.17 27.79 4.36
CA HIS E 743 19.68 27.02 5.55
C HIS E 743 19.54 25.55 5.16
N PRO E 744 19.94 24.59 6.03
CA PRO E 744 19.84 23.17 5.71
C PRO E 744 18.45 22.52 5.94
N TYR E 745 17.39 23.32 6.11
CA TYR E 745 15.99 22.86 6.33
C TYR E 745 15.02 23.67 5.49
N GLU E 746 13.83 23.13 5.25
CA GLU E 746 12.76 23.78 4.44
C GLU E 746 11.48 24.00 5.26
N ILE E 747 11.27 23.20 6.32
CA ILE E 747 10.08 23.26 7.21
C ILE E 747 10.57 23.32 8.66
N ILE E 748 9.94 24.20 9.45
CA ILE E 748 10.02 24.24 10.94
C ILE E 748 8.71 23.67 11.48
N ASN E 749 8.81 22.75 12.45
CA ASN E 749 7.66 22.09 13.11
C ASN E 749 7.70 22.39 14.61
N LYS E 750 6.53 22.56 15.22
CA LYS E 750 6.38 22.83 16.68
C LYS E 750 5.03 22.28 17.18
N GLU E 751 5.02 21.06 17.73
CA GLU E 751 3.78 20.36 18.16
C GLU E 751 3.32 20.89 19.51
N CYS E 752 4.23 21.00 20.49
CA CYS E 752 3.94 21.51 21.86
C CYS E 752 4.91 22.66 22.21
N VAL E 753 6.12 22.34 22.69
CA VAL E 753 7.10 23.34 23.22
C VAL E 753 8.43 23.28 22.44
N GLU E 754 8.91 22.07 22.10
CA GLU E 754 10.18 21.85 21.35
C GLU E 754 9.96 22.18 19.87
N THR E 755 10.83 23.02 19.29
CA THR E 755 10.90 23.34 17.83
C THR E 755 11.83 22.35 17.13
N ILE E 756 11.50 21.97 15.88
CA ILE E 756 12.24 20.93 15.10
C ILE E 756 12.41 21.42 13.66
N TYR E 757 13.61 21.25 13.09
CA TYR E 757 13.99 21.73 11.73
C TYR E 757 14.13 20.54 10.78
N LEU E 758 13.26 20.49 9.76
CA LEU E 758 13.10 19.29 8.88
C LEU E 758 13.69 19.58 7.50
N HIS E 759 14.47 18.64 6.96
CA HIS E 759 14.92 18.58 5.54
C HIS E 759 14.19 17.44 4.84
N LEU E 760 13.36 17.75 3.83
CA LEU E 760 12.53 16.77 3.08
C LEU E 760 13.21 16.39 1.77
N GLU E 761 12.98 15.17 1.27
CA GLU E 761 13.46 14.69 -0.05
C GLU E 761 12.40 13.77 -0.68
N ASP E 762 12.30 13.80 -2.01
CA ASP E 762 11.42 12.90 -2.83
C ASP E 762 9.98 12.98 -2.34
N CYS E 763 9.33 14.14 -2.49
CA CYS E 763 7.96 14.41 -1.97
C CYS E 763 6.95 14.47 -3.11
N THR E 764 5.72 14.03 -2.84
CA THR E 764 4.54 14.13 -3.75
C THR E 764 3.33 14.59 -2.94
N ARG E 765 2.20 14.78 -3.61
CA ARG E 765 0.91 15.19 -3.00
C ARG E 765 -0.19 14.17 -3.38
N GLN E 766 -0.65 13.39 -2.39
CA GLN E 766 -1.94 12.63 -2.43
C GLN E 766 -2.86 13.18 -1.32
N ASP E 767 -3.40 14.37 -1.53
CA ASP E 767 -4.17 15.19 -0.55
C ASP E 767 -3.18 15.86 0.42
N TYR E 768 -2.50 15.07 1.24
CA TYR E 768 -1.38 15.50 2.12
C TYR E 768 -0.08 15.44 1.32
N VAL E 769 0.97 16.09 1.81
CA VAL E 769 2.37 15.92 1.29
C VAL E 769 2.91 14.59 1.82
N ILE E 770 3.51 13.79 0.94
CA ILE E 770 4.15 12.48 1.30
C ILE E 770 5.61 12.55 0.87
N CYS E 771 6.56 12.25 1.76
CA CYS E 771 8.02 12.26 1.49
C CYS E 771 8.65 10.91 1.81
N ASP E 772 9.61 10.47 1.00
CA ASP E 772 10.39 9.22 1.22
C ASP E 772 11.43 9.44 2.32
N VAL E 773 12.06 10.62 2.33
CA VAL E 773 13.17 10.98 3.26
C VAL E 773 12.84 12.28 3.99
N VAL E 774 12.93 12.26 5.32
CA VAL E 774 12.82 13.44 6.23
C VAL E 774 13.97 13.38 7.23
N LYS E 775 14.97 14.24 7.11
CA LYS E 775 16.13 14.32 8.05
C LYS E 775 15.94 15.51 8.99
N ILE E 776 16.17 15.30 10.29
CA ILE E 776 16.11 16.35 11.35
C ILE E 776 17.47 17.04 11.45
N VAL E 777 17.52 18.37 11.39
CA VAL E 777 18.82 19.10 11.36
C VAL E 777 18.90 20.12 12.50
N GLN E 778 20.03 20.82 12.62
CA GLN E 778 20.23 21.96 13.57
C GLN E 778 20.32 23.27 12.78
N PRO E 779 19.88 24.40 13.36
CA PRO E 779 20.00 25.71 12.71
C PRO E 779 21.47 26.16 12.61
N CYS E 780 21.78 27.13 11.74
CA CYS E 780 23.16 27.61 11.49
C CYS E 780 23.69 28.32 12.74
N GLY E 781 25.01 28.36 12.87
CA GLY E 781 25.75 28.98 13.98
C GLY E 781 27.24 28.93 13.75
N ASN E 782 28.03 29.45 14.70
CA ASN E 782 29.51 29.41 14.69
C ASN E 782 29.92 28.69 15.98
N SER E 783 29.66 27.38 16.04
CA SER E 783 29.91 26.52 17.24
C SER E 783 29.83 25.05 16.87
N SER E 784 30.29 24.18 17.77
CA SER E 784 30.37 22.70 17.60
C SER E 784 28.97 22.06 17.57
N ASP E 785 27.98 22.70 18.20
CA ASP E 785 26.61 22.14 18.38
C ASP E 785 25.61 22.74 17.38
N THR E 786 26.07 23.44 16.34
CA THR E 786 25.23 24.07 15.29
C THR E 786 25.77 23.72 13.90
N SER E 787 24.99 24.02 12.84
CA SER E 787 25.34 23.75 11.42
C SER E 787 26.30 24.82 10.89
N ASP E 788 27.25 24.43 10.03
CA ASP E 788 28.27 25.31 9.40
C ASP E 788 27.88 25.58 7.94
N CYS E 789 26.94 26.50 7.73
CA CYS E 789 26.20 26.68 6.45
C CYS E 789 26.95 27.65 5.55
N PRO E 790 26.92 27.47 4.21
CA PRO E 790 27.50 28.45 3.30
C PRO E 790 26.68 29.75 3.11
N VAL E 791 27.40 30.86 2.89
CA VAL E 791 26.86 32.25 2.76
C VAL E 791 27.09 32.72 1.33
N TRP E 792 26.01 33.13 0.66
CA TRP E 792 26.01 33.61 -0.75
C TRP E 792 25.92 35.14 -0.78
N ALA E 793 26.66 35.75 -1.71
CA ALA E 793 26.59 37.18 -2.07
C ALA E 793 26.28 37.34 -3.56
N GLU E 794 25.67 38.48 -3.90
CA GLU E 794 25.19 38.85 -5.26
C GLU E 794 25.12 40.37 -5.37
N ALA E 795 25.63 40.96 -6.45
CA ALA E 795 25.57 42.42 -6.74
C ALA E 795 24.16 42.78 -7.21
N VAL E 796 23.66 43.95 -6.78
CA VAL E 796 22.27 44.45 -7.07
C VAL E 796 22.36 45.93 -7.49
N LYS E 797 21.30 46.45 -8.12
CA LYS E 797 21.22 47.84 -8.63
C LYS E 797 20.70 48.77 -7.53
N GLU E 798 21.31 49.95 -7.40
CA GLU E 798 20.90 51.05 -6.48
C GLU E 798 20.02 52.03 -7.26
N PRO E 799 18.90 52.55 -6.70
CA PRO E 799 18.41 52.21 -5.37
C PRO E 799 17.57 50.92 -5.35
N PHE E 800 17.69 50.16 -4.25
CA PHE E 800 16.99 48.88 -3.97
C PHE E 800 15.87 49.18 -2.97
N VAL E 801 14.64 48.76 -3.30
CA VAL E 801 13.45 48.84 -2.40
C VAL E 801 12.62 47.57 -2.53
N GLN E 802 12.31 46.93 -1.41
CA GLN E 802 11.42 45.74 -1.34
C GLN E 802 10.52 45.87 -0.11
N VAL E 803 9.20 45.90 -0.33
CA VAL E 803 8.13 46.02 0.71
C VAL E 803 7.11 44.91 0.47
N ASN E 804 6.99 43.96 1.40
CA ASN E 804 5.97 42.88 1.34
C ASN E 804 4.90 43.13 2.39
N PRO E 805 3.63 43.35 1.99
CA PRO E 805 2.51 43.34 2.95
C PRO E 805 2.30 41.95 3.54
N LEU E 806 2.37 41.82 4.87
CA LEU E 806 2.09 40.59 5.64
C LEU E 806 0.57 40.49 5.88
N LYS E 807 0.06 39.30 6.19
CA LYS E 807 -1.40 39.03 6.30
C LYS E 807 -1.97 39.61 7.59
N ASN E 808 -1.22 39.60 8.69
CA ASN E 808 -1.71 40.11 10.01
C ASN E 808 -1.80 41.64 10.02
N GLY E 809 -1.27 42.32 9.00
CA GLY E 809 -1.44 43.78 8.81
C GLY E 809 -0.14 44.57 8.99
N SER E 810 0.99 43.91 9.28
CA SER E 810 2.33 44.56 9.30
C SER E 810 2.91 44.57 7.88
N TYR E 811 4.11 45.13 7.71
CA TYR E 811 4.82 45.17 6.40
C TYR E 811 6.28 44.75 6.61
N LEU E 812 6.81 43.90 5.75
CA LEU E 812 8.25 43.51 5.76
C LEU E 812 9.00 44.44 4.81
N VAL E 813 10.03 45.15 5.28
CA VAL E 813 10.78 46.17 4.47
C VAL E 813 12.27 45.84 4.41
N LEU E 814 12.84 45.85 3.19
CA LEU E 814 14.31 45.88 2.98
C LEU E 814 14.61 46.93 1.90
N ALA E 815 15.44 47.94 2.20
CA ALA E 815 15.61 49.15 1.36
C ALA E 815 17.00 49.77 1.53
N SER E 816 17.58 50.27 0.44
CA SER E 816 18.95 50.85 0.43
C SER E 816 18.93 52.27 0.99
N SER E 817 17.75 52.87 1.23
CA SER E 817 17.57 54.27 1.70
C SER E 817 16.46 54.37 2.74
N THR E 818 16.57 55.33 3.66
CA THR E 818 15.62 55.60 4.79
C THR E 818 14.32 56.23 4.26
N ASP E 819 13.21 55.97 4.96
CA ASP E 819 11.92 56.67 4.84
C ASP E 819 11.04 56.28 6.04
N CYS E 820 10.29 57.24 6.60
CA CYS E 820 9.40 57.05 7.79
C CYS E 820 10.17 56.48 8.99
N GLN E 821 11.46 56.84 9.15
CA GLN E 821 12.32 56.54 10.32
C GLN E 821 12.84 55.09 10.30
N ILE E 822 12.63 54.33 9.22
CA ILE E 822 13.01 52.89 9.10
C ILE E 822 14.49 52.84 8.71
N PRO E 823 15.39 52.23 9.51
CA PRO E 823 16.82 52.20 9.15
C PRO E 823 17.10 51.45 7.85
N PRO E 824 18.15 51.83 7.08
CA PRO E 824 18.49 51.13 5.84
C PRO E 824 19.35 49.87 6.05
N TYR E 825 19.40 49.00 5.02
CA TYR E 825 20.29 47.82 4.88
C TYR E 825 19.86 46.62 5.73
N VAL E 826 19.44 46.79 6.99
CA VAL E 826 18.90 45.70 7.88
C VAL E 826 17.39 45.57 7.64
N PRO E 827 16.81 44.37 7.44
CA PRO E 827 15.37 44.22 7.27
C PRO E 827 14.58 44.36 8.58
N SER E 828 13.27 44.63 8.52
CA SER E 828 12.44 44.77 9.75
C SER E 828 10.94 44.62 9.46
N ILE E 829 10.18 44.16 10.46
CA ILE E 829 8.71 44.04 10.44
C ILE E 829 8.13 45.34 11.01
N VAL E 830 7.36 46.08 10.20
CA VAL E 830 6.91 47.48 10.46
C VAL E 830 5.39 47.53 10.63
N THR E 831 4.93 48.31 11.63
CA THR E 831 3.50 48.52 11.98
C THR E 831 3.28 50.01 12.31
N VAL E 832 2.13 50.59 11.93
CA VAL E 832 1.86 52.05 12.11
C VAL E 832 0.47 52.24 12.76
N ASN E 833 0.28 53.29 13.55
CA ASN E 833 -0.98 53.56 14.29
C ASN E 833 -1.95 54.46 13.50
N GLU E 834 -1.64 54.79 12.24
CA GLU E 834 -2.41 55.79 11.43
C GLU E 834 -1.87 55.80 10.00
N THR E 835 -2.76 55.69 9.01
CA THR E 835 -2.43 55.50 7.56
C THR E 835 -1.48 56.61 7.06
N THR E 836 -0.37 56.22 6.42
CA THR E 836 0.69 57.12 5.88
C THR E 836 1.35 56.52 4.64
N SER E 837 1.98 57.37 3.82
CA SER E 837 2.68 56.99 2.56
C SER E 837 4.18 56.84 2.82
N CYS E 838 4.73 55.64 2.61
CA CYS E 838 6.19 55.33 2.76
C CYS E 838 6.66 54.54 1.55
N PHE E 839 7.82 54.89 0.99
CA PHE E 839 8.42 54.26 -0.23
C PHE E 839 7.39 54.29 -1.36
N GLY E 840 6.67 55.42 -1.48
CA GLY E 840 5.68 55.69 -2.52
C GLY E 840 4.51 54.72 -2.51
N LEU E 841 4.09 54.23 -1.34
CA LEU E 841 2.82 53.46 -1.20
C LEU E 841 2.29 53.56 0.23
N ASP E 842 0.99 53.23 0.41
CA ASP E 842 0.20 53.51 1.63
C ASP E 842 0.34 52.33 2.61
N PHE E 843 0.88 52.61 3.80
CA PHE E 843 0.98 51.72 4.98
C PHE E 843 -0.23 51.99 5.89
N LYS E 844 -1.23 51.12 5.90
CA LYS E 844 -2.50 51.31 6.64
C LYS E 844 -2.40 50.79 8.08
N ARG E 845 -3.15 51.38 9.00
CA ARG E 845 -3.32 50.91 10.41
C ARG E 845 -4.12 49.61 10.41
N PRO E 846 -3.65 48.53 11.06
CA PRO E 846 -4.37 47.26 11.06
C PRO E 846 -5.56 47.21 12.04
N LEU E 847 -6.52 46.33 11.73
CA LEU E 847 -7.77 46.09 12.51
C LEU E 847 -7.40 45.38 13.81
N VAL E 848 -7.95 45.81 14.93
CA VAL E 848 -7.68 45.20 16.27
C VAL E 848 -7.98 43.70 16.21
N ALA E 849 -7.10 42.87 16.79
CA ALA E 849 -7.20 41.40 16.81
C ALA E 849 -7.35 40.89 18.25
N GLU E 850 -7.85 39.66 18.39
CA GLU E 850 -8.03 38.92 19.66
C GLU E 850 -6.83 37.97 19.83
N GLU E 851 -6.23 37.92 21.00
CA GLU E 851 -4.99 37.13 21.26
C GLU E 851 -5.37 35.67 21.53
N ARG E 852 -4.69 34.75 20.84
CA ARG E 852 -4.80 33.27 21.00
C ARG E 852 -3.41 32.72 21.32
N LEU E 853 -3.32 31.44 21.68
CA LEU E 853 -2.06 30.70 21.95
C LEU E 853 -1.23 30.61 20.66
N SER E 854 0.02 31.08 20.71
CA SER E 854 0.98 31.16 19.57
C SER E 854 1.75 29.84 19.40
N PHE E 855 2.22 29.58 18.18
CA PHE E 855 3.14 28.47 17.80
C PHE E 855 4.28 29.01 16.92
N GLU E 856 4.55 30.32 16.96
CA GLU E 856 5.60 30.98 16.14
C GLU E 856 6.96 30.48 16.61
N PRO E 857 7.88 30.09 15.69
CA PRO E 857 9.26 29.76 16.06
C PRO E 857 10.12 30.98 16.46
N ARG E 858 11.11 30.77 17.34
CA ARG E 858 12.12 31.80 17.76
C ARG E 858 13.53 31.26 17.46
N LEU E 859 14.10 31.61 16.31
CA LEU E 859 15.46 31.14 15.88
C LEU E 859 16.54 31.74 16.79
N PRO E 860 17.68 31.05 16.96
CA PRO E 860 18.84 31.64 17.64
C PRO E 860 19.48 32.79 16.87
N ASN E 861 19.99 33.82 17.56
CA ASN E 861 20.76 34.93 16.93
C ASN E 861 22.14 34.43 16.50
N LEU E 862 22.86 35.22 15.72
CA LEU E 862 24.07 34.78 14.96
C LEU E 862 24.81 36.02 14.41
N GLN E 863 26.04 36.27 14.86
CA GLN E 863 26.97 37.27 14.26
C GLN E 863 27.68 36.61 13.09
N LEU E 864 27.98 37.38 12.05
CA LEU E 864 28.54 36.86 10.79
C LEU E 864 29.58 37.86 10.26
N ARG E 865 30.85 37.48 10.16
CA ARG E 865 31.94 38.36 9.64
C ARG E 865 32.16 38.09 8.15
N LEU E 866 32.06 39.11 7.32
CA LEU E 866 32.24 39.01 5.85
C LEU E 866 33.63 39.51 5.47
N PRO E 867 34.19 39.11 4.32
CA PRO E 867 35.41 39.71 3.79
C PRO E 867 35.28 41.22 3.51
N HIS E 868 36.34 41.99 3.74
CA HIS E 868 36.39 43.47 3.65
C HIS E 868 35.95 43.96 2.27
N LEU E 869 36.34 43.26 1.19
CA LEU E 869 36.05 43.64 -0.22
C LEU E 869 34.96 42.73 -0.80
N VAL E 870 33.93 42.37 -0.05
CA VAL E 870 32.85 41.46 -0.54
C VAL E 870 32.19 42.06 -1.80
N GLY E 871 32.06 43.38 -1.88
CA GLY E 871 31.40 44.09 -3.00
C GLY E 871 32.15 43.94 -4.31
N ILE E 872 33.49 43.95 -4.28
CA ILE E 872 34.36 43.76 -5.48
C ILE E 872 34.35 42.28 -5.91
N ILE E 873 34.28 41.35 -4.96
CA ILE E 873 34.25 39.88 -5.23
C ILE E 873 32.94 39.53 -5.96
N ALA E 874 31.80 40.07 -5.50
CA ALA E 874 30.47 39.80 -6.08
C ALA E 874 30.33 40.46 -7.46
N LYS E 875 31.01 41.58 -7.69
CA LYS E 875 30.90 42.41 -8.93
C LYS E 875 31.62 41.72 -10.09
N ILE E 876 32.83 41.21 -9.90
CA ILE E 876 33.67 40.64 -11.01
C ILE E 876 33.27 39.19 -11.34
N LYS E 877 32.25 38.61 -10.70
CA LYS E 877 31.72 37.27 -11.06
C LYS E 877 30.48 37.41 -11.96
N GLY E 878 29.66 38.43 -11.72
CA GLY E 878 28.39 38.67 -12.45
C GLY E 878 27.39 37.55 -12.27
N ILE E 879 27.49 36.79 -11.18
CA ILE E 879 26.49 35.77 -10.74
C ILE E 879 26.52 35.71 -9.21
N LYS E 880 25.52 35.07 -8.61
CA LYS E 880 25.44 34.83 -7.14
C LYS E 880 26.52 33.82 -6.75
N ILE E 881 27.43 34.18 -5.83
CA ILE E 881 28.68 33.42 -5.54
C ILE E 881 28.78 33.18 -4.02
N GLU E 882 29.36 32.05 -3.61
CA GLU E 882 29.56 31.67 -2.18
C GLU E 882 30.80 32.39 -1.63
N VAL E 883 30.69 33.08 -0.49
CA VAL E 883 31.79 33.94 0.03
C VAL E 883 32.35 33.45 1.38
N THR E 884 31.59 32.69 2.18
CA THR E 884 32.04 32.15 3.51
C THR E 884 31.12 31.00 3.97
N SER E 885 31.42 30.45 5.15
CA SER E 885 30.52 29.60 5.97
C SER E 885 30.23 30.29 7.32
N SER E 886 29.09 30.00 7.92
CA SER E 886 28.66 30.43 9.28
C SER E 886 29.82 30.34 10.27
N GLY E 887 30.57 29.23 10.23
CA GLY E 887 31.57 28.87 11.26
C GLY E 887 32.96 28.72 10.70
N GLU E 888 33.43 29.72 9.93
CA GLU E 888 34.75 29.71 9.25
C GLU E 888 35.74 30.57 10.05
N SER E 889 37.03 30.25 9.99
CA SER E 889 38.14 30.99 10.66
C SER E 889 38.52 32.23 9.83
N ILE E 890 39.14 33.23 10.47
CA ILE E 890 39.62 34.48 9.81
C ILE E 890 40.59 34.10 8.69
N LYS E 891 41.49 33.14 8.94
CA LYS E 891 42.58 32.75 8.01
C LYS E 891 41.99 32.12 6.74
N GLU E 892 41.13 31.11 6.88
CA GLU E 892 40.50 30.38 5.73
C GLU E 892 39.65 31.34 4.91
N GLN E 893 38.82 32.15 5.56
CA GLN E 893 37.96 33.17 4.91
C GLN E 893 38.79 34.08 3.99
N ILE E 894 39.93 34.59 4.47
CA ILE E 894 40.79 35.53 3.69
C ILE E 894 41.41 34.77 2.50
N GLU E 895 42.13 33.67 2.76
CA GLU E 895 42.76 32.86 1.69
C GLU E 895 41.65 32.16 0.91
N ARG E 896 40.91 32.89 0.08
CA ARG E 896 39.69 32.40 -0.62
C ARG E 896 39.42 33.18 -1.92
N ALA E 897 39.61 34.50 -1.91
CA ALA E 897 39.59 35.38 -3.10
C ALA E 897 40.89 36.21 -3.19
N LYS E 898 41.92 35.90 -2.40
CA LYS E 898 43.16 36.71 -2.30
C LYS E 898 43.95 36.70 -3.62
N ALA E 899 44.21 35.52 -4.21
CA ALA E 899 44.96 35.35 -5.49
C ALA E 899 44.19 36.06 -6.61
N GLU E 900 42.91 35.73 -6.75
CA GLU E 900 41.94 36.40 -7.65
C GLU E 900 42.09 37.91 -7.51
N LEU E 901 41.96 38.43 -6.29
CA LEU E 901 41.95 39.89 -6.02
C LEU E 901 43.32 40.52 -6.34
N LEU E 902 44.43 39.88 -5.97
CA LEU E 902 45.81 40.40 -6.24
C LEU E 902 46.02 40.62 -7.74
N ARG E 903 45.44 39.77 -8.59
CA ARG E 903 45.68 39.74 -10.07
C ARG E 903 44.75 40.75 -10.80
N LEU E 904 43.94 41.54 -10.07
CA LEU E 904 43.31 42.79 -10.60
C LEU E 904 44.33 43.93 -10.48
N ASP E 905 45.46 43.83 -11.19
CA ASP E 905 46.62 44.75 -10.99
C ASP E 905 46.42 46.01 -11.85
N ILE E 906 47.29 47.00 -11.66
CA ILE E 906 47.32 48.29 -12.41
C ILE E 906 47.66 47.97 -13.89
N HIS E 907 47.05 48.71 -14.83
CA HIS E 907 47.23 48.53 -16.31
C HIS E 907 47.42 49.91 -16.98
N GLU E 908 48.13 49.94 -18.11
CA GLU E 908 48.41 51.16 -18.95
C GLU E 908 47.11 51.78 -19.50
N GLY E 909 45.99 51.04 -19.49
CA GLY E 909 44.78 51.34 -20.29
C GLY E 909 43.61 51.81 -19.45
N ASP E 910 43.68 51.73 -18.11
CA ASP E 910 42.59 52.21 -17.22
C ASP E 910 43.14 52.58 -15.82
N THR E 911 44.31 53.24 -15.78
CA THR E 911 44.99 53.69 -14.53
C THR E 911 44.04 54.57 -13.72
N PRO E 912 43.40 55.60 -14.31
CA PRO E 912 42.46 56.45 -13.57
C PRO E 912 41.29 55.67 -12.97
N ALA E 913 40.71 54.74 -13.73
CA ALA E 913 39.55 53.92 -13.30
C ALA E 913 39.99 52.94 -12.21
N TRP E 914 41.23 52.42 -12.29
CA TRP E 914 41.84 51.56 -11.25
C TRP E 914 42.06 52.38 -9.96
N ILE E 915 42.75 53.51 -10.06
CA ILE E 915 43.09 54.39 -8.89
C ILE E 915 41.82 54.75 -8.11
N GLN E 916 40.68 54.95 -8.80
CA GLN E 916 39.38 55.30 -8.15
C GLN E 916 38.82 54.10 -7.37
N GLN E 917 39.13 52.86 -7.76
CA GLN E 917 38.71 51.63 -7.04
C GLN E 917 39.52 51.52 -5.72
N LEU E 918 40.85 51.67 -5.83
CA LEU E 918 41.83 51.64 -4.71
C LEU E 918 41.40 52.61 -3.61
N ALA E 919 40.88 53.79 -3.97
CA ALA E 919 40.44 54.83 -3.01
C ALA E 919 39.21 54.33 -2.24
N ALA E 920 38.14 53.97 -2.98
CA ALA E 920 36.91 53.35 -2.44
C ALA E 920 37.24 52.14 -1.55
N ALA E 921 38.27 51.35 -1.90
CA ALA E 921 38.75 50.20 -1.08
C ALA E 921 39.48 50.67 0.18
N THR E 922 40.18 51.82 0.15
CA THR E 922 41.10 52.32 1.21
C THR E 922 40.36 53.24 2.19
N LYS E 923 39.21 53.79 1.79
CA LYS E 923 38.48 54.89 2.50
C LYS E 923 38.29 54.58 4.00
N ASP E 924 37.79 53.40 4.34
CA ASP E 924 37.46 53.01 5.74
C ASP E 924 38.74 52.74 6.54
N VAL E 925 39.77 52.18 5.88
CA VAL E 925 41.09 51.83 6.49
C VAL E 925 41.85 53.12 6.79
N TRP E 926 42.15 53.92 5.75
CA TRP E 926 43.05 55.11 5.86
C TRP E 926 42.47 56.30 5.10
N PRO E 927 41.53 57.06 5.70
CA PRO E 927 40.83 58.17 5.02
C PRO E 927 41.72 59.28 4.41
N ALA E 928 42.89 59.55 5.02
CA ALA E 928 43.89 60.52 4.54
C ALA E 928 44.43 60.10 3.17
N ALA E 929 44.79 58.81 3.03
CA ALA E 929 45.33 58.23 1.77
C ALA E 929 44.27 58.25 0.67
N ALA E 930 43.03 57.86 1.00
CA ALA E 930 41.88 57.83 0.07
C ALA E 930 41.75 59.18 -0.63
N SER E 931 41.64 60.27 0.16
CA SER E 931 41.49 61.68 -0.32
C SER E 931 42.64 62.05 -1.27
N ALA E 932 43.87 61.64 -0.96
CA ALA E 932 45.05 61.81 -1.84
C ALA E 932 44.81 61.06 -3.15
N LEU E 933 44.62 59.73 -3.09
CA LEU E 933 44.45 58.85 -4.28
C LEU E 933 43.35 59.42 -5.19
N GLN E 934 42.21 59.77 -4.59
CA GLN E 934 41.05 60.37 -5.30
C GLN E 934 41.49 61.62 -6.08
N GLY E 935 42.36 62.44 -5.48
CA GLY E 935 42.90 63.67 -6.11
C GLY E 935 43.73 63.36 -7.35
N ILE E 936 44.70 62.46 -7.20
CA ILE E 936 45.62 61.99 -8.30
C ILE E 936 44.79 61.27 -9.35
N GLY E 937 43.65 60.67 -8.98
CA GLY E 937 42.67 60.13 -9.94
C GLY E 937 42.13 61.21 -10.87
N ASN E 938 41.52 62.26 -10.29
CA ASN E 938 40.81 63.35 -11.03
C ASN E 938 41.79 64.21 -11.83
N PHE E 939 43.08 64.26 -11.46
CA PHE E 939 44.15 64.97 -12.19
C PHE E 939 44.39 64.34 -13.55
N LEU E 940 44.49 63.00 -13.61
CA LEU E 940 44.73 62.23 -14.86
C LEU E 940 43.48 62.23 -15.75
N SER E 941 42.29 62.40 -15.17
CA SER E 941 40.99 62.30 -15.88
C SER E 941 40.51 63.68 -16.35
N GLY E 942 40.59 64.70 -15.48
CA GLY E 942 39.82 65.96 -15.59
C GLY E 942 40.68 67.14 -16.05
N THR E 943 41.73 67.48 -15.28
CA THR E 943 42.67 68.60 -15.55
C THR E 943 43.04 68.60 -17.04
N ALA E 944 43.07 69.79 -17.66
CA ALA E 944 43.20 69.99 -19.12
C ALA E 944 42.02 69.28 -19.82
N GLN E 945 42.28 68.46 -20.85
CA GLN E 945 41.28 67.54 -21.46
C GLN E 945 41.68 66.09 -21.17
N GLY E 946 42.29 65.84 -20.00
CA GLY E 946 42.85 64.53 -19.60
C GLY E 946 44.17 64.22 -20.30
N ILE E 947 44.86 65.26 -20.79
CA ILE E 947 46.11 65.16 -21.62
C ILE E 947 47.19 64.35 -20.88
N PHE E 948 47.28 64.48 -19.56
CA PHE E 948 48.31 63.78 -18.73
C PHE E 948 47.98 62.28 -18.66
N GLY E 949 46.70 61.94 -18.46
CA GLY E 949 46.18 60.56 -18.58
C GLY E 949 46.65 59.94 -19.89
N THR E 950 46.31 60.60 -21.00
CA THR E 950 46.74 60.27 -22.39
C THR E 950 48.26 60.06 -22.42
N ALA E 951 49.04 61.07 -22.03
CA ALA E 951 50.53 61.05 -22.05
C ALA E 951 51.06 59.81 -21.32
N PHE E 952 50.58 59.57 -20.09
CA PHE E 952 51.06 58.44 -19.25
C PHE E 952 50.62 57.10 -19.87
N SER E 953 49.36 56.99 -20.27
CA SER E 953 48.83 55.80 -21.00
C SER E 953 49.76 55.45 -22.17
N LEU E 954 50.12 56.43 -23.00
CA LEU E 954 50.98 56.25 -24.19
C LEU E 954 52.39 55.87 -23.78
N LEU E 955 53.02 56.62 -22.86
CA LEU E 955 54.39 56.28 -22.38
C LEU E 955 54.42 54.87 -21.78
N GLY E 956 53.31 54.41 -21.17
CA GLY E 956 53.17 53.02 -20.66
C GLY E 956 53.28 51.98 -21.77
N TYR E 957 52.52 52.12 -22.85
CA TYR E 957 52.50 51.19 -24.00
C TYR E 957 53.83 51.22 -24.76
N LEU E 958 54.58 52.32 -24.73
CA LEU E 958 55.87 52.43 -25.47
C LEU E 958 57.04 51.71 -24.77
N LYS E 959 56.89 51.33 -23.48
CA LYS E 959 57.99 50.81 -22.62
C LYS E 959 58.95 49.90 -23.41
N PRO E 960 58.51 48.80 -24.08
CA PRO E 960 59.42 47.94 -24.82
C PRO E 960 60.30 48.64 -25.89
N ILE E 961 59.76 49.60 -26.64
CA ILE E 961 60.52 50.38 -27.66
C ILE E 961 61.65 51.15 -26.96
N LEU E 962 61.31 51.86 -25.88
CA LEU E 962 62.25 52.73 -25.13
C LEU E 962 63.48 51.92 -24.67
N ILE E 963 63.25 50.77 -24.05
CA ILE E 963 64.34 49.85 -23.59
C ILE E 963 65.24 49.54 -24.79
N GLY E 964 64.65 49.06 -25.89
CA GLY E 964 65.34 48.71 -27.14
C GLY E 964 66.29 49.81 -27.59
N VAL E 965 65.80 51.05 -27.66
CA VAL E 965 66.60 52.27 -28.00
C VAL E 965 67.70 52.45 -26.95
N GLY E 966 67.31 52.53 -25.67
CA GLY E 966 68.23 52.64 -24.53
C GLY E 966 69.43 51.70 -24.66
N VAL E 967 69.18 50.43 -25.01
CA VAL E 967 70.23 49.39 -25.19
C VAL E 967 71.16 49.80 -26.33
N ILE E 968 70.62 50.30 -27.44
CA ILE E 968 71.41 50.73 -28.64
C ILE E 968 72.35 51.89 -28.24
N LEU E 969 71.89 52.80 -27.38
CA LEU E 969 72.69 53.97 -26.91
C LEU E 969 73.93 53.48 -26.13
N LEU E 970 73.73 52.57 -25.17
CA LEU E 970 74.82 51.97 -24.36
C LEU E 970 75.89 51.37 -25.28
N VAL E 971 75.49 50.57 -26.26
CA VAL E 971 76.39 49.82 -27.19
C VAL E 971 77.22 50.83 -28.00
N ILE E 972 76.66 51.99 -28.35
CA ILE E 972 77.41 53.11 -28.99
C ILE E 972 78.36 53.73 -27.96
N LEU E 973 77.81 54.18 -26.82
CA LEU E 973 78.57 54.88 -25.74
C LEU E 973 79.82 54.09 -25.36
N ILE E 974 79.67 52.78 -25.11
CA ILE E 974 80.79 51.89 -24.66
C ILE E 974 81.91 51.94 -25.70
N PHE E 975 81.58 51.66 -26.97
CA PHE E 975 82.53 51.66 -28.11
C PHE E 975 83.18 53.03 -28.24
N LYS E 976 82.38 54.10 -28.27
CA LYS E 976 82.87 55.51 -28.41
C LYS E 976 83.81 55.85 -27.23
N ILE E 977 83.52 55.37 -26.02
CA ILE E 977 84.38 55.58 -24.81
C ILE E 977 85.68 54.78 -24.99
N VAL E 978 85.59 53.47 -25.22
CA VAL E 978 86.77 52.56 -25.37
C VAL E 978 87.67 53.10 -26.50
N SER E 979 87.09 53.68 -27.56
CA SER E 979 87.82 54.31 -28.69
C SER E 979 88.21 55.76 -28.37
N TRP E 980 88.36 56.14 -27.10
CA TRP E 980 89.07 57.37 -26.64
C TRP E 980 90.34 57.02 -25.86
N ILE E 981 90.33 55.93 -25.09
CA ILE E 981 91.45 55.53 -24.18
C ILE E 981 92.68 55.23 -25.03
N PRO E 982 93.88 55.79 -24.71
CA PRO E 982 95.10 55.49 -25.45
C PRO E 982 95.50 54.01 -25.44
N ALA F 578 -2.83 7.77 21.38
CA ALA F 578 -2.67 8.67 20.19
C ALA F 578 -4.03 9.29 19.82
N LYS F 579 -4.06 10.60 19.61
CA LYS F 579 -5.30 11.36 19.27
C LYS F 579 -4.92 12.65 18.51
N LEU F 580 -4.90 12.58 17.18
CA LEU F 580 -4.42 13.68 16.29
C LEU F 580 -5.41 14.84 16.30
N ARG F 581 -4.92 16.06 16.10
CA ARG F 581 -5.69 17.33 15.99
C ARG F 581 -4.77 18.47 15.54
N SER F 582 -4.97 19.00 14.35
CA SER F 582 -4.04 19.92 13.66
C SER F 582 -4.29 21.38 14.10
N MET F 583 -3.23 22.19 14.28
CA MET F 583 -3.36 23.66 14.53
C MET F 583 -3.00 24.45 13.26
N GLY F 584 -3.04 23.79 12.09
CA GLY F 584 -2.73 24.35 10.77
C GLY F 584 -3.48 25.63 10.42
N TYR F 585 -4.68 25.86 10.96
CA TYR F 585 -5.49 27.09 10.70
C TYR F 585 -5.53 27.97 11.95
N ALA F 586 -4.65 27.73 12.92
CA ALA F 586 -4.67 28.41 14.24
C ALA F 586 -3.25 28.48 14.82
N LEU F 587 -2.28 28.89 14.01
CA LEU F 587 -0.82 28.74 14.24
C LEU F 587 -0.20 30.06 14.72
N THR F 588 -0.79 31.21 14.39
CA THR F 588 -0.18 32.56 14.51
C THR F 588 -0.39 33.19 15.90
N GLY F 589 -1.46 32.83 16.60
CA GLY F 589 -1.76 33.39 17.93
C GLY F 589 -2.35 34.79 17.88
N ALA F 590 -3.02 35.15 16.78
CA ALA F 590 -3.97 36.29 16.71
C ALA F 590 -5.11 35.93 15.75
N VAL F 591 -6.19 36.70 15.77
CA VAL F 591 -7.36 36.47 14.86
C VAL F 591 -8.14 37.77 14.71
N GLN F 592 -8.44 38.17 13.47
CA GLN F 592 -9.22 39.38 13.12
C GLN F 592 -10.64 38.96 12.74
N THR F 593 -11.65 39.42 13.49
CA THR F 593 -13.05 38.95 13.39
C THR F 593 -13.98 40.09 12.96
N LEU F 594 -15.05 39.78 12.22
CA LEU F 594 -16.10 40.74 11.80
C LEU F 594 -17.43 40.36 12.45
N SER F 595 -18.31 41.35 12.63
CA SER F 595 -19.65 41.22 13.24
C SER F 595 -20.73 40.97 12.17
N GLN F 596 -20.42 41.20 10.89
CA GLN F 596 -21.35 41.00 9.74
C GLN F 596 -20.55 40.70 8.48
N ILE F 597 -21.07 39.87 7.57
CA ILE F 597 -20.40 39.56 6.26
C ILE F 597 -20.18 40.86 5.50
N SER F 598 -21.16 41.77 5.52
CA SER F 598 -21.14 43.10 4.86
C SER F 598 -19.85 43.88 5.17
N ASP F 599 -19.26 43.70 6.37
CA ASP F 599 -18.05 44.42 6.84
C ASP F 599 -16.82 44.09 6.00
N ILE F 600 -16.84 43.03 5.19
CA ILE F 600 -15.67 42.59 4.36
C ILE F 600 -15.35 43.65 3.29
N ASN F 601 -16.33 44.47 2.88
CA ASN F 601 -16.16 45.47 1.79
C ASN F 601 -15.62 46.81 2.30
N ASP F 602 -15.40 46.98 3.61
CA ASP F 602 -14.77 48.18 4.22
C ASP F 602 -13.47 48.49 3.48
N GLU F 603 -13.28 49.76 3.08
CA GLU F 603 -12.22 50.21 2.14
C GLU F 603 -10.85 50.26 2.86
N ASN F 604 -10.83 50.49 4.17
CA ASN F 604 -9.57 50.67 4.93
C ASN F 604 -9.16 49.35 5.63
N LEU F 605 -9.66 48.21 5.18
CA LEU F 605 -9.10 46.86 5.48
C LEU F 605 -7.90 46.61 4.56
N GLN F 606 -7.10 45.59 4.87
CA GLN F 606 -5.88 45.20 4.12
C GLN F 606 -6.13 43.84 3.44
N GLN F 607 -5.11 43.22 2.87
CA GLN F 607 -5.19 41.86 2.26
C GLN F 607 -4.82 40.83 3.32
N GLY F 608 -5.81 40.19 3.93
CA GLY F 608 -5.60 39.12 4.94
C GLY F 608 -6.82 38.24 5.08
N ILE F 609 -6.87 37.43 6.14
CA ILE F 609 -8.00 36.52 6.48
C ILE F 609 -8.82 37.19 7.59
N TYR F 610 -10.11 37.42 7.36
CA TYR F 610 -11.06 37.94 8.36
C TYR F 610 -12.17 36.93 8.55
N LEU F 611 -12.37 36.47 9.79
CA LEU F 611 -13.40 35.45 10.16
C LEU F 611 -14.67 36.16 10.61
N LEU F 612 -15.83 35.67 10.19
CA LEU F 612 -17.15 36.08 10.73
C LEU F 612 -17.26 35.54 12.15
N ARG F 613 -17.67 36.36 13.12
CA ARG F 613 -17.51 36.07 14.57
C ARG F 613 -18.42 34.91 15.02
N ASP F 614 -19.63 34.75 14.46
CA ASP F 614 -20.65 33.77 14.96
C ASP F 614 -20.93 32.68 13.93
N HIS F 615 -21.02 31.42 14.39
CA HIS F 615 -21.29 30.21 13.56
C HIS F 615 -22.68 30.32 12.87
N VAL F 616 -22.83 29.71 11.70
CA VAL F 616 -24.12 29.59 10.97
C VAL F 616 -24.73 28.22 11.28
N ILE F 617 -25.89 28.17 11.93
CA ILE F 617 -26.55 26.90 12.40
C ILE F 617 -27.67 26.54 11.44
N THR F 618 -27.68 25.31 10.94
CA THR F 618 -28.54 24.84 9.82
C THR F 618 -29.07 23.42 10.10
N LEU F 619 -30.38 23.21 10.05
CA LEU F 619 -31.04 21.88 10.16
C LEU F 619 -31.36 21.39 8.75
N MET F 620 -31.01 20.16 8.38
CA MET F 620 -31.21 19.63 7.00
C MET F 620 -32.71 19.51 6.70
N GLU F 621 -33.48 18.94 7.63
CA GLU F 621 -34.96 18.85 7.57
C GLU F 621 -35.55 20.15 7.01
N ALA F 622 -35.06 21.31 7.50
CA ALA F 622 -35.55 22.65 7.15
C ALA F 622 -35.10 23.00 5.73
N THR F 623 -33.86 22.65 5.38
CA THR F 623 -33.22 22.98 4.08
C THR F 623 -33.91 22.20 2.96
N LEU F 624 -34.01 20.88 3.10
CA LEU F 624 -34.58 19.98 2.05
C LEU F 624 -36.11 19.98 2.15
N HIS F 625 -36.77 20.86 1.36
CA HIS F 625 -38.25 20.97 1.27
C HIS F 625 -38.81 19.75 0.51
N ASP F 626 -38.26 19.46 -0.66
CA ASP F 626 -38.70 18.37 -1.58
C ASP F 626 -39.14 17.14 -0.76
N ILE F 627 -38.27 16.61 0.12
CA ILE F 627 -38.51 15.37 0.91
C ILE F 627 -39.78 15.51 1.76
N SER F 628 -40.00 16.68 2.38
CA SER F 628 -41.12 16.97 3.31
C SER F 628 -42.45 16.43 2.78
N VAL F 629 -42.69 16.60 1.47
CA VAL F 629 -43.98 16.30 0.78
C VAL F 629 -43.96 14.90 0.14
N MET F 630 -42.81 14.22 0.11
CA MET F 630 -42.70 12.81 -0.37
C MET F 630 -43.01 11.86 0.79
N GLU F 631 -43.26 10.58 0.48
CA GLU F 631 -43.76 9.58 1.45
C GLU F 631 -43.02 8.25 1.27
N GLY F 632 -42.88 7.48 2.35
CA GLY F 632 -42.33 6.10 2.33
C GLY F 632 -40.91 6.05 1.82
N MET F 633 -40.56 5.01 1.06
CA MET F 633 -39.19 4.78 0.53
C MET F 633 -38.81 5.89 -0.47
N PHE F 634 -39.78 6.51 -1.15
CA PHE F 634 -39.53 7.61 -2.13
C PHE F 634 -38.83 8.76 -1.43
N ALA F 635 -39.24 9.07 -0.20
CA ALA F 635 -38.60 10.08 0.66
C ALA F 635 -37.17 9.62 1.00
N VAL F 636 -37.03 8.37 1.43
CA VAL F 636 -35.74 7.78 1.89
C VAL F 636 -34.72 7.83 0.74
N GLN F 637 -35.10 7.42 -0.47
CA GLN F 637 -34.15 7.33 -1.62
C GLN F 637 -33.73 8.75 -2.05
N HIS F 638 -34.59 9.75 -1.94
CA HIS F 638 -34.27 11.16 -2.33
C HIS F 638 -33.19 11.73 -1.39
N LEU F 639 -33.28 11.44 -0.09
CA LEU F 639 -32.28 11.87 0.93
C LEU F 639 -30.93 11.18 0.66
N HIS F 640 -30.95 9.89 0.38
CA HIS F 640 -29.73 9.10 0.04
C HIS F 640 -28.94 9.80 -1.08
N THR F 641 -29.62 10.16 -2.16
CA THR F 641 -29.00 10.86 -3.31
C THR F 641 -28.32 12.15 -2.83
N HIS F 642 -29.01 12.94 -2.00
CA HIS F 642 -28.50 14.22 -1.44
C HIS F 642 -27.27 13.98 -0.55
N LEU F 643 -27.35 13.05 0.40
CA LEU F 643 -26.22 12.75 1.32
C LEU F 643 -25.03 12.21 0.52
N ASN F 644 -25.25 11.36 -0.48
CA ASN F 644 -24.11 10.83 -1.29
C ASN F 644 -23.43 11.95 -2.10
N HIS F 645 -24.17 12.98 -2.53
CA HIS F 645 -23.62 14.13 -3.31
C HIS F 645 -22.77 15.05 -2.42
N LEU F 646 -23.26 15.36 -1.21
CA LEU F 646 -22.54 16.17 -0.18
C LEU F 646 -21.17 15.54 0.09
N LYS F 647 -21.13 14.21 0.28
CA LYS F 647 -19.88 13.45 0.55
C LYS F 647 -18.91 13.61 -0.63
N THR F 648 -19.39 13.50 -1.87
CA THR F 648 -18.57 13.58 -3.11
C THR F 648 -17.90 14.97 -3.22
N MET F 649 -18.64 16.04 -2.95
CA MET F 649 -18.13 17.45 -2.97
C MET F 649 -17.02 17.65 -1.94
N LEU F 650 -17.23 17.15 -0.71
CA LEU F 650 -16.31 17.41 0.43
C LEU F 650 -14.97 16.67 0.23
N LEU F 651 -14.96 15.51 -0.44
CA LEU F 651 -13.71 14.75 -0.75
C LEU F 651 -12.82 15.57 -1.69
N GLU F 652 -13.40 16.31 -2.64
CA GLU F 652 -12.67 17.16 -3.62
C GLU F 652 -12.35 18.55 -3.04
N ARG F 653 -12.72 18.83 -1.78
CA ARG F 653 -12.52 20.12 -1.09
C ARG F 653 -13.38 21.21 -1.73
N ARG F 654 -14.58 20.87 -2.22
CA ARG F 654 -15.53 21.84 -2.82
C ARG F 654 -16.64 22.12 -1.81
N ILE F 655 -17.48 23.11 -2.13
CA ILE F 655 -18.64 23.56 -1.29
C ILE F 655 -19.91 23.16 -2.02
N ASP F 656 -20.83 22.53 -1.29
CA ASP F 656 -22.18 22.18 -1.77
C ASP F 656 -23.09 23.33 -1.33
N TRP F 657 -23.52 24.17 -2.28
CA TRP F 657 -24.24 25.43 -2.00
C TRP F 657 -25.73 25.17 -1.73
N THR F 658 -26.16 23.92 -1.59
CA THR F 658 -27.54 23.52 -1.21
C THR F 658 -27.93 24.12 0.14
N TYR F 659 -27.01 24.12 1.12
CA TYR F 659 -27.26 24.40 2.55
C TYR F 659 -26.96 25.87 2.89
N MET F 660 -27.04 26.78 1.91
CA MET F 660 -26.78 28.23 2.11
C MET F 660 -27.54 29.04 1.03
N SER F 661 -28.33 30.03 1.44
CA SER F 661 -29.20 30.84 0.53
C SER F 661 -28.33 31.76 -0.36
N SER F 662 -28.62 31.77 -1.67
CA SER F 662 -27.87 32.55 -2.68
C SER F 662 -28.18 34.04 -2.54
N THR F 663 -29.48 34.38 -2.49
CA THR F 663 -30.02 35.74 -2.27
C THR F 663 -29.35 36.36 -1.04
N TRP F 664 -29.34 35.64 0.07
CA TRP F 664 -28.70 36.07 1.34
C TRP F 664 -27.24 36.44 1.08
N LEU F 665 -26.46 35.52 0.54
CA LEU F 665 -25.00 35.69 0.36
C LEU F 665 -24.75 36.86 -0.61
N GLN F 666 -25.48 36.93 -1.72
CA GLN F 666 -25.33 38.03 -2.72
C GLN F 666 -25.70 39.37 -2.09
N GLN F 667 -26.82 39.44 -1.36
CA GLN F 667 -27.28 40.68 -0.65
C GLN F 667 -26.15 41.18 0.24
N GLN F 668 -25.59 40.29 1.07
CA GLN F 668 -24.50 40.62 2.04
C GLN F 668 -23.25 41.04 1.28
N LEU F 669 -22.75 40.21 0.37
CA LEU F 669 -21.48 40.49 -0.37
C LEU F 669 -21.62 41.74 -1.25
N GLN F 670 -22.83 42.10 -1.70
CA GLN F 670 -23.11 43.25 -2.61
C GLN F 670 -22.27 43.11 -3.89
N LYS F 671 -22.49 42.03 -4.65
CA LYS F 671 -21.76 41.72 -5.92
C LYS F 671 -22.76 41.54 -7.06
N SER F 672 -22.27 41.54 -8.29
CA SER F 672 -23.05 41.29 -9.54
C SER F 672 -23.27 39.79 -9.73
N ASP F 673 -24.22 39.42 -10.61
CA ASP F 673 -24.52 38.02 -10.98
C ASP F 673 -23.26 37.28 -11.45
N ASP F 674 -22.40 37.94 -12.22
CA ASP F 674 -21.22 37.30 -12.86
C ASP F 674 -20.04 37.23 -11.88
N GLU F 675 -19.91 38.19 -10.95
CA GLU F 675 -18.89 38.11 -9.85
C GLU F 675 -19.17 36.89 -8.97
N MET F 676 -20.45 36.71 -8.58
CA MET F 676 -20.90 35.59 -7.71
C MET F 676 -20.49 34.24 -8.33
N LYS F 677 -20.62 34.10 -9.65
CA LYS F 677 -20.27 32.87 -10.40
C LYS F 677 -18.80 32.54 -10.21
N VAL F 678 -17.94 33.57 -10.29
CA VAL F 678 -16.47 33.42 -10.10
C VAL F 678 -16.21 33.14 -8.62
N ILE F 679 -16.86 33.85 -7.70
CA ILE F 679 -16.69 33.64 -6.24
C ILE F 679 -17.05 32.19 -5.89
N LYS F 680 -18.19 31.66 -6.36
CA LYS F 680 -18.67 30.30 -5.98
C LYS F 680 -17.83 29.20 -6.63
N ARG F 681 -17.23 29.42 -7.80
CA ARG F 681 -16.34 28.43 -8.48
C ARG F 681 -15.02 28.25 -7.73
N ILE F 682 -14.44 29.30 -7.13
CA ILE F 682 -13.04 29.24 -6.57
C ILE F 682 -13.04 29.04 -5.05
N ALA F 683 -14.19 29.06 -4.35
CA ALA F 683 -14.25 28.83 -2.89
C ALA F 683 -13.88 27.37 -2.56
N ARG F 684 -13.30 27.11 -1.38
CA ARG F 684 -12.81 25.77 -0.94
C ARG F 684 -13.32 25.47 0.48
N SER F 685 -13.55 24.19 0.81
CA SER F 685 -14.15 23.72 2.10
C SER F 685 -13.13 22.93 2.95
N LEU F 686 -13.35 22.85 4.28
CA LEU F 686 -12.61 21.93 5.21
C LEU F 686 -13.60 21.35 6.21
N VAL F 687 -13.61 20.03 6.41
CA VAL F 687 -14.44 19.32 7.43
C VAL F 687 -13.63 19.28 8.72
N TYR F 688 -13.97 20.04 9.77
CA TYR F 688 -13.12 20.12 11.00
C TYR F 688 -13.68 19.30 12.17
N TYR F 689 -14.90 18.74 12.07
CA TYR F 689 -15.36 17.61 12.94
C TYR F 689 -16.64 16.96 12.40
N VAL F 690 -16.84 15.69 12.76
CA VAL F 690 -18.03 14.85 12.42
C VAL F 690 -18.39 14.03 13.66
N LYS F 691 -19.54 14.26 14.29
CA LYS F 691 -19.86 13.68 15.63
C LYS F 691 -21.25 13.03 15.61
N GLN F 692 -21.38 11.77 16.02
CA GLN F 692 -22.71 11.11 16.18
C GLN F 692 -23.25 11.42 17.58
N THR F 693 -24.40 12.09 17.66
CA THR F 693 -24.93 12.66 18.92
C THR F 693 -25.97 11.73 19.57
N HIS F 694 -26.51 10.75 18.85
CA HIS F 694 -27.53 9.79 19.35
C HIS F 694 -27.59 8.56 18.44
N SER F 695 -27.75 7.36 19.02
CA SER F 695 -27.71 6.07 18.28
C SER F 695 -28.64 5.03 18.91
N SER F 696 -29.88 4.95 18.42
CA SER F 696 -30.88 3.89 18.70
C SER F 696 -30.95 2.95 17.49
N PRO F 697 -31.55 1.74 17.60
CA PRO F 697 -31.83 0.92 16.41
C PRO F 697 -32.82 1.51 15.38
N THR F 698 -33.69 2.44 15.78
CA THR F 698 -34.67 3.11 14.89
C THR F 698 -34.30 4.58 14.64
N ALA F 699 -33.39 5.18 15.41
CA ALA F 699 -33.09 6.63 15.36
C ALA F 699 -31.58 6.90 15.39
N THR F 700 -31.11 7.91 14.65
CA THR F 700 -29.73 8.48 14.73
C THR F 700 -29.76 10.01 14.64
N ALA F 701 -28.65 10.63 15.04
CA ALA F 701 -28.39 12.07 14.86
C ALA F 701 -26.89 12.31 14.73
N TRP F 702 -26.49 13.19 13.82
CA TRP F 702 -25.08 13.58 13.57
C TRP F 702 -24.95 15.11 13.58
N GLU F 703 -23.74 15.61 13.82
CA GLU F 703 -23.29 17.02 13.66
C GLU F 703 -22.04 17.05 12.78
N ILE F 704 -21.94 18.02 11.88
CA ILE F 704 -20.75 18.25 10.99
C ILE F 704 -20.28 19.70 11.14
N GLY F 705 -18.98 19.92 11.40
CA GLY F 705 -18.37 21.26 11.36
C GLY F 705 -17.69 21.53 10.03
N LEU F 706 -18.23 22.45 9.21
CA LEU F 706 -17.61 22.85 7.92
C LEU F 706 -17.00 24.26 8.02
N TYR F 707 -15.76 24.45 7.57
CA TYR F 707 -15.06 25.76 7.52
C TYR F 707 -14.81 26.14 6.05
N TYR F 708 -15.29 27.31 5.61
CA TYR F 708 -15.20 27.83 4.22
C TYR F 708 -14.24 29.02 4.12
N GLU F 709 -13.48 29.10 3.03
CA GLU F 709 -12.61 30.27 2.71
C GLU F 709 -12.97 30.79 1.32
N LEU F 710 -13.61 31.96 1.29
CA LEU F 710 -14.06 32.65 0.07
C LEU F 710 -13.02 33.73 -0.28
N VAL F 711 -12.35 33.57 -1.42
CA VAL F 711 -11.49 34.62 -2.04
C VAL F 711 -12.43 35.70 -2.61
N ILE F 712 -12.30 36.95 -2.16
CA ILE F 712 -13.01 38.12 -2.74
C ILE F 712 -12.12 38.72 -3.83
N PRO F 713 -12.54 38.75 -5.12
CA PRO F 713 -11.71 39.32 -6.18
C PRO F 713 -11.63 40.86 -6.14
N LYS F 714 -10.48 41.39 -6.60
CA LYS F 714 -10.20 42.84 -6.78
C LYS F 714 -10.40 43.19 -8.26
N HIS F 715 -9.85 42.37 -9.15
CA HIS F 715 -10.01 42.47 -10.63
C HIS F 715 -9.98 41.07 -11.25
N ILE F 716 -10.71 40.86 -12.34
CA ILE F 716 -10.75 39.59 -13.13
C ILE F 716 -10.28 39.90 -14.56
N TYR F 717 -9.32 39.14 -15.09
CA TYR F 717 -8.73 39.32 -16.44
C TYR F 717 -9.07 38.10 -17.33
N LEU F 718 -9.74 38.30 -18.48
CA LEU F 718 -10.30 37.19 -19.31
C LEU F 718 -9.46 36.92 -20.58
N ASN F 719 -9.06 37.95 -21.35
CA ASN F 719 -8.40 37.77 -22.68
C ASN F 719 -6.88 37.86 -22.54
N ASN F 720 -6.19 36.73 -22.39
CA ASN F 720 -4.77 36.70 -21.90
C ASN F 720 -3.86 35.95 -22.87
N TRP F 721 -2.60 36.36 -22.97
CA TRP F 721 -1.58 35.67 -23.80
C TRP F 721 -0.37 35.31 -22.94
N ASN F 722 0.28 34.16 -23.20
CA ASN F 722 1.57 33.79 -22.57
C ASN F 722 2.73 34.34 -23.40
N VAL F 723 3.74 34.96 -22.77
CA VAL F 723 4.98 35.44 -23.46
C VAL F 723 5.89 34.25 -23.80
N VAL F 724 6.56 34.30 -24.96
CA VAL F 724 7.60 33.31 -25.40
C VAL F 724 8.81 34.09 -25.95
N ASN F 725 9.91 34.19 -25.20
CA ASN F 725 11.13 34.93 -25.62
C ASN F 725 11.87 34.08 -26.67
N ILE F 726 12.18 34.64 -27.84
CA ILE F 726 12.93 33.93 -28.93
C ILE F 726 14.34 34.51 -29.05
N GLY F 727 14.50 35.83 -29.06
CA GLY F 727 15.82 36.48 -29.10
C GLY F 727 16.33 36.63 -30.52
N HIS F 728 17.66 36.56 -30.69
CA HIS F 728 18.39 36.94 -31.93
C HIS F 728 19.81 36.39 -31.85
N LEU F 729 20.37 35.92 -32.96
CA LEU F 729 21.79 35.46 -33.03
C LEU F 729 22.68 36.63 -33.48
N VAL F 730 23.90 36.68 -32.96
CA VAL F 730 24.94 37.70 -33.32
C VAL F 730 26.28 36.96 -33.49
N LYS F 731 26.98 37.20 -34.58
CA LYS F 731 28.31 36.59 -34.90
C LYS F 731 29.38 37.67 -34.70
N SER F 732 30.20 37.53 -33.65
CA SER F 732 31.09 38.59 -33.14
C SER F 732 32.51 38.03 -32.94
N ALA F 733 33.50 38.65 -33.60
CA ALA F 733 34.95 38.30 -33.50
C ALA F 733 35.15 36.78 -33.57
N GLY F 734 34.38 36.09 -34.42
CA GLY F 734 34.48 34.64 -34.64
C GLY F 734 33.41 33.84 -33.91
N GLN F 735 32.94 34.30 -32.75
CA GLN F 735 32.02 33.53 -31.86
C GLN F 735 30.57 33.81 -32.26
N LEU F 736 29.73 32.76 -32.33
CA LEU F 736 28.25 32.85 -32.46
C LEU F 736 27.64 33.00 -31.06
N THR F 737 26.72 33.94 -30.89
CA THR F 737 26.17 34.34 -29.56
C THR F 737 24.65 34.49 -29.68
N HIS F 738 23.89 33.96 -28.72
CA HIS F 738 22.42 34.14 -28.63
C HIS F 738 22.12 35.27 -27.67
N VAL F 739 21.37 36.30 -28.10
CA VAL F 739 21.08 37.53 -27.30
C VAL F 739 19.59 37.57 -26.96
N THR F 740 19.23 37.89 -25.72
CA THR F 740 17.82 37.94 -25.24
C THR F 740 17.57 39.14 -24.33
N ILE F 741 16.38 39.73 -24.43
CA ILE F 741 15.87 40.81 -23.53
C ILE F 741 15.13 40.15 -22.37
N ALA F 742 15.29 40.71 -21.16
CA ALA F 742 14.61 40.26 -19.93
C ALA F 742 13.38 41.13 -19.70
N HIS F 743 12.20 40.70 -20.16
CA HIS F 743 10.95 41.51 -20.16
C HIS F 743 10.40 41.56 -18.74
N PRO F 744 9.90 42.73 -18.26
CA PRO F 744 9.36 42.83 -16.90
C PRO F 744 7.92 42.36 -16.70
N TYR F 745 7.34 41.60 -17.65
CA TYR F 745 5.96 41.06 -17.60
C TYR F 745 5.95 39.61 -18.08
N GLU F 746 4.90 38.87 -17.72
CA GLU F 746 4.74 37.44 -18.06
C GLU F 746 3.45 37.21 -18.87
N ILE F 747 2.45 38.09 -18.74
CA ILE F 747 1.13 38.01 -19.43
C ILE F 747 0.86 39.37 -20.10
N ILE F 748 0.37 39.31 -21.34
CA ILE F 748 -0.25 40.45 -22.08
C ILE F 748 -1.76 40.23 -22.07
N ASN F 749 -2.52 41.27 -21.74
CA ASN F 749 -4.01 41.25 -21.69
C ASN F 749 -4.55 42.31 -22.66
N LYS F 750 -5.68 42.00 -23.31
CA LYS F 750 -6.37 42.90 -24.27
C LYS F 750 -7.87 42.61 -24.27
N GLU F 751 -8.65 43.37 -23.49
CA GLU F 751 -10.12 43.14 -23.32
C GLU F 751 -10.88 43.71 -24.51
N CYS F 752 -10.59 44.95 -24.90
CA CYS F 752 -11.24 45.65 -26.05
C CYS F 752 -10.18 46.15 -27.03
N VAL F 753 -9.59 47.34 -26.78
CA VAL F 753 -8.65 48.03 -27.73
C VAL F 753 -7.29 48.28 -27.06
N GLU F 754 -7.26 48.67 -25.78
CA GLU F 754 -6.02 48.94 -25.00
C GLU F 754 -5.36 47.62 -24.60
N THR F 755 -4.06 47.48 -24.90
CA THR F 755 -3.18 46.35 -24.46
C THR F 755 -2.55 46.68 -23.10
N ILE F 756 -2.38 45.68 -22.24
CA ILE F 756 -1.88 45.84 -20.84
C ILE F 756 -0.87 44.74 -20.53
N TYR F 757 0.27 45.08 -19.90
CA TYR F 757 1.39 44.17 -19.60
C TYR F 757 1.45 43.90 -18.09
N LEU F 758 1.23 42.64 -17.70
CA LEU F 758 1.02 42.23 -16.29
C LEU F 758 2.24 41.47 -15.77
N HIS F 759 2.71 41.83 -14.56
CA HIS F 759 3.69 41.07 -13.75
C HIS F 759 2.97 40.44 -12.56
N LEU F 760 2.93 39.10 -12.49
CA LEU F 760 2.23 38.33 -11.43
C LEU F 760 3.22 37.88 -10.36
N GLU F 761 2.75 37.72 -9.11
CA GLU F 761 3.54 37.17 -7.98
C GLU F 761 2.62 36.33 -7.07
N ASP F 762 3.18 35.27 -6.47
CA ASP F 762 2.52 34.39 -5.46
C ASP F 762 1.19 33.87 -6.02
N CYS F 763 1.25 33.02 -7.05
CA CYS F 763 0.07 32.50 -7.78
C CYS F 763 -0.16 31.03 -7.47
N THR F 764 -1.42 30.60 -7.43
CA THR F 764 -1.87 29.20 -7.29
C THR F 764 -2.99 28.92 -8.29
N ARG F 765 -3.48 27.68 -8.33
CA ARG F 765 -4.59 27.23 -9.21
C ARG F 765 -5.70 26.59 -8.35
N GLN F 766 -6.86 27.26 -8.22
CA GLN F 766 -8.15 26.68 -7.78
C GLN F 766 -9.15 26.78 -8.95
N ASP F 767 -8.97 25.94 -9.97
CA ASP F 767 -9.68 25.97 -11.28
C ASP F 767 -9.08 27.09 -12.15
N TYR F 768 -9.28 28.34 -11.74
CA TYR F 768 -8.65 29.54 -12.33
C TYR F 768 -7.28 29.77 -11.67
N VAL F 769 -6.43 30.58 -12.28
CA VAL F 769 -5.16 31.08 -11.65
C VAL F 769 -5.56 32.19 -10.66
N ILE F 770 -5.03 32.13 -9.43
CA ILE F 770 -5.23 33.16 -8.38
C ILE F 770 -3.87 33.71 -7.97
N CYS F 771 -3.69 35.03 -7.97
CA CYS F 771 -2.42 35.71 -7.60
C CYS F 771 -2.66 36.73 -6.48
N ASP F 772 -1.72 36.84 -5.53
CA ASP F 772 -1.75 37.83 -4.43
C ASP F 772 -1.36 39.22 -4.97
N VAL F 773 -0.38 39.27 -5.88
CA VAL F 773 0.19 40.52 -6.43
C VAL F 773 0.15 40.49 -7.96
N VAL F 774 -0.42 41.53 -8.56
CA VAL F 774 -0.43 41.79 -10.03
C VAL F 774 -0.04 43.25 -10.27
N LYS F 775 1.17 43.51 -10.77
CA LYS F 775 1.65 44.90 -11.08
C LYS F 775 1.56 45.13 -12.59
N ILE F 776 1.04 46.30 -13.01
CA ILE F 776 0.94 46.73 -14.43
C ILE F 776 2.24 47.43 -14.82
N VAL F 777 2.88 47.04 -15.93
CA VAL F 777 4.21 47.59 -16.31
C VAL F 777 4.17 48.19 -17.72
N GLN F 778 5.28 48.76 -18.18
CA GLN F 778 5.47 49.25 -19.58
C GLN F 778 6.46 48.34 -20.30
N PRO F 779 6.32 48.17 -21.63
CA PRO F 779 7.28 47.38 -22.41
C PRO F 779 8.65 48.08 -22.50
N CYS F 780 9.71 47.33 -22.86
CA CYS F 780 11.10 47.85 -22.91
C CYS F 780 11.23 48.89 -24.03
N GLY F 781 12.21 49.78 -23.89
CA GLY F 781 12.52 50.86 -24.84
C GLY F 781 13.77 51.61 -24.41
N ASN F 782 14.15 52.64 -25.18
CA ASN F 782 15.28 53.55 -24.87
C ASN F 782 14.70 54.96 -24.81
N SER F 783 13.91 55.23 -23.76
CA SER F 783 13.18 56.51 -23.56
C SER F 783 12.67 56.61 -22.11
N SER F 784 12.24 57.82 -21.72
CA SER F 784 11.76 58.16 -20.36
C SER F 784 10.41 57.49 -20.04
N ASP F 785 9.61 57.16 -21.07
CA ASP F 785 8.24 56.64 -20.92
C ASP F 785 8.18 55.11 -21.14
N THR F 786 9.33 54.41 -21.15
CA THR F 786 9.44 52.94 -21.33
C THR F 786 10.36 52.34 -20.27
N SER F 787 10.37 51.01 -20.16
CA SER F 787 11.20 50.24 -19.18
C SER F 787 12.65 50.11 -19.67
N ASP F 788 13.62 50.18 -18.76
CA ASP F 788 15.08 50.07 -19.03
C ASP F 788 15.58 48.67 -18.64
N CYS F 789 15.33 47.67 -19.49
CA CYS F 789 15.44 46.23 -19.14
C CYS F 789 16.85 45.74 -19.42
N PRO F 790 17.38 44.78 -18.63
CA PRO F 790 18.68 44.16 -18.92
C PRO F 790 18.67 43.15 -20.09
N VAL F 791 19.80 43.10 -20.82
CA VAL F 791 20.03 42.28 -22.04
C VAL F 791 21.08 41.22 -21.71
N TRP F 792 20.73 39.95 -21.93
CA TRP F 792 21.59 38.76 -21.68
C TRP F 792 22.18 38.24 -22.98
N ALA F 793 23.45 37.84 -22.92
CA ALA F 793 24.17 37.11 -24.00
C ALA F 793 24.69 35.77 -23.48
N GLU F 794 24.86 34.82 -24.40
CA GLU F 794 25.28 33.42 -24.15
C GLU F 794 25.92 32.84 -25.41
N ALA F 795 27.08 32.20 -25.31
CA ALA F 795 27.78 31.50 -26.42
C ALA F 795 27.06 30.20 -26.76
N VAL F 796 26.96 29.87 -28.06
CA VAL F 796 26.24 28.68 -28.60
C VAL F 796 27.13 27.99 -29.65
N LYS F 797 26.82 26.74 -29.98
CA LYS F 797 27.59 25.90 -30.95
C LYS F 797 27.06 26.13 -32.36
N GLU F 798 27.97 26.25 -33.33
CA GLU F 798 27.69 26.36 -34.78
C GLU F 798 27.78 24.97 -35.42
N PRO F 799 26.87 24.55 -36.33
CA PRO F 799 25.72 25.35 -36.76
C PRO F 799 24.52 25.22 -35.82
N PHE F 800 23.78 26.33 -35.67
CA PHE F 800 22.56 26.49 -34.83
C PHE F 800 21.35 26.45 -35.76
N VAL F 801 20.37 25.60 -35.46
CA VAL F 801 19.05 25.52 -36.17
C VAL F 801 17.94 25.29 -35.16
N GLN F 802 16.90 26.12 -35.21
CA GLN F 802 15.68 25.96 -34.39
C GLN F 802 14.46 26.29 -35.25
N VAL F 803 13.55 25.32 -35.39
CA VAL F 803 12.29 25.41 -36.18
C VAL F 803 11.14 24.93 -35.30
N ASN F 804 10.21 25.83 -34.96
CA ASN F 804 8.99 25.48 -34.17
C ASN F 804 7.77 25.53 -35.08
N PRO F 805 7.06 24.41 -35.30
CA PRO F 805 5.75 24.44 -35.96
C PRO F 805 4.71 25.15 -35.08
N LEU F 806 4.09 26.21 -35.61
CA LEU F 806 2.98 26.97 -34.96
C LEU F 806 1.66 26.26 -35.26
N LYS F 807 0.61 26.53 -34.47
CA LYS F 807 -0.68 25.80 -34.54
C LYS F 807 -1.48 26.24 -35.77
N ASN F 808 -1.42 27.52 -36.17
CA ASN F 808 -2.21 28.05 -37.32
C ASN F 808 -1.63 27.56 -38.66
N GLY F 809 -0.47 26.92 -38.66
CA GLY F 809 0.12 26.26 -39.85
C GLY F 809 1.37 26.95 -40.38
N SER F 810 1.84 28.04 -39.76
CA SER F 810 3.13 28.68 -40.09
C SER F 810 4.26 27.98 -39.33
N TYR F 811 5.50 28.41 -39.50
CA TYR F 811 6.68 27.87 -38.78
C TYR F 811 7.54 29.03 -38.26
N LEU F 812 8.00 28.96 -37.03
CA LEU F 812 8.94 29.96 -36.45
C LEU F 812 10.37 29.43 -36.65
N VAL F 813 11.25 30.20 -37.31
CA VAL F 813 12.63 29.76 -37.66
C VAL F 813 13.69 30.71 -37.08
N LEU F 814 14.69 30.15 -36.41
CA LEU F 814 15.95 30.87 -36.07
C LEU F 814 17.14 29.95 -36.40
N ALA F 815 18.06 30.39 -37.27
CA ALA F 815 19.10 29.51 -37.87
C ALA F 815 20.36 30.31 -38.22
N SER F 816 21.54 29.70 -38.05
CA SER F 816 22.84 30.35 -38.29
C SER F 816 23.17 30.35 -39.78
N SER F 817 22.39 29.64 -40.61
CA SER F 817 22.62 29.47 -42.08
C SER F 817 21.31 29.54 -42.87
N THR F 818 21.38 30.01 -44.12
CA THR F 818 20.23 30.19 -45.04
C THR F 818 19.73 28.83 -45.58
N ASP F 819 18.43 28.76 -45.88
CA ASP F 819 17.78 27.67 -46.66
C ASP F 819 16.38 28.14 -47.05
N CYS F 820 15.93 27.82 -48.27
CA CYS F 820 14.61 28.23 -48.84
C CYS F 820 14.40 29.74 -48.79
N GLN F 821 15.48 30.54 -48.95
CA GLN F 821 15.46 32.01 -49.10
C GLN F 821 15.27 32.73 -47.76
N ILE F 822 15.29 32.02 -46.62
CA ILE F 822 15.04 32.58 -45.26
C ILE F 822 16.34 33.21 -44.77
N PRO F 823 16.42 34.53 -44.47
CA PRO F 823 17.66 35.14 -44.02
C PRO F 823 18.19 34.56 -42.71
N PRO F 824 19.51 34.51 -42.48
CA PRO F 824 20.07 34.01 -41.22
C PRO F 824 20.10 35.05 -40.07
N TYR F 825 20.25 34.57 -38.83
CA TYR F 825 20.52 35.35 -37.59
C TYR F 825 19.27 36.07 -37.04
N VAL F 826 18.44 36.69 -37.88
CA VAL F 826 17.13 37.34 -37.46
C VAL F 826 16.03 36.29 -37.50
N PRO F 827 15.16 36.14 -36.47
CA PRO F 827 14.06 35.16 -36.52
C PRO F 827 12.89 35.63 -37.41
N SER F 828 12.02 34.72 -37.85
CA SER F 828 10.85 35.07 -38.70
C SER F 828 9.76 34.00 -38.69
N ILE F 829 8.51 34.41 -38.91
CA ILE F 829 7.33 33.54 -39.07
C ILE F 829 7.16 33.23 -40.56
N VAL F 830 7.25 31.96 -40.94
CA VAL F 830 7.38 31.47 -42.35
C VAL F 830 6.14 30.66 -42.75
N THR F 831 5.64 30.88 -43.96
CA THR F 831 4.46 30.22 -44.58
C THR F 831 4.76 29.90 -46.05
N VAL F 832 4.30 28.76 -46.57
CA VAL F 832 4.61 28.30 -47.96
C VAL F 832 3.31 27.88 -48.68
N ASN F 833 3.25 28.06 -50.00
CA ASN F 833 2.03 27.76 -50.81
C ASN F 833 2.03 26.33 -51.37
N GLU F 834 3.00 25.48 -50.99
CA GLU F 834 3.20 24.13 -51.59
C GLU F 834 4.29 23.39 -50.82
N THR F 835 4.03 22.15 -50.40
CA THR F 835 4.89 21.34 -49.49
C THR F 835 6.32 21.22 -50.03
N THR F 836 7.32 21.52 -49.19
CA THR F 836 8.77 21.51 -49.52
C THR F 836 9.62 21.16 -48.29
N SER F 837 10.85 20.69 -48.51
CA SER F 837 11.82 20.29 -47.46
C SER F 837 12.80 21.44 -47.19
N CYS F 838 12.82 21.96 -45.96
CA CYS F 838 13.74 23.05 -45.51
C CYS F 838 14.34 22.67 -44.16
N PHE F 839 15.66 22.86 -44.00
CA PHE F 839 16.42 22.50 -42.77
C PHE F 839 16.17 21.02 -42.43
N GLY F 840 16.14 20.18 -43.46
CA GLY F 840 15.98 18.72 -43.37
C GLY F 840 14.66 18.30 -42.75
N LEU F 841 13.57 19.06 -42.96
CA LEU F 841 12.21 18.62 -42.59
C LEU F 841 11.16 19.32 -43.46
N ASP F 842 9.95 18.77 -43.50
CA ASP F 842 8.87 19.12 -44.45
C ASP F 842 8.01 20.26 -43.90
N PHE F 843 7.99 21.39 -44.62
CA PHE F 843 7.13 22.58 -44.40
C PHE F 843 5.88 22.45 -45.29
N LYS F 844 4.74 22.10 -44.71
CA LYS F 844 3.48 21.82 -45.46
C LYS F 844 2.68 23.11 -45.68
N ARG F 845 1.90 23.16 -46.77
CA ARG F 845 0.91 24.23 -47.07
C ARG F 845 -0.25 24.13 -46.10
N PRO F 846 -0.65 25.21 -45.40
CA PRO F 846 -1.74 25.14 -44.44
C PRO F 846 -3.15 25.15 -45.07
N LEU F 847 -4.12 24.60 -44.35
CA LEU F 847 -5.55 24.49 -44.72
C LEU F 847 -6.17 25.89 -44.68
N VAL F 848 -6.95 26.25 -45.68
CA VAL F 848 -7.63 27.59 -45.77
C VAL F 848 -8.46 27.80 -44.50
N ALA F 849 -8.40 29.00 -43.91
CA ALA F 849 -9.11 29.38 -42.67
C ALA F 849 -10.11 30.50 -42.95
N GLU F 850 -11.09 30.66 -42.05
CA GLU F 850 -12.14 31.71 -42.06
C GLU F 850 -11.69 32.82 -41.11
N GLU F 851 -11.79 34.09 -41.54
CA GLU F 851 -11.30 35.25 -40.76
C GLU F 851 -12.33 35.64 -39.69
N ARG F 852 -11.87 35.82 -38.46
CA ARG F 852 -12.65 36.29 -37.29
C ARG F 852 -11.95 37.54 -36.73
N LEU F 853 -12.61 38.23 -35.78
CA LEU F 853 -12.05 39.41 -35.04
C LEU F 853 -10.84 38.98 -34.20
N SER F 854 -9.70 39.64 -34.40
CA SER F 854 -8.39 39.35 -33.76
C SER F 854 -8.27 40.08 -32.41
N PHE F 855 -7.44 39.54 -31.51
CA PHE F 855 -7.01 40.14 -30.22
C PHE F 855 -5.50 40.01 -30.06
N GLU F 856 -4.75 39.83 -31.16
CA GLU F 856 -3.27 39.67 -31.14
C GLU F 856 -2.64 40.99 -30.70
N PRO F 857 -1.67 40.97 -29.76
CA PRO F 857 -0.91 42.17 -29.42
C PRO F 857 0.08 42.64 -30.50
N ARG F 858 0.35 43.95 -30.57
CA ARG F 858 1.37 44.58 -31.47
C ARG F 858 2.37 45.37 -30.62
N LEU F 859 3.50 44.77 -30.26
CA LEU F 859 4.56 45.40 -29.42
C LEU F 859 5.23 46.56 -30.17
N PRO F 860 5.74 47.59 -29.46
CA PRO F 860 6.57 48.62 -30.08
C PRO F 860 7.91 48.09 -30.59
N ASN F 861 8.42 48.62 -31.72
CA ASN F 861 9.78 48.29 -32.24
C ASN F 861 10.84 48.96 -31.36
N LEU F 862 12.11 48.59 -31.53
CA LEU F 862 13.21 48.88 -30.58
C LEU F 862 14.56 48.57 -31.25
N GLN F 863 15.41 49.58 -31.46
CA GLN F 863 16.83 49.41 -31.86
C GLN F 863 17.67 49.16 -30.61
N LEU F 864 18.71 48.35 -30.72
CA LEU F 864 19.51 47.90 -29.56
C LEU F 864 20.99 47.85 -29.99
N ARG F 865 21.86 48.66 -29.38
CA ARG F 865 23.31 48.68 -29.70
C ARG F 865 24.07 47.79 -28.71
N LEU F 866 24.82 46.81 -29.21
CA LEU F 866 25.62 45.87 -28.37
C LEU F 866 27.08 46.29 -28.38
N PRO F 867 27.88 45.88 -27.38
CA PRO F 867 29.33 46.06 -27.44
C PRO F 867 29.99 45.32 -28.62
N HIS F 868 31.04 45.93 -29.20
CA HIS F 868 31.75 45.46 -30.41
C HIS F 868 32.26 44.03 -30.24
N LEU F 869 32.77 43.67 -29.07
CA LEU F 869 33.37 42.34 -28.76
C LEU F 869 32.42 41.51 -27.89
N VAL F 870 31.11 41.55 -28.13
CA VAL F 870 30.11 40.80 -27.31
C VAL F 870 30.44 39.29 -27.32
N GLY F 871 30.94 38.76 -28.45
CA GLY F 871 31.26 37.33 -28.64
C GLY F 871 32.38 36.85 -27.74
N ILE F 872 33.42 37.68 -27.53
CA ILE F 872 34.58 37.38 -26.63
C ILE F 872 34.14 37.48 -25.16
N ILE F 873 33.26 38.42 -24.83
CA ILE F 873 32.74 38.62 -23.45
C ILE F 873 31.91 37.39 -23.02
N ALA F 874 31.04 36.89 -23.90
CA ALA F 874 30.17 35.72 -23.63
C ALA F 874 30.98 34.43 -23.56
N LYS F 875 32.10 34.35 -24.29
CA LYS F 875 32.93 33.13 -24.43
C LYS F 875 33.75 32.88 -23.15
N ILE F 876 34.39 33.92 -22.58
CA ILE F 876 35.32 33.77 -21.42
C ILE F 876 34.55 33.70 -20.08
N LYS F 877 33.21 33.73 -20.08
CA LYS F 877 32.41 33.53 -18.84
C LYS F 877 31.92 32.07 -18.75
N GLY F 878 31.60 31.46 -19.89
CA GLY F 878 31.07 30.08 -19.96
C GLY F 878 29.73 29.93 -19.27
N ILE F 879 28.98 31.02 -19.12
CA ILE F 879 27.57 31.05 -18.63
C ILE F 879 26.84 32.21 -19.31
N LYS F 880 25.52 32.23 -19.23
CA LYS F 880 24.67 33.34 -19.75
C LYS F 880 24.89 34.57 -18.86
N ILE F 881 25.31 35.69 -19.46
CA ILE F 881 25.83 36.89 -18.73
C ILE F 881 25.09 38.14 -19.25
N GLU F 882 24.87 39.13 -18.37
CA GLU F 882 24.19 40.42 -18.69
C GLU F 882 25.20 41.37 -19.36
N VAL F 883 24.87 41.95 -20.51
CA VAL F 883 25.85 42.75 -21.31
C VAL F 883 25.44 44.23 -21.44
N THR F 884 24.16 44.59 -21.31
CA THR F 884 23.65 46.00 -21.40
C THR F 884 22.24 46.12 -20.80
N SER F 885 21.68 47.33 -20.83
CA SER F 885 20.24 47.64 -20.67
C SER F 885 19.69 48.26 -21.95
N SER F 886 18.38 48.10 -22.19
CA SER F 886 17.60 48.72 -23.29
C SER F 886 18.01 50.18 -23.49
N GLY F 887 18.13 50.94 -22.39
CA GLY F 887 18.27 52.41 -22.40
C GLY F 887 19.56 52.88 -21.75
N GLU F 888 20.69 52.31 -22.15
CA GLU F 888 22.03 52.61 -21.58
C GLU F 888 22.79 53.54 -22.54
N SER F 889 23.67 54.39 -22.00
CA SER F 889 24.54 55.32 -22.77
C SER F 889 25.74 54.58 -23.38
N ILE F 890 26.34 55.15 -24.42
CA ILE F 890 27.55 54.59 -25.10
C ILE F 890 28.68 54.46 -24.06
N LYS F 891 28.86 55.47 -23.20
CA LYS F 891 29.98 55.54 -22.23
C LYS F 891 29.84 54.43 -21.17
N GLU F 892 28.68 54.30 -20.53
CA GLU F 892 28.43 53.29 -19.46
C GLU F 892 28.56 51.88 -20.03
N GLN F 893 27.95 51.63 -21.20
CA GLN F 893 28.02 50.33 -21.91
C GLN F 893 29.47 49.88 -22.10
N ILE F 894 30.35 50.78 -22.56
CA ILE F 894 31.78 50.46 -22.84
C ILE F 894 32.50 50.18 -21.52
N GLU F 895 32.47 51.12 -20.57
CA GLU F 895 33.12 50.95 -19.24
C GLU F 895 32.33 49.91 -18.46
N ARG F 896 32.47 48.62 -18.82
CA ARG F 896 31.63 47.51 -18.27
C ARG F 896 32.35 46.15 -18.37
N ALA F 897 33.06 45.90 -19.47
CA ALA F 897 33.98 44.76 -19.66
C ALA F 897 35.38 45.22 -20.10
N LYS F 898 35.67 46.53 -20.03
CA LYS F 898 36.93 47.12 -20.56
C LYS F 898 38.16 46.62 -19.77
N ALA F 899 38.14 46.68 -18.43
CA ALA F 899 39.24 46.24 -17.55
C ALA F 899 39.49 44.74 -17.75
N GLU F 900 38.41 43.95 -17.62
CA GLU F 900 38.36 42.50 -17.93
C GLU F 900 39.05 42.26 -19.27
N LEU F 901 38.59 42.94 -20.33
CA LEU F 901 39.09 42.70 -21.72
C LEU F 901 40.55 43.11 -21.86
N LEU F 902 40.97 44.25 -21.29
CA LEU F 902 42.39 44.73 -21.37
C LEU F 902 43.36 43.68 -20.79
N ARG F 903 42.94 42.96 -19.75
CA ARG F 903 43.81 42.01 -18.99
C ARG F 903 43.85 40.62 -19.66
N LEU F 904 43.22 40.42 -20.82
CA LEU F 904 43.50 39.30 -21.76
C LEU F 904 44.72 39.67 -22.61
N ASP F 905 45.89 39.86 -21.99
CA ASP F 905 47.08 40.44 -22.67
C ASP F 905 47.87 39.32 -23.37
N ILE F 906 48.86 39.71 -24.16
CA ILE F 906 49.79 38.79 -24.89
C ILE F 906 50.61 37.99 -23.86
N HIS F 907 50.91 36.71 -24.14
CA HIS F 907 51.65 35.78 -23.26
C HIS F 907 52.69 35.00 -24.07
N GLU F 908 53.80 34.58 -23.44
CA GLU F 908 54.91 33.76 -24.02
C GLU F 908 54.43 32.40 -24.52
N GLY F 909 53.24 31.94 -24.10
CA GLY F 909 52.81 30.53 -24.18
C GLY F 909 51.71 30.30 -25.20
N ASP F 910 51.09 31.36 -25.76
CA ASP F 910 50.02 31.23 -26.79
C ASP F 910 49.97 32.48 -27.69
N THR F 911 51.14 33.03 -28.06
CA THR F 911 51.26 34.24 -28.93
C THR F 911 50.51 34.02 -30.25
N PRO F 912 50.73 32.88 -30.97
CA PRO F 912 50.01 32.62 -32.20
C PRO F 912 48.49 32.58 -32.04
N ALA F 913 48.01 31.93 -30.97
CA ALA F 913 46.56 31.79 -30.68
C ALA F 913 45.97 33.14 -30.29
N TRP F 914 46.75 33.98 -29.59
CA TRP F 914 46.37 35.38 -29.23
C TRP F 914 46.30 36.22 -30.52
N ILE F 915 47.36 36.25 -31.33
CA ILE F 915 47.44 37.06 -32.58
C ILE F 915 46.24 36.77 -33.49
N GLN F 916 45.76 35.52 -33.53
CA GLN F 916 44.60 35.10 -34.37
C GLN F 916 43.29 35.69 -33.82
N GLN F 917 43.19 35.93 -32.51
CA GLN F 917 42.00 36.59 -31.88
C GLN F 917 41.97 38.08 -32.26
N LEU F 918 43.12 38.76 -32.11
CA LEU F 918 43.34 40.19 -32.45
C LEU F 918 42.91 40.46 -33.90
N ALA F 919 43.16 39.53 -34.82
CA ALA F 919 42.81 39.67 -36.25
C ALA F 919 41.28 39.66 -36.41
N ALA F 920 40.65 38.57 -35.95
CA ALA F 920 39.18 38.39 -35.88
C ALA F 920 38.51 39.60 -35.22
N ALA F 921 39.13 40.20 -34.18
CA ALA F 921 38.64 41.42 -33.51
C ALA F 921 38.80 42.67 -34.40
N THR F 922 39.85 42.73 -35.23
CA THR F 922 40.28 43.93 -36.02
C THR F 922 39.63 43.95 -37.41
N LYS F 923 39.15 42.79 -37.89
CA LYS F 923 38.73 42.56 -39.30
C LYS F 923 37.76 43.64 -39.80
N ASP F 924 36.69 43.93 -39.04
CA ASP F 924 35.62 44.89 -39.43
C ASP F 924 36.13 46.34 -39.36
N VAL F 925 37.00 46.63 -38.38
CA VAL F 925 37.58 47.98 -38.14
C VAL F 925 38.58 48.29 -39.25
N TRP F 926 39.64 47.48 -39.39
CA TRP F 926 40.79 47.75 -40.30
C TRP F 926 41.20 46.48 -41.06
N PRO F 927 40.50 46.15 -42.17
CA PRO F 927 40.76 44.90 -42.92
C PRO F 927 42.20 44.67 -43.41
N ALA F 928 42.92 45.74 -43.74
CA ALA F 928 44.35 45.71 -44.17
C ALA F 928 45.22 45.15 -43.05
N ALA F 929 45.03 45.63 -41.82
CA ALA F 929 45.80 45.20 -40.62
C ALA F 929 45.50 43.73 -40.28
N ALA F 930 44.22 43.35 -40.34
CA ALA F 930 43.75 41.97 -40.06
C ALA F 930 44.55 40.97 -40.92
N SER F 931 44.55 41.17 -42.24
CA SER F 931 45.25 40.32 -43.24
C SER F 931 46.74 40.20 -42.90
N ALA F 932 47.38 41.30 -42.48
CA ALA F 932 48.78 41.31 -42.00
C ALA F 932 48.89 40.42 -40.76
N LEU F 933 48.16 40.74 -39.68
CA LEU F 933 48.21 40.01 -38.39
C LEU F 933 48.02 38.50 -38.63
N GLN F 934 47.01 38.14 -39.43
CA GLN F 934 46.70 36.74 -39.80
C GLN F 934 47.93 36.07 -40.42
N GLY F 935 48.68 36.80 -41.26
CA GLY F 935 49.90 36.31 -41.92
C GLY F 935 51.00 35.99 -40.92
N ILE F 936 51.31 36.94 -40.03
CA ILE F 936 52.32 36.83 -38.95
C ILE F 936 51.87 35.75 -37.96
N GLY F 937 50.57 35.51 -37.83
CA GLY F 937 50.02 34.37 -37.09
C GLY F 937 50.49 33.03 -37.66
N ASN F 938 50.19 32.78 -38.94
CA ASN F 938 50.45 31.50 -39.65
C ASN F 938 51.96 31.24 -39.82
N PHE F 939 52.79 32.29 -39.82
CA PHE F 939 54.28 32.19 -39.90
C PHE F 939 54.83 31.51 -38.65
N LEU F 940 54.36 31.92 -37.46
CA LEU F 940 54.82 31.36 -36.15
C LEU F 940 54.27 29.94 -35.95
N SER F 941 53.14 29.60 -36.57
CA SER F 941 52.42 28.31 -36.38
C SER F 941 52.86 27.27 -37.43
N GLY F 942 52.94 27.66 -38.71
CA GLY F 942 52.94 26.76 -39.88
C GLY F 942 54.30 26.60 -40.52
N THR F 943 54.90 27.70 -40.99
CA THR F 943 56.24 27.75 -41.66
C THR F 943 57.22 26.87 -40.87
N ALA F 944 58.04 26.08 -41.59
CA ALA F 944 58.91 25.02 -41.03
C ALA F 944 58.02 24.00 -40.30
N GLN F 945 58.36 23.64 -39.05
CA GLN F 945 57.48 22.84 -38.15
C GLN F 945 57.05 23.72 -36.97
N GLY F 946 56.86 25.02 -37.21
CA GLY F 946 56.56 26.03 -36.18
C GLY F 946 57.78 26.41 -35.35
N ILE F 947 58.98 26.16 -35.88
CA ILE F 947 60.30 26.33 -35.17
C ILE F 947 60.45 27.77 -34.64
N PHE F 948 59.95 28.78 -35.37
CA PHE F 948 60.06 30.21 -34.99
C PHE F 948 59.15 30.49 -33.79
N GLY F 949 57.91 29.97 -33.82
CA GLY F 949 57.00 29.97 -32.67
C GLY F 949 57.70 29.47 -31.43
N THR F 950 58.24 28.25 -31.52
CA THR F 950 59.09 27.57 -30.50
C THR F 950 60.19 28.54 -30.02
N ALA F 951 61.04 29.00 -30.95
CA ALA F 951 62.20 29.89 -30.66
C ALA F 951 61.74 31.11 -29.84
N PHE F 952 60.70 31.80 -30.32
CA PHE F 952 60.18 33.05 -29.66
C PHE F 952 59.57 32.71 -28.29
N SER F 953 58.74 31.67 -28.22
CA SER F 953 58.17 31.16 -26.94
C SER F 953 59.28 30.97 -25.92
N LEU F 954 60.37 30.28 -26.31
CA LEU F 954 61.52 29.97 -25.43
C LEU F 954 62.25 31.25 -25.04
N LEU F 955 62.63 32.09 -26.02
CA LEU F 955 63.32 33.37 -25.72
C LEU F 955 62.47 34.24 -24.79
N GLY F 956 61.13 34.16 -24.88
CA GLY F 956 60.20 34.85 -23.97
C GLY F 956 60.35 34.41 -22.51
N TYR F 957 60.35 33.10 -22.26
CA TYR F 957 60.47 32.50 -20.90
C TYR F 957 61.87 32.73 -20.32
N LEU F 958 62.90 32.91 -21.15
CA LEU F 958 64.31 33.10 -20.67
C LEU F 958 64.57 34.54 -20.18
N LYS F 959 63.69 35.51 -20.49
CA LYS F 959 63.92 36.96 -20.27
C LYS F 959 64.65 37.23 -18.95
N PRO F 960 64.16 36.78 -17.76
CA PRO F 960 64.86 37.04 -16.49
C PRO F 960 66.33 36.57 -16.42
N ILE F 961 66.67 35.40 -16.99
CA ILE F 961 68.06 34.89 -17.03
C ILE F 961 68.94 35.87 -17.83
N LEU F 962 68.47 36.26 -19.02
CA LEU F 962 69.22 37.13 -19.97
C LEU F 962 69.61 38.44 -19.27
N ILE F 963 68.65 39.11 -18.62
CA ILE F 963 68.89 40.36 -17.86
C ILE F 963 70.03 40.12 -16.86
N GLY F 964 69.88 39.08 -16.02
CA GLY F 964 70.86 38.68 -14.99
C GLY F 964 72.27 38.60 -15.55
N VAL F 965 72.45 37.90 -16.68
CA VAL F 965 73.73 37.78 -17.41
C VAL F 965 74.17 39.16 -17.88
N GLY F 966 73.31 39.86 -18.63
CA GLY F 966 73.53 41.23 -19.11
C GLY F 966 74.12 42.13 -18.04
N VAL F 967 73.55 42.08 -16.82
CA VAL F 967 74.01 42.89 -15.65
C VAL F 967 75.45 42.50 -15.29
N ILE F 968 75.76 41.19 -15.28
CA ILE F 968 77.12 40.67 -14.93
C ILE F 968 78.15 41.18 -15.95
N LEU F 969 77.77 41.28 -17.23
CA LEU F 969 78.67 41.78 -18.31
C LEU F 969 79.05 43.25 -18.06
N LEU F 970 78.06 44.10 -17.77
CA LEU F 970 78.27 45.55 -17.46
C LEU F 970 79.29 45.69 -16.31
N VAL F 971 79.10 44.95 -15.22
CA VAL F 971 79.92 45.02 -13.97
C VAL F 971 81.37 44.64 -14.30
N ILE F 972 81.59 43.70 -15.23
CA ILE F 972 82.94 43.35 -15.75
C ILE F 972 83.46 44.51 -16.61
N LEU F 973 82.69 44.88 -17.65
CA LEU F 973 83.06 45.94 -18.63
C LEU F 973 83.52 47.21 -17.91
N ILE F 974 82.73 47.69 -16.93
CA ILE F 974 83.01 48.96 -16.19
C ILE F 974 84.39 48.85 -15.53
N PHE F 975 84.61 47.79 -14.74
CA PHE F 975 85.88 47.52 -14.02
C PHE F 975 87.03 47.43 -15.03
N LYS F 976 86.87 46.60 -16.07
CA LYS F 976 87.91 46.40 -17.12
C LYS F 976 88.23 47.73 -17.81
N ILE F 977 87.25 48.60 -18.04
CA ILE F 977 87.43 49.95 -18.65
C ILE F 977 88.18 50.84 -17.65
N VAL F 978 87.66 50.99 -16.43
CA VAL F 978 88.28 51.86 -15.37
C VAL F 978 89.73 51.41 -15.13
N SER F 979 90.02 50.11 -15.22
CA SER F 979 91.39 49.54 -15.08
C SER F 979 92.15 49.58 -16.42
N TRP F 980 91.83 50.51 -17.32
CA TRP F 980 92.69 50.91 -18.48
C TRP F 980 93.15 52.37 -18.33
N ILE F 981 92.32 53.26 -17.76
CA ILE F 981 92.59 54.72 -17.67
C ILE F 981 93.82 54.93 -16.78
N PRO F 982 94.83 55.72 -17.21
CA PRO F 982 96.02 56.01 -16.38
C PRO F 982 95.67 56.68 -15.04
N TYR G 59 96.02 34.83 -42.52
CA TYR G 59 95.93 35.17 -41.06
C TYR G 59 95.18 36.50 -40.88
N THR G 60 95.65 37.55 -41.57
CA THR G 60 95.05 38.91 -41.59
C THR G 60 93.59 38.82 -42.05
N CYS G 61 93.34 38.06 -43.12
CA CYS G 61 91.99 37.76 -43.68
C CYS G 61 91.12 37.06 -42.64
N CYS G 62 91.68 36.09 -41.90
CA CYS G 62 90.99 35.31 -40.83
C CYS G 62 90.65 36.24 -39.65
N ALA G 63 91.59 37.11 -39.26
CA ALA G 63 91.42 38.13 -38.20
C ALA G 63 90.35 39.16 -38.61
N THR G 64 90.40 39.63 -39.86
CA THR G 64 89.43 40.59 -40.46
C THR G 64 88.04 39.94 -40.51
N SER G 65 87.95 38.69 -40.99
CA SER G 65 86.72 37.88 -41.09
C SER G 65 86.03 37.80 -39.72
N SER G 66 86.79 37.45 -38.68
CA SER G 66 86.32 37.36 -37.26
C SER G 66 85.69 38.68 -36.82
N ARG G 67 86.37 39.81 -37.10
CA ARG G 67 85.87 41.19 -36.81
C ARG G 67 84.55 41.43 -37.54
N VAL G 68 84.55 41.30 -38.87
CA VAL G 68 83.37 41.59 -39.75
C VAL G 68 82.18 40.70 -39.31
N LEU G 69 82.43 39.42 -39.04
CA LEU G 69 81.42 38.44 -38.56
C LEU G 69 80.74 38.96 -37.30
N ALA G 70 81.54 39.35 -36.29
CA ALA G 70 81.08 39.83 -34.96
C ALA G 70 80.17 41.06 -35.11
N TRP G 71 80.53 42.00 -36.00
CA TRP G 71 79.75 43.24 -36.29
C TRP G 71 78.37 42.86 -36.85
N ILE G 72 78.34 42.03 -37.90
CA ILE G 72 77.09 41.55 -38.56
C ILE G 72 76.26 40.76 -37.53
N PHE G 73 76.92 39.94 -36.70
CA PHE G 73 76.28 39.16 -35.60
C PHE G 73 75.68 40.11 -34.54
N LEU G 74 76.34 41.23 -34.23
CA LEU G 74 75.85 42.26 -33.29
C LEU G 74 74.64 42.97 -33.91
N VAL G 75 74.79 43.47 -35.15
CA VAL G 75 73.72 44.23 -35.89
C VAL G 75 72.49 43.32 -36.05
N CYS G 76 72.70 42.04 -36.39
CA CYS G 76 71.65 40.99 -36.49
C CYS G 76 70.73 41.00 -35.27
N ILE G 77 71.31 40.99 -34.06
CA ILE G 77 70.58 40.95 -32.76
C ILE G 77 69.87 42.29 -32.52
N LEU G 78 70.62 43.39 -32.56
CA LEU G 78 70.11 44.76 -32.26
C LEU G 78 68.92 45.10 -33.16
N LEU G 79 68.82 44.52 -34.36
CA LEU G 79 67.64 44.67 -35.26
C LEU G 79 66.47 43.81 -34.75
N ILE G 80 66.74 42.55 -34.38
CA ILE G 80 65.73 41.60 -33.82
C ILE G 80 65.12 42.20 -32.56
N ILE G 81 65.94 42.80 -31.69
CA ILE G 81 65.47 43.52 -30.46
C ILE G 81 64.44 44.60 -30.87
N VAL G 82 64.73 45.36 -31.92
CA VAL G 82 63.88 46.49 -32.41
C VAL G 82 62.62 45.95 -33.11
N LEU G 83 62.71 44.82 -33.83
CA LEU G 83 61.52 44.25 -34.54
C LEU G 83 60.49 43.69 -33.54
N VAL G 84 60.94 42.93 -32.54
CA VAL G 84 60.05 42.33 -31.49
C VAL G 84 59.41 43.46 -30.67
N SER G 85 60.21 44.40 -30.18
CA SER G 85 59.78 45.57 -29.34
C SER G 85 58.65 46.35 -30.05
N CYS G 86 58.80 46.61 -31.35
CA CYS G 86 57.80 47.37 -32.16
C CYS G 86 56.51 46.56 -32.32
N PHE G 87 56.61 45.24 -32.50
CA PHE G 87 55.41 44.36 -32.68
C PHE G 87 54.56 44.34 -31.41
N VAL G 88 55.19 44.23 -30.23
CA VAL G 88 54.47 44.17 -28.92
C VAL G 88 53.72 45.49 -28.71
N THR G 89 54.36 46.64 -28.98
CA THR G 89 53.78 47.99 -28.80
C THR G 89 52.51 48.16 -29.66
N ILE G 90 52.57 47.77 -30.93
CA ILE G 90 51.50 48.07 -31.94
C ILE G 90 50.33 47.11 -31.74
N SER G 91 50.60 45.82 -31.52
CA SER G 91 49.54 44.78 -31.33
C SER G 91 48.71 45.11 -30.08
N ARG G 92 49.33 45.62 -29.02
CA ARG G 92 48.65 45.90 -27.72
C ARG G 92 47.79 47.16 -27.84
N ILE G 93 48.27 48.19 -28.54
CA ILE G 93 47.49 49.45 -28.78
C ILE G 93 46.23 49.11 -29.58
N GLN G 94 46.38 48.42 -30.72
CA GLN G 94 45.25 48.04 -31.62
C GLN G 94 44.16 47.34 -30.82
N TRP G 95 44.53 46.43 -29.91
CA TRP G 95 43.60 45.69 -29.00
C TRP G 95 42.80 46.71 -28.19
N ASN G 96 43.46 47.74 -27.65
CA ASN G 96 42.83 48.81 -26.84
C ASN G 96 41.78 49.54 -27.70
N LYS G 97 42.13 49.86 -28.94
CA LYS G 97 41.24 50.58 -29.89
C LYS G 97 40.08 49.68 -30.31
N ASP G 98 40.32 48.38 -30.52
CA ASP G 98 39.28 47.37 -30.85
C ASP G 98 38.21 47.34 -29.75
N ILE G 99 38.59 47.53 -28.49
CA ILE G 99 37.67 47.41 -27.32
C ILE G 99 36.66 48.57 -27.33
N GLN G 100 37.06 49.77 -27.79
CA GLN G 100 36.28 51.03 -27.60
C GLN G 100 35.53 51.44 -28.88
N VAL G 101 35.58 50.66 -29.96
CA VAL G 101 34.85 50.92 -31.23
C VAL G 101 33.34 50.78 -30.96
N LEU G 102 32.48 51.42 -31.75
CA LEU G 102 31.00 51.21 -31.70
C LEU G 102 30.68 49.82 -32.23
N GLY G 103 29.76 49.10 -31.57
CA GLY G 103 29.37 47.72 -31.91
C GLY G 103 28.18 47.68 -32.86
N PRO G 104 27.64 46.48 -33.17
CA PRO G 104 26.52 46.36 -34.11
C PRO G 104 25.19 46.88 -33.56
N VAL G 105 24.20 47.06 -34.44
CA VAL G 105 22.79 47.44 -34.07
C VAL G 105 21.84 46.34 -34.57
N ILE G 106 20.85 45.96 -33.76
CA ILE G 106 19.81 44.95 -34.15
C ILE G 106 18.43 45.59 -33.95
N ASP G 107 17.51 45.36 -34.88
CA ASP G 107 16.15 45.98 -34.88
C ASP G 107 15.06 45.01 -35.36
N TRP G 108 15.35 43.71 -35.52
CA TRP G 108 14.36 42.64 -35.81
C TRP G 108 13.61 42.88 -37.15
N ASN G 109 14.12 43.71 -38.04
CA ASN G 109 13.54 43.98 -39.39
C ASN G 109 14.03 42.92 -40.38
N VAL G 110 13.14 42.06 -40.88
CA VAL G 110 13.48 40.97 -41.85
C VAL G 110 13.77 41.58 -43.23
N THR G 111 12.89 42.45 -43.73
CA THR G 111 12.99 43.12 -45.06
C THR G 111 14.40 43.66 -45.31
N GLN G 112 15.06 44.17 -44.27
CA GLN G 112 16.41 44.79 -44.31
C GLN G 112 17.48 43.76 -44.69
N ARG G 113 17.27 42.46 -44.38
CA ARG G 113 18.30 41.40 -44.50
C ARG G 113 18.00 40.46 -45.66
N ALA G 114 17.10 40.84 -46.59
CA ALA G 114 16.71 40.04 -47.77
C ALA G 114 17.91 39.87 -48.71
N VAL G 115 18.12 38.66 -49.22
CA VAL G 115 19.22 38.31 -50.18
C VAL G 115 18.60 37.65 -51.42
N TYR G 116 18.80 38.26 -52.60
CA TYR G 116 18.19 37.86 -53.90
C TYR G 116 19.26 37.21 -54.79
N TYR H 59 95.89 49.79 9.94
CA TYR H 59 95.30 50.72 8.94
C TYR H 59 95.19 50.00 7.58
N THR H 60 96.32 49.47 7.09
CA THR H 60 96.43 48.69 5.82
C THR H 60 95.48 47.49 5.87
N CYS H 61 95.46 46.77 7.00
CA CYS H 61 94.54 45.63 7.29
C CYS H 61 93.08 46.09 7.22
N CYS H 62 92.77 47.26 7.80
CA CYS H 62 91.41 47.86 7.82
C CYS H 62 90.98 48.25 6.39
N ALA H 63 91.90 48.85 5.62
CA ALA H 63 91.71 49.25 4.21
C ALA H 63 91.50 47.99 3.34
N THR H 64 92.32 46.94 3.55
CA THR H 64 92.24 45.63 2.85
C THR H 64 90.91 44.94 3.19
N SER H 65 90.54 44.92 4.47
CA SER H 65 89.28 44.34 5.00
C SER H 65 88.07 44.95 4.29
N SER H 66 88.04 46.29 4.20
CA SER H 66 86.97 47.09 3.52
C SER H 66 86.84 46.65 2.06
N ARG H 67 87.97 46.50 1.35
CA ARG H 67 88.04 46.02 -0.05
C ARG H 67 87.45 44.60 -0.15
N VAL H 68 88.01 43.65 0.62
CA VAL H 68 87.62 42.21 0.59
C VAL H 68 86.13 42.08 0.92
N LEU H 69 85.65 42.81 1.93
CA LEU H 69 84.23 42.84 2.37
C LEU H 69 83.33 43.23 1.19
N ALA H 70 83.65 44.33 0.50
CA ALA H 70 82.88 44.89 -0.63
C ALA H 70 82.76 43.87 -1.78
N TRP H 71 83.85 43.16 -2.08
CA TRP H 71 83.89 42.10 -3.14
C TRP H 71 82.92 40.96 -2.79
N ILE H 72 83.04 40.42 -1.57
CA ILE H 72 82.16 39.32 -1.06
C ILE H 72 80.71 39.81 -1.03
N PHE H 73 80.49 41.07 -0.62
CA PHE H 73 79.15 41.73 -0.60
C PHE H 73 78.59 41.87 -2.02
N LEU H 74 79.45 42.17 -3.01
CA LEU H 74 79.05 42.26 -4.45
C LEU H 74 78.70 40.86 -4.97
N VAL H 75 79.61 39.89 -4.77
CA VAL H 75 79.44 38.47 -5.25
C VAL H 75 78.17 37.87 -4.61
N CYS H 76 77.95 38.13 -3.31
CA CYS H 76 76.74 37.74 -2.54
C CYS H 76 75.47 38.08 -3.32
N ILE H 77 75.35 39.33 -3.79
CA ILE H 77 74.15 39.86 -4.51
C ILE H 77 74.06 39.21 -5.90
N LEU H 78 75.14 39.32 -6.69
CA LEU H 78 75.17 38.83 -8.09
C LEU H 78 74.81 37.34 -8.17
N LEU H 79 75.04 36.57 -7.10
CA LEU H 79 74.61 35.14 -7.00
C LEU H 79 73.09 35.07 -6.72
N ILE H 80 72.60 35.88 -5.77
CA ILE H 80 71.15 35.96 -5.40
C ILE H 80 70.34 36.35 -6.65
N ILE H 81 70.84 37.32 -7.44
CA ILE H 81 70.20 37.72 -8.73
C ILE H 81 70.05 36.48 -9.64
N VAL H 82 71.08 35.65 -9.72
CA VAL H 82 71.13 34.44 -10.61
C VAL H 82 70.23 33.33 -10.02
N LEU H 83 70.17 33.18 -8.69
CA LEU H 83 69.34 32.11 -8.07
C LEU H 83 67.84 32.40 -8.25
N VAL H 84 67.39 33.63 -8.02
CA VAL H 84 65.96 34.05 -8.16
C VAL H 84 65.55 33.95 -9.64
N SER H 85 66.36 34.50 -10.54
CA SER H 85 66.12 34.51 -12.01
C SER H 85 65.91 33.09 -12.56
N CYS H 86 66.73 32.12 -12.12
CA CYS H 86 66.65 30.71 -12.56
C CYS H 86 65.38 30.05 -12.00
N PHE H 87 64.98 30.36 -10.76
CA PHE H 87 63.77 29.76 -10.15
C PHE H 87 62.50 30.20 -10.89
N VAL H 88 62.40 31.49 -11.26
CA VAL H 88 61.20 32.03 -11.96
C VAL H 88 61.08 31.35 -13.33
N THR H 89 62.19 31.21 -14.06
CA THR H 89 62.23 30.59 -15.43
C THR H 89 61.71 29.13 -15.37
N ILE H 90 62.18 28.34 -14.42
CA ILE H 90 61.94 26.86 -14.36
C ILE H 90 60.53 26.58 -13.84
N SER H 91 60.09 27.29 -12.80
CA SER H 91 58.75 27.10 -12.18
C SER H 91 57.65 27.43 -13.22
N ARG H 92 57.86 28.44 -14.06
CA ARG H 92 56.85 28.91 -15.05
C ARG H 92 56.78 27.94 -16.23
N ILE H 93 57.90 27.40 -16.68
CA ILE H 93 57.95 26.37 -17.78
C ILE H 93 57.19 25.12 -17.32
N GLN H 94 57.54 24.57 -16.16
CA GLN H 94 56.92 23.34 -15.60
C GLN H 94 55.40 23.47 -15.57
N TRP H 95 54.88 24.64 -15.17
CA TRP H 95 53.42 24.97 -15.15
C TRP H 95 52.85 24.79 -16.55
N ASN H 96 53.55 25.29 -17.57
CA ASN H 96 53.15 25.18 -19.00
C ASN H 96 53.04 23.71 -19.38
N LYS H 97 54.02 22.89 -19.00
CA LYS H 97 54.08 21.44 -19.31
C LYS H 97 52.97 20.70 -18.55
N ASP H 98 52.73 21.08 -17.28
CA ASP H 98 51.63 20.51 -16.44
C ASP H 98 50.27 20.68 -17.13
N ILE H 99 50.07 21.79 -17.85
CA ILE H 99 48.75 22.13 -18.46
C ILE H 99 48.47 21.18 -19.64
N GLN H 100 49.50 20.72 -20.37
CA GLN H 100 49.34 20.02 -21.68
C GLN H 100 49.52 18.49 -21.55
N VAL H 101 49.74 17.96 -20.33
CA VAL H 101 49.86 16.50 -20.07
C VAL H 101 48.50 15.83 -20.35
N LEU H 102 48.47 14.53 -20.67
CA LEU H 102 47.21 13.74 -20.77
C LEU H 102 46.62 13.57 -19.37
N GLY H 103 45.29 13.72 -19.25
CA GLY H 103 44.56 13.64 -17.96
C GLY H 103 44.06 12.23 -17.68
N PRO H 104 43.27 12.03 -16.60
CA PRO H 104 42.79 10.70 -16.23
C PRO H 104 41.72 10.14 -17.19
N VAL H 105 41.43 8.84 -17.08
CA VAL H 105 40.32 8.15 -17.83
C VAL H 105 39.36 7.54 -16.82
N ILE H 106 38.05 7.65 -17.06
CA ILE H 106 36.99 7.04 -16.21
C ILE H 106 36.10 6.16 -17.08
N ASP H 107 35.72 4.98 -16.59
CA ASP H 107 34.92 3.98 -17.36
C ASP H 107 33.89 3.25 -16.49
N TRP H 108 33.64 3.69 -15.26
CA TRP H 108 32.54 3.19 -14.37
C TRP H 108 32.68 1.68 -14.05
N ASN H 109 33.86 1.08 -14.24
CA ASN H 109 34.14 -0.34 -13.91
C ASN H 109 34.53 -0.46 -12.43
N VAL H 110 33.70 -1.12 -11.61
CA VAL H 110 33.95 -1.30 -10.15
C VAL H 110 35.07 -2.33 -9.94
N THR H 111 35.00 -3.49 -10.60
CA THR H 111 35.98 -4.61 -10.51
C THR H 111 37.43 -4.10 -10.59
N GLN H 112 37.67 -3.09 -11.42
CA GLN H 112 38.99 -2.48 -11.70
C GLN H 112 39.56 -1.80 -10.43
N ARG H 113 38.70 -1.33 -9.52
CA ARG H 113 39.10 -0.47 -8.38
C ARG H 113 39.01 -1.23 -7.05
N ALA H 114 38.91 -2.57 -7.09
CA ALA H 114 38.82 -3.45 -5.90
C ALA H 114 40.11 -3.37 -5.08
N VAL H 115 39.99 -3.26 -3.75
CA VAL H 115 41.16 -3.20 -2.80
C VAL H 115 40.96 -4.29 -1.73
N TYR H 116 41.92 -5.23 -1.64
CA TYR H 116 41.88 -6.43 -0.78
C TYR H 116 42.85 -6.25 0.41
N SER I 127 43.60 -12.44 40.12
CA SER I 127 42.44 -12.19 39.21
C SER I 127 42.92 -11.39 37.99
N LEU I 128 42.36 -11.69 36.80
CA LEU I 128 42.68 -11.00 35.53
C LEU I 128 41.66 -11.39 34.47
N ARG I 129 40.68 -10.51 34.22
CA ARG I 129 39.60 -10.63 33.20
C ARG I 129 40.14 -10.05 31.88
N MET I 130 39.96 -10.74 30.75
CA MET I 130 40.45 -10.28 29.42
C MET I 130 39.37 -10.54 28.36
N GLN I 131 39.55 -9.96 27.16
CA GLN I 131 38.59 -10.01 26.02
C GLN I 131 39.33 -10.43 24.74
N HIS I 132 39.22 -11.67 24.34
CA HIS I 132 39.99 -12.12 23.16
C HIS I 132 39.18 -11.94 21.89
N PRO I 133 39.73 -11.29 20.84
CA PRO I 133 39.03 -11.16 19.56
C PRO I 133 38.89 -12.53 18.87
N VAL I 134 37.74 -12.77 18.23
CA VAL I 134 37.48 -14.05 17.51
C VAL I 134 36.96 -13.77 16.09
N PRO I 135 37.53 -14.31 14.99
CA PRO I 135 37.13 -13.92 13.61
C PRO I 135 35.66 -14.07 13.16
N LYS I 136 35.25 -13.34 12.13
CA LYS I 136 33.87 -13.40 11.54
C LYS I 136 33.87 -12.64 10.20
N TYR I 137 32.74 -12.54 9.49
CA TYR I 137 32.74 -11.88 8.16
C TYR I 137 31.32 -11.64 7.64
N VAL I 138 31.09 -10.60 6.80
CA VAL I 138 29.77 -10.34 6.14
C VAL I 138 29.96 -10.21 4.64
N GLU I 139 29.20 -10.94 3.83
CA GLU I 139 29.36 -10.92 2.35
C GLU I 139 28.78 -9.61 1.79
N VAL I 140 29.47 -8.99 0.83
CA VAL I 140 29.11 -7.67 0.24
C VAL I 140 29.29 -7.72 -1.28
N ASN I 141 28.21 -7.82 -2.06
CA ASN I 141 28.24 -7.81 -3.55
C ASN I 141 28.17 -6.36 -4.07
N MET I 142 28.80 -6.08 -5.20
CA MET I 142 28.86 -4.73 -5.84
C MET I 142 28.75 -4.87 -7.36
N THR I 143 27.97 -4.01 -8.03
CA THR I 143 27.86 -3.97 -9.51
C THR I 143 27.97 -2.53 -10.03
N SER I 144 28.24 -2.40 -11.33
CA SER I 144 28.56 -1.12 -12.01
C SER I 144 27.29 -0.49 -12.60
N ILE I 145 27.42 0.78 -12.98
CA ILE I 145 26.34 1.66 -13.50
C ILE I 145 26.91 2.35 -14.74
N PRO I 146 26.86 1.70 -15.92
CA PRO I 146 27.40 2.29 -17.15
C PRO I 146 26.98 3.73 -17.39
N GLN I 147 27.97 4.62 -17.63
CA GLN I 147 27.81 6.08 -17.88
C GLN I 147 27.37 6.82 -16.60
N GLY I 148 27.20 6.13 -15.47
CA GLY I 148 26.66 6.75 -14.25
C GLY I 148 25.17 7.03 -14.33
N VAL I 149 24.44 6.35 -15.23
CA VAL I 149 22.96 6.48 -15.38
C VAL I 149 22.28 5.37 -14.59
N TYR I 150 21.41 5.71 -13.63
CA TYR I 150 20.45 4.77 -12.98
C TYR I 150 19.01 5.15 -13.41
N TYR I 151 18.00 4.32 -13.09
CA TYR I 151 16.60 4.47 -13.56
C TYR I 151 15.60 3.97 -12.52
N GLU I 152 14.35 4.45 -12.64
CA GLU I 152 13.17 4.10 -11.80
C GLU I 152 11.94 3.97 -12.70
N PRO I 153 10.97 3.08 -12.44
CA PRO I 153 9.79 2.99 -13.30
C PRO I 153 8.92 4.26 -13.37
N HIS I 154 8.26 4.44 -14.52
CA HIS I 154 7.32 5.55 -14.86
C HIS I 154 6.02 4.88 -15.28
N PRO I 155 5.14 4.49 -14.34
CA PRO I 155 3.99 3.68 -14.64
C PRO I 155 2.88 4.25 -15.54
N GLU I 156 2.80 5.56 -15.58
CA GLU I 156 1.75 6.27 -16.37
C GLU I 156 2.11 6.11 -17.88
N PRO I 157 1.15 5.89 -18.77
CA PRO I 157 1.42 5.99 -20.19
C PRO I 157 1.89 7.33 -20.72
N ILE I 158 2.52 7.39 -21.85
CA ILE I 158 2.96 8.61 -22.55
C ILE I 158 2.33 8.67 -23.93
N VAL I 159 1.52 9.65 -24.24
CA VAL I 159 0.81 9.89 -25.52
C VAL I 159 1.48 11.01 -26.31
N VAL I 160 1.85 10.78 -27.56
CA VAL I 160 2.36 11.85 -28.50
C VAL I 160 1.15 12.37 -29.28
N LYS I 161 0.97 13.68 -29.25
CA LYS I 161 -0.17 14.39 -29.89
C LYS I 161 0.08 14.47 -31.39
N GLU I 162 -0.90 14.08 -32.21
CA GLU I 162 -0.91 14.37 -33.67
C GLU I 162 -1.58 15.72 -33.94
N ARG I 163 -2.75 15.95 -33.35
CA ARG I 163 -3.75 17.00 -33.70
C ARG I 163 -4.76 17.10 -32.57
N VAL I 164 -5.69 18.04 -32.67
CA VAL I 164 -6.88 18.16 -31.78
C VAL I 164 -8.12 18.35 -32.63
N LEU I 165 -9.20 17.63 -32.33
CA LEU I 165 -10.54 17.80 -32.94
C LEU I 165 -11.37 18.60 -31.93
N GLY I 166 -12.12 19.59 -32.38
CA GLY I 166 -13.05 20.39 -31.57
C GLY I 166 -14.49 20.18 -32.00
N LEU I 167 -15.40 19.98 -31.05
CA LEU I 167 -16.84 19.68 -31.27
C LEU I 167 -17.69 20.65 -30.44
N SER I 168 -18.91 20.93 -30.89
CA SER I 168 -19.95 21.65 -30.13
C SER I 168 -21.21 20.81 -30.09
N GLN I 169 -21.67 20.42 -28.90
CA GLN I 169 -22.94 19.68 -28.70
C GLN I 169 -23.92 20.57 -27.94
N ILE I 170 -25.18 20.64 -28.38
CA ILE I 170 -26.28 21.38 -27.68
C ILE I 170 -27.25 20.35 -27.10
N LEU I 171 -27.44 20.36 -25.79
CA LEU I 171 -28.36 19.43 -25.07
C LEU I 171 -29.65 20.16 -24.74
N MET I 172 -30.79 19.64 -25.17
CA MET I 172 -32.12 20.27 -24.97
C MET I 172 -32.96 19.37 -24.06
N ILE I 173 -33.41 19.91 -22.93
CA ILE I 173 -34.25 19.23 -21.89
C ILE I 173 -35.64 19.87 -21.92
N ASN I 174 -36.69 19.06 -21.78
CA ASN I 174 -38.10 19.51 -21.77
C ASN I 174 -38.90 18.56 -20.88
N SER I 175 -39.45 19.05 -19.75
CA SER I 175 -40.13 18.21 -18.74
C SER I 175 -41.42 17.61 -19.32
N GLU I 176 -42.20 18.39 -20.08
CA GLU I 176 -43.54 17.97 -20.59
C GLU I 176 -43.43 16.67 -21.42
N ASN I 177 -42.40 16.54 -22.25
CA ASN I 177 -42.13 15.31 -23.03
C ASN I 177 -41.89 14.14 -22.08
N ILE I 178 -41.20 14.35 -20.96
CA ILE I 178 -40.85 13.28 -19.98
C ILE I 178 -42.11 12.92 -19.17
N ALA I 179 -42.92 13.92 -18.81
CA ALA I 179 -44.16 13.72 -18.02
C ALA I 179 -45.21 12.94 -18.82
N ASN I 180 -45.25 13.07 -20.15
CA ASN I 180 -46.26 12.40 -21.01
C ASN I 180 -46.01 10.90 -21.07
N ASN I 181 -44.76 10.48 -21.28
CA ASN I 181 -44.39 9.05 -21.43
C ASN I 181 -44.55 8.31 -20.10
N ALA I 182 -44.26 8.96 -18.97
CA ALA I 182 -44.27 8.36 -17.62
C ALA I 182 -45.67 8.43 -16.99
N ASN I 183 -46.70 8.86 -17.72
CA ASN I 183 -48.10 8.91 -17.25
C ASN I 183 -48.21 9.66 -15.92
N LEU I 184 -47.45 10.75 -15.73
CA LEU I 184 -47.37 11.47 -14.43
C LEU I 184 -48.68 12.23 -14.17
N THR I 185 -48.93 12.54 -12.89
CA THR I 185 -50.09 13.35 -12.40
C THR I 185 -49.62 14.78 -12.07
N GLN I 186 -50.58 15.72 -11.99
CA GLN I 186 -50.31 17.17 -11.82
C GLN I 186 -49.54 17.44 -10.52
N GLU I 187 -49.67 16.56 -9.52
CA GLU I 187 -48.88 16.62 -8.26
C GLU I 187 -47.41 16.25 -8.53
N VAL I 188 -47.16 15.20 -9.31
CA VAL I 188 -45.80 14.65 -9.55
C VAL I 188 -45.09 15.55 -10.59
N LYS I 189 -45.85 16.06 -11.57
CA LYS I 189 -45.35 17.10 -12.52
C LYS I 189 -44.65 18.22 -11.74
N LYS I 190 -45.20 18.66 -10.60
CA LYS I 190 -44.60 19.70 -9.74
C LYS I 190 -43.26 19.21 -9.15
N LEU I 191 -43.16 17.93 -8.80
CA LEU I 191 -41.90 17.34 -8.27
C LEU I 191 -40.86 17.32 -9.39
N LEU I 192 -41.22 16.74 -10.54
CA LEU I 192 -40.33 16.67 -11.73
C LEU I 192 -39.73 18.06 -12.01
N THR I 193 -40.55 19.11 -11.95
CA THR I 193 -40.19 20.49 -12.33
C THR I 193 -39.23 21.09 -11.30
N GLU I 194 -39.54 20.95 -10.01
CA GLU I 194 -38.65 21.35 -8.89
C GLU I 194 -37.30 20.64 -9.05
N MET I 195 -37.34 19.32 -9.25
CA MET I 195 -36.12 18.47 -9.27
C MET I 195 -35.18 18.92 -10.39
N VAL I 196 -35.71 19.11 -11.59
CA VAL I 196 -34.91 19.48 -12.81
C VAL I 196 -34.33 20.89 -12.63
N ASN I 197 -35.08 21.85 -12.09
CA ASN I 197 -34.58 23.23 -11.90
C ASN I 197 -33.40 23.25 -10.89
N GLU I 198 -33.59 22.62 -9.74
CA GLU I 198 -32.55 22.41 -8.70
C GLU I 198 -31.19 22.08 -9.37
N GLU I 199 -31.14 21.01 -10.14
CA GLU I 199 -29.87 20.48 -10.73
C GLU I 199 -29.32 21.45 -11.78
N MET I 200 -30.17 21.98 -12.66
CA MET I 200 -29.75 22.85 -13.79
C MET I 200 -29.25 24.19 -13.26
N GLN I 201 -29.94 24.77 -12.28
CA GLN I 201 -29.61 26.08 -11.67
C GLN I 201 -28.24 26.03 -11.01
N SER I 202 -27.95 24.96 -10.27
CA SER I 202 -26.67 24.76 -9.55
C SER I 202 -25.51 24.85 -10.54
N LEU I 203 -25.67 24.21 -11.70
CA LEU I 203 -24.64 24.21 -12.78
C LEU I 203 -24.52 25.62 -13.36
N SER I 204 -25.65 26.26 -13.66
CA SER I 204 -25.72 27.66 -14.16
C SER I 204 -24.94 28.63 -13.26
N ASP I 205 -24.89 28.39 -11.94
CA ASP I 205 -24.44 29.34 -10.91
C ASP I 205 -22.90 29.35 -10.70
N VAL I 206 -22.13 28.49 -11.35
CA VAL I 206 -20.65 28.46 -11.20
C VAL I 206 -19.94 28.56 -12.56
N MET I 207 -20.64 28.72 -13.68
CA MET I 207 -20.02 28.70 -15.02
C MET I 207 -20.27 30.04 -15.73
N ILE I 208 -19.21 30.84 -15.97
CA ILE I 208 -19.27 32.08 -16.84
C ILE I 208 -19.38 31.64 -18.30
N ASP I 209 -19.77 32.58 -19.17
CA ASP I 209 -19.92 32.36 -20.64
C ASP I 209 -18.57 32.44 -21.35
N PHE I 210 -18.46 31.77 -22.49
CA PHE I 210 -17.29 31.75 -23.40
C PHE I 210 -17.77 31.85 -24.85
N GLU I 211 -17.16 32.71 -25.66
CA GLU I 211 -17.37 32.78 -27.13
C GLU I 211 -16.70 31.58 -27.80
N ILE I 212 -17.40 30.87 -28.68
CA ILE I 212 -16.87 29.72 -29.49
C ILE I 212 -16.97 30.11 -30.97
N PRO I 213 -15.89 30.03 -31.77
CA PRO I 213 -15.88 30.63 -33.10
C PRO I 213 -16.49 29.76 -34.22
N LEU I 214 -17.75 29.33 -34.06
CA LEU I 214 -18.59 28.71 -35.12
C LEU I 214 -19.80 29.60 -35.38
N GLY I 215 -20.62 29.25 -36.37
CA GLY I 215 -21.86 29.99 -36.71
C GLY I 215 -22.97 29.75 -35.70
N ASP I 216 -24.00 30.61 -35.72
CA ASP I 216 -25.18 30.63 -34.82
C ASP I 216 -26.02 29.37 -35.04
N PRO I 217 -26.37 28.58 -34.00
CA PRO I 217 -27.23 27.42 -34.16
C PRO I 217 -28.58 27.73 -34.83
N ARG I 218 -29.15 28.90 -34.53
CA ARG I 218 -30.43 29.43 -35.09
C ARG I 218 -30.44 29.39 -36.63
N ASP I 219 -29.28 29.37 -37.28
CA ASP I 219 -29.18 29.31 -38.76
C ASP I 219 -29.08 27.86 -39.29
N GLN I 220 -28.97 26.84 -38.43
CA GLN I 220 -28.69 25.43 -38.84
C GLN I 220 -30.00 24.62 -38.88
N GLU I 221 -30.22 23.84 -39.93
CA GLU I 221 -31.48 23.05 -40.16
C GLU I 221 -31.79 22.13 -38.98
N GLN I 222 -30.83 21.28 -38.62
CA GLN I 222 -30.96 20.29 -37.51
C GLN I 222 -31.40 20.96 -36.21
N TYR I 223 -31.00 22.21 -35.95
CA TYR I 223 -31.46 22.98 -34.76
C TYR I 223 -32.92 23.42 -34.95
N ILE I 224 -33.32 23.82 -36.15
CA ILE I 224 -34.72 24.29 -36.43
C ILE I 224 -35.68 23.09 -36.38
N HIS I 225 -35.30 21.98 -37.01
CA HIS I 225 -36.16 20.77 -37.13
C HIS I 225 -36.37 20.12 -35.75
N ARG I 226 -35.37 20.07 -34.88
CA ARG I 226 -35.47 19.35 -33.57
C ARG I 226 -36.13 20.25 -32.52
N LYS I 227 -36.11 21.57 -32.68
CA LYS I 227 -36.80 22.53 -31.78
C LYS I 227 -38.31 22.56 -32.08
N CYS I 228 -38.71 22.66 -33.34
CA CYS I 228 -40.14 22.61 -33.76
C CYS I 228 -40.79 21.28 -33.33
N TYR I 229 -40.05 20.17 -33.41
CA TYR I 229 -40.52 18.80 -33.05
C TYR I 229 -40.80 18.73 -31.55
N GLN I 230 -39.81 19.11 -30.74
CA GLN I 230 -39.86 19.07 -29.25
C GLN I 230 -40.98 19.95 -28.71
N GLU I 231 -41.46 20.94 -29.48
CA GLU I 231 -42.54 21.87 -29.05
C GLU I 231 -43.89 21.46 -29.65
N PHE I 232 -43.97 21.09 -30.94
CA PHE I 232 -45.26 21.01 -31.68
C PHE I 232 -45.47 19.71 -32.46
N ALA I 233 -44.79 18.60 -32.13
CA ALA I 233 -44.87 17.34 -32.90
C ALA I 233 -46.33 16.91 -33.10
N ASN I 234 -47.11 16.72 -32.02
CA ASN I 234 -48.46 16.10 -32.04
C ASN I 234 -49.60 17.13 -31.92
N CYS I 235 -49.34 18.42 -32.18
CA CYS I 235 -50.31 19.54 -32.06
C CYS I 235 -51.01 19.76 -33.41
N TYR I 236 -52.35 19.73 -33.48
CA TYR I 236 -53.14 19.91 -34.75
C TYR I 236 -54.29 20.90 -34.55
N LEU I 237 -54.80 21.47 -35.64
CA LEU I 237 -55.96 22.41 -35.66
C LEU I 237 -56.99 21.89 -36.66
N VAL I 238 -58.24 21.72 -36.21
CA VAL I 238 -59.37 21.17 -37.02
C VAL I 238 -60.40 22.28 -37.23
N LYS I 239 -60.92 22.44 -38.45
CA LYS I 239 -61.92 23.49 -38.78
C LYS I 239 -63.22 22.86 -39.27
N TYR I 240 -64.32 23.02 -38.51
CA TYR I 240 -65.71 22.65 -38.92
C TYR I 240 -66.07 23.34 -40.23
N LYS I 241 -66.90 22.68 -41.07
CA LYS I 241 -67.47 23.27 -42.32
C LYS I 241 -68.19 24.57 -41.98
N GLU I 242 -69.00 24.56 -40.92
CA GLU I 242 -69.57 25.76 -40.25
C GLU I 242 -69.81 25.44 -38.78
N PRO I 243 -69.85 26.46 -37.87
CA PRO I 243 -70.03 26.21 -36.43
C PRO I 243 -71.37 25.54 -36.06
N LYS I 244 -71.30 24.38 -35.39
CA LYS I 244 -72.46 23.60 -34.89
C LYS I 244 -72.06 22.86 -33.62
N PRO I 245 -72.68 23.14 -32.45
CA PRO I 245 -72.34 22.48 -31.18
C PRO I 245 -73.13 21.19 -30.88
N TRP I 246 -72.66 20.43 -29.88
CA TRP I 246 -73.28 19.18 -29.38
C TRP I 246 -74.68 19.51 -28.84
N PRO I 247 -75.75 18.82 -29.29
CA PRO I 247 -77.10 19.38 -29.21
C PRO I 247 -77.81 19.30 -27.85
N LYS I 248 -77.57 18.24 -27.06
CA LYS I 248 -78.24 17.96 -25.77
C LYS I 248 -77.31 18.26 -24.59
N GLU I 249 -77.85 18.43 -23.38
CA GLU I 249 -77.08 18.64 -22.11
C GLU I 249 -76.97 17.34 -21.31
N GLY I 250 -77.76 16.31 -21.68
CA GLY I 250 -77.71 14.97 -21.05
C GLY I 250 -77.17 13.94 -22.03
N LEU I 251 -76.37 12.98 -21.53
CA LEU I 251 -75.67 11.96 -22.34
C LEU I 251 -75.94 10.58 -21.75
N ILE I 252 -76.64 9.71 -22.49
CA ILE I 252 -76.85 8.27 -22.13
C ILE I 252 -75.66 7.48 -22.73
N ALA I 253 -74.83 6.88 -21.87
CA ALA I 253 -73.59 6.17 -22.25
C ALA I 253 -73.31 5.04 -21.25
N ASP I 254 -74.00 3.90 -21.42
CA ASP I 254 -74.02 2.78 -20.44
C ASP I 254 -72.76 1.91 -20.58
N GLN I 255 -72.06 2.00 -21.70
CA GLN I 255 -70.79 1.24 -21.97
C GLN I 255 -69.74 1.54 -20.88
N CYS I 256 -69.76 2.71 -20.25
CA CYS I 256 -68.75 3.12 -19.23
C CYS I 256 -69.13 2.53 -17.87
N PRO I 257 -68.19 1.86 -17.15
CA PRO I 257 -68.46 1.35 -15.81
C PRO I 257 -68.48 2.47 -14.76
N LEU I 258 -69.52 2.50 -13.91
CA LEU I 258 -69.77 3.56 -12.91
C LEU I 258 -68.93 3.33 -11.66
N PRO I 259 -68.76 4.35 -10.78
CA PRO I 259 -67.99 4.19 -9.55
C PRO I 259 -68.76 3.45 -8.45
N GLY I 260 -68.10 2.51 -7.77
CA GLY I 260 -68.69 1.68 -6.70
C GLY I 260 -67.64 0.89 -5.94
N ASN I 268 -60.24 0.74 -12.00
CA ASN I 268 -59.54 2.02 -12.34
C ASN I 268 -60.54 3.17 -12.39
N ARG I 269 -60.06 4.40 -12.18
CA ARG I 269 -60.85 5.65 -12.28
C ARG I 269 -61.04 6.01 -13.77
N GLN I 270 -62.25 6.46 -14.13
CA GLN I 270 -62.63 6.87 -15.52
C GLN I 270 -62.68 8.40 -15.58
N SER I 271 -62.34 8.98 -16.73
CA SER I 271 -62.32 10.45 -16.97
C SER I 271 -63.75 11.01 -16.99
N ILE I 272 -64.73 10.23 -17.46
CA ILE I 272 -66.14 10.67 -17.65
C ILE I 272 -66.84 10.87 -16.30
N TRP I 273 -66.32 10.27 -15.22
CA TRP I 273 -66.85 10.44 -13.84
C TRP I 273 -66.87 11.93 -13.42
N ASP I 274 -66.08 12.78 -14.08
CA ASP I 274 -66.12 14.26 -13.91
C ASP I 274 -67.50 14.82 -14.28
N TYR I 275 -68.28 14.15 -15.15
CA TYR I 275 -69.58 14.64 -15.66
C TYR I 275 -70.75 13.78 -15.15
N TYR I 276 -70.50 12.86 -14.20
CA TYR I 276 -71.48 11.86 -13.69
C TYR I 276 -72.34 12.48 -12.58
N ILE I 277 -73.66 12.54 -12.78
CA ILE I 277 -74.63 12.98 -11.72
C ILE I 277 -74.85 11.81 -10.77
N LYS I 278 -74.58 11.99 -9.48
CA LYS I 278 -74.82 10.99 -8.41
C LYS I 278 -76.27 11.13 -7.92
N VAL I 279 -76.92 10.00 -7.62
CA VAL I 279 -78.28 9.94 -7.00
C VAL I 279 -78.09 9.97 -5.48
N GLU I 280 -78.53 11.05 -4.83
CA GLU I 280 -78.40 11.29 -3.37
C GLU I 280 -79.74 10.97 -2.68
N SER I 281 -79.68 10.28 -1.54
CA SER I 281 -80.85 9.86 -0.72
C SER I 281 -81.44 11.06 0.02
N ILE I 282 -80.58 11.93 0.56
CA ILE I 282 -80.95 13.18 1.31
C ILE I 282 -80.92 14.37 0.34
N ARG I 283 -81.97 15.18 0.35
CA ARG I 283 -82.13 16.43 -0.47
C ARG I 283 -82.86 17.48 0.35
N PRO I 284 -82.87 18.77 -0.08
CA PRO I 284 -83.78 19.77 0.48
C PRO I 284 -85.24 19.56 0.01
N ALA I 285 -86.17 20.33 0.59
CA ALA I 285 -87.63 20.22 0.37
C ALA I 285 -87.99 20.78 -1.00
N ASN I 286 -88.83 20.05 -1.76
CA ASN I 286 -89.32 20.40 -3.11
C ASN I 286 -88.13 20.59 -4.06
N TRP I 287 -87.22 19.60 -4.08
CA TRP I 287 -86.01 19.56 -4.95
C TRP I 287 -86.33 18.71 -6.19
N THR I 288 -86.01 19.23 -7.38
CA THR I 288 -86.24 18.57 -8.70
C THR I 288 -85.00 18.74 -9.59
N THR I 289 -84.67 17.70 -10.37
CA THR I 289 -83.55 17.68 -11.35
C THR I 289 -83.67 18.88 -12.31
N LYS I 290 -84.89 19.12 -12.82
CA LYS I 290 -85.21 20.21 -13.79
C LYS I 290 -84.70 21.56 -13.31
N SER I 291 -84.65 21.79 -11.99
CA SER I 291 -84.11 23.03 -11.36
C SER I 291 -82.61 23.17 -11.63
N LYS I 292 -81.86 22.07 -11.53
CA LYS I 292 -80.36 22.06 -11.50
C LYS I 292 -79.79 21.61 -12.85
N TYR I 293 -80.07 20.36 -13.24
CA TYR I 293 -79.41 19.64 -14.36
C TYR I 293 -80.31 19.58 -15.61
N GLY I 294 -81.24 20.53 -15.76
CA GLY I 294 -82.16 20.60 -16.92
C GLY I 294 -82.82 19.26 -17.22
N GLN I 295 -82.68 18.74 -18.44
CA GLN I 295 -83.42 17.56 -18.96
C GLN I 295 -82.55 16.30 -18.90
N ALA I 296 -81.53 16.27 -18.02
CA ALA I 296 -80.61 15.12 -17.82
C ALA I 296 -81.25 14.11 -16.86
N ARG I 297 -80.95 12.81 -17.03
CA ARG I 297 -81.49 11.70 -16.22
C ARG I 297 -80.52 11.39 -15.07
N LEU I 298 -80.90 11.83 -13.86
CA LEU I 298 -80.13 11.64 -12.59
C LEU I 298 -79.60 10.21 -12.54
N GLY I 299 -78.29 10.05 -12.35
CA GLY I 299 -77.59 8.75 -12.43
C GLY I 299 -76.88 8.54 -13.78
N SER I 300 -77.05 9.46 -14.73
CA SER I 300 -76.26 9.51 -16.00
C SER I 300 -75.29 10.70 -15.97
N PHE I 301 -75.03 11.35 -17.11
CA PHE I 301 -73.95 12.33 -17.33
C PHE I 301 -74.51 13.68 -17.82
N TYR I 302 -74.05 14.79 -17.21
CA TYR I 302 -74.42 16.18 -17.57
C TYR I 302 -73.26 16.87 -18.30
N ILE I 303 -73.50 17.35 -19.52
CA ILE I 303 -72.50 18.08 -20.37
C ILE I 303 -72.63 19.57 -20.08
N PRO I 304 -71.58 20.23 -19.53
CA PRO I 304 -71.63 21.67 -19.23
C PRO I 304 -71.79 22.56 -20.47
N SER I 305 -72.19 23.81 -20.25
CA SER I 305 -72.44 24.81 -21.33
C SER I 305 -71.12 25.33 -21.91
N SER I 306 -70.00 25.18 -21.19
CA SER I 306 -68.64 25.53 -21.67
C SER I 306 -68.20 24.62 -22.83
N LEU I 307 -68.65 23.35 -22.84
CA LEU I 307 -68.35 22.37 -23.93
C LEU I 307 -69.41 22.41 -25.03
N ARG I 308 -70.34 23.39 -25.03
CA ARG I 308 -71.47 23.46 -26.02
C ARG I 308 -71.66 24.89 -26.52
N GLN I 309 -70.56 25.64 -26.71
CA GLN I 309 -70.60 27.06 -27.17
C GLN I 309 -71.09 27.12 -28.63
N ILE I 310 -71.93 28.12 -28.95
CA ILE I 310 -72.62 28.26 -30.26
C ILE I 310 -71.67 28.82 -31.34
N ASN I 311 -70.62 29.55 -30.94
CA ASN I 311 -69.77 30.34 -31.87
C ASN I 311 -68.43 29.64 -32.18
N VAL I 312 -68.10 28.54 -31.50
CA VAL I 312 -66.81 27.81 -31.67
C VAL I 312 -66.75 27.21 -33.09
N SER I 313 -65.73 27.61 -33.86
CA SER I 313 -65.52 27.30 -35.30
C SER I 313 -64.40 26.28 -35.52
N HIS I 314 -63.40 26.24 -34.64
CA HIS I 314 -62.19 25.37 -34.74
C HIS I 314 -61.96 24.61 -33.44
N VAL I 315 -61.33 23.44 -33.52
CA VAL I 315 -60.88 22.63 -32.34
C VAL I 315 -59.35 22.42 -32.42
N LEU I 316 -58.64 22.79 -31.36
CA LEU I 316 -57.16 22.72 -31.26
C LEU I 316 -56.81 21.64 -30.24
N PHE I 317 -56.05 20.61 -30.64
CA PHE I 317 -55.62 19.52 -29.71
C PHE I 317 -54.15 19.17 -29.91
N CYS I 318 -53.57 18.56 -28.87
CA CYS I 318 -52.14 18.23 -28.78
C CYS I 318 -52.00 16.90 -28.01
N SER I 319 -52.12 15.77 -28.72
CA SER I 319 -52.02 14.39 -28.16
C SER I 319 -51.69 13.36 -29.24
N ASP I 320 -51.10 12.24 -28.85
CA ASP I 320 -50.65 11.14 -29.76
C ASP I 320 -51.57 9.91 -29.59
N GLN I 321 -52.84 10.13 -29.24
CA GLN I 321 -53.78 9.04 -28.87
C GLN I 321 -54.88 8.84 -29.92
N LEU I 322 -54.78 9.46 -31.10
CA LEU I 322 -55.71 9.23 -32.25
C LEU I 322 -54.95 8.77 -33.50
N TYR I 323 -53.68 8.39 -33.40
CA TYR I 323 -52.87 7.95 -34.57
C TYR I 323 -53.27 6.50 -34.93
N SER I 324 -53.35 6.23 -36.23
CA SER I 324 -53.62 4.88 -36.81
C SER I 324 -52.41 3.97 -36.60
N LYS I 325 -52.52 2.70 -37.01
CA LYS I 325 -51.69 1.54 -36.54
C LYS I 325 -50.18 1.74 -36.80
N TRP I 326 -49.79 2.62 -37.73
CA TRP I 326 -48.36 2.98 -38.00
C TRP I 326 -47.63 3.33 -36.69
N TYR I 327 -48.31 4.03 -35.77
CA TYR I 327 -47.76 4.46 -34.45
C TYR I 327 -47.89 3.31 -33.45
N ASN I 328 -46.78 2.95 -32.80
CA ASN I 328 -46.70 1.93 -31.73
C ASN I 328 -45.72 2.42 -30.66
N ILE I 329 -46.14 2.41 -29.38
CA ILE I 329 -45.31 2.81 -28.21
C ILE I 329 -44.26 1.72 -27.91
N GLU I 330 -44.47 0.50 -28.43
CA GLU I 330 -43.49 -0.62 -28.39
C GLU I 330 -42.20 -0.21 -29.13
N ASN I 331 -42.32 0.48 -30.26
CA ASN I 331 -41.18 0.95 -31.10
C ASN I 331 -40.38 2.03 -30.36
N THR I 332 -39.25 2.43 -30.93
CA THR I 332 -38.28 3.40 -30.35
C THR I 332 -38.72 4.84 -30.66
N ILE I 333 -38.45 5.76 -29.73
CA ILE I 333 -38.70 7.22 -29.87
C ILE I 333 -38.10 7.69 -31.20
N GLU I 334 -36.82 7.37 -31.46
CA GLU I 334 -36.06 7.84 -32.63
C GLU I 334 -36.63 7.26 -33.94
N GLN I 335 -37.26 6.08 -33.88
CA GLN I 335 -38.04 5.52 -35.02
C GLN I 335 -39.33 6.32 -35.18
N ASN I 336 -40.15 6.34 -34.11
CA ASN I 336 -41.49 7.01 -34.06
C ASN I 336 -41.37 8.48 -34.50
N GLU I 337 -40.21 9.11 -34.29
CA GLU I 337 -39.93 10.46 -34.81
C GLU I 337 -39.86 10.39 -36.35
N ARG I 338 -38.91 9.61 -36.89
CA ARG I 338 -38.68 9.44 -38.35
C ARG I 338 -40.00 9.11 -39.05
N PHE I 339 -40.74 8.13 -38.51
CA PHE I 339 -42.03 7.66 -39.07
C PHE I 339 -42.98 8.84 -39.27
N LEU I 340 -43.20 9.64 -38.21
CA LEU I 340 -44.08 10.84 -38.24
C LEU I 340 -43.51 11.86 -39.25
N LEU I 341 -42.22 12.15 -39.10
CA LEU I 341 -41.53 13.19 -39.91
C LEU I 341 -41.66 12.88 -41.41
N ASN I 342 -41.59 11.60 -41.80
CA ASN I 342 -41.82 11.17 -43.20
C ASN I 342 -43.29 11.40 -43.57
N LYS I 343 -44.21 10.79 -42.82
CA LYS I 343 -45.68 10.86 -43.09
C LYS I 343 -46.11 12.32 -43.30
N LEU I 344 -45.72 13.20 -42.38
CA LEU I 344 -46.10 14.64 -42.47
C LEU I 344 -45.51 15.28 -43.74
N ASN I 345 -44.33 14.83 -44.20
CA ASN I 345 -43.71 15.33 -45.47
C ASN I 345 -44.48 14.77 -46.67
N ASN I 346 -44.92 13.51 -46.58
CA ASN I 346 -45.61 12.78 -47.66
C ASN I 346 -47.05 13.29 -47.81
N LEU I 347 -47.69 13.74 -46.72
CA LEU I 347 -49.15 14.11 -46.70
C LEU I 347 -49.37 15.63 -46.85
N THR I 348 -48.34 16.40 -47.21
CA THR I 348 -48.35 17.88 -47.29
C THR I 348 -47.70 18.31 -48.61
N SER I 349 -47.81 19.59 -49.01
CA SER I 349 -47.18 20.13 -50.24
C SER I 349 -46.98 21.65 -50.15
N GLY I 350 -46.03 22.09 -49.31
CA GLY I 350 -45.54 23.49 -49.27
C GLY I 350 -46.28 24.37 -48.28
N THR I 351 -47.54 24.07 -47.98
CA THR I 351 -48.37 24.72 -46.92
C THR I 351 -48.39 23.78 -45.69
N SER I 352 -49.27 24.02 -44.71
CA SER I 352 -49.37 23.23 -43.45
C SER I 352 -50.72 22.48 -43.37
N VAL I 353 -51.47 22.44 -44.46
CA VAL I 353 -52.81 21.78 -44.59
C VAL I 353 -52.61 20.29 -44.88
N LEU I 354 -53.21 19.38 -44.10
CA LEU I 354 -53.07 17.93 -44.41
C LEU I 354 -53.92 17.59 -45.63
N LYS I 355 -53.52 16.55 -46.38
CA LYS I 355 -54.28 16.00 -47.54
C LYS I 355 -55.42 15.11 -47.01
N LYS I 356 -56.59 15.18 -47.66
CA LYS I 356 -57.86 14.53 -47.21
C LYS I 356 -57.62 13.04 -46.91
N ARG I 357 -56.74 12.38 -47.66
CA ARG I 357 -56.31 10.97 -47.46
C ARG I 357 -56.00 10.70 -45.97
N ALA I 358 -55.33 11.66 -45.29
CA ALA I 358 -54.81 11.56 -43.90
C ALA I 358 -55.93 11.30 -42.88
N LEU I 359 -57.14 11.84 -43.12
CA LEU I 359 -58.25 11.88 -42.13
C LEU I 359 -58.93 10.52 -42.07
N PRO I 360 -59.69 10.22 -40.99
CA PRO I 360 -60.54 9.02 -40.97
C PRO I 360 -61.82 9.24 -41.80
N LYS I 361 -62.52 8.15 -42.13
CA LYS I 361 -63.70 8.14 -43.04
C LYS I 361 -64.86 8.92 -42.42
N ASP I 362 -64.88 9.08 -41.09
CA ASP I 362 -65.92 9.86 -40.36
C ASP I 362 -65.84 11.35 -40.72
N TRP I 363 -64.63 11.93 -40.77
CA TRP I 363 -64.41 13.40 -40.91
C TRP I 363 -64.40 13.83 -42.39
N SER I 364 -64.12 12.92 -43.33
CA SER I 364 -64.09 13.21 -44.79
C SER I 364 -64.53 11.99 -45.60
N SER I 365 -65.15 12.24 -46.75
CA SER I 365 -65.52 11.21 -47.77
C SER I 365 -64.25 10.58 -48.38
N GLN I 366 -63.16 11.34 -48.47
CA GLN I 366 -61.90 10.96 -49.16
C GLN I 366 -60.85 10.46 -48.17
N GLY I 367 -61.20 10.30 -46.88
CA GLY I 367 -60.29 9.87 -45.81
C GLY I 367 -59.97 8.38 -45.88
N LYS I 368 -58.69 8.02 -45.69
CA LYS I 368 -58.20 6.61 -45.76
C LYS I 368 -57.33 6.25 -44.55
N ASN I 369 -57.39 7.03 -43.46
CA ASN I 369 -56.76 6.73 -42.15
C ASN I 369 -55.23 6.63 -42.28
N ALA I 370 -54.62 7.41 -43.19
CA ALA I 370 -53.15 7.45 -43.41
C ALA I 370 -52.43 7.93 -42.14
N LEU I 371 -53.02 8.90 -41.42
CA LEU I 371 -52.45 9.49 -40.18
C LEU I 371 -53.31 9.14 -38.96
N PHE I 372 -54.61 9.44 -38.98
CA PHE I 372 -55.52 9.29 -37.81
C PHE I 372 -56.34 8.00 -37.90
N ARG I 373 -56.62 7.36 -36.76
CA ARG I 373 -57.58 6.22 -36.62
C ARG I 373 -59.01 6.77 -36.51
N GLU I 374 -60.00 5.88 -36.38
CA GLU I 374 -61.44 6.23 -36.20
C GLU I 374 -61.82 6.11 -34.72
N ILE I 375 -62.55 7.11 -34.20
CA ILE I 375 -63.09 7.12 -32.81
C ILE I 375 -64.11 5.99 -32.69
N ASN I 376 -64.06 5.24 -31.58
CA ASN I 376 -64.87 4.02 -31.34
C ASN I 376 -65.86 4.30 -30.21
N VAL I 377 -66.53 3.27 -29.66
CA VAL I 377 -67.66 3.43 -28.70
C VAL I 377 -67.12 3.68 -27.28
N LEU I 378 -66.04 3.02 -26.87
CA LEU I 378 -65.47 3.13 -25.50
C LEU I 378 -64.63 4.40 -25.32
N ASP I 379 -64.32 5.15 -26.39
CA ASP I 379 -63.46 6.37 -26.36
C ASP I 379 -64.07 7.46 -25.46
N ILE I 380 -65.41 7.53 -25.37
CA ILE I 380 -66.15 8.53 -24.54
C ILE I 380 -65.72 8.42 -23.06
N CYS I 381 -65.45 7.20 -22.57
CA CYS I 381 -65.12 6.94 -21.15
C CYS I 381 -63.74 7.53 -20.80
N SER I 382 -62.74 7.32 -21.66
CA SER I 382 -61.32 7.74 -21.49
C SER I 382 -61.10 9.21 -21.92
N LYS I 383 -61.70 9.63 -23.04
CA LYS I 383 -61.46 10.95 -23.67
C LYS I 383 -62.80 11.63 -23.99
N PRO I 384 -63.53 12.15 -22.98
CA PRO I 384 -64.83 12.79 -23.21
C PRO I 384 -64.84 13.98 -24.19
N GLU I 385 -63.99 14.98 -23.96
CA GLU I 385 -64.00 16.29 -24.68
C GLU I 385 -63.74 16.06 -26.17
N SER I 386 -62.77 15.18 -26.48
CA SER I 386 -62.44 14.67 -27.83
C SER I 386 -63.73 14.35 -28.59
N VAL I 387 -64.55 13.45 -28.04
CA VAL I 387 -65.81 12.96 -28.70
C VAL I 387 -66.80 14.11 -28.82
N ILE I 388 -67.08 14.81 -27.72
CA ILE I 388 -68.09 15.91 -27.65
C ILE I 388 -67.73 17.02 -28.66
N LEU I 389 -66.43 17.29 -28.88
CA LEU I 389 -65.98 18.38 -29.80
C LEU I 389 -65.74 17.86 -31.23
N LEU I 390 -65.39 16.59 -31.45
CA LEU I 390 -64.98 16.11 -32.81
C LEU I 390 -66.01 15.18 -33.47
N ASN I 391 -66.82 14.40 -32.73
CA ASN I 391 -67.80 13.44 -33.35
C ASN I 391 -68.75 14.19 -34.29
N THR I 392 -69.07 13.58 -35.44
CA THR I 392 -69.97 14.16 -36.48
C THR I 392 -71.43 13.87 -36.09
N SER I 393 -71.69 12.73 -35.43
CA SER I 393 -73.03 12.28 -35.00
C SER I 393 -72.97 11.70 -33.57
N TYR I 394 -74.03 11.95 -32.79
CA TYR I 394 -74.28 11.36 -31.45
C TYR I 394 -74.99 10.01 -31.62
N TYR I 395 -74.34 8.92 -31.22
CA TYR I 395 -74.90 7.56 -31.09
C TYR I 395 -75.14 7.26 -29.59
N SER I 396 -76.33 6.78 -29.25
CA SER I 396 -76.72 6.38 -27.87
C SER I 396 -76.37 4.90 -27.62
N PHE I 397 -76.39 4.48 -26.36
CA PHE I 397 -76.22 3.07 -25.93
C PHE I 397 -76.96 2.86 -24.61
N SER I 398 -78.22 2.41 -24.69
CA SER I 398 -79.23 2.47 -23.60
C SER I 398 -79.72 1.07 -23.22
N LEU I 399 -79.68 0.74 -21.92
CA LEU I 399 -80.40 -0.39 -21.26
C LEU I 399 -81.39 0.18 -20.24
N TRP I 400 -82.07 1.27 -20.60
CA TRP I 400 -83.09 1.98 -19.78
C TRP I 400 -84.48 1.62 -20.31
N GLU I 401 -85.35 1.08 -19.45
CA GLU I 401 -86.73 0.64 -19.81
C GLU I 401 -87.56 1.86 -20.24
N GLY I 402 -87.89 1.96 -21.53
CA GLY I 402 -88.72 3.03 -22.10
C GLY I 402 -88.24 3.47 -23.49
N ASP I 403 -86.93 3.45 -23.73
CA ASP I 403 -86.28 4.02 -24.96
C ASP I 403 -86.57 3.11 -26.16
N CYS I 404 -86.76 3.72 -27.34
CA CYS I 404 -87.17 3.10 -28.62
C CYS I 404 -88.50 2.34 -28.46
N ASN I 405 -89.33 2.78 -27.51
CA ASN I 405 -90.66 2.18 -27.19
C ASN I 405 -90.50 0.70 -26.77
N PHE I 406 -89.39 0.33 -26.14
CA PHE I 406 -89.12 -1.05 -25.66
C PHE I 406 -89.79 -1.25 -24.29
N THR I 407 -90.92 -1.98 -24.28
CA THR I 407 -91.72 -2.31 -23.07
C THR I 407 -91.23 -3.63 -22.46
N LYS I 408 -91.37 -3.78 -21.14
CA LYS I 408 -90.83 -4.91 -20.33
C LYS I 408 -91.31 -6.26 -20.90
N ASP I 409 -92.56 -6.32 -21.37
CA ASP I 409 -93.16 -7.51 -22.01
C ASP I 409 -92.44 -7.80 -23.35
N MET I 410 -92.13 -6.75 -24.13
CA MET I 410 -91.56 -6.86 -25.49
C MET I 410 -90.08 -7.28 -25.41
N ILE I 411 -89.85 -8.58 -25.16
CA ILE I 411 -88.51 -9.24 -25.19
C ILE I 411 -88.66 -10.56 -25.97
N SER I 412 -88.53 -10.48 -27.29
CA SER I 412 -88.69 -11.62 -28.25
C SER I 412 -87.38 -11.83 -29.02
N PRO I 432 -76.64 -14.32 -14.23
CA PRO I 432 -77.36 -13.66 -13.15
C PRO I 432 -78.24 -12.50 -13.65
N TYR I 433 -77.67 -11.64 -14.51
CA TYR I 433 -78.33 -10.43 -15.08
C TYR I 433 -79.40 -10.85 -16.09
N ALA I 434 -78.98 -11.59 -17.13
CA ALA I 434 -79.84 -12.23 -18.16
C ALA I 434 -80.63 -11.15 -18.92
N CYS I 435 -81.79 -11.50 -19.49
CA CYS I 435 -82.71 -10.57 -20.21
C CYS I 435 -83.44 -9.69 -19.18
N ARG I 436 -82.92 -8.47 -18.96
CA ARG I 436 -83.48 -7.49 -17.99
C ARG I 436 -82.92 -6.09 -18.31
N PHE I 437 -83.75 -5.04 -18.18
CA PHE I 437 -83.35 -3.63 -18.27
C PHE I 437 -82.57 -3.24 -17.00
N TRP I 438 -81.59 -2.35 -17.12
CA TRP I 438 -80.69 -1.93 -16.01
C TRP I 438 -81.46 -1.05 -15.01
N ARG I 439 -82.14 -0.01 -15.51
CA ARG I 439 -82.89 0.97 -14.70
C ARG I 439 -84.34 1.06 -15.19
N SER I 440 -85.29 0.63 -14.33
CA SER I 440 -86.76 0.67 -14.59
C SER I 440 -87.35 1.95 -13.99
N LYS I 441 -88.42 2.47 -14.61
CA LYS I 441 -89.04 3.78 -14.28
C LYS I 441 -90.04 3.60 -13.13
N ASN I 442 -89.96 4.45 -12.10
CA ASN I 442 -90.88 4.48 -10.93
C ASN I 442 -92.05 5.44 -11.23
N GLU I 443 -93.00 5.55 -10.30
CA GLU I 443 -94.29 6.28 -10.48
C GLU I 443 -94.03 7.78 -10.69
N LYS I 444 -93.24 8.42 -9.83
CA LYS I 444 -92.95 9.89 -9.88
C LYS I 444 -91.79 10.25 -8.95
N GLU I 445 -91.35 11.51 -9.01
CA GLU I 445 -90.27 12.12 -8.18
C GLU I 445 -90.91 12.90 -7.03
N GLU I 446 -90.47 12.65 -5.79
CA GLU I 446 -91.05 13.25 -4.55
C GLU I 446 -90.04 13.26 -3.40
N THR I 447 -90.27 14.15 -2.42
CA THR I 447 -89.53 14.25 -1.13
C THR I 447 -90.55 14.28 0.02
N LYS I 448 -90.09 14.04 1.25
CA LYS I 448 -90.90 14.14 2.49
C LYS I 448 -89.99 14.54 3.67
N CYS I 449 -90.48 15.44 4.53
CA CYS I 449 -89.75 16.01 5.70
C CYS I 449 -90.59 15.81 6.97
N ARG I 450 -90.03 16.18 8.13
CA ARG I 450 -90.68 16.05 9.48
C ARG I 450 -90.50 17.37 10.24
N ASP I 451 -91.16 18.43 9.74
CA ASP I 451 -91.15 19.81 10.31
C ASP I 451 -89.73 20.38 10.25
N GLY I 452 -89.11 20.31 9.06
CA GLY I 452 -87.75 20.82 8.79
C GLY I 452 -87.48 20.92 7.30
N GLU I 453 -88.36 21.63 6.57
CA GLU I 453 -88.32 21.78 5.09
C GLU I 453 -87.22 22.77 4.71
N THR I 454 -85.96 22.37 4.87
CA THR I 454 -84.75 23.22 4.64
C THR I 454 -83.56 22.34 4.23
N LYS I 455 -83.00 21.58 5.16
CA LYS I 455 -81.67 20.90 5.04
C LYS I 455 -81.86 19.43 4.65
N ARG I 456 -82.24 18.56 5.61
CA ARG I 456 -82.22 17.09 5.47
C ARG I 456 -83.65 16.56 5.31
N CYS I 457 -83.99 16.08 4.10
CA CYS I 457 -85.26 15.39 3.77
C CYS I 457 -84.98 14.20 2.83
N LEU I 458 -85.69 13.09 3.02
CA LEU I 458 -85.59 11.88 2.15
C LEU I 458 -86.06 12.22 0.72
N TYR I 459 -85.42 11.62 -0.29
CA TYR I 459 -85.70 11.83 -1.73
C TYR I 459 -86.05 10.49 -2.38
N TYR I 460 -87.14 10.45 -3.17
CA TYR I 460 -87.60 9.26 -3.94
C TYR I 460 -87.35 9.51 -5.42
N PRO I 461 -86.40 8.78 -6.06
CA PRO I 461 -86.03 9.05 -7.45
C PRO I 461 -87.01 8.50 -8.50
N LEU I 462 -86.97 9.06 -9.71
CA LEU I 462 -87.85 8.72 -10.86
C LEU I 462 -87.35 7.46 -11.57
N TRP I 463 -86.10 7.06 -11.34
CA TRP I 463 -85.48 5.79 -11.83
C TRP I 463 -84.74 5.10 -10.68
N ASP I 464 -84.16 3.92 -10.93
CA ASP I 464 -83.40 3.12 -9.93
C ASP I 464 -81.98 3.68 -9.79
N SER I 465 -81.21 3.15 -8.83
CA SER I 465 -79.79 3.50 -8.55
C SER I 465 -78.89 2.32 -8.90
N PRO I 466 -77.80 2.52 -9.69
CA PRO I 466 -76.93 1.42 -10.12
C PRO I 466 -75.71 1.10 -9.22
N GLU I 467 -75.70 1.63 -7.98
CA GLU I 467 -74.57 1.54 -7.03
C GLU I 467 -74.22 0.07 -6.74
N SER I 468 -75.24 -0.77 -6.54
CA SER I 468 -75.13 -2.22 -6.20
C SER I 468 -74.39 -2.97 -7.32
N THR I 469 -74.82 -2.76 -8.57
CA THR I 469 -74.36 -3.51 -9.78
C THR I 469 -73.13 -2.83 -10.39
N TYR I 470 -73.29 -1.61 -10.91
CA TYR I 470 -72.23 -0.68 -11.41
C TYR I 470 -71.35 -1.26 -12.54
N ASP I 471 -71.52 -2.53 -12.97
CA ASP I 471 -70.75 -3.14 -14.09
C ASP I 471 -71.71 -3.60 -15.22
N PHE I 472 -73.01 -3.35 -15.08
CA PHE I 472 -74.10 -3.95 -15.88
C PHE I 472 -73.88 -3.64 -17.37
N GLY I 473 -73.90 -2.35 -17.73
CA GLY I 473 -73.79 -1.87 -19.12
C GLY I 473 -72.43 -2.18 -19.73
N TYR I 474 -71.35 -2.03 -18.95
CA TYR I 474 -69.96 -2.34 -19.37
C TYR I 474 -69.84 -3.83 -19.71
N LEU I 475 -70.36 -4.72 -18.84
CA LEU I 475 -70.34 -6.18 -19.04
C LEU I 475 -71.28 -6.56 -20.20
N ALA I 476 -72.44 -5.90 -20.29
CA ALA I 476 -73.42 -6.07 -21.39
C ALA I 476 -72.74 -5.76 -22.73
N TYR I 477 -72.10 -4.59 -22.84
CA TYR I 477 -71.42 -4.10 -24.07
C TYR I 477 -70.46 -5.15 -24.63
N GLN I 478 -69.66 -5.77 -23.75
CA GLN I 478 -68.63 -6.79 -24.11
C GLN I 478 -69.29 -8.13 -24.46
N LYS I 479 -70.60 -8.28 -24.21
CA LYS I 479 -71.43 -9.45 -24.61
C LYS I 479 -70.97 -10.68 -23.82
N ASN I 480 -71.15 -10.64 -22.50
CA ASN I 480 -71.04 -11.80 -21.57
C ASN I 480 -72.42 -12.43 -21.38
N PHE I 481 -73.50 -11.64 -21.54
CA PHE I 481 -74.91 -12.09 -21.45
C PHE I 481 -75.77 -11.29 -22.42
N PRO I 482 -76.85 -11.87 -22.99
CA PRO I 482 -77.74 -11.14 -23.89
C PRO I 482 -78.64 -10.15 -23.12
N SER I 483 -79.04 -9.05 -23.76
CA SER I 483 -79.82 -7.94 -23.14
C SER I 483 -80.42 -7.03 -24.21
N PRO I 484 -81.53 -6.31 -23.90
CA PRO I 484 -82.22 -5.46 -24.89
C PRO I 484 -81.54 -4.09 -25.04
N ILE I 485 -80.40 -4.06 -25.76
CA ILE I 485 -79.61 -2.82 -26.03
C ILE I 485 -80.41 -1.93 -26.99
N CYS I 486 -80.38 -0.61 -26.77
CA CYS I 486 -81.00 0.41 -27.66
C CYS I 486 -79.93 1.40 -28.14
N ILE I 487 -79.87 1.65 -29.45
CA ILE I 487 -78.88 2.54 -30.14
C ILE I 487 -79.62 3.41 -31.16
N GLU I 488 -79.49 4.74 -31.07
CA GLU I 488 -80.11 5.73 -32.00
C GLU I 488 -79.09 6.79 -32.40
N GLN I 489 -78.97 7.05 -33.71
CA GLN I 489 -78.03 8.04 -34.31
C GLN I 489 -78.73 9.41 -34.41
N GLN I 490 -77.98 10.49 -34.18
CA GLN I 490 -78.41 11.90 -34.36
C GLN I 490 -77.26 12.70 -34.97
N LYS I 491 -77.44 13.25 -36.19
CA LYS I 491 -76.39 13.97 -36.94
C LYS I 491 -76.16 15.36 -36.34
N ILE I 492 -74.89 15.72 -36.09
CA ILE I 492 -74.48 17.04 -35.51
C ILE I 492 -73.83 17.88 -36.60
N ARG I 493 -72.77 17.35 -37.24
CA ARG I 493 -71.81 18.14 -38.09
C ARG I 493 -71.62 17.44 -39.44
N ASP I 494 -71.36 18.22 -40.50
CA ASP I 494 -71.14 17.73 -41.89
C ASP I 494 -69.74 17.11 -41.99
N GLN I 495 -69.60 16.02 -42.76
CA GLN I 495 -68.34 15.25 -42.89
C GLN I 495 -67.45 15.92 -43.96
N ASP I 496 -66.94 17.12 -43.65
CA ASP I 496 -66.10 17.95 -44.56
C ASP I 496 -65.15 18.80 -43.71
N TYR I 497 -64.44 18.18 -42.76
CA TYR I 497 -63.44 18.83 -41.88
C TYR I 497 -62.17 19.14 -42.67
N GLU I 498 -61.35 20.05 -42.14
CA GLU I 498 -60.06 20.52 -42.69
C GLU I 498 -59.06 20.62 -41.54
N VAL I 499 -57.86 20.06 -41.69
CA VAL I 499 -56.90 19.81 -40.57
C VAL I 499 -55.50 20.36 -40.93
N TYR I 500 -55.00 21.28 -40.11
CA TYR I 500 -53.64 21.90 -40.24
C TYR I 500 -52.67 21.24 -39.27
N SER I 501 -51.37 21.22 -39.60
CA SER I 501 -50.30 20.67 -38.74
C SER I 501 -49.39 21.80 -38.24
N LEU I 502 -49.33 22.01 -36.92
CA LEU I 502 -48.52 23.09 -36.30
C LEU I 502 -47.02 22.76 -36.35
N TYR I 503 -46.62 21.49 -36.43
CA TYR I 503 -45.20 21.08 -36.60
C TYR I 503 -44.71 21.50 -37.99
N GLN I 504 -45.51 21.27 -39.03
CA GLN I 504 -45.15 21.59 -40.44
C GLN I 504 -45.18 23.12 -40.65
N GLU I 505 -46.04 23.86 -39.93
CA GLU I 505 -46.12 25.36 -40.04
C GLU I 505 -44.88 26.00 -39.42
N CYS I 506 -44.40 25.44 -38.30
CA CYS I 506 -43.18 25.86 -37.57
C CYS I 506 -41.97 25.74 -38.49
N LYS I 507 -41.77 24.58 -39.13
CA LYS I 507 -40.65 24.35 -40.08
C LYS I 507 -40.73 25.37 -41.23
N ILE I 508 -41.91 25.52 -41.84
CA ILE I 508 -42.11 26.35 -43.06
C ILE I 508 -41.96 27.83 -42.73
N ALA I 509 -42.60 28.33 -41.66
CA ALA I 509 -42.56 29.77 -41.31
C ALA I 509 -41.17 30.20 -40.84
N SER I 510 -40.40 29.30 -40.25
CA SER I 510 -39.06 29.60 -39.65
C SER I 510 -38.02 29.85 -40.76
N LYS I 511 -38.29 29.38 -41.98
CA LYS I 511 -37.40 29.56 -43.15
C LYS I 511 -37.53 31.00 -43.69
N ALA I 512 -38.61 31.71 -43.34
CA ALA I 512 -38.94 33.07 -43.83
C ALA I 512 -38.65 34.12 -42.75
N TYR I 513 -39.19 33.92 -41.54
CA TYR I 513 -39.21 34.92 -40.43
C TYR I 513 -38.19 34.57 -39.33
N GLY I 514 -37.61 33.37 -39.33
CA GLY I 514 -36.63 32.93 -38.33
C GLY I 514 -37.30 32.37 -37.09
N ILE I 515 -36.69 31.36 -36.46
CA ILE I 515 -37.35 30.50 -35.43
C ILE I 515 -37.73 31.29 -34.18
N ASP I 516 -36.86 32.18 -33.68
CA ASP I 516 -37.12 32.98 -32.45
C ASP I 516 -38.53 33.62 -32.48
N THR I 517 -38.92 34.18 -33.63
CA THR I 517 -40.24 34.87 -33.84
C THR I 517 -41.37 33.84 -33.91
N VAL I 518 -41.24 32.87 -34.82
CA VAL I 518 -42.27 31.84 -35.12
C VAL I 518 -42.60 31.04 -33.85
N LEU I 519 -41.58 30.68 -33.09
CA LEU I 519 -41.71 29.90 -31.83
C LEU I 519 -42.61 30.69 -30.86
N PHE I 520 -42.25 31.95 -30.61
CA PHE I 520 -42.98 32.88 -29.71
C PHE I 520 -44.40 33.11 -30.22
N SER I 521 -44.55 33.27 -31.54
CA SER I 521 -45.87 33.49 -32.20
C SER I 521 -46.77 32.27 -32.01
N LEU I 522 -46.28 31.07 -32.32
CA LEU I 522 -47.09 29.81 -32.24
C LEU I 522 -47.27 29.38 -30.76
N LYS I 523 -46.36 29.72 -29.85
CA LYS I 523 -46.55 29.38 -28.42
C LYS I 523 -47.76 30.16 -27.84
N ASN I 524 -48.01 31.39 -28.30
CA ASN I 524 -49.15 32.21 -27.85
C ASN I 524 -50.46 31.60 -28.38
N PHE I 525 -50.47 31.10 -29.61
CA PHE I 525 -51.67 30.49 -30.24
C PHE I 525 -52.14 29.27 -29.44
N LEU I 526 -51.22 28.52 -28.81
CA LEU I 526 -51.56 27.40 -27.90
C LEU I 526 -52.21 27.92 -26.61
N ASN I 527 -52.08 29.22 -26.27
CA ASN I 527 -52.67 29.82 -25.04
C ASN I 527 -53.81 30.78 -25.43
N TYR I 528 -54.52 30.49 -26.53
CA TYR I 528 -55.60 31.34 -27.10
C TYR I 528 -56.78 31.45 -26.11
N THR I 529 -57.01 30.39 -25.33
CA THR I 529 -58.14 30.24 -24.38
C THR I 529 -57.78 30.88 -23.03
N GLY I 530 -56.51 30.82 -22.63
CA GLY I 530 -56.02 31.32 -21.33
C GLY I 530 -55.33 30.23 -20.53
N THR I 531 -55.55 28.97 -20.88
CA THR I 531 -54.79 27.78 -20.40
C THR I 531 -54.06 27.16 -21.58
N PRO I 532 -52.72 27.01 -21.54
CA PRO I 532 -51.98 26.46 -22.68
C PRO I 532 -52.26 24.96 -22.87
N VAL I 533 -52.65 24.56 -24.09
CA VAL I 533 -53.12 23.17 -24.39
C VAL I 533 -51.98 22.17 -24.15
N ASN I 534 -50.73 22.56 -24.43
CA ASN I 534 -49.56 21.63 -24.42
C ASN I 534 -49.19 21.21 -22.99
N GLU I 535 -49.65 21.92 -21.95
CA GLU I 535 -49.37 21.59 -20.52
C GLU I 535 -50.53 20.81 -19.88
N MET I 536 -51.66 20.63 -20.58
CA MET I 536 -52.79 19.78 -20.12
C MET I 536 -52.39 18.30 -20.15
N PRO I 537 -53.06 17.41 -19.38
CA PRO I 537 -52.83 15.97 -19.46
C PRO I 537 -53.25 15.36 -20.81
N ASN I 538 -52.41 14.45 -21.34
CA ASN I 538 -52.36 13.99 -22.76
C ASN I 538 -53.76 13.59 -23.26
N ALA I 539 -54.55 12.90 -22.44
CA ALA I 539 -55.88 12.36 -22.83
C ALA I 539 -56.97 13.45 -22.82
N ARG I 540 -56.73 14.59 -22.17
CA ARG I 540 -57.79 15.60 -21.90
C ARG I 540 -57.48 16.94 -22.59
N ALA I 541 -56.53 16.98 -23.54
CA ALA I 541 -55.98 18.21 -24.14
C ALA I 541 -56.70 18.55 -25.45
N PHE I 542 -58.00 18.87 -25.37
CA PHE I 542 -58.88 19.20 -26.52
C PHE I 542 -59.63 20.50 -26.21
N VAL I 543 -59.53 21.54 -27.05
CA VAL I 543 -60.12 22.88 -26.75
C VAL I 543 -60.79 23.45 -28.00
N GLY I 544 -61.95 24.08 -27.83
CA GLY I 544 -62.69 24.76 -28.92
C GLY I 544 -62.39 26.26 -28.94
N LEU I 545 -62.12 26.84 -30.12
CA LEU I 545 -61.79 28.28 -30.28
C LEU I 545 -62.88 28.97 -31.09
N ILE I 546 -63.00 30.30 -30.95
CA ILE I 546 -63.97 31.16 -31.71
C ILE I 546 -63.20 32.05 -32.68
N ASP I 547 -63.30 31.76 -33.99
CA ASP I 547 -62.80 32.60 -35.12
C ASP I 547 -61.33 32.96 -34.95
N PRO I 548 -60.42 31.99 -34.73
CA PRO I 548 -58.98 32.27 -34.71
C PRO I 548 -58.46 32.57 -36.12
N LYS I 549 -57.29 33.23 -36.20
CA LYS I 549 -56.54 33.47 -37.46
C LYS I 549 -55.35 32.50 -37.50
N PHE I 550 -55.26 31.67 -38.54
CA PHE I 550 -54.16 30.66 -38.71
C PHE I 550 -53.77 30.52 -40.18
N PRO I 551 -52.48 30.67 -40.56
CA PRO I 551 -51.38 30.91 -39.62
C PRO I 551 -51.41 32.30 -39.03
N PRO I 552 -50.81 32.52 -37.84
CA PRO I 552 -50.85 33.83 -37.20
C PRO I 552 -49.97 34.86 -37.93
N SER I 553 -50.17 36.15 -37.63
CA SER I 553 -49.30 37.27 -38.06
C SER I 553 -47.94 37.13 -37.36
N TYR I 554 -46.86 36.99 -38.14
CA TYR I 554 -45.46 36.93 -37.65
C TYR I 554 -44.84 38.32 -37.81
N PRO I 555 -44.45 39.00 -36.71
CA PRO I 555 -43.72 40.26 -36.81
C PRO I 555 -42.43 40.15 -37.63
N ASN I 556 -42.03 41.26 -38.28
CA ASN I 556 -40.78 41.38 -39.07
C ASN I 556 -39.80 42.21 -38.24
N VAL I 557 -39.08 41.56 -37.32
CA VAL I 557 -38.06 42.20 -36.42
C VAL I 557 -36.69 41.59 -36.72
N THR I 558 -35.64 42.13 -36.07
CA THR I 558 -34.25 41.59 -36.08
C THR I 558 -33.99 40.94 -34.72
N ARG I 559 -33.20 39.85 -34.71
CA ARG I 559 -33.03 38.96 -33.53
C ARG I 559 -31.99 39.55 -32.57
N GLU I 560 -32.02 39.10 -31.31
CA GLU I 560 -31.04 39.46 -30.25
C GLU I 560 -29.65 38.92 -30.63
N HIS I 561 -28.58 39.60 -30.19
CA HIS I 561 -27.17 39.15 -30.36
C HIS I 561 -26.26 39.84 -29.35
N TYR I 562 -25.08 39.27 -29.13
CA TYR I 562 -23.99 39.80 -28.25
C TYR I 562 -23.14 40.79 -29.04
N THR I 563 -22.67 41.85 -28.38
CA THR I 563 -21.85 42.96 -28.95
C THR I 563 -20.45 42.94 -28.35
N PRO J 133 3.28 76.09 8.97
CA PRO J 133 3.39 74.69 9.35
C PRO J 133 3.02 74.49 10.83
N VAL J 134 2.32 73.39 11.15
CA VAL J 134 1.91 73.07 12.55
C VAL J 134 2.28 71.63 12.90
N PRO J 135 3.01 71.32 13.99
CA PRO J 135 3.50 69.94 14.26
C PRO J 135 2.50 68.77 14.33
N LYS J 136 2.99 67.53 14.13
CA LYS J 136 2.16 66.28 14.22
C LYS J 136 3.11 65.07 14.22
N TYR J 137 2.59 63.84 14.29
CA TYR J 137 3.49 62.64 14.35
C TYR J 137 2.73 61.34 14.14
N VAL J 138 3.38 60.27 13.62
CA VAL J 138 2.76 58.91 13.49
C VAL J 138 3.68 57.87 14.14
N GLU J 139 3.15 57.02 15.01
CA GLU J 139 3.97 56.01 15.74
C GLU J 139 4.34 54.87 14.78
N VAL J 140 5.58 54.39 14.83
CA VAL J 140 6.13 53.35 13.92
C VAL J 140 6.95 52.35 14.72
N ASN J 141 6.44 51.15 15.00
CA ASN J 141 7.16 50.05 15.72
C ASN J 141 7.95 49.20 14.71
N MET J 142 9.08 48.65 15.13
CA MET J 142 10.00 47.83 14.29
C MET J 142 10.56 46.66 15.13
N THR J 143 10.63 45.45 14.57
CA THR J 143 11.25 44.27 15.24
C THR J 143 12.18 43.54 14.27
N SER J 144 13.05 42.70 14.83
CA SER J 144 14.16 42.00 14.13
C SER J 144 13.71 40.63 13.63
N ILE J 145 14.53 40.04 12.75
CA ILE J 145 14.30 38.75 12.05
C ILE J 145 15.62 37.97 12.16
N PRO J 146 15.85 37.26 13.28
CA PRO J 146 17.10 36.50 13.47
C PRO J 146 17.48 35.64 12.26
N GLN J 147 18.74 35.80 11.79
CA GLN J 147 19.35 35.09 10.64
C GLN J 147 18.73 35.56 9.31
N GLY J 148 17.78 36.50 9.32
CA GLY J 148 17.06 36.90 8.11
C GLY J 148 16.05 35.85 7.65
N VAL J 149 15.61 34.94 8.53
CA VAL J 149 14.59 33.90 8.23
C VAL J 149 13.22 34.42 8.67
N TYR J 150 12.24 34.49 7.77
CA TYR J 150 10.79 34.67 8.09
C TYR J 150 10.03 33.38 7.72
N TYR J 151 8.76 33.26 8.10
CA TYR J 151 7.95 32.01 7.95
C TYR J 151 6.47 32.31 7.69
N GLU J 152 5.76 31.34 7.12
CA GLU J 152 4.30 31.35 6.81
C GLU J 152 3.71 29.98 7.14
N PRO J 153 2.46 29.85 7.61
CA PRO J 153 1.89 28.53 7.89
C PRO J 153 1.78 27.59 6.68
N HIS J 154 1.90 26.28 6.96
CA HIS J 154 1.79 25.14 6.01
C HIS J 154 0.69 24.23 6.55
N PRO J 155 -0.60 24.51 6.29
CA PRO J 155 -1.70 23.83 6.94
C PRO J 155 -1.91 22.34 6.68
N GLU J 156 -1.39 21.86 5.56
CA GLU J 156 -1.54 20.44 5.15
C GLU J 156 -0.63 19.58 6.08
N PRO J 157 -1.05 18.40 6.52
CA PRO J 157 -0.14 17.48 7.18
C PRO J 157 1.04 16.98 6.35
N ILE J 158 2.09 16.51 6.96
CA ILE J 158 3.27 15.90 6.32
C ILE J 158 3.45 14.47 6.83
N VAL J 159 3.38 13.46 5.99
CA VAL J 159 3.51 12.03 6.27
C VAL J 159 4.88 11.51 5.82
N VAL J 160 5.65 10.88 6.68
CA VAL J 160 6.93 10.18 6.32
C VAL J 160 6.57 8.71 6.03
N LYS J 161 6.98 8.24 4.88
CA LYS J 161 6.69 6.86 4.37
C LYS J 161 7.62 5.88 5.06
N GLU J 162 7.07 4.80 5.63
CA GLU J 162 7.86 3.62 6.08
C GLU J 162 8.05 2.62 4.93
N ARG J 163 6.96 2.28 4.25
CA ARG J 163 6.79 1.12 3.34
C ARG J 163 5.51 1.32 2.54
N VAL J 164 5.24 0.40 1.61
CA VAL J 164 3.95 0.32 0.86
C VAL J 164 3.47 -1.13 0.88
N LEU J 165 2.18 -1.34 1.18
CA LEU J 165 1.50 -2.66 1.08
C LEU J 165 0.72 -2.65 -0.23
N GLY J 166 0.77 -3.73 -1.00
CA GLY J 166 0.01 -3.93 -2.25
C GLY J 166 -1.00 -5.05 -2.12
N LEU J 167 -2.22 -4.85 -2.55
CA LEU J 167 -3.37 -5.79 -2.46
C LEU J 167 -4.00 -5.97 -3.84
N SER J 168 -4.63 -7.11 -4.08
CA SER J 168 -5.49 -7.39 -5.25
C SER J 168 -6.84 -7.89 -4.76
N GLN J 169 -7.92 -7.17 -5.08
CA GLN J 169 -9.32 -7.58 -4.77
C GLN J 169 -10.05 -7.86 -6.07
N ILE J 170 -10.80 -8.97 -6.15
CA ILE J 170 -11.66 -9.33 -7.32
C ILE J 170 -13.12 -9.19 -6.89
N LEU J 171 -13.89 -8.33 -7.56
CA LEU J 171 -15.32 -8.09 -7.27
C LEU J 171 -16.16 -8.83 -8.29
N MET J 172 -17.07 -9.69 -7.83
CA MET J 172 -17.93 -10.53 -8.70
C MET J 172 -19.39 -10.10 -8.52
N ILE J 173 -20.03 -9.68 -9.61
CA ILE J 173 -21.46 -9.23 -9.67
C ILE J 173 -22.26 -10.27 -10.46
N ASN J 174 -23.48 -10.57 -10.02
CA ASN J 174 -24.39 -11.55 -10.67
C ASN J 174 -25.84 -11.09 -10.42
N SER J 175 -26.57 -10.74 -11.47
CA SER J 175 -27.93 -10.15 -11.37
C SER J 175 -28.91 -11.19 -10.80
N GLU J 176 -28.84 -12.46 -11.24
CA GLU J 176 -29.81 -13.51 -10.87
C GLU J 176 -29.89 -13.69 -9.34
N ASN J 177 -28.76 -13.64 -8.65
CA ASN J 177 -28.70 -13.70 -7.17
C ASN J 177 -29.47 -12.50 -6.58
N ILE J 178 -29.35 -11.31 -7.17
CA ILE J 178 -30.00 -10.07 -6.66
C ILE J 178 -31.50 -10.12 -6.97
N ALA J 179 -31.89 -10.63 -8.15
CA ALA J 179 -33.30 -10.74 -8.59
C ALA J 179 -34.07 -11.75 -7.72
N ASN J 180 -33.42 -12.79 -7.18
CA ASN J 180 -34.09 -13.85 -6.38
C ASN J 180 -34.51 -13.30 -5.02
N ASN J 181 -33.61 -12.58 -4.34
CA ASN J 181 -33.86 -12.05 -2.96
C ASN J 181 -34.92 -10.94 -3.00
N ALA J 182 -34.95 -10.12 -4.05
CA ALA J 182 -35.85 -8.95 -4.19
C ALA J 182 -37.19 -9.35 -4.80
N ASN J 183 -37.47 -10.64 -5.01
CA ASN J 183 -38.75 -11.16 -5.53
C ASN J 183 -39.13 -10.45 -6.83
N LEU J 184 -38.18 -10.17 -7.72
CA LEU J 184 -38.42 -9.37 -8.95
C LEU J 184 -39.23 -10.18 -9.96
N THR J 185 -39.90 -9.49 -10.89
CA THR J 185 -40.68 -10.06 -12.03
C THR J 185 -39.87 -9.95 -13.33
N GLN J 186 -40.24 -10.74 -14.34
CA GLN J 186 -39.50 -10.88 -15.62
C GLN J 186 -39.40 -9.53 -16.34
N GLU J 187 -40.34 -8.61 -16.09
CA GLU J 187 -40.30 -7.21 -16.61
C GLU J 187 -39.18 -6.43 -15.91
N VAL J 188 -39.07 -6.54 -14.59
CA VAL J 188 -38.13 -5.74 -13.77
C VAL J 188 -36.72 -6.33 -13.90
N LYS J 189 -36.62 -7.67 -13.99
CA LYS J 189 -35.35 -8.38 -14.35
C LYS J 189 -34.70 -7.70 -15.56
N LYS J 190 -35.48 -7.32 -16.58
CA LYS J 190 -34.96 -6.62 -17.79
C LYS J 190 -34.42 -5.24 -17.41
N LEU J 191 -35.04 -4.53 -16.46
CA LEU J 191 -34.55 -3.21 -15.99
C LEU J 191 -33.24 -3.40 -15.25
N LEU J 192 -33.22 -4.30 -14.26
CA LEU J 192 -32.01 -4.63 -13.46
C LEU J 192 -30.83 -4.87 -14.42
N THR J 193 -31.06 -5.64 -15.49
CA THR J 193 -30.01 -6.11 -16.43
C THR J 193 -29.49 -4.93 -17.27
N GLU J 194 -30.39 -4.12 -17.82
CA GLU J 194 -30.04 -2.87 -18.56
C GLU J 194 -29.23 -1.96 -17.63
N MET J 195 -29.72 -1.76 -16.40
CA MET J 195 -29.13 -0.79 -15.45
C MET J 195 -27.68 -1.18 -15.14
N VAL J 196 -27.45 -2.45 -14.80
CA VAL J 196 -26.11 -2.97 -14.39
C VAL J 196 -25.14 -2.90 -15.58
N ASN J 197 -25.57 -3.22 -16.80
CA ASN J 197 -24.68 -3.19 -18.00
C ASN J 197 -24.24 -1.74 -18.28
N GLU J 198 -25.18 -0.81 -18.33
CA GLU J 198 -24.95 0.65 -18.47
C GLU J 198 -23.73 1.06 -17.63
N GLU J 199 -23.77 0.84 -16.33
CA GLU J 199 -22.74 1.32 -15.36
C GLU J 199 -21.41 0.60 -15.59
N MET J 200 -21.44 -0.72 -15.77
CA MET J 200 -20.21 -1.56 -15.89
C MET J 200 -19.50 -1.25 -17.21
N GLN J 201 -20.25 -1.12 -18.31
CA GLN J 201 -19.72 -0.86 -19.66
C GLN J 201 -18.99 0.49 -19.69
N SER J 202 -19.57 1.51 -19.08
CA SER J 202 -19.00 2.88 -19.04
C SER J 202 -17.60 2.83 -18.42
N LEU J 203 -17.45 2.06 -17.35
CA LEU J 203 -16.15 1.87 -16.64
C LEU J 203 -15.19 1.11 -17.56
N SER J 204 -15.65 0.03 -18.16
CA SER J 204 -14.88 -0.81 -19.13
C SER J 204 -14.27 0.06 -20.25
N ASP J 205 -14.96 1.13 -20.67
CA ASP J 205 -14.70 1.90 -21.91
C ASP J 205 -13.60 2.97 -21.75
N VAL J 206 -13.05 3.20 -20.55
CA VAL J 206 -11.98 4.23 -20.34
C VAL J 206 -10.75 3.62 -19.64
N MET J 207 -10.71 2.31 -19.37
CA MET J 207 -9.61 1.70 -18.59
C MET J 207 -8.90 0.63 -19.45
N ILE J 208 -7.63 0.86 -19.83
CA ILE J 208 -6.76 -0.17 -20.47
C ILE J 208 -6.34 -1.20 -19.43
N ASP J 209 -5.84 -2.36 -19.87
CA ASP J 209 -5.36 -3.47 -19.00
C ASP J 209 -3.95 -3.20 -18.49
N PHE J 210 -3.61 -3.79 -17.35
CA PHE J 210 -2.30 -3.74 -16.68
C PHE J 210 -1.94 -5.14 -16.16
N GLU J 211 -0.73 -5.63 -16.39
CA GLU J 211 -0.18 -6.86 -15.79
C GLU J 211 0.15 -6.59 -14.31
N ILE J 212 -0.28 -7.47 -13.40
CA ILE J 212 0.02 -7.41 -11.94
C ILE J 212 0.80 -8.69 -11.57
N PRO J 213 1.98 -8.60 -10.92
CA PRO J 213 2.86 -9.76 -10.78
C PRO J 213 2.53 -10.70 -9.61
N LEU J 214 1.31 -11.21 -9.54
CA LEU J 214 0.88 -12.33 -8.64
C LEU J 214 0.44 -13.52 -9.50
N GLY J 215 0.12 -14.64 -8.87
CA GLY J 215 -0.37 -15.86 -9.55
C GLY J 215 -1.81 -15.71 -10.04
N ASP J 216 -2.23 -16.60 -10.94
CA ASP J 216 -3.56 -16.64 -11.61
C ASP J 216 -4.64 -16.96 -10.57
N PRO J 217 -5.73 -16.15 -10.45
CA PRO J 217 -6.82 -16.47 -9.54
C PRO J 217 -7.42 -17.87 -9.72
N ARG J 218 -7.50 -18.33 -10.97
CA ARG J 218 -8.01 -19.68 -11.39
C ARG J 218 -7.33 -20.80 -10.61
N ASP J 219 -6.13 -20.59 -10.07
CA ASP J 219 -5.38 -21.61 -9.28
C ASP J 219 -5.67 -21.51 -7.77
N GLN J 220 -6.42 -20.52 -7.29
CA GLN J 220 -6.61 -20.24 -5.84
C GLN J 220 -7.95 -20.82 -5.36
N GLU J 221 -7.97 -21.50 -4.21
CA GLU J 221 -9.16 -22.21 -3.65
C GLU J 221 -10.34 -21.25 -3.49
N GLN J 222 -10.13 -20.16 -2.76
CA GLN J 222 -11.16 -19.13 -2.47
C GLN J 222 -11.83 -18.63 -3.75
N TYR J 223 -11.11 -18.55 -4.88
CA TYR J 223 -11.70 -18.18 -6.19
C TYR J 223 -12.57 -19.32 -6.73
N ILE J 224 -12.15 -20.57 -6.57
CA ILE J 224 -12.90 -21.76 -7.09
C ILE J 224 -14.17 -21.95 -6.25
N HIS J 225 -14.06 -21.87 -4.93
CA HIS J 225 -15.18 -22.11 -3.98
C HIS J 225 -16.27 -21.05 -4.14
N ARG J 226 -15.90 -19.78 -4.34
CA ARG J 226 -16.90 -18.66 -4.37
C ARG J 226 -17.54 -18.54 -5.76
N LYS J 227 -16.87 -19.04 -6.81
CA LYS J 227 -17.43 -19.06 -8.19
C LYS J 227 -18.45 -20.20 -8.33
N CYS J 228 -18.13 -21.42 -7.89
CA CYS J 228 -19.07 -22.59 -7.89
C CYS J 228 -20.33 -22.26 -7.08
N TYR J 229 -20.19 -21.55 -5.95
CA TYR J 229 -21.30 -21.17 -5.04
C TYR J 229 -22.25 -20.21 -5.76
N GLN J 230 -21.70 -19.11 -6.29
CA GLN J 230 -22.45 -18.04 -6.99
C GLN J 230 -23.20 -18.57 -8.21
N GLU J 231 -22.79 -19.71 -8.77
CA GLU J 231 -23.44 -20.32 -9.96
C GLU J 231 -24.39 -21.46 -9.56
N PHE J 232 -23.99 -22.35 -8.63
CA PHE J 232 -24.68 -23.67 -8.44
C PHE J 232 -25.04 -23.98 -6.98
N ALA J 233 -25.14 -23.01 -6.08
CA ALA J 233 -25.38 -23.25 -4.63
C ALA J 233 -26.60 -24.17 -4.42
N ASN J 234 -27.78 -23.77 -4.92
CA ASN J 234 -29.08 -24.43 -4.62
C ASN J 234 -29.59 -25.32 -5.77
N CYS J 235 -28.72 -25.73 -6.70
CA CYS J 235 -29.06 -26.56 -7.89
C CYS J 235 -28.87 -28.05 -7.55
N TYR J 236 -29.89 -28.91 -7.73
CA TYR J 236 -29.84 -30.37 -7.42
C TYR J 236 -30.41 -31.21 -8.56
N LEU J 237 -30.04 -32.50 -8.62
CA LEU J 237 -30.54 -33.49 -9.61
C LEU J 237 -31.10 -34.70 -8.87
N VAL J 238 -32.35 -35.07 -9.16
CA VAL J 238 -33.09 -36.20 -8.50
C VAL J 238 -33.32 -37.30 -9.53
N LYS J 239 -33.08 -38.56 -9.17
CA LYS J 239 -33.25 -39.72 -10.09
C LYS J 239 -34.32 -40.68 -9.54
N TYR J 240 -35.46 -40.83 -10.25
CA TYR J 240 -36.50 -41.87 -9.98
C TYR J 240 -35.87 -43.26 -10.00
N LYS J 241 -36.40 -44.19 -9.18
CA LYS J 241 -36.01 -45.64 -9.18
C LYS J 241 -36.18 -46.20 -10.59
N GLU J 242 -37.31 -45.89 -11.24
CA GLU J 242 -37.56 -46.10 -12.69
C GLU J 242 -38.57 -45.06 -13.18
N PRO J 243 -38.59 -44.71 -14.48
CA PRO J 243 -39.50 -43.68 -15.00
C PRO J 243 -41.00 -44.02 -14.84
N LYS J 244 -41.75 -43.14 -14.16
CA LYS J 244 -43.22 -43.24 -13.94
C LYS J 244 -43.81 -41.84 -13.85
N PRO J 245 -44.73 -41.43 -14.76
CA PRO J 245 -45.33 -40.10 -14.73
C PRO J 245 -46.62 -39.96 -13.93
N TRP J 246 -47.06 -38.72 -13.67
CA TRP J 246 -48.31 -38.37 -12.95
C TRP J 246 -49.49 -38.91 -13.74
N PRO J 247 -50.41 -39.69 -13.12
CA PRO J 247 -51.26 -40.62 -13.87
C PRO J 247 -52.48 -40.00 -14.59
N LYS J 248 -53.11 -38.96 -14.02
CA LYS J 248 -54.35 -38.33 -14.53
C LYS J 248 -54.05 -36.98 -15.18
N GLU J 249 -54.97 -36.46 -16.01
CA GLU J 249 -54.86 -35.12 -16.66
C GLU J 249 -55.71 -34.08 -15.90
N GLY J 250 -56.58 -34.52 -15.00
CA GLY J 250 -57.40 -33.64 -14.14
C GLY J 250 -56.97 -33.73 -12.68
N LEU J 251 -56.98 -32.60 -11.97
CA LEU J 251 -56.49 -32.49 -10.58
C LEU J 251 -57.57 -31.81 -9.72
N ILE J 252 -58.13 -32.53 -8.74
CA ILE J 252 -59.06 -31.96 -7.72
C ILE J 252 -58.20 -31.46 -6.54
N ALA J 253 -58.20 -30.15 -6.30
CA ALA J 253 -57.37 -29.47 -5.28
C ALA J 253 -58.10 -28.23 -4.74
N ASP J 254 -59.03 -28.44 -3.81
CA ASP J 254 -59.98 -27.40 -3.32
C ASP J 254 -59.32 -26.49 -2.29
N GLN J 255 -58.20 -26.92 -1.69
CA GLN J 255 -57.41 -26.14 -0.70
C GLN J 255 -56.99 -24.78 -1.28
N CYS J 256 -56.79 -24.66 -2.60
CA CYS J 256 -56.31 -23.41 -3.26
C CYS J 256 -57.49 -22.47 -3.48
N PRO J 257 -57.38 -21.17 -3.08
CA PRO J 257 -58.43 -20.19 -3.35
C PRO J 257 -58.46 -19.75 -4.82
N LEU J 258 -59.66 -19.75 -5.43
CA LEU J 258 -59.87 -19.48 -6.88
C LEU J 258 -59.89 -17.98 -7.12
N PRO J 259 -59.75 -17.52 -8.40
CA PRO J 259 -59.79 -16.09 -8.71
C PRO J 259 -61.22 -15.53 -8.75
N GLY J 260 -61.42 -14.35 -8.16
CA GLY J 260 -62.73 -13.67 -8.06
C GLY J 260 -62.60 -12.24 -7.57
N ASN J 268 -54.08 -12.22 -3.19
CA ASN J 268 -52.85 -12.42 -4.01
C ASN J 268 -53.11 -13.39 -5.16
N ARG J 269 -52.31 -13.31 -6.22
CA ARG J 269 -52.35 -14.23 -7.39
C ARG J 269 -51.65 -15.55 -7.01
N GLN J 270 -52.23 -16.68 -7.43
CA GLN J 270 -51.70 -18.05 -7.19
C GLN J 270 -51.07 -18.58 -8.48
N SER J 271 -50.01 -19.40 -8.37
CA SER J 271 -49.27 -20.00 -9.50
C SER J 271 -50.13 -21.03 -10.23
N ILE J 272 -51.01 -21.74 -9.50
CA ILE J 272 -51.82 -22.88 -10.04
C ILE J 272 -52.92 -22.35 -10.99
N TRP J 273 -53.26 -21.06 -10.91
CA TRP J 273 -54.26 -20.40 -11.81
C TRP J 273 -53.84 -20.55 -13.29
N ASP J 274 -52.55 -20.80 -13.56
CA ASP J 274 -52.04 -21.14 -14.92
C ASP J 274 -52.70 -22.40 -15.47
N TYR J 275 -53.18 -23.32 -14.62
CA TYR J 275 -53.75 -24.64 -15.02
C TYR J 275 -55.26 -24.72 -14.74
N TYR J 276 -55.89 -23.59 -14.35
CA TYR J 276 -57.32 -23.51 -13.92
C TYR J 276 -58.24 -23.39 -15.13
N ILE J 277 -59.16 -24.35 -15.33
CA ILE J 277 -60.21 -24.28 -16.38
C ILE J 277 -61.33 -23.37 -15.88
N LYS J 278 -61.63 -22.30 -16.61
CA LYS J 278 -62.74 -21.35 -16.32
C LYS J 278 -64.04 -21.91 -16.93
N VAL J 279 -65.17 -21.76 -16.21
CA VAL J 279 -66.53 -22.10 -16.71
C VAL J 279 -67.09 -20.87 -17.44
N GLU J 280 -67.27 -20.97 -18.76
CA GLU J 280 -67.76 -19.87 -19.64
C GLU J 280 -69.25 -20.08 -19.93
N SER J 281 -70.03 -19.01 -19.88
CA SER J 281 -71.50 -18.98 -20.12
C SER J 281 -71.79 -19.14 -21.62
N ILE J 282 -71.00 -18.48 -22.47
CA ILE J 282 -71.13 -18.51 -23.96
C ILE J 282 -70.14 -19.55 -24.51
N ARG J 283 -70.62 -20.42 -25.41
CA ARG J 283 -69.82 -21.48 -26.10
C ARG J 283 -70.32 -21.63 -27.53
N PRO J 284 -69.59 -22.33 -28.43
CA PRO J 284 -70.14 -22.76 -29.71
C PRO J 284 -71.14 -23.91 -29.58
N ALA J 285 -71.80 -24.28 -30.69
CA ALA J 285 -72.89 -25.29 -30.74
C ALA J 285 -72.30 -26.70 -30.62
N ASN J 286 -72.90 -27.54 -29.77
CA ASN J 286 -72.50 -28.95 -29.51
C ASN J 286 -71.06 -28.98 -29.00
N TRP J 287 -70.75 -28.16 -27.99
CA TRP J 287 -69.43 -28.07 -27.31
C TRP J 287 -69.46 -28.93 -26.04
N THR J 288 -68.43 -29.77 -25.86
CA THR J 288 -68.27 -30.69 -24.70
C THR J 288 -66.82 -30.65 -24.20
N THR J 289 -66.64 -30.73 -22.88
CA THR J 289 -65.31 -30.77 -22.19
C THR J 289 -64.46 -31.91 -22.77
N LYS J 290 -65.05 -33.09 -22.94
CA LYS J 290 -64.41 -34.32 -23.46
C LYS J 290 -63.65 -34.05 -24.77
N SER J 291 -64.13 -33.11 -25.60
CA SER J 291 -63.50 -32.68 -26.86
C SER J 291 -62.14 -32.01 -26.59
N LYS J 292 -62.06 -31.16 -25.56
CA LYS J 292 -60.93 -30.23 -25.31
C LYS J 292 -60.04 -30.75 -24.16
N TYR J 293 -60.60 -30.85 -22.95
CA TYR J 293 -59.88 -31.07 -21.68
C TYR J 293 -60.02 -32.52 -21.18
N GLY J 294 -60.26 -33.48 -22.08
CA GLY J 294 -60.40 -34.91 -21.74
C GLY J 294 -61.35 -35.14 -20.57
N GLN J 295 -60.89 -35.81 -19.52
CA GLN J 295 -61.73 -36.29 -18.38
C GLN J 295 -61.62 -35.35 -17.17
N ALA J 296 -61.23 -34.09 -17.40
CA ALA J 296 -61.10 -33.04 -16.35
C ALA J 296 -62.48 -32.42 -16.05
N ARG J 297 -62.70 -32.00 -14.81
CA ARG J 297 -63.98 -31.39 -14.34
C ARG J 297 -63.89 -29.86 -14.45
N LEU J 298 -64.56 -29.31 -15.48
CA LEU J 298 -64.65 -27.87 -15.80
C LEU J 298 -64.85 -27.09 -14.48
N GLY J 299 -64.00 -26.11 -14.22
CA GLY J 299 -63.96 -25.36 -12.94
C GLY J 299 -62.88 -25.86 -11.99
N SER J 300 -62.17 -26.95 -12.34
CA SER J 300 -60.95 -27.43 -11.64
C SER J 300 -59.70 -27.15 -12.50
N PHE J 301 -58.71 -28.04 -12.46
CA PHE J 301 -57.34 -27.84 -13.01
C PHE J 301 -56.97 -28.93 -14.02
N TYR J 302 -56.44 -28.53 -15.18
CA TYR J 302 -55.97 -29.42 -16.27
C TYR J 302 -54.43 -29.46 -16.31
N ILE J 303 -53.84 -30.66 -16.17
CA ILE J 303 -52.37 -30.89 -16.22
C ILE J 303 -51.96 -31.19 -17.66
N PRO J 304 -51.13 -30.34 -18.30
CA PRO J 304 -50.70 -30.56 -19.69
C PRO J 304 -49.87 -31.84 -19.88
N SER J 305 -49.74 -32.29 -21.13
CA SER J 305 -49.02 -33.53 -21.50
C SER J 305 -47.50 -33.32 -21.44
N SER J 306 -47.04 -32.06 -21.45
CA SER J 306 -45.60 -31.69 -21.29
C SER J 306 -45.11 -32.03 -19.87
N LEU J 307 -45.99 -31.94 -18.86
CA LEU J 307 -45.65 -32.27 -17.45
C LEU J 307 -45.95 -33.74 -17.12
N ARG J 308 -46.26 -34.59 -18.13
CA ARG J 308 -46.65 -36.02 -17.92
C ARG J 308 -45.95 -36.93 -18.94
N GLN J 309 -44.69 -36.63 -19.29
CA GLN J 309 -43.91 -37.41 -20.30
C GLN J 309 -43.59 -38.80 -19.73
N ILE J 310 -43.66 -39.83 -20.57
CA ILE J 310 -43.53 -41.27 -20.18
C ILE J 310 -42.05 -41.65 -19.99
N ASN J 311 -41.11 -40.93 -20.61
CA ASN J 311 -39.68 -41.34 -20.70
C ASN J 311 -38.79 -40.56 -19.72
N VAL J 312 -39.32 -39.53 -19.03
CA VAL J 312 -38.55 -38.66 -18.09
C VAL J 312 -38.09 -39.51 -16.89
N SER J 313 -36.77 -39.57 -16.67
CA SER J 313 -36.08 -40.43 -15.67
C SER J 313 -35.53 -39.62 -14.50
N HIS J 314 -35.18 -38.35 -14.71
CA HIS J 314 -34.56 -37.44 -13.70
C HIS J 314 -35.32 -36.11 -13.64
N VAL J 315 -35.27 -35.44 -12.48
CA VAL J 315 -35.82 -34.07 -12.28
C VAL J 315 -34.69 -33.15 -11.79
N LEU J 316 -34.47 -32.03 -12.49
CA LEU J 316 -33.39 -31.04 -12.22
C LEU J 316 -34.05 -29.76 -11.72
N PHE J 317 -33.72 -29.29 -10.52
CA PHE J 317 -34.29 -28.04 -9.95
C PHE J 317 -33.20 -27.18 -9.30
N CYS J 318 -33.48 -25.89 -9.17
CA CYS J 318 -32.56 -24.85 -8.67
C CYS J 318 -33.37 -23.82 -7.87
N SER J 319 -33.61 -24.08 -6.59
CA SER J 319 -34.39 -23.20 -5.66
C SER J 319 -34.06 -23.52 -4.20
N ASP J 320 -34.26 -22.53 -3.31
CA ASP J 320 -33.95 -22.61 -1.86
C ASP J 320 -35.26 -22.69 -1.04
N GLN J 321 -36.32 -23.26 -1.62
CA GLN J 321 -37.69 -23.23 -1.03
C GLN J 321 -38.14 -24.62 -0.56
N LEU J 322 -37.24 -25.62 -0.50
CA LEU J 322 -37.52 -26.96 0.09
C LEU J 322 -36.53 -27.30 1.22
N TYR J 323 -35.75 -26.34 1.72
CA TYR J 323 -34.77 -26.58 2.81
C TYR J 323 -35.52 -26.68 4.15
N SER J 324 -35.10 -27.62 5.00
CA SER J 324 -35.62 -27.81 6.39
C SER J 324 -35.15 -26.65 7.29
N LYS J 325 -35.59 -26.65 8.55
CA LYS J 325 -35.65 -25.48 9.47
C LYS J 325 -34.28 -24.81 9.69
N TRP J 326 -33.16 -25.51 9.45
CA TRP J 326 -31.77 -24.96 9.53
C TRP J 326 -31.68 -23.65 8.73
N TYR J 327 -32.33 -23.58 7.56
CA TYR J 327 -32.34 -22.41 6.66
C TYR J 327 -33.40 -21.40 7.14
N ASN J 328 -32.99 -20.14 7.32
CA ASN J 328 -33.86 -19.00 7.70
C ASN J 328 -33.39 -17.75 6.93
N ILE J 329 -34.32 -17.06 6.25
CA ILE J 329 -34.05 -15.81 5.49
C ILE J 329 -33.83 -14.63 6.47
N GLU J 330 -34.27 -14.79 7.73
CA GLU J 330 -34.00 -13.85 8.85
C GLU J 330 -32.49 -13.72 9.08
N ASN J 331 -31.75 -14.84 9.01
CA ASN J 331 -30.29 -14.91 9.22
C ASN J 331 -29.55 -14.19 8.08
N THR J 332 -28.23 -14.05 8.21
CA THR J 332 -27.34 -13.31 7.27
C THR J 332 -26.93 -14.22 6.11
N ILE J 333 -26.77 -13.64 4.91
CA ILE J 333 -26.27 -14.33 3.68
C ILE J 333 -24.98 -15.09 4.02
N GLU J 334 -24.02 -14.41 4.65
CA GLU J 334 -22.66 -14.96 4.95
C GLU J 334 -22.76 -16.10 5.97
N GLN J 335 -23.76 -16.10 6.86
CA GLN J 335 -24.08 -17.25 7.75
C GLN J 335 -24.67 -18.38 6.90
N ASN J 336 -25.79 -18.09 6.22
CA ASN J 336 -26.57 -19.06 5.40
C ASN J 336 -25.66 -19.74 4.36
N GLU J 337 -24.59 -19.07 3.92
CA GLU J 337 -23.54 -19.68 3.06
C GLU J 337 -22.81 -20.76 3.88
N ARG J 338 -22.16 -20.36 4.98
CA ARG J 338 -21.36 -21.25 5.88
C ARG J 338 -22.20 -22.47 6.27
N PHE J 339 -23.44 -22.23 6.72
CA PHE J 339 -24.38 -23.30 7.15
C PHE J 339 -24.52 -24.35 6.06
N LEU J 340 -24.85 -23.93 4.83
CA LEU J 340 -25.01 -24.85 3.67
C LEU J 340 -23.67 -25.54 3.38
N LEU J 341 -22.61 -24.74 3.28
CA LEU J 341 -21.25 -25.22 2.90
C LEU J 341 -20.80 -26.32 3.86
N ASN J 342 -21.10 -26.18 5.17
CA ASN J 342 -20.80 -27.25 6.17
C ASN J 342 -21.68 -28.49 5.90
N LYS J 343 -23.00 -28.30 5.89
CA LYS J 343 -23.99 -29.40 5.70
C LYS J 343 -23.61 -30.25 4.47
N LEU J 344 -23.35 -29.59 3.34
CA LEU J 344 -23.00 -30.31 2.08
C LEU J 344 -21.68 -31.07 2.25
N ASN J 345 -20.73 -30.58 3.07
CA ASN J 345 -19.46 -31.29 3.36
C ASN J 345 -19.72 -32.48 4.28
N ASN J 346 -20.65 -32.30 5.23
CA ASN J 346 -20.99 -33.31 6.27
C ASN J 346 -21.82 -34.44 5.65
N LEU J 347 -22.63 -34.16 4.62
CA LEU J 347 -23.61 -35.13 4.03
C LEU J 347 -23.08 -35.82 2.77
N THR J 348 -21.78 -35.69 2.47
CA THR J 348 -21.12 -36.18 1.23
C THR J 348 -19.82 -36.89 1.62
N SER J 349 -19.18 -37.63 0.69
CA SER J 349 -17.89 -38.33 0.94
C SER J 349 -17.13 -38.58 -0.38
N GLY J 350 -16.60 -37.52 -0.99
CA GLY J 350 -15.65 -37.60 -2.12
C GLY J 350 -16.30 -37.56 -3.49
N THR J 351 -17.56 -38.01 -3.60
CA THR J 351 -18.42 -37.91 -4.81
C THR J 351 -19.40 -36.75 -4.61
N SER J 352 -20.44 -36.62 -5.44
CA SER J 352 -21.45 -35.52 -5.40
C SER J 352 -22.85 -36.04 -5.03
N VAL J 353 -22.95 -37.31 -4.59
CA VAL J 353 -24.20 -38.01 -4.21
C VAL J 353 -24.53 -37.68 -2.76
N LEU J 354 -25.75 -37.20 -2.46
CA LEU J 354 -26.12 -36.92 -1.04
C LEU J 354 -26.34 -38.24 -0.30
N LYS J 355 -26.14 -38.24 1.01
CA LYS J 355 -26.41 -39.40 1.91
C LYS J 355 -27.91 -39.44 2.22
N LYS J 356 -28.49 -40.66 2.27
CA LYS J 356 -29.96 -40.90 2.38
C LYS J 356 -30.55 -40.09 3.56
N ARG J 357 -29.80 -39.93 4.65
CA ARG J 357 -30.15 -39.10 5.83
C ARG J 357 -30.72 -37.73 5.39
N ALA J 358 -30.11 -37.10 4.37
CA ALA J 358 -30.40 -35.73 3.87
C ALA J 358 -31.86 -35.58 3.39
N LEU J 359 -32.45 -36.64 2.85
CA LEU J 359 -33.76 -36.60 2.13
C LEU J 359 -34.90 -36.57 3.14
N PRO J 360 -36.11 -36.14 2.76
CA PRO J 360 -37.29 -36.28 3.62
C PRO J 360 -37.80 -37.73 3.61
N LYS J 361 -38.65 -38.09 4.58
CA LYS J 361 -39.15 -39.47 4.82
C LYS J 361 -40.01 -39.94 3.63
N ASP J 362 -40.57 -39.02 2.85
CA ASP J 362 -41.40 -39.32 1.65
C ASP J 362 -40.53 -39.98 0.56
N TRP J 363 -39.32 -39.46 0.30
CA TRP J 363 -38.46 -39.86 -0.85
C TRP J 363 -37.59 -41.07 -0.50
N SER J 364 -37.32 -41.33 0.77
CA SER J 364 -36.50 -42.48 1.23
C SER J 364 -36.97 -42.99 2.61
N SER J 365 -36.81 -44.30 2.84
CA SER J 365 -37.05 -44.98 4.14
C SER J 365 -36.05 -44.49 5.20
N GLN J 366 -34.84 -44.11 4.78
CA GLN J 366 -33.71 -43.75 5.66
C GLN J 366 -33.56 -42.22 5.80
N GLY J 367 -34.50 -41.44 5.26
CA GLY J 367 -34.48 -39.96 5.28
C GLY J 367 -34.82 -39.39 6.64
N LYS J 368 -34.08 -38.36 7.08
CA LYS J 368 -34.26 -37.72 8.42
C LYS J 368 -34.31 -36.18 8.29
N ASN J 369 -34.53 -35.65 7.09
CA ASN J 369 -34.77 -34.20 6.83
C ASN J 369 -33.57 -33.35 7.25
N ALA J 370 -32.34 -33.88 7.12
CA ALA J 370 -31.08 -33.17 7.46
C ALA J 370 -30.90 -31.94 6.56
N LEU J 371 -31.30 -32.03 5.28
CA LEU J 371 -31.17 -30.94 4.27
C LEU J 371 -32.57 -30.45 3.83
N PHE J 372 -33.44 -31.35 3.36
CA PHE J 372 -34.76 -30.98 2.76
C PHE J 372 -35.90 -31.18 3.76
N ARG J 373 -36.91 -30.30 3.71
CA ARG J 373 -38.21 -30.46 4.44
C ARG J 373 -39.14 -31.40 3.67
N GLU J 374 -40.35 -31.64 4.19
CA GLU J 374 -41.40 -32.48 3.56
C GLU J 374 -42.43 -31.59 2.87
N ILE J 375 -42.81 -31.92 1.63
CA ILE J 375 -43.88 -31.21 0.86
C ILE J 375 -45.22 -31.42 1.60
N ASN J 376 -46.01 -30.36 1.70
CA ASN J 376 -47.27 -30.30 2.50
C ASN J 376 -48.44 -30.15 1.53
N VAL J 377 -49.64 -29.84 2.03
CA VAL J 377 -50.91 -29.86 1.23
C VAL J 377 -51.05 -28.56 0.43
N LEU J 378 -50.69 -27.41 1.00
CA LEU J 378 -50.84 -26.08 0.34
C LEU J 378 -49.72 -25.81 -0.69
N ASP J 379 -48.67 -26.64 -0.77
CA ASP J 379 -47.50 -26.44 -1.68
C ASP J 379 -47.94 -26.47 -3.15
N ILE J 380 -48.98 -27.23 -3.50
CA ILE J 380 -49.52 -27.35 -4.89
C ILE J 380 -49.92 -25.97 -5.42
N CYS J 381 -50.46 -25.09 -4.57
CA CYS J 381 -50.97 -23.75 -4.97
C CYS J 381 -49.82 -22.83 -5.40
N SER J 382 -48.73 -22.81 -4.63
CA SER J 382 -47.53 -21.94 -4.82
C SER J 382 -46.54 -22.56 -5.82
N LYS J 383 -46.31 -23.88 -5.76
CA LYS J 383 -45.27 -24.59 -6.55
C LYS J 383 -45.87 -25.83 -7.21
N PRO J 384 -46.68 -25.67 -8.28
CA PRO J 384 -47.32 -26.81 -8.95
C PRO J 384 -46.37 -27.89 -9.48
N GLU J 385 -45.39 -27.50 -10.31
CA GLU J 385 -44.51 -28.42 -11.08
C GLU J 385 -43.71 -29.31 -10.12
N SER J 386 -43.18 -28.69 -9.05
CA SER J 386 -42.51 -29.35 -7.91
C SER J 386 -43.29 -30.60 -7.48
N VAL J 387 -44.57 -30.43 -7.12
CA VAL J 387 -45.44 -31.52 -6.61
C VAL J 387 -45.67 -32.55 -7.71
N ILE J 388 -46.10 -32.10 -8.89
CA ILE J 388 -46.45 -32.99 -10.05
C ILE J 388 -45.24 -33.84 -10.46
N LEU J 389 -44.01 -33.30 -10.35
CA LEU J 389 -42.77 -34.02 -10.76
C LEU J 389 -42.14 -34.79 -9.59
N LEU J 390 -42.30 -34.37 -8.32
CA LEU J 390 -41.55 -34.99 -7.18
C LEU J 390 -42.43 -35.83 -6.25
N ASN J 391 -43.74 -35.54 -6.08
CA ASN J 391 -44.62 -36.31 -5.13
C ASN J 391 -44.60 -37.80 -5.49
N THR J 392 -44.56 -38.67 -4.47
CA THR J 392 -44.54 -40.16 -4.62
C THR J 392 -45.97 -40.67 -4.82
N SER J 393 -46.96 -40.01 -4.21
CA SER J 393 -48.40 -40.36 -4.28
C SER J 393 -49.26 -39.10 -4.46
N TYR J 394 -50.35 -39.24 -5.23
CA TYR J 394 -51.42 -38.22 -5.42
C TYR J 394 -52.46 -38.39 -4.31
N TYR J 395 -52.60 -37.36 -3.45
CA TYR J 395 -53.68 -37.21 -2.44
C TYR J 395 -54.67 -36.17 -2.95
N SER J 396 -55.97 -36.50 -2.92
CA SER J 396 -57.09 -35.58 -3.30
C SER J 396 -57.56 -34.77 -2.09
N PHE J 397 -58.34 -33.71 -2.34
CA PHE J 397 -59.00 -32.88 -1.31
C PHE J 397 -60.28 -32.29 -1.90
N SER J 398 -61.41 -32.98 -1.71
CA SER J 398 -62.69 -32.80 -2.45
C SER J 398 -63.84 -32.40 -1.52
N LEU J 399 -64.55 -31.32 -1.87
CA LEU J 399 -65.89 -30.94 -1.34
C LEU J 399 -66.90 -30.95 -2.50
N TRP J 400 -66.80 -31.94 -3.38
CA TRP J 400 -67.68 -32.16 -4.56
C TRP J 400 -68.65 -33.28 -4.25
N GLU J 401 -69.97 -33.02 -4.36
CA GLU J 401 -71.05 -33.99 -4.04
C GLU J 401 -70.98 -35.16 -5.03
N GLY J 402 -70.59 -36.35 -4.54
CA GLY J 402 -70.51 -37.59 -5.34
C GLY J 402 -69.31 -38.45 -4.97
N ASP J 403 -68.18 -37.84 -4.61
CA ASP J 403 -66.87 -38.52 -4.37
C ASP J 403 -66.91 -39.32 -3.07
N CYS J 404 -66.25 -40.49 -3.07
CA CYS J 404 -66.24 -41.50 -1.98
C CYS J 404 -67.67 -41.97 -1.64
N ASN J 405 -68.58 -41.90 -2.63
CA ASN J 405 -70.01 -42.28 -2.50
C ASN J 405 -70.71 -41.45 -1.42
N PHE J 406 -70.29 -40.21 -1.20
CA PHE J 406 -70.89 -39.28 -0.19
C PHE J 406 -72.14 -38.62 -0.81
N THR J 407 -73.33 -39.07 -0.39
CA THR J 407 -74.66 -38.56 -0.83
C THR J 407 -75.11 -37.43 0.09
N LYS J 408 -75.91 -36.49 -0.44
CA LYS J 408 -76.34 -35.23 0.24
C LYS J 408 -77.02 -35.55 1.58
N ASP J 409 -77.80 -36.64 1.64
CA ASP J 409 -78.46 -37.13 2.87
C ASP J 409 -77.41 -37.61 3.89
N MET J 410 -76.37 -38.30 3.42
CA MET J 410 -75.32 -38.94 4.27
C MET J 410 -74.40 -37.86 4.86
N ILE J 411 -74.88 -37.16 5.89
CA ILE J 411 -74.10 -36.17 6.70
C ILE J 411 -74.41 -36.45 8.18
N SER J 412 -73.67 -37.38 8.78
CA SER J 412 -73.82 -37.85 10.19
C SER J 412 -72.53 -37.56 10.97
N PRO J 432 -72.15 -19.39 7.88
CA PRO J 432 -72.94 -19.21 6.66
C PRO J 432 -72.90 -20.46 5.76
N TYR J 433 -71.70 -21.00 5.54
CA TYR J 433 -71.42 -22.17 4.66
C TYR J 433 -71.96 -23.44 5.32
N ALA J 434 -71.46 -23.74 6.53
CA ALA J 434 -71.91 -24.85 7.41
C ALA J 434 -71.71 -26.20 6.72
N CYS J 435 -72.51 -27.22 7.09
CA CYS J 435 -72.49 -28.58 6.47
C CYS J 435 -73.15 -28.52 5.10
N ARG J 436 -72.35 -28.40 4.04
CA ARG J 436 -72.82 -28.32 2.62
C ARG J 436 -71.64 -28.62 1.67
N PHE J 437 -71.91 -29.32 0.58
CA PHE J 437 -70.95 -29.55 -0.54
C PHE J 437 -70.79 -28.26 -1.33
N TRP J 438 -69.59 -28.03 -1.88
CA TRP J 438 -69.23 -26.78 -2.60
C TRP J 438 -69.92 -26.77 -3.97
N ARG J 439 -69.77 -27.84 -4.75
CA ARG J 439 -70.32 -27.98 -6.13
C ARG J 439 -71.18 -29.24 -6.21
N SER J 440 -72.49 -29.07 -6.43
CA SER J 440 -73.50 -30.15 -6.60
C SER J 440 -73.70 -30.44 -8.09
N LYS J 441 -74.01 -31.70 -8.43
CA LYS J 441 -74.10 -32.20 -9.82
C LYS J 441 -75.49 -31.91 -10.39
N ASN J 442 -75.55 -31.35 -11.61
CA ASN J 442 -76.80 -31.04 -12.37
C ASN J 442 -77.16 -32.24 -13.24
N GLU J 443 -78.28 -32.16 -13.96
CA GLU J 443 -78.89 -33.30 -14.73
C GLU J 443 -77.96 -33.73 -15.87
N LYS J 444 -77.47 -32.80 -16.69
CA LYS J 444 -76.61 -33.09 -17.88
C LYS J 444 -75.98 -31.80 -18.43
N GLU J 445 -75.08 -31.95 -19.41
CA GLU J 445 -74.37 -30.87 -20.14
C GLU J 445 -75.08 -30.62 -21.47
N GLU J 446 -75.43 -29.36 -21.77
CA GLU J 446 -76.19 -28.98 -22.99
C GLU J 446 -75.93 -27.52 -23.37
N THR J 447 -76.20 -27.19 -24.65
CA THR J 447 -76.19 -25.82 -25.23
C THR J 447 -77.51 -25.59 -25.99
N LYS J 448 -77.82 -24.32 -26.30
CA LYS J 448 -78.99 -23.92 -27.13
C LYS J 448 -78.67 -22.62 -27.87
N CYS J 449 -79.06 -22.54 -29.15
CA CYS J 449 -78.80 -21.40 -30.08
C CYS J 449 -80.13 -20.90 -30.67
N ARG J 450 -80.08 -19.81 -31.43
CA ARG J 450 -81.26 -19.17 -32.09
C ARG J 450 -80.92 -18.89 -33.57
N ASP J 451 -80.76 -19.96 -34.35
CA ASP J 451 -80.44 -19.93 -35.81
C ASP J 451 -79.05 -19.29 -36.01
N GLY J 452 -78.06 -19.78 -35.27
CA GLY J 452 -76.66 -19.31 -35.34
C GLY J 452 -75.70 -20.28 -34.66
N GLU J 453 -75.76 -21.55 -35.06
CA GLU J 453 -74.97 -22.67 -34.47
C GLU J 453 -73.51 -22.57 -34.95
N THR J 454 -72.77 -21.57 -34.45
CA THR J 454 -71.37 -21.26 -34.86
C THR J 454 -70.62 -20.59 -33.69
N LYS J 455 -70.96 -19.34 -33.39
CA LYS J 455 -70.15 -18.44 -32.52
C LYS J 455 -70.74 -18.40 -31.09
N ARG J 456 -71.85 -17.68 -30.89
CA ARG J 456 -72.40 -17.33 -29.56
C ARG J 456 -73.65 -18.16 -29.27
N CYS J 457 -73.56 -19.12 -28.34
CA CYS J 457 -74.69 -19.93 -27.82
C CYS J 457 -74.53 -20.11 -26.30
N LEU J 458 -75.63 -20.08 -25.55
CA LEU J 458 -75.66 -20.30 -24.07
C LEU J 458 -75.22 -21.74 -23.77
N TYR J 459 -74.50 -21.94 -22.65
CA TYR J 459 -73.95 -23.24 -22.19
C TYR J 459 -74.49 -23.54 -20.78
N TYR J 460 -74.98 -24.77 -20.57
CA TYR J 460 -75.49 -25.27 -19.26
C TYR J 460 -74.51 -26.29 -18.70
N PRO J 461 -73.77 -25.98 -17.60
CA PRO J 461 -72.72 -26.86 -17.10
C PRO J 461 -73.23 -28.07 -16.29
N LEU J 462 -72.38 -29.11 -16.18
CA LEU J 462 -72.68 -30.40 -15.50
C LEU J 462 -72.50 -30.25 -13.98
N TRP J 463 -71.80 -29.20 -13.53
CA TRP J 463 -71.62 -28.82 -12.10
C TRP J 463 -71.89 -27.32 -11.93
N ASP J 464 -71.81 -26.82 -10.69
CA ASP J 464 -72.03 -25.38 -10.36
C ASP J 464 -70.75 -24.58 -10.63
N SER J 465 -70.82 -23.25 -10.52
CA SER J 465 -69.71 -22.29 -10.70
C SER J 465 -69.34 -21.65 -9.36
N PRO J 466 -68.04 -21.65 -8.95
CA PRO J 466 -67.63 -21.12 -7.65
C PRO J 466 -67.25 -19.62 -7.60
N GLU J 467 -67.59 -18.85 -8.64
CA GLU J 467 -67.19 -17.42 -8.83
C GLU J 467 -67.68 -16.58 -7.65
N SER J 468 -68.93 -16.80 -7.20
CA SER J 468 -69.60 -16.07 -6.10
C SER J 468 -68.82 -16.23 -4.78
N THR J 469 -68.48 -17.46 -4.43
CA THR J 469 -67.89 -17.87 -3.13
C THR J 469 -66.35 -17.77 -3.20
N TYR J 470 -65.72 -18.61 -4.03
CA TYR J 470 -64.27 -18.62 -4.40
C TYR J 470 -63.31 -18.75 -3.19
N ASP J 471 -63.77 -18.80 -1.93
CA ASP J 471 -62.91 -19.00 -0.73
C ASP J 471 -63.33 -20.26 0.04
N PHE J 472 -64.30 -21.02 -0.47
CA PHE J 472 -65.03 -22.11 0.24
C PHE J 472 -64.02 -23.17 0.72
N GLY J 473 -63.33 -23.82 -0.21
CA GLY J 473 -62.38 -24.92 0.07
C GLY J 473 -61.18 -24.45 0.88
N TYR J 474 -60.65 -23.27 0.56
CA TYR J 474 -59.50 -22.65 1.27
C TYR J 474 -59.88 -22.40 2.74
N LEU J 475 -61.06 -21.82 2.98
CA LEU J 475 -61.57 -21.52 4.35
C LEU J 475 -61.93 -22.83 5.06
N ALA J 476 -62.50 -23.80 4.33
CA ALA J 476 -62.82 -25.15 4.83
C ALA J 476 -61.54 -25.83 5.33
N TYR J 477 -60.49 -25.87 4.50
CA TYR J 477 -59.17 -26.51 4.79
C TYR J 477 -58.61 -26.03 6.13
N GLN J 478 -58.67 -24.71 6.38
CA GLN J 478 -58.14 -24.06 7.61
C GLN J 478 -59.05 -24.34 8.81
N LYS J 479 -60.25 -24.90 8.59
CA LYS J 479 -61.20 -25.35 9.64
C LYS J 479 -61.74 -24.13 10.39
N ASN J 480 -62.48 -23.28 9.68
CA ASN J 480 -63.31 -22.18 10.25
C ASN J 480 -64.74 -22.69 10.46
N PHE J 481 -65.16 -23.69 9.67
CA PHE J 481 -66.49 -24.35 9.76
C PHE J 481 -66.36 -25.83 9.39
N PRO J 482 -67.19 -26.72 9.98
CA PRO J 482 -67.15 -28.14 9.61
C PRO J 482 -67.79 -28.40 8.24
N SER J 483 -67.34 -29.45 7.54
CA SER J 483 -67.76 -29.78 6.15
C SER J 483 -67.35 -31.21 5.77
N PRO J 484 -68.05 -31.85 4.81
CA PRO J 484 -67.76 -33.24 4.44
C PRO J 484 -66.58 -33.35 3.46
N ILE J 485 -65.35 -33.20 3.97
CA ILE J 485 -64.09 -33.29 3.19
C ILE J 485 -63.88 -34.74 2.74
N CYS J 486 -63.41 -34.94 1.52
CA CYS J 486 -63.03 -36.28 0.96
C CYS J 486 -61.57 -36.27 0.53
N ILE J 487 -60.80 -37.28 0.97
CA ILE J 487 -59.33 -37.46 0.70
C ILE J 487 -59.07 -38.92 0.31
N GLU J 488 -58.44 -39.15 -0.84
CA GLU J 488 -58.08 -40.50 -1.36
C GLU J 488 -56.64 -40.49 -1.88
N GLN J 489 -55.82 -41.47 -1.45
CA GLN J 489 -54.40 -41.64 -1.86
C GLN J 489 -54.32 -42.53 -3.10
N GLN J 490 -53.38 -42.22 -4.01
CA GLN J 490 -53.04 -43.04 -5.21
C GLN J 490 -51.51 -43.02 -5.40
N LYS J 491 -50.86 -44.19 -5.31
CA LYS J 491 -49.38 -44.32 -5.38
C LYS J 491 -48.91 -44.14 -6.83
N ILE J 492 -47.88 -43.30 -7.03
CA ILE J 492 -47.28 -43.00 -8.37
C ILE J 492 -45.89 -43.67 -8.45
N ARG J 493 -45.00 -43.34 -7.50
CA ARG J 493 -43.54 -43.63 -7.59
C ARG J 493 -43.05 -44.31 -6.30
N ASP J 494 -42.02 -45.16 -6.42
CA ASP J 494 -41.40 -45.92 -5.29
C ASP J 494 -40.52 -44.97 -4.47
N GLN J 495 -40.53 -45.13 -3.14
CA GLN J 495 -39.81 -44.25 -2.18
C GLN J 495 -38.34 -44.69 -2.08
N ASP J 496 -37.58 -44.51 -3.17
CA ASP J 496 -36.16 -44.92 -3.30
C ASP J 496 -35.45 -43.96 -4.26
N TYR J 497 -35.61 -42.64 -4.06
CA TYR J 497 -34.97 -41.58 -4.87
C TYR J 497 -33.48 -41.49 -4.53
N GLU J 498 -32.71 -40.86 -5.43
CA GLU J 498 -31.25 -40.63 -5.33
C GLU J 498 -30.97 -39.20 -5.80
N VAL J 499 -30.20 -38.42 -5.03
CA VAL J 499 -30.08 -36.94 -5.18
C VAL J 499 -28.61 -36.52 -5.23
N TYR J 500 -28.20 -35.88 -6.33
CA TYR J 500 -26.83 -35.34 -6.56
C TYR J 500 -26.81 -33.83 -6.29
N SER J 501 -25.65 -33.29 -5.88
CA SER J 501 -25.45 -31.83 -5.63
C SER J 501 -24.50 -31.24 -6.68
N LEU J 502 -24.98 -30.30 -7.49
CA LEU J 502 -24.18 -29.67 -8.57
C LEU J 502 -23.13 -28.70 -8.00
N TYR J 503 -23.33 -28.15 -6.80
CA TYR J 503 -22.31 -27.30 -6.11
C TYR J 503 -21.11 -28.15 -5.72
N GLN J 504 -21.35 -29.33 -5.15
CA GLN J 504 -20.28 -30.26 -4.70
C GLN J 504 -19.55 -30.88 -5.90
N GLU J 505 -20.23 -31.08 -7.04
CA GLU J 505 -19.62 -31.65 -8.27
C GLU J 505 -18.67 -30.62 -8.92
N CYS J 506 -19.06 -29.34 -8.89
CA CYS J 506 -18.27 -28.19 -9.39
C CYS J 506 -16.95 -28.09 -8.62
N LYS J 507 -16.99 -28.11 -7.28
CA LYS J 507 -15.77 -28.08 -6.43
C LYS J 507 -14.87 -29.27 -6.76
N ILE J 508 -15.44 -30.48 -6.81
CA ILE J 508 -14.67 -31.75 -6.96
C ILE J 508 -14.08 -31.84 -8.38
N ALA J 509 -14.86 -31.58 -9.42
CA ALA J 509 -14.39 -31.73 -10.83
C ALA J 509 -13.34 -30.66 -11.17
N SER J 510 -13.40 -29.48 -10.55
CA SER J 510 -12.52 -28.33 -10.86
C SER J 510 -11.09 -28.59 -10.35
N LYS J 511 -10.92 -29.52 -9.41
CA LYS J 511 -9.62 -29.90 -8.84
C LYS J 511 -8.86 -30.81 -9.83
N ALA J 512 -9.55 -31.40 -10.81
CA ALA J 512 -9.01 -32.36 -11.80
C ALA J 512 -8.84 -31.69 -13.17
N TYR J 513 -9.91 -31.07 -13.68
CA TYR J 513 -10.01 -30.54 -15.07
C TYR J 513 -9.90 -29.01 -15.12
N GLY J 514 -9.95 -28.32 -13.98
CA GLY J 514 -9.84 -26.84 -13.92
C GLY J 514 -11.18 -26.17 -14.17
N ILE J 515 -11.43 -25.04 -13.49
CA ILE J 515 -12.78 -24.43 -13.36
C ILE J 515 -13.33 -23.96 -14.71
N ASP J 516 -12.51 -23.31 -15.56
CA ASP J 516 -12.95 -22.80 -16.89
C ASP J 516 -13.75 -23.86 -17.66
N THR J 517 -13.29 -25.12 -17.67
CA THR J 517 -13.91 -26.27 -18.39
C THR J 517 -15.20 -26.70 -17.68
N VAL J 518 -15.08 -27.01 -16.39
CA VAL J 518 -16.18 -27.57 -15.53
C VAL J 518 -17.36 -26.59 -15.52
N LEU J 519 -17.07 -25.30 -15.39
CA LEU J 519 -18.09 -24.22 -15.36
C LEU J 519 -18.91 -24.28 -16.66
N PHE J 520 -18.22 -24.24 -17.80
CA PHE J 520 -18.81 -24.28 -19.16
C PHE J 520 -19.58 -25.60 -19.36
N SER J 521 -19.01 -26.71 -18.89
CA SER J 521 -19.64 -28.06 -19.00
C SER J 521 -20.95 -28.10 -18.21
N LEU J 522 -20.93 -27.69 -16.94
CA LEU J 522 -22.12 -27.74 -16.04
C LEU J 522 -23.13 -26.64 -16.42
N LYS J 523 -22.70 -25.51 -16.99
CA LYS J 523 -23.68 -24.47 -17.43
C LYS J 523 -24.54 -25.00 -18.57
N ASN J 524 -24.01 -25.84 -19.46
CA ASN J 524 -24.75 -26.45 -20.58
C ASN J 524 -25.79 -27.45 -20.04
N PHE J 525 -25.43 -28.22 -19.01
CA PHE J 525 -26.32 -29.24 -18.39
C PHE J 525 -27.58 -28.57 -17.82
N LEU J 526 -27.46 -27.33 -17.32
CA LEU J 526 -28.64 -26.54 -16.86
C LEU J 526 -29.53 -26.12 -18.05
N ASN J 527 -29.04 -26.17 -19.29
CA ASN J 527 -29.82 -25.80 -20.51
C ASN J 527 -30.11 -27.06 -21.35
N TYR J 528 -30.27 -28.21 -20.69
CA TYR J 528 -30.48 -29.54 -21.35
C TYR J 528 -31.81 -29.55 -22.11
N THR J 529 -32.80 -28.79 -21.63
CA THR J 529 -34.19 -28.74 -22.16
C THR J 529 -34.27 -27.70 -23.29
N GLY J 530 -33.50 -26.62 -23.22
CA GLY J 530 -33.52 -25.51 -24.19
C GLY J 530 -33.81 -24.17 -23.52
N THR J 531 -34.36 -24.20 -22.29
CA THR J 531 -34.50 -23.04 -21.38
C THR J 531 -33.63 -23.30 -20.14
N PRO J 532 -32.68 -22.41 -19.80
CA PRO J 532 -31.80 -22.64 -18.64
C PRO J 532 -32.57 -22.52 -17.32
N VAL J 533 -32.48 -23.54 -16.45
CA VAL J 533 -33.29 -23.64 -15.20
C VAL J 533 -32.93 -22.48 -14.26
N ASN J 534 -31.67 -22.05 -14.24
CA ASN J 534 -31.16 -21.06 -13.24
C ASN J 534 -31.72 -19.65 -13.50
N GLU J 535 -32.26 -19.37 -14.69
CA GLU J 535 -32.84 -18.04 -15.04
C GLU J 535 -34.38 -18.04 -14.90
N MET J 536 -35.00 -19.19 -14.60
CA MET J 536 -36.46 -19.29 -14.29
C MET J 536 -36.75 -18.64 -12.95
N PRO J 537 -38.01 -18.21 -12.67
CA PRO J 537 -38.40 -17.71 -11.34
C PRO J 537 -38.35 -18.78 -10.25
N ASN J 538 -37.85 -18.41 -9.07
CA ASN J 538 -37.34 -19.29 -7.99
C ASN J 538 -38.36 -20.39 -7.64
N ALA J 539 -39.65 -20.07 -7.59
CA ALA J 539 -40.74 -21.00 -7.16
C ALA J 539 -41.12 -21.96 -8.30
N ARG J 540 -40.76 -21.67 -9.55
CA ARG J 540 -41.27 -22.40 -10.74
C ARG J 540 -40.15 -23.12 -11.50
N ALA J 541 -38.95 -23.27 -10.90
CA ALA J 541 -37.71 -23.75 -11.57
C ALA J 541 -37.52 -25.25 -11.36
N PHE J 542 -38.43 -26.06 -11.90
CA PHE J 542 -38.43 -27.55 -11.80
C PHE J 542 -38.61 -28.15 -13.20
N VAL J 543 -37.71 -29.00 -13.66
CA VAL J 543 -37.73 -29.53 -15.06
C VAL J 543 -37.43 -31.03 -15.07
N GLY J 544 -38.15 -31.80 -15.89
CA GLY J 544 -37.93 -33.25 -16.08
C GLY J 544 -37.05 -33.52 -17.29
N LEU J 545 -36.04 -34.39 -17.18
CA LEU J 545 -35.10 -34.73 -18.28
C LEU J 545 -35.27 -36.20 -18.68
N ILE J 546 -34.88 -36.56 -19.91
CA ILE J 546 -34.91 -37.96 -20.44
C ILE J 546 -33.47 -38.47 -20.60
N ASP J 547 -33.07 -39.42 -19.75
CA ASP J 547 -31.80 -40.20 -19.83
C ASP J 547 -30.59 -39.29 -19.96
N PRO J 548 -30.39 -38.29 -19.07
CA PRO J 548 -29.17 -37.49 -19.08
C PRO J 548 -27.97 -38.30 -18.55
N LYS J 549 -26.75 -37.86 -18.87
CA LYS J 549 -25.48 -38.39 -18.33
C LYS J 549 -24.95 -37.43 -17.28
N PHE J 550 -24.73 -37.90 -16.04
CA PHE J 550 -24.23 -37.08 -14.90
C PHE J 550 -23.30 -37.88 -14.00
N PRO J 551 -22.06 -37.42 -13.71
CA PRO J 551 -21.54 -36.14 -14.18
C PRO J 551 -21.24 -36.12 -15.66
N PRO J 552 -21.26 -34.95 -16.33
CA PRO J 552 -21.02 -34.87 -17.77
C PRO J 552 -19.57 -35.18 -18.14
N SER J 553 -19.32 -35.45 -19.43
CA SER J 553 -17.96 -35.57 -20.03
C SER J 553 -17.28 -34.19 -20.00
N TYR J 554 -16.15 -34.08 -19.31
CA TYR J 554 -15.31 -32.85 -19.24
C TYR J 554 -14.18 -33.00 -20.25
N PRO J 555 -14.10 -32.14 -21.29
CA PRO J 555 -12.95 -32.14 -22.21
C PRO J 555 -11.61 -31.94 -21.49
N ASN J 556 -10.53 -32.51 -22.04
CA ASN J 556 -9.14 -32.37 -21.55
C ASN J 556 -8.41 -31.41 -22.49
N VAL J 557 -8.56 -30.10 -22.25
CA VAL J 557 -7.92 -29.00 -23.04
C VAL J 557 -6.97 -28.22 -22.13
N THR J 558 -6.23 -27.27 -22.73
CA THR J 558 -5.38 -26.27 -22.02
C THR J 558 -6.08 -24.91 -22.06
N ARG J 559 -5.94 -24.11 -21.00
CA ARG J 559 -6.73 -22.88 -20.77
C ARG J 559 -6.12 -21.71 -21.56
N GLU J 560 -6.92 -20.66 -21.79
CA GLU J 560 -6.51 -19.38 -22.43
C GLU J 560 -5.48 -18.68 -21.54
N HIS J 561 -4.57 -17.90 -22.15
CA HIS J 561 -3.59 -17.04 -21.42
C HIS J 561 -3.04 -15.94 -22.35
N TYR J 562 -2.48 -14.89 -21.75
CA TYR J 562 -1.83 -13.74 -22.44
C TYR J 562 -0.37 -14.10 -22.75
N THR J 563 0.13 -13.63 -23.90
CA THR J 563 1.51 -13.90 -24.43
C THR J 563 2.31 -12.59 -24.44
C1 NAG K . 20.72 44.97 20.08
C2 NAG K . 21.44 44.27 21.23
C3 NAG K . 20.99 44.86 22.55
C4 NAG K . 21.33 46.34 22.58
C5 NAG K . 20.81 47.06 21.33
C6 NAG K . 21.41 48.47 21.21
C7 NAG K . 20.20 42.11 21.27
C8 NAG K . 20.38 40.63 21.17
N2 NAG K . 21.34 42.81 21.17
O3 NAG K . 21.64 44.19 23.64
O4 NAG K . 20.69 46.94 23.72
O5 NAG K . 21.10 46.34 20.12
O6 NAG K . 22.81 48.42 20.90
O7 NAG K . 19.09 42.60 21.43
C1 NAG K . 21.61 47.59 24.63
C2 NAG K . 20.89 48.64 25.48
C3 NAG K . 21.87 49.28 26.46
C4 NAG K . 22.60 48.22 27.27
C5 NAG K . 23.25 47.19 26.35
C6 NAG K . 23.88 46.03 27.13
C7 NAG K . 19.00 49.77 24.34
C8 NAG K . 18.62 50.95 23.50
N2 NAG K . 20.31 49.68 24.65
O3 NAG K . 21.14 50.14 27.36
O4 NAG K . 23.60 48.87 28.08
O5 NAG K . 22.27 46.63 25.46
O6 NAG K . 24.60 45.18 26.23
O7 NAG K . 18.16 48.97 24.72
C1 NAG L . 14.82 -82.34 69.18
C2 NAG L . 14.23 -80.93 69.23
C3 NAG L . 13.77 -80.62 70.65
C4 NAG L . 12.87 -81.71 71.22
C5 NAG L . 13.53 -83.08 71.05
C6 NAG L . 12.69 -84.30 71.41
C7 NAG L . 15.15 -79.12 67.77
C8 NAG L . 13.86 -78.94 67.01
N2 NAG L . 15.25 -80.01 68.77
O3 NAG L . 13.06 -79.38 70.65
O4 NAG L . 12.62 -81.47 72.62
O5 NAG L . 13.86 -83.27 69.68
O6 NAG L . 11.35 -84.15 70.93
O7 NAG L . 16.12 -78.43 67.48
C1 NAG L . 11.22 -81.18 72.90
C2 NAG L . 10.89 -81.49 74.37
C3 NAG L . 9.47 -81.07 74.73
C4 NAG L . 9.02 -79.74 74.13
C5 NAG L . 9.47 -79.57 72.69
C6 NAG L . 9.18 -78.17 72.15
C7 NAG L . 10.68 -83.73 75.52
C8 NAG L . 10.97 -85.19 75.31
N2 NAG L . 11.11 -82.92 74.53
O3 NAG L . 9.38 -80.91 76.16
O4 NAG L . 7.58 -79.71 74.20
O5 NAG L . 10.88 -79.83 72.57
O6 NAG L . 10.03 -77.20 72.81
O7 NAG L . 10.06 -83.35 76.50
C1 BMA L . 7.08 -78.75 75.15
C2 BMA L . 5.56 -78.81 75.20
C3 BMA L . 5.01 -77.71 76.10
C4 BMA L . 5.67 -77.77 77.48
C5 BMA L . 7.19 -77.86 77.39
C6 BMA L . 7.85 -78.11 78.74
O2 BMA L . 5.14 -80.10 75.69
O3 BMA L . 3.59 -77.84 76.23
O4 BMA L . 5.30 -76.61 78.23
O5 BMA L . 7.59 -78.91 76.48
O6 BMA L . 7.46 -79.38 79.27
C1 NAG M . 11.59 -98.75 86.01
C2 NAG M . 10.14 -99.19 85.75
C3 NAG M . 9.16 -98.04 85.98
C4 NAG M . 9.33 -97.43 87.36
C5 NAG M . 10.79 -97.01 87.53
C6 NAG M . 11.06 -96.47 88.93
C7 NAG M . 9.90 -100.95 84.04
C8 NAG M . 9.48 -101.20 82.61
N2 NAG M . 9.91 -99.66 84.39
O3 NAG M . 7.83 -98.54 85.86
O4 NAG M . 8.44 -96.29 87.48
O5 NAG M . 11.68 -98.11 87.30
O6 NAG M . 12.14 -95.54 88.88
O7 NAG M . 10.19 -101.84 84.81
C1 NAG M . 7.50 -96.45 88.56
C2 NAG M . 6.89 -95.12 88.97
C3 NAG M . 5.88 -95.29 90.09
C4 NAG M . 4.88 -96.43 89.84
C5 NAG M . 5.59 -97.68 89.32
C6 NAG M . 4.61 -98.76 88.88
C7 NAG M . 8.16 -93.00 88.91
C8 NAG M . 9.25 -92.22 89.57
N2 NAG M . 7.92 -94.20 89.44
O3 NAG M . 5.15 -94.07 90.26
O4 NAG M . 4.24 -96.74 91.09
O5 NAG M . 6.46 -97.37 88.23
O6 NAG M . 3.80 -98.27 87.82
O7 NAG M . 7.55 -92.54 87.95
C1 BMA M . 2.80 -96.83 91.00
C2 BMA M . 2.31 -97.67 92.17
C3 BMA M . 0.79 -97.80 92.15
C4 BMA M . 0.10 -96.45 91.97
C5 BMA M . 0.74 -95.61 90.87
C6 BMA M . 0.17 -94.19 90.86
O2 BMA M . 2.74 -97.08 93.41
O3 BMA M . 0.34 -98.38 93.39
O4 BMA M . -1.28 -96.68 91.66
O5 BMA M . 2.17 -95.54 91.01
O6 BMA M . 0.58 -93.49 92.05
C1 MAN M . -0.29 -99.66 93.22
C2 MAN M . -0.98 -100.06 94.53
C3 MAN M . 0.07 -100.46 95.56
C4 MAN M . 1.05 -101.48 95.01
C5 MAN M . 1.68 -101.01 93.70
C6 MAN M . 2.54 -102.09 93.07
O2 MAN M . -2.04 -101.06 94.46
O3 MAN M . -0.56 -100.99 96.74
O4 MAN M . 2.07 -101.75 95.98
O5 MAN M . 0.67 -100.63 92.76
O6 MAN M . 3.62 -102.46 93.94
C1 NAG M . -2.07 -101.97 93.33
C2 NAG M . -2.62 -103.33 93.70
C3 NAG M . -2.46 -104.26 92.50
C4 NAG M . -3.10 -103.66 91.25
C5 NAG M . -2.68 -102.20 91.04
C6 NAG M . -3.47 -101.54 89.92
C7 NAG M . -2.43 -103.97 96.08
C8 NAG M . -1.47 -104.47 97.12
N2 NAG M . -1.92 -103.88 94.85
O3 NAG M . -3.06 -105.53 92.79
O4 NAG M . -2.70 -104.46 90.14
O5 NAG M . -2.83 -101.45 92.25
O6 NAG M . -3.31 -100.11 89.95
O7 NAG M . -3.58 -103.67 96.37
C1 MAN M . -0.41 -92.54 92.51
C2 MAN M . 0.28 -91.31 93.10
C3 MAN M . 0.92 -91.61 94.45
C4 MAN M . -0.08 -92.29 95.39
C5 MAN M . -0.72 -93.50 94.72
C6 MAN M . -1.77 -94.14 95.61
O2 MAN M . -0.68 -90.25 93.22
O3 MAN M . 1.40 -90.39 95.05
O4 MAN M . 0.60 -92.68 96.59
O5 MAN M . -1.31 -93.11 93.47
O6 MAN M . -2.40 -95.23 94.93
C1 NAG N . 35.09 -14.27 35.16
C2 NAG N . 33.86 -15.15 35.03
C3 NAG N . 32.55 -14.41 35.25
C4 NAG N . 32.60 -13.56 36.52
C5 NAG N . 33.85 -12.70 36.45
C6 NAG N . 34.04 -11.76 37.64
C7 NAG N . 34.31 -16.97 33.47
C8 NAG N . 34.56 -17.30 32.03
N2 NAG N . 33.91 -15.72 33.70
O3 NAG N . 31.49 -15.37 35.36
O4 NAG N . 31.44 -12.72 36.57
O5 NAG N . 35.01 -13.52 36.36
O6 NAG N . 34.74 -10.59 37.20
O7 NAG N . 34.51 -17.79 34.35
C1 NAG N . 30.52 -13.03 37.65
C2 NAG N . 29.58 -11.84 37.82
C3 NAG N . 28.37 -12.15 38.69
C4 NAG N . 27.71 -13.44 38.23
C5 NAG N . 28.76 -14.55 38.31
C6 NAG N . 28.15 -15.91 37.95
C7 NAG N . 30.80 -9.72 37.69
C8 NAG N . 31.61 -8.72 38.47
N2 NAG N . 30.32 -10.74 38.41
O3 NAG N . 27.43 -11.09 38.56
O4 NAG N . 26.56 -13.77 39.04
O5 NAG N . 29.82 -14.25 37.40
O6 NAG N . 27.34 -16.38 39.04
O7 NAG N . 30.64 -9.59 36.49
C1 BMA N . 25.30 -13.56 38.35
C2 BMA N . 24.32 -14.68 38.69
C3 BMA N . 23.05 -14.48 37.87
C4 BMA N . 22.46 -13.09 38.11
C5 BMA N . 23.51 -11.99 37.94
C6 BMA N . 22.97 -10.63 38.38
O2 BMA N . 24.02 -14.67 40.10
O3 BMA N . 22.08 -15.48 38.22
O4 BMA N . 21.39 -12.86 37.17
O5 BMA N . 24.71 -12.31 38.69
O6 BMA N . 24.05 -9.70 38.64
C1 MAN N . 23.86 -8.97 39.88
C2 MAN N . 24.85 -7.81 39.98
C3 MAN N . 26.27 -8.29 40.32
C4 MAN N . 26.26 -9.26 41.50
C5 MAN N . 25.24 -10.37 41.26
C6 MAN N . 25.16 -11.37 42.42
O2 MAN N . 24.39 -6.89 40.99
O3 MAN N . 27.10 -7.16 40.64
O4 MAN N . 27.57 -9.83 41.64
O5 MAN N . 23.94 -9.79 41.05
O6 MAN N . 24.17 -12.38 42.13
C1 NAG O . 36.10 -100.54 67.05
C2 NAG O . 36.95 -100.03 65.90
C3 NAG O . 36.88 -100.93 64.66
C4 NAG O . 37.13 -102.39 65.02
C5 NAG O . 36.24 -102.79 66.20
C6 NAG O . 36.48 -104.22 66.66
C7 NAG O . 37.09 -97.57 65.97
C8 NAG O . 36.45 -96.30 65.50
N2 NAG O . 36.52 -98.69 65.52
O3 NAG O . 37.83 -100.45 63.71
O4 NAG O . 36.81 -103.25 63.89
O5 NAG O . 36.44 -101.90 67.31
O6 NAG O . 37.82 -104.37 67.16
O7 NAG O . 38.06 -97.58 66.72
C1 NAG O . 37.92 -103.49 62.98
C2 NAG O . 37.68 -104.74 62.14
C3 NAG O . 38.92 -105.01 61.29
C4 NAG O . 39.17 -103.81 60.39
C5 NAG O . 39.28 -102.53 61.23
C6 NAG O . 39.38 -101.30 60.33
C7 NAG O . 36.12 -106.37 63.13
C8 NAG O . 36.02 -107.62 63.95
N2 NAG O . 37.36 -105.91 62.94
O3 NAG O . 38.74 -106.19 60.50
O4 NAG O . 40.38 -104.01 59.65
O5 NAG O . 38.15 -102.38 62.10
O6 NAG O . 40.64 -101.30 59.65
O7 NAG O . 35.12 -105.83 62.66
C1 NAG P . 18.17 -4.31 -7.45
C2 NAG P . 18.88 -5.65 -7.39
C3 NAG P . 20.21 -5.63 -8.13
C4 NAG P . 20.04 -5.14 -9.56
C5 NAG P . 19.34 -3.80 -9.53
C6 NAG P . 19.08 -3.27 -10.93
C7 NAG P . 18.23 -6.84 -5.36
C8 NAG P . 18.50 -7.03 -3.90
N2 NAG P . 19.04 -5.99 -5.99
O3 NAG P . 20.71 -6.98 -8.16
O4 NAG P . 21.32 -5.00 -10.20
O5 NAG P . 18.09 -3.87 -8.81
O6 NAG P . 18.64 -1.92 -10.76
O7 NAG P . 17.31 -7.43 -5.88
C1 NAG P . 21.41 -5.70 -11.47
C2 NAG P . 22.64 -5.24 -12.25
C3 NAG P . 22.93 -6.11 -13.46
C4 NAG P . 22.89 -7.59 -13.15
C5 NAG P . 21.59 -7.87 -12.44
C6 NAG P . 21.41 -9.34 -12.05
C7 NAG P . 23.17 -2.82 -12.30
C8 NAG P . 22.83 -1.51 -12.93
N2 NAG P . 22.45 -3.87 -12.72
O3 NAG P . 24.21 -5.76 -14.00
O4 NAG P . 22.91 -8.32 -14.40
O5 NAG P . 21.47 -7.10 -11.25
O6 NAG P . 20.01 -9.66 -12.15
O7 NAG P . 24.03 -2.89 -11.45
C1 BMA P . 24.02 -9.24 -14.55
C2 BMA P . 23.58 -10.43 -15.39
C3 BMA P . 24.74 -11.40 -15.58
C4 BMA P . 25.95 -10.67 -16.15
C5 BMA P . 26.29 -9.48 -15.27
C6 BMA P . 27.47 -8.67 -15.78
O2 BMA P . 23.08 -10.00 -16.67
O3 BMA P . 24.39 -12.49 -16.45
O4 BMA P . 27.06 -11.57 -16.17
O5 BMA P . 25.15 -8.62 -15.14
O6 BMA P . 27.18 -8.14 -17.07
C1 MAN P . 28.36 -7.54 -17.64
C2 MAN P . 27.97 -6.77 -18.91
C3 MAN P . 27.45 -7.73 -19.97
C4 MAN P . 28.43 -8.87 -20.22
C5 MAN P . 28.96 -9.48 -18.93
C6 MAN P . 30.15 -10.42 -19.16
O2 MAN P . 29.11 -6.06 -19.39
O3 MAN P . 27.25 -7.00 -21.19
O4 MAN P . 27.77 -9.89 -20.99
O5 MAN P . 29.38 -8.47 -18.00
O6 MAN P . 31.29 -9.64 -19.54
C1 MAN P . 25.91 -6.49 -21.37
C2 MAN P . 25.70 -6.24 -22.86
C3 MAN P . 26.58 -5.08 -23.32
C4 MAN P . 26.34 -3.85 -22.46
C5 MAN P . 26.44 -4.16 -20.97
C6 MAN P . 25.98 -2.96 -20.14
O2 MAN P . 24.30 -5.94 -23.06
O3 MAN P . 26.33 -4.78 -24.70
O4 MAN P . 27.30 -2.84 -22.81
O5 MAN P . 25.63 -5.30 -20.64
O6 MAN P . 25.94 -3.28 -18.75
C1 MAN P . 23.69 -6.48 -24.26
C2 MAN P . 22.18 -6.34 -24.11
C3 MAN P . 21.64 -7.29 -23.04
C4 MAN P . 22.08 -8.73 -23.31
C5 MAN P . 23.59 -8.80 -23.56
C6 MAN P . 24.00 -10.20 -24.02
O2 MAN P . 21.55 -6.61 -25.38
O3 MAN P . 20.21 -7.23 -22.99
O4 MAN P . 21.75 -9.53 -22.17
O5 MAN P . 23.98 -7.86 -24.56
O6 MAN P . 25.41 -10.22 -24.28
C1 MAN P . 32.51 -10.42 -19.59
C2 MAN P . 33.63 -9.51 -20.10
C3 MAN P . 33.38 -9.14 -21.57
C4 MAN P . 33.14 -10.38 -22.43
C5 MAN P . 32.10 -11.31 -21.80
C6 MAN P . 31.99 -12.64 -22.55
O2 MAN P . 34.89 -10.16 -19.95
O3 MAN P . 34.49 -8.39 -22.07
O4 MAN P . 32.69 -9.97 -23.72
O5 MAN P . 32.44 -11.58 -20.43
O6 MAN P . 30.98 -13.45 -21.92
C1 MAN P . 23.51 -13.47 -15.83
C2 MAN P . 24.21 -14.82 -15.76
C3 MAN P . 24.35 -15.46 -17.14
C4 MAN P . 22.99 -15.48 -17.85
C5 MAN P . 22.38 -14.08 -17.87
C6 MAN P . 21.00 -14.06 -18.52
O2 MAN P . 23.47 -15.68 -14.88
O3 MAN P . 24.85 -16.80 -17.03
O4 MAN P . 23.18 -15.96 -19.19
O5 MAN P . 22.27 -13.58 -16.53
O6 MAN P . 20.50 -12.71 -18.55
C1 NAG Q . 27.04 -14.55 5.01
C2 NAG Q . 26.58 -15.78 5.80
C3 NAG Q . 27.72 -16.43 6.59
C4 NAG Q . 28.97 -16.62 5.74
C5 NAG Q . 29.30 -15.28 5.06
C6 NAG Q . 30.56 -15.32 4.22
C7 NAG Q . 24.24 -15.63 6.56
C8 NAG Q . 23.35 -15.06 7.62
N2 NAG Q . 25.55 -15.36 6.73
O3 NAG Q . 27.26 -17.69 7.10
O4 NAG Q . 30.10 -17.02 6.54
O5 NAG Q . 28.20 -14.89 4.24
O6 NAG Q . 31.62 -14.69 4.96
O7 NAG Q . 23.81 -16.28 5.61
C1 NAG Q . 30.28 -18.46 6.67
C2 NAG Q . 31.78 -18.76 6.80
C3 NAG Q . 32.03 -20.22 7.11
C4 NAG Q . 31.18 -20.71 8.28
C5 NAG Q . 29.72 -20.39 7.96
C6 NAG Q . 28.76 -20.87 9.06
C7 NAG Q . 33.45 -17.58 5.36
C8 NAG Q . 34.00 -16.81 6.53
N2 NAG Q . 32.45 -18.45 5.54
O3 NAG Q . 33.43 -20.40 7.43
O4 NAG Q . 31.39 -22.10 8.47
O5 NAG Q . 29.55 -18.98 7.77
O6 NAG Q . 27.49 -21.24 8.48
O7 NAG Q . 33.91 -17.42 4.24
C1 NAG R . 37.65 10.10 -28.26
C2 NAG R . 38.51 10.54 -27.08
C3 NAG R . 39.89 11.04 -27.51
C4 NAG R . 40.59 10.15 -28.52
C5 NAG R . 39.61 9.76 -29.62
C6 NAG R . 40.17 8.75 -30.60
C7 NAG R . 37.29 11.50 -25.15
C8 NAG R . 36.61 12.71 -24.63
N2 NAG R . 37.79 11.60 -26.37
O3 NAG R . 40.77 11.17 -26.38
O4 NAG R . 41.69 10.85 -29.11
O5 NAG R . 38.41 9.19 -29.06
O6 NAG R . 40.65 7.61 -29.89
O7 NAG R . 37.36 10.50 -24.45
C1 NAG R . 42.90 10.07 -29.25
C2 NAG R . 43.92 10.81 -30.12
C3 NAG R . 45.20 9.99 -30.29
C4 NAG R . 45.70 9.41 -28.96
C5 NAG R . 44.55 8.81 -28.15
C6 NAG R . 44.94 8.33 -26.75
C7 NAG R . 42.84 12.31 -31.71
C8 NAG R . 42.17 12.44 -33.03
N2 NAG R . 43.33 11.11 -31.41
O3 NAG R . 46.16 10.87 -30.88
O4 NAG R . 46.62 8.33 -29.20
O5 NAG R . 43.51 9.77 -28.00
O6 NAG R . 45.26 9.43 -25.90
O7 NAG R . 42.88 13.27 -30.96
C1 BMA R . 47.98 8.74 -29.48
C2 BMA R . 48.92 7.73 -28.86
C3 BMA R . 50.38 8.13 -29.11
C4 BMA R . 50.62 8.43 -30.59
C5 BMA R . 49.55 9.35 -31.18
C6 BMA R . 49.69 9.50 -32.69
O2 BMA R . 48.65 6.44 -29.45
O3 BMA R . 51.29 7.10 -28.69
O4 BMA R . 51.90 9.05 -30.73
O5 BMA R . 48.24 8.86 -30.89
O6 BMA R . 48.79 10.52 -33.16
C1 MAN R . 48.98 10.81 -34.55
C2 MAN R . 48.24 12.09 -34.91
C3 MAN R . 46.72 11.89 -34.88
C4 MAN R . 46.33 10.68 -35.74
C5 MAN R . 47.17 9.45 -35.40
C6 MAN R . 46.93 8.32 -36.41
O2 MAN R . 48.63 12.53 -36.21
O3 MAN R . 46.03 13.05 -35.38
O4 MAN R . 44.94 10.41 -35.54
O5 MAN R . 48.57 9.76 -35.43
O6 MAN R . 45.56 7.92 -36.41
C1 MAN R . 45.61 13.95 -34.34
C2 MAN R . 44.49 14.84 -34.85
C3 MAN R . 45.01 15.91 -35.81
C4 MAN R . 46.15 16.68 -35.18
C5 MAN R . 47.24 15.70 -34.72
C6 MAN R . 48.42 16.42 -34.06
O2 MAN R . 43.82 15.46 -33.73
O3 MAN R . 43.95 16.82 -36.15
O4 MAN R . 46.68 17.63 -36.12
O5 MAN R . 46.68 14.76 -33.81
O6 MAN R . 47.98 17.13 -32.89
C1 MAN R . 51.41 6.97 -27.25
C2 MAN R . 52.86 6.65 -26.89
C3 MAN R . 53.24 5.24 -27.35
C4 MAN R . 52.25 4.21 -26.83
C5 MAN R . 50.80 4.62 -27.17
C6 MAN R . 49.77 3.68 -26.55
O2 MAN R . 53.02 6.75 -25.47
O3 MAN R . 54.56 4.92 -26.90
O4 MAN R . 52.53 2.94 -27.42
O5 MAN R . 50.55 5.96 -26.70
O6 MAN R . 49.78 3.78 -25.12
C1 NAG S . 2.56 40.13 12.73
C2 NAG S . 2.52 41.00 13.97
C3 NAG S . 3.91 41.25 14.55
C4 NAG S . 4.64 39.94 14.80
C5 NAG S . 4.65 39.15 13.50
C6 NAG S . 5.32 37.80 13.69
C7 NAG S . 0.55 42.46 13.89
C8 NAG S . 0.00 43.75 13.39
N2 NAG S . 1.84 42.23 13.62
O3 NAG S . 3.73 41.93 15.80
O4 NAG S . 6.00 40.20 15.21
O5 NAG S . 3.32 38.95 12.99
O6 NAG S . 5.48 37.26 12.37
O7 NAG S . -0.16 41.69 14.49
C1 NAG S . 6.36 39.53 16.44
C2 NAG S . 7.87 39.56 16.64
C3 NAG S . 8.31 39.09 18.02
C4 NAG S . 7.50 39.75 19.14
C5 NAG S . 6.03 39.57 18.81
C6 NAG S . 5.10 40.18 19.84
C7 NAG S . 9.33 39.13 14.69
C8 NAG S . 9.92 38.07 13.81
N2 NAG S . 8.53 38.70 15.66
O3 NAG S . 9.69 39.38 18.20
O4 NAG S . 7.78 39.05 20.36
O5 NAG S . 5.72 40.15 17.55
O6 NAG S . 3.92 39.36 19.91
O7 NAG S . 9.58 40.31 14.48
C1 BMA S . 8.32 39.88 21.42
C2 BMA S . 7.87 39.33 22.78
C3 BMA S . 8.45 40.20 23.90
C4 BMA S . 9.96 40.29 23.77
C5 BMA S . 10.31 40.79 22.37
C6 BMA S . 11.82 40.90 22.15
O2 BMA S . 8.26 37.97 22.94
O3 BMA S . 8.12 39.65 25.20
O4 BMA S . 10.45 41.22 24.74
O5 BMA S . 9.75 39.95 21.38
O6 BMA S . 12.42 39.61 22.26
C1 MAN S . 13.86 39.72 22.23
C2 MAN S . 14.47 38.33 22.12
C3 MAN S . 14.15 37.51 23.36
C4 MAN S . 14.55 38.25 24.64
C5 MAN S . 14.10 39.71 24.62
C6 MAN S . 14.73 40.54 25.74
O2 MAN S . 15.89 38.45 21.94
O3 MAN S . 14.88 36.27 23.30
O4 MAN S . 13.97 37.58 25.76
O5 MAN S . 14.42 40.36 23.38
O6 MAN S . 16.13 40.71 25.46
C1 MAN S . 14.14 35.17 22.72
C2 MAN S . 14.78 33.87 23.19
C3 MAN S . 16.17 33.73 22.57
C4 MAN S . 16.11 33.84 21.06
C5 MAN S . 15.36 35.10 20.62
C6 MAN S . 15.13 35.08 19.11
O2 MAN S . 13.91 32.79 22.79
O3 MAN S . 16.74 32.47 22.94
O4 MAN S . 17.45 33.87 20.53
O5 MAN S . 14.09 35.19 21.29
O6 MAN S . 14.30 36.18 18.70
C1 MAN S . 13.77 31.69 23.73
C2 MAN S . 12.60 30.84 23.27
C3 MAN S . 11.28 31.59 23.47
C4 MAN S . 11.13 32.09 24.90
C5 MAN S . 12.37 32.84 25.36
C6 MAN S . 12.33 33.16 26.85
O2 MAN S . 12.58 29.61 24.00
O3 MAN S . 10.16 30.75 23.13
O4 MAN S . 10.00 32.96 24.98
O5 MAN S . 13.56 32.05 25.09
O6 MAN S . 13.53 33.82 27.24
C1 MAN S . 16.77 41.64 26.36
C2 MAN S . 18.26 41.67 26.04
C3 MAN S . 18.91 40.33 26.38
C4 MAN S . 18.60 39.92 27.82
C5 MAN S . 17.10 40.02 28.13
C6 MAN S . 16.80 39.80 29.61
O2 MAN S . 18.90 42.75 26.75
O3 MAN S . 20.33 40.42 26.19
O4 MAN S . 19.03 38.56 28.03
O5 MAN S . 16.61 41.33 27.76
O6 MAN S . 15.39 39.89 29.84
C1 MAN S . 6.74 39.87 25.58
C2 MAN S . 6.67 40.76 26.82
C3 MAN S . 7.15 39.99 28.06
C4 MAN S . 6.43 38.66 28.19
C5 MAN S . 6.55 37.86 26.89
C6 MAN S . 5.79 36.54 26.95
O2 MAN S . 5.33 41.20 27.00
O3 MAN S . 6.92 40.79 29.24
O4 MAN S . 6.99 37.92 29.29
O5 MAN S . 6.05 38.63 25.81
O6 MAN S . 5.99 35.82 25.73
C1 NAG T . -0.71 57.73 17.00
C2 NAG T . -1.95 58.40 17.58
C3 NAG T . -1.72 59.87 17.96
C4 NAG T . -0.43 60.05 18.76
C5 NAG T . 0.70 59.35 18.00
C6 NAG T . 2.06 59.51 18.66
C7 NAG T . -4.06 57.50 16.68
C8 NAG T . -5.02 57.57 15.52
N2 NAG T . -3.02 58.34 16.59
O3 NAG T . -2.85 60.33 18.71
O4 NAG T . -0.10 61.44 18.90
O5 NAG T . 0.40 57.95 17.87
O6 NAG T . 2.81 60.51 17.94
O7 NAG T . -4.24 56.73 17.62
C1 NAG T . -0.63 62.07 20.10
C2 NAG T . 0.34 63.16 20.56
C3 NAG T . -0.22 63.99 21.71
C4 NAG T . -1.63 64.47 21.40
C5 NAG T . -2.49 63.26 21.03
C6 NAG T . -3.95 63.62 20.74
C7 NAG T . 2.82 62.77 20.54
C8 NAG T . 3.03 63.74 19.41
N2 NAG T . 1.58 62.55 21.02
O3 NAG T . 0.62 65.11 21.95
O4 NAG T . -2.15 65.16 22.56
O5 NAG T . -1.93 62.61 19.90
O6 NAG T . -4.81 62.54 21.12
O7 NAG T . 3.76 62.17 21.03
C1 NAG U . 33.50 32.31 13.91
C2 NAG U . 33.80 33.55 13.11
C3 NAG U . 35.30 33.93 13.13
C4 NAG U . 35.92 33.86 14.52
C5 NAG U . 35.51 32.57 15.20
C6 NAG U . 35.98 32.49 16.64
C7 NAG U . 32.36 33.97 11.14
C8 NAG U . 32.10 33.58 9.73
N2 NAG U . 33.37 33.33 11.74
O3 NAG U . 35.50 35.25 12.62
O4 NAG U . 37.35 33.89 14.39
O5 NAG U . 34.09 32.44 15.20
O6 NAG U . 35.53 33.65 17.35
O7 NAG U . 31.67 34.81 11.66
C1 NAG U . 38.03 34.76 15.33
C2 NAG U . 39.53 34.51 15.31
C3 NAG U . 40.26 35.40 16.31
C4 NAG U . 39.79 36.87 16.25
C5 NAG U . 38.25 36.93 16.16
C6 NAG U . 37.70 38.35 15.97
C7 NAG U . 40.07 32.24 14.61
C8 NAG U . 40.22 30.81 15.02
N2 NAG U . 39.81 33.10 15.58
O3 NAG U . 41.66 35.29 16.02
O4 NAG U . 40.15 37.56 17.45
O5 NAG U . 37.79 36.13 15.10
O6 NAG U . 38.01 38.85 14.67
O7 NAG U . 40.16 32.53 13.42
C1 BMA U . 41.51 38.04 17.47
C2 BMA U . 41.52 39.38 18.21
C3 BMA U . 42.94 39.95 18.24
C4 BMA U . 43.95 38.91 18.75
C5 BMA U . 43.78 37.57 18.06
C6 BMA U . 44.66 36.48 18.69
O2 BMA U . 41.04 39.16 19.55
O3 BMA U . 43.02 41.12 19.08
O4 BMA U . 45.27 39.41 18.50
O5 BMA U . 42.41 37.14 18.11
O6 BMA U . 44.61 35.29 17.89
C1 MAN U . 45.54 34.29 18.35
C2 MAN U . 45.67 33.20 17.29
C3 MAN U . 44.39 32.37 17.19
C4 MAN U . 43.98 31.85 18.57
C5 MAN U . 43.95 32.97 19.61
C6 MAN U . 43.75 32.42 21.02
O2 MAN U . 46.77 32.35 17.62
O3 MAN U . 44.58 31.24 16.31
O4 MAN U . 42.68 31.24 18.47
O5 MAN U . 45.18 33.71 19.60
O6 MAN U . 42.52 31.71 21.13
C1 MAN U . 44.15 31.49 14.96
C2 MAN U . 43.89 30.16 14.25
C3 MAN U . 45.20 29.46 13.89
C4 MAN U . 46.12 30.39 13.13
C5 MAN U . 46.34 31.67 13.93
C6 MAN U . 47.24 32.67 13.21
O2 MAN U . 43.12 30.41 13.07
O3 MAN U . 44.92 28.30 13.10
O4 MAN U . 47.37 29.73 12.87
O5 MAN U . 45.07 32.29 14.20
O6 MAN U . 46.66 33.06 11.95
C1 MAN U . 42.38 42.30 18.52
C2 MAN U . 43.20 43.54 18.87
C3 MAN U . 43.12 43.84 20.36
C4 MAN U . 41.67 43.92 20.82
C5 MAN U . 40.88 42.68 20.38
C6 MAN U . 39.38 42.80 20.70
O2 MAN U . 42.71 44.66 18.11
O3 MAN U . 43.79 45.07 20.65
O4 MAN U . 41.63 44.04 22.25
O5 MAN U . 41.04 42.48 18.97
O6 MAN U . 38.77 43.83 19.92
C1 NAG V . -0.17 32.64 -37.89
C2 NAG V . -0.41 33.29 -39.24
C3 NAG V . 0.50 34.48 -39.50
C4 NAG V . 0.41 35.49 -38.36
C5 NAG V . 0.68 34.77 -37.06
C6 NAG V . 0.55 35.71 -35.87
C7 NAG V . -1.28 31.61 -40.80
C8 NAG V . -0.93 30.53 -41.77
N2 NAG V . -0.25 32.25 -40.24
O3 NAG V . 0.07 35.10 -40.71
O4 NAG V . 1.36 36.54 -38.55
O5 NAG V . -0.20 33.64 -36.88
O6 NAG V . 1.05 34.98 -34.74
O7 NAG V . -2.44 31.84 -40.55
C1 NAG V . 0.78 37.87 -38.50
C2 NAG V . 1.88 38.92 -38.35
C3 NAG V . 1.37 40.34 -38.53
C4 NAG V . 0.49 40.49 -39.77
C5 NAG V . -0.56 39.41 -39.72
C6 NAG V . -1.51 39.43 -40.90
C7 NAG V . 3.75 38.48 -36.78
C8 NAG V . 4.17 38.51 -35.35
N2 NAG V . 2.48 38.85 -37.02
O3 NAG V . 2.48 41.24 -38.63
O4 NAG V . -0.15 41.78 -39.72
O5 NAG V . 0.03 38.11 -39.67
O6 NAG V . -2.81 39.01 -40.44
O7 NAG V . 4.54 38.15 -37.65
C1 BMA V . 0.12 42.64 -40.84
C2 BMA V . -1.09 43.52 -41.11
C3 BMA V . -0.81 44.47 -42.28
C4 BMA V . 0.47 45.26 -42.04
C5 BMA V . 1.60 44.29 -41.73
C6 BMA V . 2.92 45.01 -41.45
O2 BMA V . -1.45 44.28 -39.95
O3 BMA V . -1.90 45.38 -42.51
O4 BMA V . 0.78 46.00 -43.22
O5 BMA V . 1.28 43.46 -40.63
O6 BMA V . 2.79 45.83 -40.28
C1 MAN V . 3.97 46.65 -40.11
C2 MAN V . 3.91 47.34 -38.75
C3 MAN V . 2.73 48.31 -38.71
C4 MAN V . 2.76 49.28 -39.90
C5 MAN V . 3.02 48.57 -41.22
C6 MAN V . 3.34 49.54 -42.35
O2 MAN V . 5.14 48.03 -38.52
O3 MAN V . 2.81 49.06 -37.48
O4 MAN V . 1.49 49.95 -39.97
O5 MAN V . 4.13 47.66 -41.11
O6 MAN V . 4.63 50.13 -42.13
C1 MAN V . 2.03 48.50 -36.40
C2 MAN V . 1.76 49.62 -35.39
C3 MAN V . 3.06 50.03 -34.73
C4 MAN V . 3.79 48.85 -34.11
C5 MAN V . 3.92 47.70 -35.12
C6 MAN V . 4.46 46.45 -34.42
O2 MAN V . 0.82 49.11 -34.43
O3 MAN V . 2.81 51.03 -33.72
O4 MAN V . 5.08 49.26 -33.64
O5 MAN V . 2.67 47.40 -35.74
O6 MAN V . 4.47 45.32 -35.30
C1 MAN V . -0.19 50.03 -33.96
C2 MAN V . -1.25 49.22 -33.21
C3 MAN V . -2.05 48.35 -34.19
C4 MAN V . -2.63 49.18 -35.34
C5 MAN V . -1.56 50.06 -35.97
C6 MAN V . -2.16 51.04 -36.98
O2 MAN V . -2.11 50.12 -32.51
O3 MAN V . -3.11 47.68 -33.49
O4 MAN V . -3.18 48.29 -36.31
O5 MAN V . -0.85 50.82 -34.97
O6 MAN V . -1.13 51.87 -37.51
C1 MAN V . 5.10 50.92 -43.25
C2 MAN V . 6.42 51.56 -42.85
C3 MAN V . 6.19 52.60 -41.75
C4 MAN V . 5.10 53.61 -42.15
C5 MAN V . 3.84 52.89 -42.65
C6 MAN V . 2.82 53.87 -43.23
O2 MAN V . 7.03 52.16 -44.00
O3 MAN V . 7.42 53.30 -41.47
O4 MAN V . 4.77 54.41 -41.01
O5 MAN V . 4.18 51.95 -43.67
O6 MAN V . 1.65 53.16 -43.65
C1 MAN V . -3.05 44.77 -43.12
C2 MAN V . -3.32 45.39 -44.49
C3 MAN V . -3.86 46.82 -44.34
C4 MAN V . -5.04 46.87 -43.39
C5 MAN V . -4.68 46.21 -42.06
C6 MAN V . -5.84 46.17 -41.07
O2 MAN V . -4.26 44.58 -45.19
O3 MAN V . -4.25 47.33 -45.63
O4 MAN V . -5.43 48.23 -43.19
O5 MAN V . -4.22 44.87 -42.29
O6 MAN V . -5.42 45.60 -39.83
C1 NAG W . 2.73 28.71 -55.64
C2 NAG W . 1.77 28.20 -56.72
C3 NAG W . 2.40 28.19 -58.12
C4 NAG W . 3.10 29.51 -58.42
C5 NAG W . 4.04 29.84 -57.26
C6 NAG W . 4.86 31.11 -57.48
C7 NAG W . 0.18 26.52 -55.88
C8 NAG W . 0.02 25.06 -55.55
N2 NAG W . 1.39 26.84 -56.37
O3 NAG W . 1.37 27.92 -59.08
O4 NAG W . 3.87 29.42 -59.64
O5 NAG W . 3.27 29.96 -56.06
O6 NAG W . 6.19 30.74 -57.86
O7 NAG W . -0.72 27.33 -55.70
C1 NAG W . 3.18 29.80 -60.84
C2 NAG W . 4.17 30.41 -61.83
C3 NAG W . 3.55 30.68 -63.20
C4 NAG W . 2.79 29.46 -63.71
C5 NAG W . 1.79 29.02 -62.65
C6 NAG W . 0.95 27.81 -63.07
C7 NAG W . 5.93 32.02 -61.05
C8 NAG W . 7.03 31.03 -61.31
N2 NAG W . 4.66 31.69 -61.31
O3 NAG W . 4.57 31.05 -64.12
O4 NAG W . 2.14 29.80 -64.94
O5 NAG W . 2.48 28.70 -61.44
O6 NAG W . -0.35 27.89 -62.48
O7 NAG W . 6.18 33.12 -60.60
C1 NAG X . 19.97 54.55 -26.28
C2 NAG X . 21.11 53.77 -26.91
C3 NAG X . 22.41 54.59 -26.98
C4 NAG X . 22.22 56.00 -27.49
C5 NAG X . 21.04 56.64 -26.77
C6 NAG X . 20.69 58.02 -27.32
C7 NAG X . 21.09 51.31 -26.57
C8 NAG X . 21.38 50.24 -25.61
N2 NAG X . 21.32 52.55 -26.14
O3 NAG X . 23.37 53.95 -27.84
O4 NAG X . 23.41 56.78 -27.19
O5 NAG X . 19.88 55.82 -26.91
O6 NAG X . 20.49 57.94 -28.73
O7 NAG X . 20.67 51.04 -27.67
C1 NAG X . 23.85 57.64 -28.27
C2 NAG X . 24.93 58.60 -27.78
C3 NAG X . 25.40 59.52 -28.90
C4 NAG X . 25.67 58.76 -30.21
C5 NAG X . 24.56 57.75 -30.50
C6 NAG X . 24.81 56.86 -31.72
C7 NAG X . 24.72 59.06 -25.39
C8 NAG X . 24.04 59.87 -24.35
N2 NAG X . 24.43 59.37 -26.65
O3 NAG X . 26.58 60.19 -28.41
O4 NAG X . 25.69 59.68 -31.31
O5 NAG X . 24.36 56.91 -29.38
O6 NAG X . 25.88 55.94 -31.47
O7 NAG X . 25.46 58.16 -25.07
C1 BMA X . 26.93 60.37 -31.51
C2 BMA X . 27.16 60.54 -33.00
C3 BMA X . 28.50 61.25 -33.26
C4 BMA X . 28.60 62.54 -32.45
C5 BMA X . 28.22 62.32 -30.98
C6 BMA X . 28.15 63.63 -30.20
O2 BMA X . 26.07 61.30 -33.55
O3 BMA X . 28.65 61.58 -34.66
O4 BMA X . 29.95 63.01 -32.51
O5 BMA X . 26.96 61.66 -30.88
O6 BMA X . 27.98 63.35 -28.80
C1 MAN X . 28.06 64.55 -27.99
C2 MAN X . 28.20 64.17 -26.53
C3 MAN X . 26.90 63.55 -25.99
C4 MAN X . 25.72 64.48 -26.28
C5 MAN X . 25.68 64.90 -27.75
C6 MAN X . 24.63 65.99 -27.99
O2 MAN X . 28.54 65.32 -25.75
O3 MAN X . 26.98 63.35 -24.57
O4 MAN X . 24.51 63.79 -25.93
O5 MAN X . 26.95 65.42 -28.16
O6 MAN X . 23.33 65.53 -27.64
C1 MAN X . 27.40 62.01 -24.21
C2 MAN X . 26.97 61.71 -22.77
C3 MAN X . 27.85 62.45 -21.75
C4 MAN X . 29.32 62.17 -22.02
C5 MAN X . 29.65 62.53 -23.48
C6 MAN X . 31.11 62.25 -23.83
O2 MAN X . 27.03 60.30 -22.54
O3 MAN X . 27.51 62.02 -20.42
O4 MAN X . 30.13 62.93 -21.12
O5 MAN X . 28.80 61.78 -24.36
O6 MAN X . 31.42 60.85 -23.66
C1 MAN X . 28.92 60.44 -35.51
C2 MAN X . 29.91 60.83 -36.59
C3 MAN X . 29.28 61.80 -37.59
C4 MAN X . 27.97 61.24 -38.14
C5 MAN X . 27.04 60.79 -37.01
C6 MAN X . 25.78 60.09 -37.52
O2 MAN X . 30.36 59.66 -37.28
O3 MAN X . 30.18 62.07 -38.67
O4 MAN X . 27.32 62.24 -38.93
O5 MAN X . 27.74 59.90 -36.12
O6 MAN X . 26.10 58.84 -38.14
C1 NAG Y . 12.61 47.75 -42.52
C2 NAG Y . 12.34 49.23 -42.33
C3 NAG Y . 11.63 49.77 -43.57
C4 NAG Y . 12.51 49.58 -44.80
C5 NAG Y . 12.99 48.13 -44.90
C6 NAG Y . 14.12 48.00 -45.94
C7 NAG Y . 10.44 49.13 -40.74
C8 NAG Y . 9.98 49.59 -39.39
N2 NAG Y . 11.67 49.54 -41.08
O3 NAG Y . 11.33 51.17 -43.39
O4 NAG Y . 11.74 49.87 -45.98
O5 NAG Y . 13.48 47.61 -43.66
O6 NAG Y . 15.32 48.63 -45.49
O7 NAG Y . 9.72 48.44 -41.45
C1 NAG Y . 12.31 50.92 -46.79
C2 NAG Y . 11.80 50.81 -48.23
C3 NAG Y . 12.37 51.95 -49.07
C4 NAG Y . 12.11 53.31 -48.42
C5 NAG Y . 12.59 53.30 -46.97
C6 NAG Y . 12.22 54.59 -46.24
C7 NAG Y . 11.35 48.50 -49.00
C8 NAG Y . 11.96 47.31 -49.68
N2 NAG Y . 12.19 49.55 -48.84
O3 NAG Y . 11.76 51.93 -50.38
O4 NAG Y . 12.78 54.31 -49.18
O5 NAG Y . 12.01 52.21 -46.25
O6 NAG Y . 12.84 54.60 -44.95
O7 NAG Y . 10.18 48.49 -48.65
C1 NAG Z . 36.47 -4.33 -15.76
C2 NAG Z . 36.81 -4.80 -17.18
C3 NAG Z . 37.06 -6.31 -17.16
C4 NAG Z . 38.23 -6.62 -16.24
C5 NAG Z . 38.04 -5.98 -14.87
C6 NAG Z . 39.35 -6.03 -14.05
C7 NAG Z . 34.55 -4.75 -18.20
C8 NAG Z . 33.76 -4.15 -19.33
N2 NAG Z . 35.84 -4.37 -18.17
O3 NAG Z . 37.34 -6.77 -18.49
O4 NAG Z . 38.30 -8.05 -16.05
O5 NAG Z . 37.61 -4.61 -14.95
O6 NAG Z . 40.34 -5.15 -14.60
O7 NAG Z . 34.02 -5.50 -17.39
C1 NAG Z . 39.57 -8.62 -16.45
C2 NAG Z . 39.80 -9.96 -15.75
C3 NAG Z . 41.11 -10.59 -16.21
C4 NAG Z . 41.18 -10.66 -17.73
C5 NAG Z . 40.89 -9.29 -18.35
C6 NAG Z . 40.81 -9.36 -19.87
C7 NAG Z . 38.82 -10.12 -13.47
C8 NAG Z . 39.10 -9.90 -12.01
N2 NAG Z . 39.84 -9.80 -14.30
O3 NAG Z . 41.24 -11.91 -15.66
O4 NAG Z . 42.49 -11.11 -18.10
O5 NAG Z . 39.64 -8.79 -17.86
O6 NAG Z . 40.69 -8.03 -20.40
O7 NAG Z . 37.74 -10.56 -13.84
C1 NAG AA . -48.85 4.71 -19.62
C2 NAG AA . -48.04 3.42 -19.71
C3 NAG AA . -48.43 2.66 -20.97
C4 NAG AA . -49.95 2.46 -21.07
C5 NAG AA . -50.66 3.81 -20.89
C6 NAG AA . -52.18 3.76 -20.79
C7 NAG AA . -45.67 3.36 -18.89
C8 NAG AA . -45.96 2.34 -17.82
N2 NAG AA . -46.63 3.79 -19.73
O3 NAG AA . -47.80 1.37 -20.95
O4 NAG AA . -50.29 1.89 -22.35
O5 NAG AA . -50.24 4.39 -19.67
O6 NAG AA . -52.61 2.68 -19.96
O7 NAG AA . -44.53 3.79 -19.01
C1 NAG AA . -50.85 0.56 -22.26
C2 NAG AA . -51.71 0.25 -23.49
C3 NAG AA . -52.20 -1.21 -23.49
C4 NAG AA . -51.18 -2.22 -22.99
C5 NAG AA . -50.39 -1.73 -21.79
C6 NAG AA . -49.24 -2.68 -21.42
C7 NAG AA . -53.96 1.16 -24.16
C8 NAG AA . -54.92 2.26 -23.81
N2 NAG AA . -52.80 1.22 -23.48
O3 NAG AA . -52.54 -1.58 -24.82
O4 NAG AA . -51.91 -3.41 -22.64
O5 NAG AA . -49.85 -0.43 -22.05
O6 NAG AA . -48.23 -2.65 -22.44
O7 NAG AA . -54.25 0.30 -24.97
C1 BMA AA . -51.68 -4.52 -23.53
C2 BMA AA . -52.52 -5.71 -23.12
C3 BMA AA . -52.18 -6.93 -23.99
C4 BMA AA . -52.31 -6.58 -25.47
C5 BMA AA . -51.56 -5.28 -25.82
C6 BMA AA . -51.82 -4.83 -27.25
O2 BMA AA . -53.91 -5.39 -23.26
O3 BMA AA . -53.05 -8.02 -23.67
O4 BMA AA . -51.77 -7.66 -26.26
O5 BMA AA . -51.94 -4.22 -24.92
O6 BMA AA . -53.21 -4.50 -27.43
C1 NAG BA . -68.69 8.83 -31.97
C2 NAG BA . -69.71 7.95 -31.23
C3 NAG BA . -69.36 6.46 -31.33
C4 NAG BA . -69.18 6.03 -32.78
C5 NAG BA . -68.15 6.95 -33.43
C6 NAG BA . -67.99 6.64 -34.92
C7 NAG BA . -70.74 9.01 -29.27
C8 NAG BA . -70.75 9.04 -27.76
N2 NAG BA . -69.80 8.23 -29.81
O3 NAG BA . -70.41 5.69 -30.76
O4 NAG BA . -68.76 4.65 -32.80
O5 NAG BA . -68.52 8.32 -33.31
O6 NAG BA . -66.66 6.99 -35.34
O7 NAG BA . -71.56 9.63 -29.93
C1 NAG BA . -69.69 3.81 -33.53
C2 NAG BA . -69.04 2.49 -33.94
C3 NAG BA . -70.04 1.60 -34.69
C4 NAG BA . -71.39 1.49 -33.97
C5 NAG BA . -71.88 2.85 -33.50
C6 NAG BA . -73.12 2.75 -32.62
C7 NAG BA . -66.66 2.32 -34.59
C8 NAG BA . -65.66 2.66 -35.66
N2 NAG BA . -67.92 2.73 -34.83
O3 NAG BA . -69.47 0.29 -34.81
O4 NAG BA . -72.33 0.95 -34.91
O5 NAG BA . -70.87 3.55 -32.77
O6 NAG BA . -72.83 1.97 -31.45
O7 NAG BA . -66.32 1.72 -33.58
C1 BMA BA . -73.11 -0.14 -34.38
C2 BMA BA . -74.39 -0.24 -35.21
C3 BMA BA . -75.27 -1.39 -34.72
C4 BMA BA . -74.48 -2.68 -34.58
C5 BMA BA . -73.15 -2.48 -33.85
C6 BMA BA . -72.30 -3.74 -33.90
O2 BMA BA . -74.06 -0.44 -36.59
O3 BMA BA . -76.32 -1.63 -35.68
O4 BMA BA . -75.28 -3.62 -33.84
O5 BMA BA . -72.41 -1.39 -34.41
O6 BMA BA . -71.86 -4.01 -35.25
C1 MAN BA . -77.62 -1.37 -35.13
C2 MAN BA . -78.69 -1.91 -36.10
C3 MAN BA . -78.78 -0.99 -37.32
C4 MAN BA . -78.95 0.47 -36.92
C5 MAN BA . -77.86 0.90 -35.95
C6 MAN BA . -78.11 2.31 -35.44
O2 MAN BA . -80.02 -2.18 -35.56
O3 MAN BA . -79.88 -1.38 -38.16
O4 MAN BA . -78.92 1.29 -38.10
O5 MAN BA . -77.80 0.03 -34.83
O6 MAN BA . -78.10 3.26 -36.51
C1 NAG BA . -80.44 -1.51 -34.35
C2 NAG BA . -81.94 -1.24 -34.32
C3 NAG BA . -82.25 -0.39 -33.09
C4 NAG BA . -81.73 -1.05 -31.83
C5 NAG BA . -80.27 -1.51 -31.97
C6 NAG BA . -79.81 -2.35 -30.78
C7 NAG BA . -83.05 -1.09 -36.52
C8 NAG BA . -83.28 -0.20 -37.72
N2 NAG BA . -82.35 -0.54 -35.53
O3 NAG BA . -83.66 -0.19 -32.98
O4 NAG BA . -81.84 -0.10 -30.77
O5 NAG BA . -80.10 -2.25 -33.18
O6 NAG BA . -78.59 -3.04 -31.09
O7 NAG BA . -83.48 -2.23 -36.51
C1 MAN BA . -71.75 -5.41 -35.54
C2 MAN BA . -70.58 -5.66 -36.49
C3 MAN BA . -70.88 -5.18 -37.90
C4 MAN BA . -72.22 -5.75 -38.40
C5 MAN BA . -73.32 -5.46 -37.39
C6 MAN BA . -74.65 -6.10 -37.81
O2 MAN BA . -70.25 -7.05 -36.50
O3 MAN BA . -69.85 -5.58 -38.80
O4 MAN BA . -72.54 -5.16 -39.67
O5 MAN BA . -72.95 -5.97 -36.09
O6 MAN BA . -75.65 -5.87 -36.81
C1 NAG CA . 26.45 -12.40 -4.17
C2 NAG CA . 25.15 -12.88 -3.55
C3 NAG CA . 25.01 -14.39 -3.50
C4 NAG CA . 25.35 -15.04 -4.83
C5 NAG CA . 26.70 -14.51 -5.28
C6 NAG CA . 27.21 -15.08 -6.60
C7 NAG CA . 24.38 -11.23 -1.93
C8 NAG CA . 24.66 -10.62 -0.60
N2 NAG CA . 25.11 -12.30 -2.22
O3 NAG CA . 23.66 -14.72 -3.13
O4 NAG CA . 25.42 -16.46 -4.67
O5 NAG CA . 26.67 -13.08 -5.40
O6 NAG CA . 28.65 -15.11 -6.57
O7 NAG CA . 23.55 -10.74 -2.69
C1 NAG CA . 24.38 -17.18 -5.37
C2 NAG CA . 24.80 -18.66 -5.45
C3 NAG CA . 23.67 -19.60 -5.87
C4 NAG CA . 22.43 -19.31 -5.04
C5 NAG CA . 22.05 -17.85 -5.24
C6 NAG CA . 20.76 -17.51 -4.51
C7 NAG CA . 27.19 -18.86 -6.02
C8 NAG CA . 28.18 -18.90 -7.14
N2 NAG CA . 25.91 -18.78 -6.39
O3 NAG CA . 24.09 -20.94 -5.62
O4 NAG CA . 21.35 -20.18 -5.41
O5 NAG CA . 23.11 -17.02 -4.74
O6 NAG CA . 19.63 -18.06 -5.22
O7 NAG CA . 27.55 -18.87 -4.85
C1 BMA CA . 21.06 -21.21 -4.43
C2 BMA CA . 19.56 -21.42 -4.28
C3 BMA CA . 19.31 -22.43 -3.15
C4 BMA CA . 20.06 -23.73 -3.42
C5 BMA CA . 21.54 -23.49 -3.75
C6 BMA CA . 22.23 -24.77 -4.23
O2 BMA CA . 19.00 -21.89 -5.51
O3 BMA CA . 17.90 -22.69 -3.04
O4 BMA CA . 19.97 -24.57 -2.27
O5 BMA CA . 21.67 -22.46 -4.75
O6 BMA CA . 23.46 -24.47 -4.93
C1 MAN CA . 23.58 -25.24 -6.15
C2 MAN CA . 25.00 -25.11 -6.73
C3 MAN CA . 25.23 -23.74 -7.39
C4 MAN CA . 24.10 -23.38 -8.34
C5 MAN CA . 22.75 -23.53 -7.64
C6 MAN CA . 21.57 -23.21 -8.56
O2 MAN CA . 25.21 -26.16 -7.69
O3 MAN CA . 26.48 -23.76 -8.11
O4 MAN CA . 24.27 -22.02 -8.78
O5 MAN CA . 22.62 -24.87 -7.15
O6 MAN CA . 20.33 -23.39 -7.84
C1 NAG DA . -52.00 32.58 -21.02
C2 NAG DA . -50.79 33.16 -20.26
C3 NAG DA . -51.20 33.80 -18.93
C4 NAG DA . -52.36 34.78 -19.11
C5 NAG DA . -53.48 34.11 -19.90
C6 NAG DA . -54.65 35.05 -20.19
C7 NAG DA . -48.78 31.87 -20.75
C8 NAG DA . -47.93 30.69 -20.32
N2 NAG DA . -49.83 32.10 -19.98
O3 NAG DA . -50.05 34.44 -18.40
O4 NAG DA . -52.88 35.19 -17.82
O5 NAG DA . -52.99 33.59 -21.15
O6 NAG DA . -54.23 36.14 -21.03
O7 NAG DA . -48.50 32.52 -21.75
C1 NAG DA . -52.24 36.36 -17.26
C2 NAG DA . -53.12 37.02 -16.19
C3 NAG DA . -52.46 38.30 -15.72
C4 NAG DA . -51.09 37.97 -15.13
C5 NAG DA . -50.25 37.20 -16.15
C6 NAG DA . -48.95 36.71 -15.53
C7 NAG DA . -55.52 36.53 -16.41
C8 NAG DA . -56.83 37.04 -16.96
N2 NAG DA . -54.46 37.31 -16.67
O3 NAG DA . -53.27 38.96 -14.73
O4 NAG DA . -50.41 39.17 -14.75
O5 NAG DA . -50.97 36.06 -16.65
O6 NAG DA . -48.09 37.84 -15.25
O7 NAG DA . -55.46 35.50 -15.76
C1 NAG EA . -40.01 -12.14 -0.91
C2 NAG EA . -39.88 -11.33 0.38
C3 NAG EA . -39.91 -12.28 1.58
C4 NAG EA . -41.13 -13.22 1.52
C5 NAG EA . -41.20 -13.90 0.16
C6 NAG EA . -42.45 -14.73 -0.12
C7 NAG EA . -38.44 -9.28 0.46
C8 NAG EA . -39.60 -8.36 0.77
N2 NAG EA . -38.62 -10.60 0.33
O3 NAG EA . -39.98 -11.51 2.78
O4 NAG EA . -41.04 -14.21 2.57
O5 NAG EA . -41.20 -12.91 -0.86
O6 NAG EA . -43.62 -14.06 0.34
O7 NAG EA . -37.32 -8.80 0.34
C1 NAG EA . -42.09 -14.08 3.57
C2 NAG EA . -42.30 -15.42 4.28
C3 NAG EA . -43.30 -15.30 5.43
C4 NAG EA . -43.18 -14.02 6.25
C5 NAG EA . -42.92 -12.79 5.39
C6 NAG EA . -42.59 -11.55 6.23
C7 NAG EA . -43.35 -17.55 3.42
C8 NAG EA . -43.80 -18.19 2.13
N2 NAG EA . -42.74 -16.37 3.25
O3 NAG EA . -43.11 -16.40 6.34
O4 NAG EA . -44.41 -13.85 6.97
O5 NAG EA . -41.82 -13.04 4.50
O6 NAG EA . -41.32 -11.70 6.88
O7 NAG EA . -43.57 -18.08 4.49
C1 BMA EA . -44.28 -14.05 8.40
C2 BMA EA . -45.63 -13.91 9.07
C3 BMA EA . -45.47 -14.00 10.59
C4 BMA EA . -44.73 -15.27 10.99
C5 BMA EA . -43.44 -15.45 10.17
C6 BMA EA . -42.78 -16.81 10.42
O2 BMA EA . -46.51 -14.94 8.61
O3 BMA EA . -46.76 -13.96 11.22
O4 BMA EA . -44.41 -15.20 12.38
O5 BMA EA . -43.71 -15.32 8.76
O6 BMA EA . -43.63 -17.87 9.98
C1 NAG FA . -47.91 -34.49 -2.00
C2 NAG FA . -49.42 -34.30 -1.79
C3 NAG FA . -49.72 -33.73 -0.40
C4 NAG FA . -49.09 -34.57 0.70
C5 NAG FA . -47.60 -34.69 0.41
C6 NAG FA . -46.90 -35.60 1.42
C7 NAG FA . -50.68 -33.78 -3.83
C8 NAG FA . -51.37 -32.68 -4.58
N2 NAG FA . -50.03 -33.39 -2.74
O3 NAG FA . -51.13 -33.71 -0.20
O4 NAG FA . -49.33 -33.93 1.98
O5 NAG FA . -47.36 -35.22 -0.89
O6 NAG FA . -45.54 -35.22 1.56
O7 NAG FA . -50.73 -34.94 -4.19
C1 NAG FA . -50.07 -34.78 2.87
C2 NAG FA . -49.93 -34.31 4.32
C3 NAG FA . -50.74 -35.20 5.27
C4 NAG FA . -52.16 -35.45 4.79
C5 NAG FA . -52.20 -35.81 3.30
C6 NAG FA . -53.61 -35.87 2.74
C7 NAG FA . -47.86 -33.30 5.20
C8 NAG FA . -46.44 -33.59 5.61
N2 NAG FA . -48.55 -34.36 4.74
O3 NAG FA . -50.79 -34.57 6.55
O4 NAG FA . -52.69 -36.56 5.53
O5 NAG FA . -51.45 -34.85 2.52
O6 NAG FA . -54.26 -34.60 2.89
O7 NAG FA . -48.32 -32.17 5.30
C1 BMA FA . -54.00 -36.33 6.07
C2 BMA FA . -54.66 -37.69 6.34
C3 BMA FA . -56.05 -37.53 6.93
C4 BMA FA . -56.06 -36.55 8.10
C5 BMA FA . -55.28 -35.28 7.81
C6 BMA FA . -55.12 -34.42 9.08
O2 BMA FA . -53.84 -38.46 7.22
O3 BMA FA . -56.52 -38.80 7.39
O4 BMA FA . -57.42 -36.23 8.41
O5 BMA FA . -53.98 -35.55 7.28
O6 BMA FA . -54.27 -35.08 10.02
C1 MAN FA . -57.68 -39.25 6.68
C2 MAN FA . -58.28 -40.47 7.43
C3 MAN FA . -57.40 -41.69 7.21
C4 MAN FA . -57.09 -41.92 5.73
C5 MAN FA . -56.51 -40.66 5.09
C6 MAN FA . -56.36 -40.85 3.58
O2 MAN FA . -59.68 -40.79 7.17
O3 MAN FA . -58.03 -42.86 7.76
O4 MAN FA . -56.18 -43.02 5.62
O5 MAN FA . -57.37 -39.54 5.31
O6 MAN FA . -55.44 -41.91 3.30
C1 NAG FA . -60.29 -40.34 5.93
C2 NAG FA . -61.36 -41.30 5.42
C3 NAG FA . -61.81 -40.83 4.04
C4 NAG FA . -62.28 -39.38 4.09
C5 NAG FA . -61.27 -38.47 4.81
C6 NAG FA . -61.82 -37.07 5.04
C7 NAG FA . -61.13 -43.65 6.16
C8 NAG FA . -60.37 -44.93 5.92
N2 NAG FA . -60.81 -42.65 5.33
O3 NAG FA . -62.87 -41.67 3.56
O4 NAG FA . -62.45 -38.93 2.75
O5 NAG FA . -60.89 -39.05 6.07
O6 NAG FA . -61.03 -36.35 6.00
O7 NAG FA . -61.95 -43.56 7.05
C1 MAN FA . -54.65 -34.82 11.40
C2 MAN FA . -53.38 -34.75 12.27
C3 MAN FA . -52.77 -36.13 12.49
C4 MAN FA . -53.81 -37.13 12.97
C5 MAN FA . -55.02 -37.13 12.05
C6 MAN FA . -56.12 -38.06 12.55
O2 MAN FA . -53.72 -34.15 13.53
O3 MAN FA . -51.71 -36.04 13.44
O4 MAN FA . -53.22 -38.44 13.02
O5 MAN FA . -55.55 -35.80 11.93
O6 MAN FA . -57.27 -37.99 11.69
C1 NAG GA . 4.11 49.85 19.63
C2 NAG GA . 2.60 49.67 19.52
C3 NAG GA . 1.83 50.08 20.77
C4 NAG GA . 2.43 49.47 22.02
C5 NAG GA . 3.93 49.80 22.02
C6 NAG GA . 4.69 49.29 23.24
C7 NAG GA . 1.94 49.92 17.18
C8 NAG GA . 1.80 50.91 16.07
N2 NAG GA . 2.20 50.46 18.38
O3 NAG GA . 0.48 49.63 20.62
O4 NAG GA . 1.81 50.05 23.17
O5 NAG GA . 4.57 49.27 20.85
O6 NAG GA . 5.78 50.18 23.51
O7 NAG GA . 1.87 48.73 16.98
C1 NAG GA . 1.03 49.11 23.95
C2 NAG GA . 0.77 49.75 25.32
C3 NAG GA . -0.30 49.03 26.13
C4 NAG GA . -1.54 48.81 25.26
C5 NAG GA . -1.13 48.01 24.04
C6 NAG GA . -2.34 47.67 23.17
C7 NAG GA . 2.80 50.82 26.19
C8 NAG GA . 4.08 50.59 26.95
N2 NAG GA . 2.01 49.74 26.08
O3 NAG GA . -0.67 49.85 27.23
O4 NAG GA . -2.58 48.14 25.99
O5 NAG GA . -0.18 48.77 23.27
O6 NAG GA . -3.10 46.62 23.79
O7 NAG GA . 2.54 51.92 25.70
C1 BMA GA . -3.69 49.00 26.36
C2 BMA GA . -5.02 48.26 26.19
C3 BMA GA . -6.16 49.24 26.47
C4 BMA GA . -6.00 49.87 27.86
C5 BMA GA . -4.60 50.46 28.06
C6 BMA GA . -4.38 50.89 29.52
O2 BMA GA . -5.08 47.15 27.09
O3 BMA GA . -7.42 48.55 26.39
O4 BMA GA . -6.97 50.93 28.00
O5 BMA GA . -3.60 49.49 27.69
O6 BMA GA . -2.98 51.02 29.82
C1 MAN GA . -2.64 50.41 31.09
C2 MAN GA . -1.21 50.80 31.51
C3 MAN GA . -0.15 50.05 30.71
C4 MAN GA . -0.43 48.55 30.63
C5 MAN GA . -1.86 48.30 30.20
C6 MAN GA . -2.24 46.81 30.16
O2 MAN GA . -1.06 50.52 32.90
O3 MAN GA . 1.15 50.27 31.28
O4 MAN GA . 0.49 47.94 29.71
O5 MAN GA . -2.76 48.98 31.09
O6 MAN GA . -3.60 46.66 29.73
C1 NAG HA . -30.00 -23.20 -24.70
C2 NAG HA . -29.17 -22.09 -25.35
C3 NAG HA . -29.84 -21.55 -26.61
C4 NAG HA . -30.23 -22.66 -27.58
C5 NAG HA . -31.02 -23.72 -26.81
C6 NAG HA . -31.40 -24.92 -27.69
C7 NAG HA . -27.92 -20.85 -23.64
C8 NAG HA . -27.97 -19.68 -22.69
N2 NAG HA . -29.00 -21.00 -24.41
O3 NAG HA . -28.92 -20.64 -27.21
O4 NAG HA . -31.07 -22.13 -28.64
O5 NAG HA . -30.28 -24.20 -25.68
O6 NAG HA . -30.23 -25.60 -28.14
O7 NAG HA . -26.97 -21.61 -23.68
C1 NAG HA . -30.34 -21.67 -29.80
C2 NAG HA . -31.24 -21.61 -31.04
C3 NAG HA . -30.41 -21.23 -32.25
C4 NAG HA . -29.76 -19.87 -32.00
C5 NAG HA . -28.97 -19.89 -30.69
C6 NAG HA . -28.44 -18.50 -30.35
C7 NAG HA . -33.22 -23.08 -30.94
C8 NAG HA . -33.76 -24.43 -31.34
N2 NAG HA . -31.94 -22.86 -31.29
O3 NAG HA . -31.23 -21.18 -33.43
O4 NAG HA . -28.90 -19.53 -33.09
O5 NAG HA . -29.77 -20.36 -29.61
O6 NAG HA . -27.44 -18.11 -31.29
O7 NAG HA . -33.91 -22.26 -30.35
C1 NAG IA . -3.95 -115.95 92.55
C2 NAG IA . -3.42 -117.21 91.84
C3 NAG IA . -2.30 -117.85 92.67
C4 NAG IA . -1.24 -116.82 93.03
C5 NAG IA . -1.88 -115.59 93.69
C6 NAG IA . -0.84 -114.52 94.00
C7 NAG IA . -5.14 -118.34 90.46
C8 NAG IA . -6.20 -119.40 90.47
N2 NAG IA . -4.49 -118.18 91.62
O3 NAG IA . -1.71 -118.91 91.93
O4 NAG IA . -0.28 -117.42 93.91
O5 NAG IA . -2.90 -115.03 92.84
O6 NAG IA . 0.05 -114.97 95.01
O7 NAG IA . -4.90 -117.69 89.45
C1 NAG JA . 30.48 -116.28 81.96
C2 NAG JA . 31.11 -117.07 80.81
C3 NAG JA . 31.31 -118.54 81.19
C4 NAG JA . 31.99 -118.69 82.56
C5 NAG JA . 31.30 -117.80 83.61
C6 NAG JA . 32.02 -117.82 84.96
C7 NAG JA . 29.10 -117.27 79.34
C8 NAG JA . 28.57 -116.97 77.97
N2 NAG JA . 30.37 -116.91 79.55
O3 NAG JA . 32.12 -119.18 80.20
O4 NAG JA . 31.94 -120.06 82.96
O5 NAG JA . 31.25 -116.45 83.15
O6 NAG JA . 33.33 -117.22 84.85
O7 NAG JA . 28.38 -117.83 80.16
C1 NAG KA . 56.74 -91.71 83.11
C2 NAG KA . 56.46 -91.40 84.59
C3 NAG KA . 57.38 -90.27 85.03
C4 NAG KA . 58.84 -90.67 84.82
C5 NAG KA . 59.08 -91.08 83.36
C6 NAG KA . 60.48 -91.65 83.16
C7 NAG KA . 54.29 -91.33 85.84
C8 NAG KA . 54.84 -92.13 86.99
N2 NAG KA . 55.05 -91.05 84.77
O3 NAG KA . 57.16 -89.91 86.39
O4 NAG KA . 59.69 -89.59 85.18
O5 NAG KA . 58.12 -92.08 82.96
O6 NAG KA . 60.65 -92.01 81.78
O7 NAG KA . 53.13 -90.93 85.89
C1 CLR LA . 64.91 39.88 -10.81
C2 CLR LA . 63.97 38.82 -11.38
C3 CLR LA . 62.85 39.45 -12.17
C4 CLR LA . 63.46 40.24 -13.32
C5 CLR LA . 64.42 41.30 -12.84
C6 CLR LA . 64.34 42.54 -13.29
C7 CLR LA . 65.21 43.69 -12.86
C8 CLR LA . 66.43 43.26 -12.08
C9 CLR LA . 66.06 42.11 -11.10
C10 CLR LA . 65.52 40.86 -11.86
C11 CLR LA . 67.17 41.81 -10.08
C12 CLR LA . 67.73 43.05 -9.39
C13 CLR LA . 68.21 44.11 -10.38
C14 CLR LA . 67.00 44.44 -11.28
C15 CLR LA . 67.39 45.69 -12.05
C16 CLR LA . 68.34 46.43 -11.08
C17 CLR LA . 68.49 45.54 -9.82
C18 CLR LA . 69.43 43.59 -11.17
C19 CLR LA . 66.62 40.14 -12.67
C20 CLR LA . 69.79 45.81 -9.03
C21 CLR LA . 69.70 45.30 -7.58
C22 CLR LA . 70.15 47.32 -9.06
C23 CLR LA . 71.21 47.79 -8.08
C24 CLR LA . 70.66 48.73 -7.01
C25 CLR LA . 71.41 48.72 -5.66
C26 CLR LA . 72.91 48.88 -5.86
C27 CLR LA . 71.10 47.46 -4.86
O1 CLR LA . 61.95 38.44 -12.65
C1 PTY MA . 57.35 37.61 -8.58
C2 PTY MA . 55.57 37.65 -14.79
C3 PTY MA . 57.01 37.99 -14.47
O4 PTY MA . 58.22 36.53 -8.16
C5 PTY MA . 57.73 37.87 -11.06
C6 PTY MA . 58.02 38.41 -9.67
O7 PTY MA . 59.46 38.41 -9.48
C8 PTY MA . 60.06 39.53 -9.03
O10 PTY MA . 59.91 40.59 -9.58
C11 PTY MA . 60.93 39.30 -7.83
C12 PTY MA . 62.22 40.05 -7.88
C13 PTY MA . 63.06 39.86 -6.62
C14 PTY MA . 64.15 40.89 -6.44
C15 PTY MA . 65.46 40.35 -5.94
C16 PTY MA . 66.57 41.37 -5.88
C17 PTY MA . 67.84 40.91 -5.20
C18 PTY MA . 68.35 41.84 -4.12
C19 PTY MA . 69.74 41.52 -3.64
C20 PTY MA . 70.07 42.03 -2.25
C21 PTY MA . 70.20 40.96 -1.19
C22 PTY MA . 68.91 40.21 -0.89
C23 PTY MA . 68.84 39.62 0.50
C24 PTY MA . 67.51 38.97 0.82
C25 PTY MA . 67.52 38.16 2.09
C26 PTY MA . 67.54 38.98 3.37
C27 PTY MA . 67.72 38.17 4.64
C28 PTY MA . 66.47 37.99 5.46
C29 PTY MA . 66.19 39.13 6.41
C30 PTY MA . 58.78 36.60 -6.96
C31 PTY MA . 59.40 35.30 -6.56
O30 PTY MA . 58.80 37.59 -6.27
C32 PTY MA . 60.86 35.41 -6.22
C33 PTY MA . 61.52 34.06 -6.03
C34 PTY MA . 61.05 33.29 -4.82
C35 PTY MA . 61.84 32.04 -4.53
C36 PTY MA . 63.10 32.29 -3.74
C37 PTY MA . 63.89 31.04 -3.42
C38 PTY MA . 64.88 30.65 -4.50
C39 PTY MA . 65.45 29.25 -4.33
C40 PTY MA . 66.74 29.02 -5.07
C41 PTY MA . 67.02 27.57 -5.39
C42 PTY MA . 66.21 27.00 -6.54
C43 PTY MA . 67.01 26.28 -7.59
C44 PTY MA . 67.87 27.19 -8.45
P1 PTY MA . 58.44 39.60 -12.93
O11 PTY MA . 57.08 39.21 -13.68
O12 PTY MA . 59.53 39.69 -13.96
O13 PTY MA . 58.14 40.78 -12.04
O14 PTY MA . 58.74 38.32 -12.00
N1 PTY MA . 54.72 37.61 -13.59
C1 CLR NA . 59.13 52.91 -15.29
C2 CLR NA . 58.21 52.23 -14.27
C3 CLR NA . 57.99 50.78 -14.62
C4 CLR NA . 59.32 50.06 -14.63
C5 CLR NA . 60.31 50.70 -15.61
C6 CLR NA . 60.98 49.94 -16.47
C7 CLR NA . 61.93 50.44 -17.50
C8 CLR NA . 62.34 51.90 -17.30
C9 CLR NA . 61.11 52.73 -16.86
C10 CLR NA . 60.50 52.21 -15.51
C11 CLR NA . 61.36 54.24 -16.89
C12 CLR NA . 62.01 54.73 -18.21
C13 CLR NA . 63.29 53.97 -18.54
C14 CLR NA . 62.91 52.47 -18.59
C15 CLR NA . 64.10 51.78 -19.23
C16 CLR NA . 64.70 52.85 -20.17
C17 CLR NA . 63.85 54.14 -19.99
C18 CLR NA . 64.38 54.29 -17.49
C19 CLR NA . 61.43 52.49 -14.30
C20 CLR NA . 64.60 55.43 -20.38
C21 CLR NA . 63.64 56.60 -20.66
C22 CLR NA . 65.53 55.18 -21.59
C23 CLR NA . 66.09 56.42 -22.29
C24 CLR NA . 65.57 56.60 -23.69
C25 CLR NA . 65.52 58.04 -24.22
C26 CLR NA . 66.85 58.76 -24.00
C27 CLR NA . 64.38 58.82 -23.59
O1 CLR NA . 57.09 50.18 -13.69
C1 PTY OA . 51.25 50.64 -15.75
C2 PTY OA . 52.79 44.97 -13.09
C3 PTY OA . 53.90 45.97 -13.27
O4 PTY OA . 51.28 51.80 -14.87
C5 PTY OA . 52.82 48.97 -14.71
C6 PTY OA . 52.62 50.01 -15.79
O7 PTY OA . 53.66 51.03 -15.63
C8 PTY OA . 54.39 51.38 -16.70
O10 PTY OA . 54.98 50.58 -17.37
C11 PTY OA . 54.40 52.87 -16.95
C12 PTY OA . 55.75 53.40 -17.32
C13 PTY OA . 55.73 54.89 -17.63
C14 PTY OA . 56.93 55.38 -18.41
C15 PTY OA . 57.48 56.70 -17.96
C16 PTY OA . 58.75 57.12 -18.68
C17 PTY OA . 59.22 58.52 -18.38
C18 PTY OA . 59.51 59.35 -19.60
C19 PTY OA . 60.23 60.65 -19.33
C20 PTY OA . 60.05 61.72 -20.38
C21 PTY OA . 59.20 62.90 -19.95
C22 PTY OA . 57.75 62.56 -19.69
C23 PTY OA . 56.79 63.72 -19.87
C24 PTY OA . 55.33 63.36 -19.71
C25 PTY OA . 54.40 64.53 -19.62
C26 PTY OA . 54.17 65.24 -20.94
C27 PTY OA . 53.38 66.54 -20.83
C28 PTY OA . 51.95 66.44 -21.30
C29 PTY OA . 51.77 66.62 -22.79
C30 PTY OA . 51.19 53.01 -15.43
C31 PTY OA . 50.93 54.07 -14.40
O30 PTY OA . 51.31 53.24 -16.60
C32 PTY OA . 51.94 55.17 -14.40
C33 PTY OA . 51.80 56.11 -13.23
C34 PTY OA . 50.54 56.93 -13.23
C35 PTY OA . 50.50 58.00 -12.16
C36 PTY OA . 51.21 59.27 -12.54
C37 PTY OA . 51.14 60.35 -11.49
C38 PTY OA . 52.24 60.29 -10.46
C39 PTY OA . 52.02 61.16 -9.25
C40 PTY OA . 53.27 61.47 -8.46
C41 PTY OA . 53.02 61.82 -7.00
C42 PTY OA . 52.69 60.65 -6.11
C43 PTY OA . 53.50 60.57 -4.84
C44 PTY OA . 54.95 60.19 -5.05
P1 PTY OA . 54.98 47.50 -15.16
O11 PTY OA . 54.11 46.23 -14.69
O12 PTY OA . 56.35 47.39 -14.54
O13 PTY OA . 54.83 47.64 -16.64
O14 PTY OA . 54.24 48.75 -14.46
N1 PTY OA . 51.56 45.36 -13.78
C1 CLR PA . 62.26 42.48 -25.40
C2 CLR PA . 60.78 42.88 -25.47
C3 CLR PA . 60.16 42.89 -24.10
C4 CLR PA . 60.90 43.91 -23.24
C5 CLR PA . 62.38 43.60 -23.15
C6 CLR PA . 62.98 43.58 -21.95
C7 CLR PA . 64.42 43.25 -21.72
C8 CLR PA . 65.25 43.22 -23.00
C9 CLR PA . 64.44 42.57 -24.14
C10 CLR PA . 63.12 43.35 -24.45
C11 CLR PA . 65.31 42.25 -25.37
C12 CLR PA . 66.62 41.52 -25.05
C13 CLR PA . 67.45 42.28 -24.01
C14 CLR PA . 66.55 42.45 -22.77
C15 CLR PA . 67.48 42.89 -21.66
C16 CLR PA . 68.83 42.25 -22.02
C17 CLR PA . 68.63 41.50 -23.36
C18 CLR PA . 67.94 43.62 -24.59
C19 CLR PA . 63.41 44.72 -25.11
C20 CLR PA . 69.95 41.29 -24.15
C21 CLR PA . 69.82 40.17 -25.19
C22 CLR PA . 71.13 41.02 -23.20
C23 CLR PA . 72.42 40.49 -23.80
C24 CLR PA . 72.75 39.08 -23.38
C25 CLR PA . 73.56 38.25 -24.38
C26 CLR PA . 74.79 39.00 -24.87
C27 CLR PA . 72.71 37.80 -25.55
O1 CLR PA . 58.76 43.22 -24.20
C1 PTY QA . 55.40 38.02 -24.62
C2 PTY QA . 52.96 42.57 -20.75
C3 PTY QA . 54.32 42.81 -21.34
O4 PTY QA . 55.50 38.35 -26.04
C5 PTY QA . 55.41 40.23 -23.42
C6 PTY QA . 56.21 39.01 -23.82
O7 PTY QA . 57.37 39.45 -24.59
C8 PTY QA . 58.59 39.00 -24.24
O10 PTY QA . 59.03 39.09 -23.13
C11 PTY QA . 59.34 38.40 -25.41
C12 PTY QA . 60.79 38.78 -25.43
C13 PTY QA . 61.54 38.11 -26.58
C14 PTY QA . 63.05 38.12 -26.40
C15 PTY QA . 63.83 38.40 -27.66
C16 PTY QA . 65.32 38.51 -27.44
C17 PTY QA . 66.14 38.61 -28.71
C18 PTY QA . 67.29 37.63 -28.79
C19 PTY QA . 68.27 37.90 -29.91
C20 PTY QA . 69.07 36.71 -30.36
C21 PTY QA . 68.71 36.16 -31.72
C22 PTY QA . 67.32 35.58 -31.82
C23 PTY QA . 67.15 34.53 -32.88
C24 PTY QA . 65.79 33.87 -32.91
C25 PTY QA . 65.52 33.02 -34.13
C26 PTY QA . 66.26 31.70 -34.15
C27 PTY QA . 66.14 30.93 -35.44
C28 PTY QA . 65.21 29.74 -35.39
C29 PTY QA . 65.86 28.48 -34.87
C30 PTY QA . 56.20 37.53 -26.83
C31 PTY QA . 55.96 37.83 -28.27
O30 PTY QA . 56.93 36.66 -26.43
C32 PTY QA . 57.22 38.11 -29.03
C33 PTY QA . 56.95 38.64 -30.43
C34 PTY QA . 56.32 37.63 -31.36
C35 PTY QA . 56.24 38.08 -32.80
C36 PTY QA . 57.51 37.86 -33.59
C37 PTY QA . 57.42 38.29 -35.04
C38 PTY QA . 57.76 39.74 -35.27
C39 PTY QA . 57.39 40.25 -36.65
C40 PTY QA . 58.11 41.49 -37.07
C41 PTY QA . 57.39 42.32 -38.12
C42 PTY QA . 56.22 43.13 -37.60
C43 PTY QA . 56.22 44.57 -38.01
C44 PTY QA . 57.28 45.40 -37.31
P1 PTY QA . 56.69 41.62 -21.55
O11 PTY QA . 55.26 41.81 -20.84
O12 PTY QA . 57.41 42.95 -21.50
O13 PTY QA . 57.34 40.40 -20.98
O14 PTY QA . 56.31 41.33 -23.09
N1 PTY QA . 52.48 41.20 -20.98
C1 NAG RA . -92.46 5.07 -30.86
C2 NAG RA . -92.99 6.32 -30.15
C3 NAG RA . -93.17 7.45 -31.16
C4 NAG RA . -91.91 7.67 -31.98
C5 NAG RA . -91.44 6.35 -32.61
C6 NAG RA . -90.13 6.53 -33.37
C7 NAG RA . -94.37 5.79 -28.17
C8 NAG RA . -95.77 5.54 -27.70
N2 NAG RA . -94.25 6.05 -29.49
O3 NAG RA . -93.51 8.67 -30.47
O4 NAG RA . -92.16 8.64 -33.01
O5 NAG RA . -91.26 5.36 -31.60
O6 NAG RA . -90.34 7.35 -34.52
O7 NAG RA . -93.43 5.77 -27.40
C1 NAG SA . -71.94 34.68 -30.95
C2 NAG SA . -71.93 35.82 -29.93
C3 NAG SA . -73.12 36.76 -30.11
C4 NAG SA . -73.29 37.17 -31.58
C5 NAG SA . -73.24 35.96 -32.50
C6 NAG SA . -73.29 36.33 -33.99
C7 NAG SA . -72.70 34.54 -27.92
C8 NAG SA . -72.30 34.15 -26.52
N2 NAG SA . -71.81 35.33 -28.55
O3 NAG SA . -72.93 37.94 -29.32
O4 NAG SA . -74.54 37.86 -31.74
O5 NAG SA . -72.03 35.21 -32.28
O6 NAG SA . -72.11 37.06 -34.36
O7 NAG SA . -73.74 34.16 -28.40
C1 NAG TA . -39.00 41.68 -43.62
C2 NAG TA . -39.33 41.04 -44.97
C3 NAG TA . -38.07 41.06 -45.84
C4 NAG TA . -37.59 42.51 -46.01
C5 NAG TA . -37.38 43.16 -44.64
C6 NAG TA . -37.05 44.65 -44.77
C7 NAG TA . -40.76 39.06 -45.53
C8 NAG TA . -41.46 39.78 -46.64
N2 NAG TA . -39.82 39.68 -44.79
O3 NAG TA . -38.29 40.47 -47.12
O4 NAG TA . -36.38 42.52 -46.76
O5 NAG TA . -38.54 43.02 -43.82
O6 NAG TA . -36.85 45.21 -43.46
O7 NAG TA . -41.04 37.89 -45.29
C1 NAG UA . -68.46 -46.94 -3.53
C2 NAG UA . -68.68 -47.10 -5.04
C3 NAG UA . -67.87 -48.28 -5.56
C4 NAG UA . -66.42 -48.19 -5.12
C5 NAG UA . -66.32 -47.99 -3.61
C6 NAG UA . -64.88 -47.81 -3.16
C7 NAG UA . -70.90 -46.32 -5.79
C8 NAG UA . -72.32 -46.73 -6.04
N2 NAG UA . -70.08 -47.29 -5.35
O3 NAG UA . -67.94 -48.33 -6.99
O4 NAG UA . -65.72 -49.38 -5.50
O5 NAG UA . -67.08 -46.84 -3.21
O6 NAG UA . -64.15 -49.03 -3.34
O7 NAG UA . -70.54 -45.16 -5.98
C1 NAG VA . -39.96 -43.25 -25.24
C2 NAG VA . -39.95 -42.81 -26.72
C3 NAG VA . -40.39 -43.95 -27.64
C4 NAG VA . -39.66 -45.26 -27.32
C5 NAG VA . -39.70 -45.56 -25.82
C6 NAG VA . -38.88 -46.79 -25.44
C7 NAG VA . -42.02 -41.41 -26.73
C8 NAG VA . -42.54 -40.03 -27.00
N2 NAG VA . -40.70 -41.57 -26.93
O3 NAG VA . -40.11 -43.59 -29.00
O4 NAG VA . -40.28 -46.32 -28.05
O5 NAG VA . -39.19 -44.43 -25.09
O6 NAG VA . -37.48 -46.56 -25.66
O7 NAG VA . -42.77 -42.29 -26.35
C1 NAG WA . -5.51 -34.76 -19.29
C2 NAG WA . -5.41 -35.77 -18.16
C3 NAG WA . -4.01 -35.66 -17.53
C4 NAG WA . -2.95 -35.91 -18.61
C5 NAG WA . -3.15 -34.96 -19.79
C6 NAG WA . -2.20 -35.29 -20.94
C7 NAG WA . -7.09 -36.46 -16.43
C8 NAG WA . -6.81 -37.93 -16.64
N2 NAG WA . -6.45 -35.53 -17.16
O3 NAG WA . -3.83 -36.56 -16.45
O4 NAG WA . -1.64 -35.75 -18.05
O5 NAG WA . -4.49 -35.02 -20.27
O6 NAG WA . -2.42 -34.37 -22.03
O7 NAG WA . -7.91 -36.13 -15.60
#